data_7BZI
#
_entry.id   7BZI
#
_cell.length_a   121.380
_cell.length_b   83.057
_cell.length_c   163.581
_cell.angle_alpha   90.000
_cell.angle_beta   110.690
_cell.angle_gamma   90.000
#
_symmetry.space_group_name_H-M   'P 1 21 1'
#
loop_
_entity.id
_entity.type
_entity.pdbx_description
1 polymer 'Metallo-beta-lactamase PNGM-1'
2 non-polymer 'ZINC ION'
3 water water
#
_entity_poly.entity_id   1
_entity_poly.type   'polypeptide(L)'
_entity_poly.pdbx_seq_one_letter_code
;AGGKVTSSTGIAPKRYVYYPGSEELGPDEIRVIACGTGMPTARRAQAAAAWVVELGNGDKFIVDIGSGSMANIQSLMIPA
NYLTKIFLTALHTDHWGDLVSMWAGGWTAGRTDPLEVWGPSGSREDMGTKYAVEHMLKAYNWDYMTRAVTINPRPGDINV
HEFDYRALNEVVYQENGVTFRSWPCIHAGDGPVSFALEWNGYKVVFGGDTAPNIWYPEYAKGADLAIHECWMTSDQMMTK
YNQPAQLALRINLDFHTSAQSFGQIMNMVQPRHAVAYHFFNDDDTRYDIYTGVRENYAGPLSMATDMMVWNITRDAVTER
MAVSPDHAWDVAGPSEDLAPDRNRASEYTQYILDGRLNVDEANAHWKQEFMG
;
_entity_poly.pdbx_strand_id   G,B,C,F,E,D,A,H
#
loop_
_chem_comp.id
_chem_comp.type
_chem_comp.name
_chem_comp.formula
ZN non-polymer 'ZINC ION' 'Zn 2'
#
# COMPACT_ATOMS: atom_id res chain seq x y z
N SER A 7 -40.93 23.04 -43.44
CA SER A 7 -41.11 21.61 -43.77
C SER A 7 -40.53 20.71 -42.66
N SER A 8 -41.06 19.49 -42.50
CA SER A 8 -40.50 18.43 -41.63
C SER A 8 -39.17 17.93 -42.22
N THR A 9 -39.07 17.87 -43.56
CA THR A 9 -37.97 17.26 -44.36
C THR A 9 -36.84 18.26 -44.69
N GLY A 10 -37.16 19.57 -44.79
CA GLY A 10 -36.24 20.62 -45.34
C GLY A 10 -35.28 21.15 -44.24
N ILE A 11 -34.35 22.04 -44.62
CA ILE A 11 -33.42 22.75 -43.71
C ILE A 11 -34.14 23.93 -43.06
N ALA A 12 -33.95 24.14 -41.74
CA ALA A 12 -34.34 25.36 -41.00
C ALA A 12 -33.54 26.54 -41.56
N PRO A 13 -34.19 27.64 -42.04
CA PRO A 13 -33.48 28.79 -42.59
C PRO A 13 -33.13 29.86 -41.54
N LYS A 14 -32.18 30.75 -41.85
CA LYS A 14 -31.75 31.92 -41.02
C LYS A 14 -31.52 31.47 -39.57
N ARG A 15 -30.71 30.44 -39.34
CA ARG A 15 -30.64 29.74 -38.03
C ARG A 15 -30.12 30.69 -36.95
N TYR A 16 -30.60 30.55 -35.71
CA TYR A 16 -30.24 31.46 -34.58
C TYR A 16 -28.78 31.26 -34.11
N VAL A 17 -28.17 30.10 -34.36
CA VAL A 17 -26.70 29.85 -34.16
C VAL A 17 -26.07 29.57 -35.53
N TYR A 18 -24.78 29.90 -35.68
CA TYR A 18 -23.93 29.56 -36.86
C TYR A 18 -23.32 28.17 -36.67
N TYR A 19 -23.64 27.24 -37.57
CA TYR A 19 -22.99 25.91 -37.66
C TYR A 19 -21.87 25.98 -38.71
N PRO A 20 -20.57 26.04 -38.32
CA PRO A 20 -19.51 26.25 -39.30
C PRO A 20 -19.53 25.18 -40.39
N GLY A 21 -19.53 25.63 -41.65
CA GLY A 21 -19.59 24.77 -42.84
C GLY A 21 -21.00 24.54 -43.37
N SER A 22 -22.02 25.14 -42.74
CA SER A 22 -23.46 24.82 -42.99
C SER A 22 -24.13 25.88 -43.87
N GLU A 23 -23.45 27.01 -44.08
CA GLU A 23 -24.04 28.25 -44.64
C GLU A 23 -23.20 28.70 -45.85
N GLU A 24 -23.83 28.83 -47.02
CA GLU A 24 -23.19 29.48 -48.20
C GLU A 24 -22.99 30.96 -47.85
N LEU A 25 -21.85 31.53 -48.22
CA LEU A 25 -21.54 32.96 -47.99
C LEU A 25 -22.03 33.76 -49.21
N GLY A 26 -22.84 34.80 -48.98
CA GLY A 26 -23.38 35.68 -50.04
C GLY A 26 -22.24 36.40 -50.76
N PRO A 27 -22.34 36.64 -52.08
CA PRO A 27 -21.26 37.32 -52.80
C PRO A 27 -20.98 38.76 -52.32
N ASP A 28 -21.91 39.42 -51.64
CA ASP A 28 -21.67 40.76 -51.04
C ASP A 28 -21.89 40.62 -49.53
N GLU A 29 -21.26 39.61 -48.93
CA GLU A 29 -21.34 39.31 -47.47
C GLU A 29 -19.94 39.07 -46.91
N ILE A 30 -19.70 39.52 -45.67
CA ILE A 30 -18.51 39.22 -44.84
C ILE A 30 -18.96 38.39 -43.63
N ARG A 31 -18.17 37.38 -43.28
CA ARG A 31 -18.31 36.62 -42.00
C ARG A 31 -17.02 36.81 -41.22
N VAL A 32 -17.14 37.22 -39.96
CA VAL A 32 -16.01 37.40 -39.00
C VAL A 32 -16.27 36.50 -37.79
N ILE A 33 -15.32 35.64 -37.45
CA ILE A 33 -15.42 34.74 -36.26
C ILE A 33 -14.30 35.09 -35.27
N ALA A 34 -14.67 35.37 -34.02
CA ALA A 34 -13.74 35.48 -32.88
C ALA A 34 -13.28 34.08 -32.51
N CYS A 35 -12.11 33.66 -33.01
CA CYS A 35 -11.48 32.38 -32.62
C CYS A 35 -10.64 32.56 -31.35
N GLY A 36 -10.55 33.78 -30.83
CA GLY A 36 -9.97 34.05 -29.50
C GLY A 36 -10.12 35.50 -29.10
N THR A 37 -10.45 35.74 -27.83
CA THR A 37 -10.93 37.01 -27.29
C THR A 37 -10.28 37.31 -25.93
N GLY A 38 -9.38 36.45 -25.45
CA GLY A 38 -8.91 36.49 -24.05
C GLY A 38 -7.59 37.22 -23.87
N MET A 39 -6.78 36.72 -22.92
CA MET A 39 -5.74 37.47 -22.18
C MET A 39 -4.40 36.74 -22.29
N PRO A 40 -3.30 37.30 -21.75
CA PRO A 40 -2.00 36.62 -21.76
C PRO A 40 -2.01 35.26 -21.04
N THR A 41 -2.99 35.05 -20.17
CA THR A 41 -3.17 33.83 -19.32
C THR A 41 -4.27 32.95 -19.98
N ALA A 42 -4.04 31.63 -20.00
CA ALA A 42 -4.83 30.63 -20.78
C ALA A 42 -6.06 30.15 -20.01
N ARG A 43 -7.05 29.64 -20.75
CA ARG A 43 -8.42 29.34 -20.27
C ARG A 43 -9.16 28.61 -21.36
N ARG A 44 -9.86 27.52 -21.03
CA ARG A 44 -10.64 26.76 -22.05
C ARG A 44 -11.73 27.67 -22.61
N ALA A 45 -12.29 28.57 -21.78
CA ALA A 45 -13.41 29.47 -22.15
C ALA A 45 -12.96 30.47 -23.21
N GLN A 46 -11.68 30.90 -23.18
CA GLN A 46 -11.19 31.95 -24.10
C GLN A 46 -9.75 31.68 -24.51
N ALA A 47 -9.56 31.25 -25.75
CA ALA A 47 -8.29 31.31 -26.49
C ALA A 47 -7.82 32.76 -26.56
N ALA A 48 -6.53 32.96 -26.83
CA ALA A 48 -5.90 34.28 -27.02
C ALA A 48 -6.30 34.85 -28.40
N ALA A 49 -6.20 36.17 -28.55
CA ALA A 49 -6.70 36.99 -29.68
C ALA A 49 -6.50 36.30 -31.04
N ALA A 50 -7.58 36.03 -31.77
CA ALA A 50 -7.60 35.48 -33.14
C ALA A 50 -8.93 35.76 -33.84
N TRP A 51 -8.89 36.10 -35.13
CA TRP A 51 -10.08 36.43 -35.96
C TRP A 51 -9.96 35.77 -37.32
N VAL A 52 -11.04 35.12 -37.74
CA VAL A 52 -11.18 34.56 -39.10
C VAL A 52 -12.16 35.49 -39.82
N VAL A 53 -11.84 35.83 -41.07
CA VAL A 53 -12.64 36.76 -41.92
C VAL A 53 -12.88 36.08 -43.25
N GLU A 54 -14.13 35.79 -43.58
CA GLU A 54 -14.47 35.18 -44.87
C GLU A 54 -15.19 36.26 -45.69
N LEU A 55 -14.68 36.53 -46.90
CA LEU A 55 -15.27 37.53 -47.83
C LEU A 55 -16.09 36.76 -48.86
N GLY A 56 -17.17 37.36 -49.36
CA GLY A 56 -18.07 36.80 -50.38
C GLY A 56 -17.34 36.41 -51.67
N ASN A 57 -16.18 37.03 -51.93
CA ASN A 57 -15.36 36.76 -53.15
C ASN A 57 -14.62 35.42 -53.04
N GLY A 58 -14.60 34.79 -51.86
CA GLY A 58 -13.92 33.51 -51.62
C GLY A 58 -12.62 33.67 -50.85
N ASP A 59 -12.09 34.88 -50.72
CA ASP A 59 -10.86 35.11 -49.95
C ASP A 59 -11.20 34.88 -48.49
N LYS A 60 -10.19 34.48 -47.71
CA LYS A 60 -10.28 34.31 -46.24
C LYS A 60 -8.94 34.74 -45.67
N PHE A 61 -8.98 35.38 -44.50
CA PHE A 61 -7.83 35.97 -43.80
C PHE A 61 -7.92 35.57 -42.34
N ILE A 62 -6.76 35.43 -41.71
CA ILE A 62 -6.62 35.30 -40.24
C ILE A 62 -5.96 36.58 -39.78
N VAL A 63 -6.55 37.26 -38.81
CA VAL A 63 -5.95 38.44 -38.16
C VAL A 63 -5.70 38.08 -36.70
N ASP A 64 -4.43 37.84 -36.36
CA ASP A 64 -3.97 37.35 -35.03
C ASP A 64 -4.22 35.84 -34.93
N ILE A 65 -3.33 35.16 -34.22
CA ILE A 65 -3.42 33.70 -34.07
C ILE A 65 -2.73 33.34 -32.75
N GLY A 66 -3.21 33.98 -31.67
CA GLY A 66 -2.75 33.79 -30.28
C GLY A 66 -2.82 32.34 -29.82
N SER A 67 -2.07 32.04 -28.76
CA SER A 67 -2.00 30.71 -28.12
C SER A 67 -3.42 30.22 -27.79
N GLY A 68 -3.77 29.03 -28.26
CA GLY A 68 -5.06 28.37 -27.95
C GLY A 68 -6.08 28.51 -29.05
N SER A 69 -5.89 29.43 -30.00
CA SER A 69 -6.90 29.80 -31.03
C SER A 69 -7.07 28.70 -32.08
N MET A 70 -6.05 27.86 -32.32
CA MET A 70 -6.07 26.87 -33.43
C MET A 70 -7.21 25.86 -33.23
N ALA A 71 -7.53 25.46 -31.99
CA ALA A 71 -8.67 24.55 -31.74
C ALA A 71 -9.95 25.17 -32.30
N ASN A 72 -10.15 26.47 -32.12
CA ASN A 72 -11.33 27.23 -32.60
C ASN A 72 -11.32 27.28 -34.13
N ILE A 73 -10.19 27.66 -34.71
CA ILE A 73 -10.04 27.83 -36.18
C ILE A 73 -10.34 26.47 -36.84
N GLN A 74 -9.78 25.39 -36.32
CA GLN A 74 -10.02 24.02 -36.86
C GLN A 74 -11.50 23.61 -36.75
N SER A 75 -12.26 24.14 -35.78
CA SER A 75 -13.70 23.77 -35.59
C SER A 75 -14.55 24.31 -36.76
N LEU A 76 -14.00 25.21 -37.58
CA LEU A 76 -14.74 25.95 -38.66
C LEU A 76 -14.95 25.11 -39.92
N MET A 77 -14.38 23.92 -39.97
CA MET A 77 -14.48 23.02 -41.16
C MET A 77 -14.00 23.76 -42.41
N ILE A 78 -12.97 24.60 -42.30
CA ILE A 78 -12.33 25.27 -43.47
C ILE A 78 -11.08 24.49 -43.88
N PRO A 79 -10.97 24.07 -45.15
CA PRO A 79 -9.73 23.45 -45.63
C PRO A 79 -8.53 24.38 -45.43
N ALA A 80 -7.40 23.81 -45.02
CA ALA A 80 -6.13 24.53 -44.73
C ALA A 80 -5.75 25.45 -45.90
N ASN A 81 -5.86 24.97 -47.13
CA ASN A 81 -5.46 25.72 -48.34
C ASN A 81 -6.16 27.08 -48.42
N TYR A 82 -7.33 27.24 -47.80
CA TYR A 82 -8.12 28.49 -47.87
C TYR A 82 -7.67 29.49 -46.79
N LEU A 83 -6.84 29.09 -45.80
CA LEU A 83 -6.42 30.00 -44.68
C LEU A 83 -4.88 30.15 -44.65
N THR A 84 -4.29 30.60 -45.76
CA THR A 84 -2.82 30.70 -45.93
C THR A 84 -2.33 32.13 -45.76
N LYS A 85 -3.22 33.07 -45.45
CA LYS A 85 -2.87 34.50 -45.38
C LYS A 85 -3.22 34.98 -43.98
N ILE A 86 -2.20 35.43 -43.25
CA ILE A 86 -2.29 35.72 -41.79
C ILE A 86 -1.72 37.13 -41.59
N PHE A 87 -2.41 37.98 -40.83
CA PHE A 87 -1.99 39.35 -40.47
C PHE A 87 -1.85 39.45 -38.98
N LEU A 88 -0.70 39.92 -38.49
CA LEU A 88 -0.45 40.08 -37.02
C LEU A 88 -0.51 41.56 -36.64
N THR A 89 -1.19 41.86 -35.54
CA THR A 89 -1.33 43.24 -34.99
C THR A 89 -0.21 43.55 -33.98
N ALA A 90 0.40 42.54 -33.38
CA ALA A 90 1.47 42.67 -32.36
C ALA A 90 2.18 41.33 -32.19
N LEU A 91 3.41 41.35 -31.68
CA LEU A 91 4.26 40.12 -31.67
C LEU A 91 4.22 39.46 -30.28
N HIS A 92 3.21 39.79 -29.48
CA HIS A 92 2.89 39.07 -28.21
C HIS A 92 2.63 37.60 -28.51
N THR A 93 2.99 36.73 -27.56
CA THR A 93 2.69 35.27 -27.62
C THR A 93 1.18 35.10 -27.82
N ASP A 94 0.37 35.89 -27.11
CA ASP A 94 -1.10 35.75 -27.14
C ASP A 94 -1.68 36.42 -28.39
N HIS A 95 -0.86 36.84 -29.36
CA HIS A 95 -1.34 37.37 -30.67
C HIS A 95 -0.76 36.58 -31.85
N TRP A 96 0.28 35.75 -31.67
CA TRP A 96 0.79 34.92 -32.78
C TRP A 96 1.37 33.57 -32.32
N GLY A 97 1.24 33.22 -31.03
CA GLY A 97 1.67 31.90 -30.48
C GLY A 97 1.27 30.70 -31.35
N ASP A 98 0.06 30.67 -31.94
CA ASP A 98 -0.44 29.47 -32.66
C ASP A 98 -0.09 29.52 -34.15
N LEU A 99 0.65 30.52 -34.61
CA LEU A 99 1.15 30.46 -36.00
C LEU A 99 1.81 29.09 -36.23
N VAL A 100 2.59 28.60 -35.27
CA VAL A 100 3.42 27.38 -35.42
C VAL A 100 2.49 26.15 -35.57
N SER A 101 1.43 26.10 -34.77
CA SER A 101 0.37 25.05 -34.78
C SER A 101 -0.28 24.98 -36.18
N MET A 102 -0.64 26.14 -36.72
CA MET A 102 -1.19 26.27 -38.09
C MET A 102 -0.17 25.69 -39.09
N TRP A 103 1.05 26.16 -39.01
CA TRP A 103 2.19 25.79 -39.90
C TRP A 103 2.39 24.28 -39.90
N ALA A 104 2.68 23.69 -38.74
CA ALA A 104 2.95 22.24 -38.61
C ALA A 104 1.71 21.42 -39.00
N GLY A 105 0.57 21.74 -38.38
CA GLY A 105 -0.68 20.96 -38.49
C GLY A 105 -1.24 20.97 -39.92
N GLY A 106 -1.39 22.14 -40.53
CA GLY A 106 -1.83 22.23 -41.92
C GLY A 106 -0.97 21.36 -42.83
N TRP A 107 0.35 21.53 -42.71
CA TRP A 107 1.39 20.79 -43.48
C TRP A 107 1.16 19.28 -43.34
N THR A 108 0.95 18.76 -42.12
CA THR A 108 0.65 17.30 -41.93
C THR A 108 -0.73 16.99 -42.55
N ALA A 109 -1.68 17.93 -42.48
CA ALA A 109 -3.10 17.77 -42.90
C ALA A 109 -3.20 17.66 -44.43
N GLY A 110 -2.25 18.22 -45.18
CA GLY A 110 -2.23 18.15 -46.65
C GLY A 110 -2.23 19.52 -47.30
N ARG A 111 -2.19 20.62 -46.53
CA ARG A 111 -1.98 21.98 -47.10
C ARG A 111 -0.81 21.90 -48.10
N THR A 112 -0.94 22.60 -49.24
CA THR A 112 0.01 22.57 -50.38
C THR A 112 0.62 23.95 -50.62
N ASP A 113 0.03 25.01 -50.07
CA ASP A 113 0.57 26.38 -50.22
C ASP A 113 1.34 26.74 -48.96
N PRO A 114 2.51 27.40 -49.11
CA PRO A 114 3.17 28.02 -47.96
C PRO A 114 2.22 29.01 -47.27
N LEU A 115 2.50 29.29 -45.99
CA LEU A 115 1.83 30.37 -45.22
C LEU A 115 2.44 31.71 -45.65
N GLU A 116 1.61 32.73 -45.61
CA GLU A 116 1.96 34.12 -45.98
C GLU A 116 1.64 34.93 -44.74
N VAL A 117 2.63 35.60 -44.17
CA VAL A 117 2.45 36.35 -42.90
C VAL A 117 2.75 37.82 -43.14
N TRP A 118 1.82 38.69 -42.74
CA TRP A 118 1.96 40.16 -42.76
C TRP A 118 2.06 40.58 -41.31
N GLY A 119 3.06 41.36 -40.96
CA GLY A 119 3.16 41.93 -39.61
C GLY A 119 4.06 43.14 -39.58
N PRO A 120 4.05 43.87 -38.45
CA PRO A 120 4.80 45.10 -38.31
C PRO A 120 6.30 44.88 -38.08
N SER A 121 7.12 45.80 -38.62
CA SER A 121 8.52 45.98 -38.22
C SER A 121 8.48 46.44 -36.77
N GLY A 122 9.65 46.61 -36.16
CA GLY A 122 9.84 47.29 -34.86
C GLY A 122 10.85 48.42 -35.01
N SER A 123 11.24 49.03 -33.91
CA SER A 123 12.21 50.16 -33.88
C SER A 123 13.60 49.72 -34.39
N ARG A 124 13.89 48.40 -34.48
CA ARG A 124 15.14 47.81 -35.03
C ARG A 124 14.86 46.42 -35.58
N GLU A 125 15.83 45.78 -36.25
CA GLU A 125 15.52 44.51 -36.97
C GLU A 125 14.95 43.45 -36.00
N ASP A 126 15.46 43.36 -34.77
CA ASP A 126 15.19 42.20 -33.86
C ASP A 126 13.91 42.47 -33.04
N MET A 127 13.13 43.49 -33.39
CA MET A 127 11.83 43.83 -32.76
C MET A 127 10.69 43.79 -33.79
N GLY A 128 10.93 43.28 -34.98
CA GLY A 128 9.95 43.19 -36.07
C GLY A 128 9.66 41.74 -36.44
N THR A 129 8.70 41.58 -37.33
CA THR A 129 8.03 40.30 -37.66
C THR A 129 9.00 39.43 -38.46
N LYS A 130 9.78 40.06 -39.36
CA LYS A 130 10.65 39.33 -40.33
C LYS A 130 11.65 38.48 -39.52
N TYR A 131 12.26 39.09 -38.52
CA TYR A 131 13.19 38.46 -37.54
C TYR A 131 12.44 37.40 -36.72
N ALA A 132 11.32 37.81 -36.12
CA ALA A 132 10.45 36.93 -35.30
C ALA A 132 10.17 35.63 -36.05
N VAL A 133 9.73 35.70 -37.31
CA VAL A 133 9.30 34.49 -38.07
C VAL A 133 10.54 33.68 -38.48
N GLU A 134 11.60 34.36 -38.90
CA GLU A 134 12.93 33.75 -39.21
C GLU A 134 13.38 32.90 -38.01
N HIS A 135 13.32 33.44 -36.81
CA HIS A 135 13.81 32.73 -35.60
C HIS A 135 12.80 31.67 -35.15
N MET A 136 11.53 31.83 -35.50
CA MET A 136 10.48 30.82 -35.19
C MET A 136 10.78 29.57 -36.02
N LEU A 137 11.13 29.75 -37.30
CA LEU A 137 11.46 28.63 -38.21
C LEU A 137 12.73 27.91 -37.73
N LYS A 138 13.73 28.67 -37.31
CA LYS A 138 14.94 28.11 -36.64
C LYS A 138 14.53 27.39 -35.34
N ALA A 139 13.64 27.97 -34.53
CA ALA A 139 13.17 27.31 -33.28
C ALA A 139 12.62 25.91 -33.61
N TYR A 140 11.89 25.76 -34.72
CA TYR A 140 11.21 24.49 -35.05
C TYR A 140 11.97 23.78 -36.18
N ASN A 141 13.29 23.99 -36.25
CA ASN A 141 14.16 23.41 -37.30
C ASN A 141 14.07 21.89 -37.24
N TRP A 142 14.01 21.27 -36.06
CA TRP A 142 13.94 19.80 -35.98
C TRP A 142 12.64 19.32 -36.63
N ASP A 143 11.53 20.02 -36.34
CA ASP A 143 10.19 19.69 -36.87
C ASP A 143 10.21 19.86 -38.39
N TYR A 144 10.68 21.01 -38.87
CA TYR A 144 10.84 21.31 -40.31
C TYR A 144 11.60 20.18 -41.02
N MET A 145 12.81 19.84 -40.57
CA MET A 145 13.69 18.95 -41.36
C MET A 145 13.12 17.52 -41.31
N THR A 146 12.56 17.10 -40.18
CA THR A 146 12.00 15.73 -40.08
C THR A 146 10.78 15.62 -41.00
N ARG A 147 9.92 16.65 -41.04
CA ARG A 147 8.68 16.64 -41.84
C ARG A 147 9.01 16.69 -43.34
N ALA A 148 10.01 17.50 -43.73
CA ALA A 148 10.47 17.67 -45.13
C ALA A 148 11.06 16.37 -45.71
N VAL A 149 11.31 15.34 -44.90
CA VAL A 149 11.75 14.01 -45.41
C VAL A 149 10.54 13.28 -46.02
N THR A 150 9.40 13.25 -45.30
CA THR A 150 8.24 12.40 -45.65
C THR A 150 7.13 13.20 -46.34
N ILE A 151 7.13 14.54 -46.22
CA ILE A 151 6.12 15.42 -46.88
C ILE A 151 6.90 16.46 -47.68
N ASN A 152 6.36 16.85 -48.85
CA ASN A 152 6.99 17.85 -49.75
C ASN A 152 7.21 19.11 -48.93
N PRO A 153 8.38 19.77 -49.04
CA PRO A 153 8.72 20.89 -48.17
C PRO A 153 8.12 22.27 -48.51
N ARG A 154 7.49 22.43 -49.66
CA ARG A 154 7.01 23.76 -50.14
C ARG A 154 5.95 24.33 -49.20
N PRO A 155 4.94 23.54 -48.75
CA PRO A 155 3.96 24.03 -47.78
C PRO A 155 4.56 24.43 -46.41
N GLY A 156 5.74 23.87 -46.06
CA GLY A 156 6.49 24.16 -44.82
C GLY A 156 7.19 25.51 -44.84
N ASP A 157 7.28 26.19 -45.98
CA ASP A 157 7.78 27.60 -46.06
C ASP A 157 6.81 28.54 -45.34
N ILE A 158 7.30 29.69 -44.89
CA ILE A 158 6.48 30.84 -44.42
C ILE A 158 7.04 32.09 -45.08
N ASN A 159 6.35 32.66 -46.07
CA ASN A 159 6.81 33.91 -46.75
C ASN A 159 6.31 35.10 -45.92
N VAL A 160 7.22 35.97 -45.51
CA VAL A 160 6.91 37.13 -44.62
C VAL A 160 6.83 38.40 -45.47
N HIS A 161 5.80 39.20 -45.22
CA HIS A 161 5.61 40.58 -45.75
C HIS A 161 5.62 41.52 -44.57
N GLU A 162 6.81 41.94 -44.16
CA GLU A 162 7.00 42.95 -43.08
C GLU A 162 6.67 44.31 -43.65
N PHE A 163 5.84 45.08 -42.94
CA PHE A 163 5.37 46.43 -43.33
C PHE A 163 5.86 47.38 -42.24
N ASP A 164 5.96 48.67 -42.57
CA ASP A 164 6.43 49.74 -41.66
C ASP A 164 5.34 49.99 -40.62
N TYR A 165 5.68 49.87 -39.34
CA TYR A 165 4.71 49.98 -38.22
C TYR A 165 4.31 51.44 -38.01
N ARG A 166 5.17 52.36 -38.41
CA ARG A 166 4.97 53.80 -38.14
C ARG A 166 3.97 54.39 -39.13
N ALA A 167 3.76 53.79 -40.30
CA ALA A 167 2.96 54.33 -41.43
C ALA A 167 1.50 54.55 -41.03
N LEU A 168 1.03 55.79 -41.17
CA LEU A 168 -0.37 56.24 -40.92
C LEU A 168 -1.27 55.82 -42.08
N ASN A 169 -1.92 54.67 -41.93
CA ASN A 169 -3.08 54.21 -42.75
C ASN A 169 -2.61 53.91 -44.17
N GLU A 170 -1.47 53.23 -44.32
CA GLU A 170 -0.91 52.87 -45.65
C GLU A 170 -1.25 51.41 -46.00
N VAL A 171 -1.45 51.16 -47.30
CA VAL A 171 -1.78 49.83 -47.89
C VAL A 171 -0.63 48.86 -47.61
N VAL A 172 -0.86 47.77 -46.89
CA VAL A 172 0.17 46.71 -46.64
C VAL A 172 -0.22 45.46 -47.44
N TYR A 173 -1.43 45.45 -48.01
CA TYR A 173 -1.95 44.35 -48.85
C TYR A 173 -3.01 44.91 -49.80
N GLN A 174 -2.97 44.47 -51.06
CA GLN A 174 -3.85 44.94 -52.16
C GLN A 174 -3.91 43.83 -53.19
N GLU A 175 -4.97 43.03 -53.19
CA GLU A 175 -5.17 41.91 -54.15
C GLU A 175 -6.67 41.64 -54.28
N ASN A 176 -7.13 41.36 -55.51
CA ASN A 176 -8.46 40.77 -55.78
C ASN A 176 -9.56 41.70 -55.25
N GLY A 177 -9.31 43.01 -55.22
CA GLY A 177 -10.25 44.03 -54.73
C GLY A 177 -10.24 44.15 -53.22
N VAL A 178 -9.28 43.51 -52.56
CA VAL A 178 -9.13 43.55 -51.05
C VAL A 178 -7.92 44.43 -50.74
N THR A 179 -8.15 45.43 -49.90
CA THR A 179 -7.14 46.38 -49.38
C THR A 179 -7.00 46.17 -47.88
N PHE A 180 -5.78 45.96 -47.37
CA PHE A 180 -5.47 46.07 -45.93
C PHE A 180 -4.63 47.32 -45.70
N ARG A 181 -5.05 48.15 -44.75
CA ARG A 181 -4.28 49.32 -44.28
C ARG A 181 -3.90 49.08 -42.82
N SER A 182 -2.80 49.70 -42.38
CA SER A 182 -2.25 49.62 -41.01
C SER A 182 -2.08 51.04 -40.46
N TRP A 183 -2.16 51.18 -39.16
CA TRP A 183 -1.76 52.41 -38.44
C TRP A 183 -1.28 52.01 -37.05
N PRO A 184 -0.51 52.84 -36.36
CA PRO A 184 0.14 52.41 -35.12
C PRO A 184 -0.84 52.26 -33.95
N CYS A 185 -0.35 51.61 -32.88
CA CYS A 185 -1.00 51.49 -31.54
C CYS A 185 0.03 51.91 -30.50
N ILE A 186 -0.40 52.10 -29.26
CA ILE A 186 0.45 52.55 -28.12
C ILE A 186 0.36 51.49 -27.00
N HIS A 187 1.21 50.45 -27.11
CA HIS A 187 1.15 49.25 -26.24
C HIS A 187 2.54 48.63 -26.10
N ALA A 188 3.07 48.63 -24.87
CA ALA A 188 4.25 47.85 -24.43
C ALA A 188 5.52 48.39 -25.10
N GLY A 189 5.53 48.56 -26.42
CA GLY A 189 6.60 49.24 -27.15
C GLY A 189 6.26 49.34 -28.63
N ASP A 190 7.10 50.03 -29.40
CA ASP A 190 6.83 50.29 -30.83
C ASP A 190 6.60 48.96 -31.55
N GLY A 191 5.72 48.94 -32.55
CA GLY A 191 5.53 47.82 -33.49
C GLY A 191 4.05 47.46 -33.67
N PRO A 192 3.26 47.33 -32.57
CA PRO A 192 1.86 46.91 -32.65
C PRO A 192 1.00 47.90 -33.45
N VAL A 193 0.20 47.39 -34.39
CA VAL A 193 -0.66 48.17 -35.32
C VAL A 193 -2.13 47.70 -35.24
N SER A 194 -3.05 48.51 -35.77
CA SER A 194 -4.44 48.15 -36.15
C SER A 194 -4.50 47.95 -37.66
N PHE A 195 -5.43 47.13 -38.16
CA PHE A 195 -5.65 46.91 -39.61
C PHE A 195 -7.07 47.41 -39.96
N ALA A 196 -7.27 47.86 -41.19
CA ALA A 196 -8.62 48.02 -41.81
C ALA A 196 -8.66 47.19 -43.07
N LEU A 197 -9.61 46.27 -43.15
CA LEU A 197 -9.84 45.43 -44.34
C LEU A 197 -10.98 46.08 -45.14
N GLU A 198 -10.69 46.49 -46.39
CA GLU A 198 -11.67 47.20 -47.25
C GLU A 198 -11.94 46.34 -48.48
N TRP A 199 -13.20 46.02 -48.72
CA TRP A 199 -13.62 45.14 -49.83
C TRP A 199 -15.10 45.37 -50.12
N ASN A 200 -15.44 45.63 -51.38
CA ASN A 200 -16.83 45.67 -51.91
C ASN A 200 -17.66 46.65 -51.08
N GLY A 201 -17.09 47.82 -50.75
CA GLY A 201 -17.78 48.90 -50.02
C GLY A 201 -17.94 48.58 -48.54
N TYR A 202 -17.35 47.47 -48.07
CA TYR A 202 -17.28 47.13 -46.63
C TYR A 202 -15.89 47.46 -46.10
N LYS A 203 -15.86 47.81 -44.80
CA LYS A 203 -14.66 48.17 -44.01
C LYS A 203 -14.77 47.49 -42.65
N VAL A 204 -13.85 46.55 -42.38
CA VAL A 204 -13.74 45.84 -41.07
C VAL A 204 -12.40 46.23 -40.44
N VAL A 205 -12.43 46.64 -39.18
CA VAL A 205 -11.24 47.18 -38.45
C VAL A 205 -10.91 46.26 -37.27
N PHE A 206 -9.67 45.75 -37.24
CA PHE A 206 -9.10 44.94 -36.15
C PHE A 206 -8.16 45.83 -35.36
N GLY A 207 -8.61 46.33 -34.21
CA GLY A 207 -7.87 47.26 -33.34
C GLY A 207 -6.52 46.76 -32.84
N GLY A 208 -6.38 45.46 -32.57
CA GLY A 208 -5.14 44.96 -31.95
C GLY A 208 -5.15 45.33 -30.48
N ASP A 209 -4.05 45.90 -29.96
CA ASP A 209 -3.88 46.30 -28.54
C ASP A 209 -3.32 47.72 -28.53
N THR A 210 -3.78 48.55 -27.60
CA THR A 210 -3.43 50.00 -27.55
C THR A 210 -4.09 50.66 -26.36
N ALA A 211 -3.37 51.58 -25.71
CA ALA A 211 -3.97 52.70 -24.95
C ALA A 211 -4.64 53.64 -25.97
N PRO A 212 -5.62 54.46 -25.55
CA PRO A 212 -6.42 55.25 -26.49
C PRO A 212 -5.55 56.14 -27.40
N ASN A 213 -5.75 56.10 -28.71
CA ASN A 213 -4.87 56.84 -29.65
C ASN A 213 -5.70 57.68 -30.63
N ILE A 214 -5.02 58.59 -31.32
CA ILE A 214 -5.66 59.57 -32.24
C ILE A 214 -5.85 58.90 -33.59
N TRP A 215 -5.11 57.82 -33.88
CA TRP A 215 -5.17 57.19 -35.23
C TRP A 215 -6.42 56.34 -35.40
N TYR A 216 -6.80 55.56 -34.38
CA TYR A 216 -7.97 54.63 -34.47
C TYR A 216 -9.21 55.45 -34.82
N PRO A 217 -9.60 56.47 -34.02
CA PRO A 217 -10.83 57.23 -34.27
C PRO A 217 -10.87 57.84 -35.69
N GLU A 218 -9.73 58.24 -36.23
CA GLU A 218 -9.63 58.85 -37.58
C GLU A 218 -9.78 57.74 -38.62
N TYR A 219 -8.95 56.69 -38.60
CA TYR A 219 -8.89 55.73 -39.74
C TYR A 219 -9.94 54.63 -39.60
N ALA A 220 -10.54 54.45 -38.40
CA ALA A 220 -11.63 53.48 -38.13
C ALA A 220 -13.00 54.05 -38.56
N LYS A 221 -13.15 55.38 -38.58
CA LYS A 221 -14.40 56.14 -38.87
C LYS A 221 -15.32 55.35 -39.82
N GLY A 222 -16.53 55.04 -39.34
CA GLY A 222 -17.64 54.47 -40.15
C GLY A 222 -17.40 53.05 -40.63
N ALA A 223 -16.65 52.22 -39.90
CA ALA A 223 -16.48 50.79 -40.22
C ALA A 223 -17.82 50.07 -40.06
N ASP A 224 -18.06 49.05 -40.88
CA ASP A 224 -19.18 48.08 -40.75
C ASP A 224 -19.02 47.32 -39.43
N LEU A 225 -17.79 46.92 -39.09
CA LEU A 225 -17.47 46.23 -37.81
C LEU A 225 -16.15 46.77 -37.28
N ALA A 226 -16.18 47.35 -36.08
CA ALA A 226 -15.02 47.98 -35.43
C ALA A 226 -14.66 47.18 -34.17
N ILE A 227 -13.54 46.44 -34.22
CA ILE A 227 -13.04 45.61 -33.08
C ILE A 227 -12.00 46.44 -32.36
N HIS A 228 -12.16 46.65 -31.06
CA HIS A 228 -11.16 47.36 -30.24
C HIS A 228 -10.98 46.70 -28.86
N GLU A 229 -9.76 46.73 -28.36
CA GLU A 229 -9.42 46.32 -26.98
C GLU A 229 -10.35 47.07 -26.03
N CYS A 230 -10.80 46.43 -24.95
CA CYS A 230 -11.71 46.98 -23.91
C CYS A 230 -11.46 46.24 -22.60
N TRP A 231 -10.75 46.88 -21.67
CA TRP A 231 -10.05 46.21 -20.52
C TRP A 231 -11.02 45.98 -19.38
N MET A 232 -10.71 44.96 -18.58
CA MET A 232 -11.43 44.72 -17.29
C MET A 232 -11.27 45.96 -16.43
N THR A 233 -12.16 46.12 -15.45
CA THR A 233 -12.29 47.35 -14.63
C THR A 233 -11.21 47.34 -13.56
N SER A 234 -10.89 48.52 -13.01
CA SER A 234 -9.89 48.71 -11.94
C SER A 234 -10.37 48.02 -10.66
N ASP A 235 -11.69 47.95 -10.43
CA ASP A 235 -12.25 47.16 -9.29
C ASP A 235 -11.93 45.68 -9.52
N GLN A 236 -12.04 45.23 -10.78
CA GLN A 236 -11.77 43.81 -11.18
C GLN A 236 -10.27 43.53 -11.03
N MET A 237 -9.38 44.44 -11.44
CA MET A 237 -7.92 44.29 -11.24
C MET A 237 -7.62 44.13 -9.75
N MET A 238 -8.43 44.72 -8.86
CA MET A 238 -8.17 44.68 -7.39
C MET A 238 -8.66 43.35 -6.80
N THR A 239 -9.90 42.95 -7.06
CA THR A 239 -10.50 41.68 -6.54
C THR A 239 -9.69 40.48 -7.05
N LYS A 240 -9.42 40.44 -8.36
CA LYS A 240 -8.85 39.25 -9.06
C LYS A 240 -7.34 39.14 -8.78
N TYR A 241 -6.57 40.21 -8.99
CA TYR A 241 -5.09 40.19 -8.98
C TYR A 241 -4.51 40.89 -7.73
N ASN A 242 -5.34 41.16 -6.71
CA ASN A 242 -4.94 41.70 -5.38
C ASN A 242 -4.08 42.97 -5.53
N GLN A 243 -4.26 43.73 -6.62
CA GLN A 243 -3.43 44.90 -6.98
C GLN A 243 -3.75 46.06 -6.03
N PRO A 244 -2.77 46.97 -5.78
CA PRO A 244 -3.04 48.17 -4.98
C PRO A 244 -3.88 49.17 -5.79
N ALA A 245 -4.66 50.00 -5.11
CA ALA A 245 -5.62 50.98 -5.70
C ALA A 245 -4.96 51.76 -6.84
N GLN A 246 -3.76 52.32 -6.64
CA GLN A 246 -3.14 53.29 -7.59
C GLN A 246 -2.71 52.54 -8.85
N LEU A 247 -2.09 51.36 -8.73
CA LEU A 247 -1.69 50.52 -9.91
C LEU A 247 -2.95 50.08 -10.67
N ALA A 248 -4.02 49.72 -9.94
CA ALA A 248 -5.34 49.35 -10.50
C ALA A 248 -5.89 50.49 -11.36
N LEU A 249 -5.85 51.73 -10.82
CA LEU A 249 -6.29 52.98 -11.52
C LEU A 249 -5.43 53.19 -12.77
N ARG A 250 -4.11 53.09 -12.64
CA ARG A 250 -3.12 53.40 -13.72
C ARG A 250 -3.35 52.45 -14.90
N ILE A 251 -3.70 51.19 -14.65
CA ILE A 251 -3.87 50.14 -15.71
C ILE A 251 -4.91 50.59 -16.75
N ASN A 252 -6.00 51.26 -16.29
CA ASN A 252 -7.18 51.65 -17.11
C ASN A 252 -6.99 53.06 -17.69
N LEU A 253 -6.02 53.83 -17.18
CA LEU A 253 -5.64 55.18 -17.69
C LEU A 253 -4.37 55.10 -18.56
N ASP A 254 -3.28 54.52 -18.04
CA ASP A 254 -1.91 54.59 -18.64
C ASP A 254 -1.75 53.54 -19.75
N PHE A 255 -2.08 52.28 -19.47
CA PHE A 255 -1.59 51.08 -20.21
C PHE A 255 -2.62 50.58 -21.25
N HIS A 256 -3.91 50.55 -20.88
CA HIS A 256 -4.98 49.93 -21.69
C HIS A 256 -6.13 50.90 -21.94
N THR A 257 -7.02 50.52 -22.86
CA THR A 257 -8.29 51.20 -23.17
C THR A 257 -9.36 50.71 -22.19
N SER A 258 -9.70 51.54 -21.20
CA SER A 258 -10.85 51.33 -20.28
C SER A 258 -12.12 51.09 -21.10
N ALA A 259 -13.16 50.48 -20.52
CA ALA A 259 -14.51 50.42 -21.12
C ALA A 259 -15.02 51.84 -21.48
N GLN A 260 -14.82 52.82 -20.60
CA GLN A 260 -15.22 54.24 -20.84
C GLN A 260 -14.50 54.84 -22.06
N SER A 261 -13.18 54.64 -22.23
CA SER A 261 -12.42 55.12 -23.43
C SER A 261 -12.92 54.43 -24.69
N PHE A 262 -13.28 53.14 -24.59
CA PHE A 262 -13.80 52.31 -25.71
C PHE A 262 -15.08 52.96 -26.22
N GLY A 263 -15.92 53.36 -25.26
CA GLY A 263 -17.14 54.16 -25.49
C GLY A 263 -16.83 55.39 -26.35
N GLN A 264 -15.95 56.25 -25.85
CA GLN A 264 -15.54 57.51 -26.51
C GLN A 264 -15.13 57.18 -27.95
N ILE A 265 -14.33 56.16 -28.14
CA ILE A 265 -13.67 55.86 -29.44
C ILE A 265 -14.75 55.44 -30.44
N MET A 266 -15.68 54.61 -29.99
CA MET A 266 -16.75 54.06 -30.86
C MET A 266 -17.80 55.15 -31.11
N ASN A 267 -18.04 56.02 -30.12
CA ASN A 267 -18.81 57.28 -30.31
C ASN A 267 -18.22 58.08 -31.49
N MET A 268 -16.89 58.26 -31.50
CA MET A 268 -16.14 59.05 -32.52
C MET A 268 -16.14 58.29 -33.85
N VAL A 269 -16.01 56.97 -33.82
CA VAL A 269 -15.88 56.13 -35.06
C VAL A 269 -17.24 56.00 -35.73
N GLN A 270 -18.31 55.90 -34.91
CA GLN A 270 -19.70 55.65 -35.35
C GLN A 270 -19.70 54.47 -36.33
N PRO A 271 -19.27 53.27 -35.89
CA PRO A 271 -19.33 52.10 -36.76
C PRO A 271 -20.78 51.61 -36.84
N ARG A 272 -21.11 50.81 -37.86
CA ARG A 272 -22.40 50.06 -37.87
C ARG A 272 -22.47 49.22 -36.58
N HIS A 273 -21.39 48.50 -36.25
CA HIS A 273 -21.32 47.58 -35.08
C HIS A 273 -19.93 47.69 -34.43
N ALA A 274 -19.91 47.90 -33.11
CA ALA A 274 -18.69 47.95 -32.26
C ALA A 274 -18.48 46.57 -31.59
N VAL A 275 -17.24 46.09 -31.53
CA VAL A 275 -16.89 44.81 -30.85
C VAL A 275 -15.85 45.11 -29.77
N ALA A 276 -16.23 44.92 -28.51
CA ALA A 276 -15.34 44.98 -27.33
C ALA A 276 -14.77 43.60 -27.07
N TYR A 277 -13.45 43.49 -26.90
CA TYR A 277 -12.79 42.18 -26.64
C TYR A 277 -11.54 42.40 -25.79
N HIS A 278 -10.82 41.32 -25.50
CA HIS A 278 -9.54 41.32 -24.76
C HIS A 278 -9.81 41.51 -23.27
N PHE A 279 -10.98 41.08 -22.79
CA PHE A 279 -11.27 40.93 -21.34
C PHE A 279 -11.71 39.48 -21.05
N PHE A 280 -11.51 38.99 -19.82
CA PHE A 280 -12.12 37.72 -19.35
C PHE A 280 -13.63 37.92 -19.18
N ASN A 281 -14.41 37.18 -19.97
CA ASN A 281 -15.88 37.36 -20.15
C ASN A 281 -16.57 36.37 -19.20
N ASP A 282 -16.70 36.76 -17.93
CA ASP A 282 -17.21 35.89 -16.83
C ASP A 282 -18.53 36.48 -16.29
N ASP A 283 -19.27 35.66 -15.55
CA ASP A 283 -20.61 36.03 -15.01
C ASP A 283 -20.47 37.18 -13.99
N ASP A 284 -19.23 37.60 -13.65
CA ASP A 284 -19.01 38.63 -12.58
C ASP A 284 -18.07 39.75 -13.06
N THR A 285 -17.79 39.86 -14.36
CA THR A 285 -16.86 40.90 -14.92
C THR A 285 -17.55 41.67 -16.06
N ARG A 286 -18.28 40.95 -16.91
CA ARG A 286 -18.81 41.43 -18.20
C ARG A 286 -19.75 42.63 -18.00
N TYR A 287 -20.54 42.63 -16.90
CA TYR A 287 -21.67 43.55 -16.68
C TYR A 287 -21.12 44.98 -16.52
N ASP A 288 -20.26 45.17 -15.51
CA ASP A 288 -19.55 46.46 -15.28
C ASP A 288 -18.83 46.91 -16.55
N ILE A 289 -18.27 46.00 -17.33
CA ILE A 289 -17.50 46.43 -18.54
C ILE A 289 -18.49 47.01 -19.56
N TYR A 290 -19.62 46.32 -19.80
CA TYR A 290 -20.75 46.78 -20.66
C TYR A 290 -21.23 48.18 -20.21
N THR A 291 -21.46 48.37 -18.91
CA THR A 291 -21.97 49.64 -18.34
C THR A 291 -20.96 50.73 -18.68
N GLY A 292 -19.67 50.42 -18.51
CA GLY A 292 -18.52 51.28 -18.87
C GLY A 292 -18.65 51.82 -20.28
N VAL A 293 -18.88 50.96 -21.27
CA VAL A 293 -18.96 51.34 -22.71
C VAL A 293 -20.18 52.23 -22.91
N ARG A 294 -21.31 51.90 -22.27
CA ARG A 294 -22.63 52.56 -22.49
C ARG A 294 -22.65 53.96 -21.87
N GLU A 295 -21.74 54.28 -20.94
CA GLU A 295 -21.52 55.67 -20.45
C GLU A 295 -21.34 56.64 -21.62
N ASN A 296 -20.80 56.22 -22.77
CA ASN A 296 -20.45 57.15 -23.89
C ASN A 296 -20.82 56.59 -25.27
N TYR A 297 -21.09 55.29 -25.43
CA TYR A 297 -21.48 54.68 -26.73
C TYR A 297 -22.84 54.00 -26.58
N ALA A 298 -23.77 54.31 -27.50
CA ALA A 298 -25.18 53.86 -27.52
C ALA A 298 -25.43 52.96 -28.73
N GLY A 299 -24.46 52.86 -29.63
CA GLY A 299 -24.64 52.16 -30.91
C GLY A 299 -24.60 50.65 -30.73
N PRO A 300 -24.83 49.87 -31.79
CA PRO A 300 -24.79 48.41 -31.71
C PRO A 300 -23.43 47.86 -31.23
N LEU A 301 -23.47 47.01 -30.20
CA LEU A 301 -22.29 46.56 -29.41
C LEU A 301 -22.37 45.04 -29.20
N SER A 302 -21.26 44.36 -29.44
CA SER A 302 -20.98 42.97 -29.00
C SER A 302 -19.92 43.03 -27.91
N MET A 303 -20.17 42.35 -26.79
CA MET A 303 -19.16 41.93 -25.79
C MET A 303 -18.58 40.58 -26.21
N ALA A 304 -17.47 40.57 -26.93
CA ALA A 304 -16.95 39.37 -27.61
C ALA A 304 -16.61 38.26 -26.59
N THR A 305 -16.83 37.03 -27.01
CA THR A 305 -16.28 35.80 -26.40
C THR A 305 -15.96 34.85 -27.56
N ASP A 306 -15.32 33.73 -27.24
CA ASP A 306 -14.87 32.76 -28.27
C ASP A 306 -16.08 32.25 -29.08
N MET A 307 -15.92 32.21 -30.39
CA MET A 307 -16.81 31.57 -31.38
C MET A 307 -18.06 32.46 -31.64
N MET A 308 -18.01 33.70 -31.20
CA MET A 308 -18.98 34.73 -31.61
C MET A 308 -18.76 35.02 -33.09
N VAL A 309 -19.83 35.20 -33.86
CA VAL A 309 -19.75 35.38 -35.33
C VAL A 309 -20.61 36.58 -35.74
N TRP A 310 -20.06 37.43 -36.62
CA TRP A 310 -20.79 38.58 -37.21
C TRP A 310 -20.99 38.29 -38.69
N ASN A 311 -22.23 38.42 -39.15
CA ASN A 311 -22.54 38.45 -40.60
C ASN A 311 -22.78 39.93 -40.95
N ILE A 312 -21.99 40.43 -41.91
CA ILE A 312 -22.02 41.82 -42.42
C ILE A 312 -22.64 41.77 -43.81
N THR A 313 -23.83 42.36 -43.95
CA THR A 313 -24.59 42.49 -45.21
C THR A 313 -24.94 43.98 -45.40
N ARG A 314 -25.49 44.32 -46.57
CA ARG A 314 -25.86 45.72 -46.91
C ARG A 314 -26.85 46.24 -45.86
N ASP A 315 -27.81 45.38 -45.47
CA ASP A 315 -28.96 45.75 -44.59
C ASP A 315 -28.66 45.55 -43.10
N ALA A 316 -27.75 44.65 -42.71
CA ALA A 316 -27.51 44.39 -41.26
C ALA A 316 -26.10 43.87 -40.95
N VAL A 317 -25.70 44.10 -39.70
CA VAL A 317 -24.62 43.36 -38.98
C VAL A 317 -25.27 42.59 -37.81
N THR A 318 -25.31 41.26 -37.96
CA THR A 318 -25.92 40.24 -37.08
C THR A 318 -24.82 39.54 -36.26
N GLU A 319 -25.01 39.47 -34.95
CA GLU A 319 -24.19 38.71 -33.98
C GLU A 319 -24.92 37.41 -33.65
N ARG A 320 -24.26 36.28 -33.88
CA ARG A 320 -24.70 34.93 -33.45
C ARG A 320 -23.52 34.25 -32.74
N MET A 321 -23.78 33.18 -32.00
CA MET A 321 -22.74 32.29 -31.47
C MET A 321 -22.59 31.14 -32.46
N ALA A 322 -21.35 30.72 -32.77
CA ALA A 322 -21.08 29.49 -33.54
C ALA A 322 -21.16 28.31 -32.58
N VAL A 323 -21.77 27.23 -33.07
CA VAL A 323 -21.89 25.91 -32.39
C VAL A 323 -21.13 24.91 -33.26
N SER A 324 -19.99 24.44 -32.76
CA SER A 324 -18.92 23.82 -33.59
C SER A 324 -18.37 22.60 -32.87
N PRO A 325 -17.76 21.66 -33.62
CA PRO A 325 -17.25 20.43 -33.01
C PRO A 325 -16.01 20.64 -32.11
N ASP A 326 -16.16 20.26 -30.84
CA ASP A 326 -15.06 20.02 -29.87
C ASP A 326 -14.15 18.91 -30.40
N HIS A 327 -14.71 17.82 -30.93
CA HIS A 327 -13.96 16.69 -31.53
C HIS A 327 -13.71 17.02 -33.00
N ALA A 328 -12.93 18.08 -33.27
CA ALA A 328 -12.59 18.57 -34.63
C ALA A 328 -11.64 17.64 -35.38
N TRP A 329 -11.79 17.61 -36.70
CA TRP A 329 -10.92 16.93 -37.66
C TRP A 329 -10.61 17.93 -38.76
N ASP A 330 -9.40 17.91 -39.32
CA ASP A 330 -9.10 18.59 -40.62
C ASP A 330 -10.17 18.14 -41.63
N VAL A 331 -10.56 19.03 -42.54
CA VAL A 331 -11.51 18.69 -43.65
C VAL A 331 -10.79 18.99 -44.96
N ALA A 332 -10.80 18.00 -45.87
CA ALA A 332 -10.08 18.04 -47.16
C ALA A 332 -10.75 19.08 -48.06
N GLY A 333 -9.95 19.70 -48.93
CA GLY A 333 -10.41 20.63 -49.98
C GLY A 333 -9.56 20.39 -51.21
N PRO A 334 -9.47 21.35 -52.15
CA PRO A 334 -8.52 21.23 -53.27
C PRO A 334 -7.09 21.20 -52.73
N SER A 335 -6.25 20.36 -53.33
CA SER A 335 -4.87 20.03 -52.87
C SER A 335 -4.14 19.34 -54.02
N GLU A 336 -2.85 19.61 -54.18
CA GLU A 336 -1.94 18.88 -55.08
C GLU A 336 -1.57 17.54 -54.40
N ASP A 337 -1.29 16.51 -55.19
CA ASP A 337 -0.56 15.28 -54.78
C ASP A 337 0.91 15.51 -55.17
N LEU A 338 1.58 16.38 -54.42
CA LEU A 338 3.04 16.65 -54.50
C LEU A 338 3.71 15.53 -53.70
N ALA A 339 4.63 14.80 -54.34
CA ALA A 339 5.41 13.69 -53.75
C ALA A 339 6.51 14.26 -52.86
N PRO A 340 6.94 13.52 -51.81
CA PRO A 340 8.15 13.88 -51.07
C PRO A 340 9.38 13.99 -52.00
N ASP A 341 10.33 14.85 -51.63
CA ASP A 341 11.63 15.05 -52.32
C ASP A 341 12.58 13.92 -51.88
N ARG A 342 12.83 12.92 -52.73
CA ARG A 342 13.79 11.81 -52.48
C ARG A 342 15.23 12.36 -52.41
N ASN A 343 15.49 13.55 -52.96
CA ASN A 343 16.81 14.26 -52.84
C ASN A 343 17.16 14.51 -51.37
N ARG A 344 16.15 14.61 -50.48
CA ARG A 344 16.33 15.02 -49.06
C ARG A 344 16.97 13.87 -48.28
N ALA A 345 18.02 14.17 -47.51
CA ALA A 345 18.67 13.23 -46.58
C ALA A 345 17.66 12.79 -45.52
N SER A 346 17.59 11.50 -45.21
CA SER A 346 16.95 10.94 -43.98
C SER A 346 17.46 11.76 -42.79
N GLU A 347 16.71 11.84 -41.69
CA GLU A 347 17.17 12.51 -40.45
C GLU A 347 17.39 11.43 -39.38
N TYR A 348 17.27 10.18 -39.79
CA TYR A 348 17.58 8.99 -38.95
C TYR A 348 19.05 8.66 -39.17
N THR A 349 19.74 8.24 -38.14
CA THR A 349 21.04 7.55 -38.24
C THR A 349 20.75 6.08 -37.98
N GLN A 350 21.63 5.21 -38.49
CA GLN A 350 21.53 3.76 -38.32
C GLN A 350 21.52 3.43 -36.82
N TYR A 351 22.12 4.27 -35.98
CA TYR A 351 22.13 4.07 -34.51
C TYR A 351 20.67 3.99 -34.04
N ILE A 352 19.79 4.87 -34.53
CA ILE A 352 18.36 4.88 -34.07
C ILE A 352 17.61 3.71 -34.73
N LEU A 353 17.73 3.54 -36.05
CA LEU A 353 17.03 2.46 -36.80
C LEU A 353 17.38 1.07 -36.24
N ASP A 354 18.57 0.86 -35.69
CA ASP A 354 19.01 -0.46 -35.17
C ASP A 354 18.11 -0.88 -33.99
N GLY A 355 17.32 0.03 -33.41
CA GLY A 355 16.56 -0.27 -32.17
C GLY A 355 15.14 -0.79 -32.41
N ARG A 356 14.71 -0.95 -33.66
CA ARG A 356 13.33 -1.41 -33.99
C ARG A 356 13.00 -2.76 -33.34
N LEU A 357 11.88 -2.85 -32.62
CA LEU A 357 11.39 -4.12 -32.01
C LEU A 357 10.67 -4.94 -33.09
N ASN A 358 10.82 -6.28 -33.05
CA ASN A 358 10.03 -7.18 -33.92
C ASN A 358 8.59 -7.24 -33.37
N VAL A 359 7.62 -6.78 -34.16
CA VAL A 359 6.17 -6.79 -33.76
C VAL A 359 5.34 -7.54 -34.82
N ASP A 360 6.00 -8.29 -35.71
CA ASP A 360 5.35 -9.05 -36.83
C ASP A 360 4.14 -9.82 -36.28
N GLU A 361 4.34 -10.55 -35.17
CA GLU A 361 3.37 -11.55 -34.61
C GLU A 361 2.07 -10.83 -34.22
N ALA A 362 2.21 -9.83 -33.34
CA ALA A 362 1.13 -9.06 -32.69
C ALA A 362 0.27 -8.34 -33.75
N ASN A 363 0.85 -8.01 -34.89
CA ASN A 363 0.19 -7.21 -35.95
C ASN A 363 -0.27 -8.09 -37.14
N ALA A 364 0.05 -9.40 -37.16
CA ALA A 364 -0.22 -10.29 -38.32
C ALA A 364 -1.74 -10.56 -38.43
N HIS A 365 -2.43 -10.84 -37.31
CA HIS A 365 -3.90 -11.06 -37.27
C HIS A 365 -4.66 -9.91 -37.96
N TRP A 366 -4.53 -8.65 -37.51
CA TRP A 366 -5.26 -7.48 -38.09
C TRP A 366 -4.69 -7.16 -39.47
N LYS A 367 -3.39 -7.41 -39.69
CA LYS A 367 -2.65 -7.05 -40.93
C LYS A 367 -3.21 -7.87 -42.09
N GLN A 368 -3.29 -9.21 -41.93
CA GLN A 368 -3.90 -10.15 -42.91
C GLN A 368 -5.30 -9.64 -43.24
N GLU A 369 -6.18 -9.61 -42.23
CA GLU A 369 -7.60 -9.22 -42.36
C GLU A 369 -7.68 -7.89 -43.15
N PHE A 370 -6.81 -6.92 -42.86
CA PHE A 370 -6.80 -5.57 -43.49
C PHE A 370 -6.49 -5.68 -44.99
N MET A 371 -5.71 -6.68 -45.39
CA MET A 371 -5.25 -6.82 -46.81
C MET A 371 -6.28 -7.62 -47.63
N GLY A 372 -7.22 -8.31 -46.97
CA GLY A 372 -8.26 -9.16 -47.60
C GLY A 372 -9.17 -8.37 -48.53
N SER B 7 -3.45 -19.90 1.45
CA SER B 7 -3.05 -21.21 0.84
C SER B 7 -2.43 -22.12 1.92
N SER B 8 -3.00 -23.32 2.12
CA SER B 8 -2.51 -24.36 3.07
C SER B 8 -1.13 -24.87 2.63
N THR B 9 -0.87 -24.96 1.31
CA THR B 9 0.29 -25.62 0.68
C THR B 9 1.36 -24.60 0.22
N GLY B 10 1.09 -23.29 0.32
CA GLY B 10 1.96 -22.20 -0.20
C GLY B 10 2.87 -21.59 0.88
N ILE B 11 3.92 -20.89 0.44
CA ILE B 11 4.90 -20.17 1.28
C ILE B 11 4.20 -18.97 1.96
N ALA B 12 4.38 -18.82 3.28
CA ALA B 12 3.97 -17.61 4.07
C ALA B 12 4.64 -16.37 3.47
N PRO B 13 3.89 -15.30 3.11
CA PRO B 13 4.51 -14.08 2.59
C PRO B 13 4.95 -13.12 3.70
N LYS B 14 6.01 -12.33 3.44
CA LYS B 14 6.47 -11.19 4.29
C LYS B 14 6.66 -11.65 5.75
N ARG B 15 7.52 -12.64 6.00
CA ARG B 15 7.54 -13.40 7.28
C ARG B 15 8.08 -12.52 8.41
N TYR B 16 7.57 -12.71 9.63
CA TYR B 16 7.88 -11.80 10.76
C TYR B 16 9.33 -12.01 11.19
N VAL B 17 9.91 -13.19 10.92
CA VAL B 17 11.37 -13.44 11.11
C VAL B 17 12.00 -13.67 9.73
N TYR B 18 13.29 -13.35 9.62
CA TYR B 18 14.13 -13.63 8.43
C TYR B 18 14.76 -15.02 8.56
N TYR B 19 14.43 -15.88 7.62
CA TYR B 19 15.10 -17.19 7.44
C TYR B 19 16.19 -17.05 6.39
N PRO B 20 17.49 -17.01 6.80
CA PRO B 20 18.57 -16.83 5.83
C PRO B 20 18.50 -17.89 4.72
N GLY B 21 18.51 -17.40 3.47
CA GLY B 21 18.45 -18.22 2.25
C GLY B 21 17.05 -18.49 1.73
N SER B 22 16.00 -17.95 2.37
CA SER B 22 14.57 -18.19 1.99
C SER B 22 13.95 -17.00 1.24
N GLU B 23 14.60 -15.83 1.21
CA GLU B 23 14.02 -14.58 0.66
C GLU B 23 14.91 -14.08 -0.49
N GLU B 24 14.32 -13.97 -1.68
CA GLU B 24 14.97 -13.37 -2.88
C GLU B 24 15.21 -11.89 -2.57
N LEU B 25 16.38 -11.37 -2.94
CA LEU B 25 16.69 -9.94 -2.72
C LEU B 25 16.28 -9.19 -4.00
N GLY B 26 15.37 -8.23 -3.88
CA GLY B 26 14.92 -7.42 -5.02
C GLY B 26 16.04 -6.48 -5.46
N PRO B 27 16.04 -6.02 -6.72
CA PRO B 27 17.17 -5.25 -7.25
C PRO B 27 17.33 -3.84 -6.68
N ASP B 28 16.34 -3.34 -5.94
CA ASP B 28 16.32 -1.97 -5.39
C ASP B 28 16.31 -2.04 -3.87
N GLU B 29 16.99 -3.07 -3.34
CA GLU B 29 16.96 -3.48 -1.91
C GLU B 29 18.36 -3.74 -1.36
N ILE B 30 18.55 -3.45 -0.07
CA ILE B 30 19.74 -3.79 0.74
C ILE B 30 19.27 -4.59 1.96
N ARG B 31 19.94 -5.72 2.26
CA ARG B 31 19.83 -6.47 3.52
C ARG B 31 21.13 -6.31 4.33
N VAL B 32 21.04 -5.81 5.55
CA VAL B 32 22.16 -5.74 6.53
C VAL B 32 21.84 -6.73 7.66
N ILE B 33 22.80 -7.61 7.96
CA ILE B 33 22.70 -8.55 9.10
C ILE B 33 23.82 -8.21 10.08
N ALA B 34 23.48 -7.93 11.32
CA ALA B 34 24.44 -7.81 12.43
C ALA B 34 24.95 -9.23 12.77
N CYS B 35 26.16 -9.60 12.37
CA CYS B 35 26.71 -10.94 12.73
C CYS B 35 27.57 -10.84 14.00
N GLY B 36 27.71 -9.64 14.56
CA GLY B 36 28.25 -9.45 15.92
C GLY B 36 28.08 -8.01 16.36
N THR B 37 27.72 -7.83 17.63
CA THR B 37 27.23 -6.55 18.21
C THR B 37 27.88 -6.30 19.57
N GLY B 38 28.81 -7.16 20.00
CA GLY B 38 29.29 -7.18 21.39
C GLY B 38 30.62 -6.45 21.59
N MET B 39 31.49 -7.05 22.40
CA MET B 39 32.58 -6.35 23.13
C MET B 39 33.89 -7.13 22.95
N PRO B 40 35.02 -6.58 23.45
CA PRO B 40 36.30 -7.30 23.43
C PRO B 40 36.25 -8.65 24.17
N THR B 41 35.27 -8.84 25.04
CA THR B 41 35.03 -10.09 25.83
C THR B 41 33.97 -10.94 25.12
N ALA B 42 34.18 -12.26 25.06
CA ALA B 42 33.37 -13.23 24.26
C ALA B 42 32.14 -13.69 25.05
N ARG B 43 31.12 -14.14 24.31
CA ARG B 43 29.86 -14.71 24.87
C ARG B 43 29.02 -15.24 23.73
N ARG B 44 28.33 -16.36 23.97
CA ARG B 44 27.52 -17.07 22.95
C ARG B 44 26.41 -16.11 22.48
N ALA B 45 25.93 -15.22 23.37
CA ALA B 45 24.79 -14.32 23.04
C ALA B 45 25.24 -13.33 21.96
N GLN B 46 26.50 -12.87 22.00
CA GLN B 46 26.98 -11.78 21.10
C GLN B 46 28.43 -12.02 20.69
N ALA B 47 28.63 -12.35 19.42
CA ALA B 47 29.93 -12.20 18.70
C ALA B 47 30.35 -10.74 18.73
N ALA B 48 31.66 -10.53 18.48
CA ALA B 48 32.31 -9.24 18.24
C ALA B 48 31.89 -8.65 16.88
N ALA B 49 32.09 -7.34 16.73
CA ALA B 49 31.61 -6.50 15.60
C ALA B 49 31.76 -7.21 14.26
N ALA B 50 30.65 -7.43 13.58
CA ALA B 50 30.60 -7.97 12.21
C ALA B 50 29.29 -7.54 11.56
N TRP B 51 29.33 -7.17 10.28
CA TRP B 51 28.14 -6.81 9.47
C TRP B 51 28.27 -7.48 8.11
N VAL B 52 27.18 -8.08 7.65
CA VAL B 52 27.04 -8.62 6.28
C VAL B 52 26.06 -7.69 5.56
N VAL B 53 26.51 -7.10 4.46
CA VAL B 53 25.69 -6.22 3.59
C VAL B 53 25.49 -6.93 2.27
N GLU B 54 24.24 -7.02 1.86
CA GLU B 54 23.83 -7.61 0.56
C GLU B 54 23.05 -6.53 -0.20
N LEU B 55 23.61 -6.14 -1.33
CA LEU B 55 23.04 -5.19 -2.32
C LEU B 55 22.20 -5.98 -3.33
N GLY B 56 21.11 -5.38 -3.79
CA GLY B 56 20.21 -5.94 -4.82
C GLY B 56 20.90 -6.17 -6.14
N ASN B 57 22.05 -5.53 -6.39
CA ASN B 57 22.89 -5.73 -7.60
C ASN B 57 23.77 -6.98 -7.47
N GLY B 58 23.71 -7.71 -6.34
CA GLY B 58 24.41 -9.00 -6.17
C GLY B 58 25.74 -8.90 -5.43
N ASP B 59 26.31 -7.70 -5.29
CA ASP B 59 27.54 -7.44 -4.49
C ASP B 59 27.24 -7.73 -3.02
N LYS B 60 28.21 -8.33 -2.34
CA LYS B 60 28.16 -8.58 -0.88
C LYS B 60 29.45 -8.07 -0.26
N PHE B 61 29.34 -7.51 0.93
CA PHE B 61 30.48 -6.93 1.67
C PHE B 61 30.35 -7.40 3.10
N ILE B 62 31.50 -7.73 3.70
CA ILE B 62 31.60 -7.82 5.18
C ILE B 62 32.22 -6.53 5.66
N VAL B 63 31.59 -5.91 6.63
CA VAL B 63 32.19 -4.76 7.34
C VAL B 63 32.47 -5.25 8.76
N ASP B 64 33.76 -5.35 9.09
CA ASP B 64 34.29 -5.95 10.35
C ASP B 64 33.96 -7.45 10.39
N ILE B 65 34.74 -8.21 11.14
CA ILE B 65 34.68 -9.69 11.20
C ILE B 65 35.39 -10.12 12.49
N GLY B 66 34.93 -9.58 13.61
CA GLY B 66 35.53 -9.74 14.94
C GLY B 66 35.41 -11.19 15.40
N SER B 67 36.19 -11.56 16.38
CA SER B 67 36.18 -12.89 17.05
C SER B 67 34.76 -13.38 17.30
N GLY B 68 34.43 -14.60 16.86
CA GLY B 68 33.16 -15.28 17.16
C GLY B 68 32.11 -15.11 16.07
N SER B 69 32.28 -14.18 15.13
CA SER B 69 31.25 -13.76 14.16
C SER B 69 31.08 -14.76 13.03
N MET B 70 32.08 -15.61 12.76
CA MET B 70 32.04 -16.56 11.61
C MET B 70 30.88 -17.54 11.78
N ALA B 71 30.54 -18.00 12.98
CA ALA B 71 29.41 -18.92 13.17
C ALA B 71 28.12 -18.22 12.71
N ASN B 72 27.95 -16.93 13.00
CA ASN B 72 26.75 -16.17 12.55
C ASN B 72 26.78 -16.00 11.02
N ILE B 73 27.93 -15.65 10.45
CA ILE B 73 28.08 -15.44 8.99
C ILE B 73 27.76 -16.77 8.27
N GLN B 74 28.25 -17.89 8.82
CA GLN B 74 28.03 -19.22 8.21
C GLN B 74 26.56 -19.65 8.36
N SER B 75 25.80 -19.10 9.32
CA SER B 75 24.37 -19.47 9.46
C SER B 75 23.54 -18.82 8.33
N LEU B 76 24.15 -18.00 7.46
CA LEU B 76 23.40 -17.19 6.46
C LEU B 76 23.19 -17.99 5.18
N MET B 77 23.77 -19.19 5.07
CA MET B 77 23.70 -20.05 3.86
C MET B 77 24.16 -19.28 2.62
N ILE B 78 25.17 -18.43 2.71
CA ILE B 78 25.77 -17.69 1.55
C ILE B 78 27.03 -18.44 1.13
N PRO B 79 27.12 -18.92 -0.14
CA PRO B 79 28.37 -19.51 -0.63
C PRO B 79 29.61 -18.65 -0.36
N ALA B 80 30.75 -19.31 -0.14
CA ALA B 80 32.05 -18.68 0.20
C ALA B 80 32.46 -17.70 -0.91
N ASN B 81 32.25 -18.06 -2.17
CA ASN B 81 32.67 -17.20 -3.31
C ASN B 81 32.00 -15.81 -3.24
N TYR B 82 30.91 -15.65 -2.50
CA TYR B 82 30.11 -14.41 -2.51
C TYR B 82 30.55 -13.41 -1.43
N LEU B 83 31.44 -13.83 -0.52
CA LEU B 83 31.88 -12.97 0.63
C LEU B 83 33.40 -12.82 0.62
N THR B 84 33.94 -12.22 -0.44
CA THR B 84 35.39 -12.10 -0.69
C THR B 84 35.88 -10.69 -0.39
N LYS B 85 34.99 -9.76 -0.01
CA LYS B 85 35.33 -8.33 0.14
C LYS B 85 35.02 -7.89 1.57
N ILE B 86 36.05 -7.52 2.30
CA ILE B 86 35.96 -7.21 3.75
C ILE B 86 36.49 -5.81 3.98
N PHE B 87 35.77 -5.01 4.75
CA PHE B 87 36.12 -3.65 5.16
C PHE B 87 36.30 -3.66 6.67
N LEU B 88 37.46 -3.20 7.12
CA LEU B 88 37.80 -3.10 8.56
C LEU B 88 37.72 -1.64 8.98
N THR B 89 36.98 -1.37 10.05
CA THR B 89 36.89 -0.03 10.67
C THR B 89 38.09 0.17 11.59
N ALA B 90 38.68 -0.92 12.08
CA ALA B 90 39.73 -0.86 13.12
C ALA B 90 40.44 -2.21 13.19
N LEU B 91 41.66 -2.21 13.69
CA LEU B 91 42.50 -3.41 13.76
C LEU B 91 42.45 -4.05 15.16
N HIS B 92 41.46 -3.71 15.99
CA HIS B 92 41.08 -4.51 17.18
C HIS B 92 40.83 -5.98 16.79
N THR B 93 41.16 -6.92 17.68
CA THR B 93 40.85 -8.37 17.55
C THR B 93 39.33 -8.52 17.48
N ASP B 94 38.56 -7.72 18.23
CA ASP B 94 37.09 -7.85 18.22
C ASP B 94 36.50 -7.12 17.00
N HIS B 95 37.31 -6.68 16.03
CA HIS B 95 36.81 -6.13 14.73
C HIS B 95 37.40 -6.91 13.55
N TRP B 96 38.45 -7.73 13.72
CA TRP B 96 38.95 -8.54 12.57
C TRP B 96 39.53 -9.91 12.97
N GLY B 97 39.37 -10.35 14.22
CA GLY B 97 39.81 -11.68 14.70
C GLY B 97 39.37 -12.85 13.84
N ASP B 98 38.14 -12.86 13.32
CA ASP B 98 37.64 -14.03 12.53
C ASP B 98 38.01 -13.86 11.06
N LEU B 99 38.78 -12.86 10.67
CA LEU B 99 39.27 -12.83 9.26
C LEU B 99 39.92 -14.18 8.96
N VAL B 100 40.73 -14.72 9.88
CA VAL B 100 41.53 -15.96 9.61
C VAL B 100 40.58 -17.15 9.42
N SER B 101 39.50 -17.19 10.22
CA SER B 101 38.46 -18.25 10.21
C SER B 101 37.76 -18.28 8.85
N MET B 102 37.36 -17.12 8.33
CA MET B 102 36.84 -16.98 6.95
C MET B 102 37.91 -17.43 5.95
N TRP B 103 39.13 -16.91 6.09
CA TRP B 103 40.28 -17.16 5.16
C TRP B 103 40.49 -18.67 5.03
N ALA B 104 40.71 -19.37 6.14
CA ALA B 104 40.97 -20.82 6.21
C ALA B 104 39.73 -21.62 5.82
N GLY B 105 38.63 -21.41 6.56
CA GLY B 105 37.37 -22.17 6.44
C GLY B 105 36.84 -22.12 5.02
N GLY B 106 36.78 -20.93 4.43
CA GLY B 106 36.28 -20.74 3.06
C GLY B 106 37.12 -21.49 2.04
N TRP B 107 38.44 -21.36 2.18
CA TRP B 107 39.47 -22.07 1.37
C TRP B 107 39.24 -23.58 1.45
N THR B 108 39.06 -24.18 2.63
CA THR B 108 38.86 -25.65 2.75
C THR B 108 37.47 -26.02 2.22
N ALA B 109 36.50 -25.09 2.26
CA ALA B 109 35.10 -25.31 1.81
C ALA B 109 35.07 -25.30 0.27
N GLY B 110 35.78 -24.36 -0.36
CA GLY B 110 35.94 -24.29 -1.83
C GLY B 110 35.88 -22.88 -2.39
N ARG B 111 36.07 -21.82 -1.60
CA ARG B 111 36.28 -20.46 -2.18
C ARG B 111 37.37 -20.62 -3.26
N THR B 112 37.22 -19.99 -4.42
CA THR B 112 38.21 -20.06 -5.52
C THR B 112 38.97 -18.72 -5.65
N ASP B 113 38.38 -17.63 -5.19
CA ASP B 113 39.00 -16.27 -5.29
C ASP B 113 39.68 -15.91 -3.97
N PRO B 114 40.76 -15.10 -4.03
CA PRO B 114 41.38 -14.59 -2.82
C PRO B 114 40.40 -13.67 -2.08
N LEU B 115 40.64 -13.47 -0.80
CA LEU B 115 39.94 -12.42 -0.03
C LEU B 115 40.53 -11.09 -0.48
N GLU B 116 39.70 -10.06 -0.46
CA GLU B 116 40.11 -8.66 -0.65
C GLU B 116 39.78 -7.95 0.66
N VAL B 117 40.76 -7.28 1.24
CA VAL B 117 40.60 -6.56 2.53
C VAL B 117 40.95 -5.10 2.32
N TRP B 118 40.01 -4.23 2.68
CA TRP B 118 40.17 -2.76 2.76
C TRP B 118 40.30 -2.40 4.23
N GLY B 119 41.40 -1.78 4.63
CA GLY B 119 41.55 -1.32 6.03
C GLY B 119 42.36 -0.04 6.08
N PRO B 120 42.31 0.67 7.21
CA PRO B 120 43.05 1.92 7.35
C PRO B 120 44.56 1.68 7.58
N SER B 121 45.33 2.71 7.25
CA SER B 121 46.75 2.87 7.66
C SER B 121 46.78 3.28 9.13
N GLY B 122 47.97 3.37 9.70
CA GLY B 122 48.21 3.95 11.03
C GLY B 122 49.14 5.14 10.87
N SER B 123 49.59 5.73 11.98
CA SER B 123 50.49 6.91 12.01
C SER B 123 51.84 6.52 11.41
N ARG B 124 52.12 5.21 11.37
CA ARG B 124 53.39 4.63 10.86
C ARG B 124 53.05 3.26 10.28
N GLU B 125 53.97 2.64 9.55
CA GLU B 125 53.66 1.40 8.79
C GLU B 125 53.13 0.30 9.72
N ASP B 126 53.68 0.11 10.93
CA ASP B 126 53.42 -1.12 11.74
C ASP B 126 52.08 -0.98 12.48
N MET B 127 51.35 0.11 12.24
CA MET B 127 50.06 0.39 12.91
C MET B 127 48.94 0.36 11.87
N GLY B 128 49.24 -0.08 10.65
CA GLY B 128 48.28 -0.12 9.54
C GLY B 128 47.88 -1.53 9.09
N THR B 129 46.95 -1.61 8.14
CA THR B 129 46.23 -2.85 7.75
C THR B 129 47.13 -3.72 6.88
N LYS B 130 47.90 -3.11 5.96
CA LYS B 130 48.90 -3.80 5.10
C LYS B 130 49.85 -4.62 5.98
N TYR B 131 50.52 -3.97 6.93
CA TYR B 131 51.39 -4.66 7.92
C TYR B 131 50.61 -5.76 8.64
N ALA B 132 49.40 -5.47 9.17
CA ALA B 132 48.60 -6.42 9.98
C ALA B 132 48.32 -7.71 9.18
N VAL B 133 47.84 -7.61 7.94
CA VAL B 133 47.42 -8.81 7.16
C VAL B 133 48.67 -9.58 6.73
N GLU B 134 49.73 -8.86 6.35
CA GLU B 134 51.03 -9.47 5.94
C GLU B 134 51.45 -10.43 7.06
N HIS B 135 51.42 -9.98 8.31
CA HIS B 135 51.90 -10.75 9.48
C HIS B 135 50.87 -11.81 9.92
N MET B 136 49.58 -11.59 9.63
CA MET B 136 48.54 -12.62 9.86
C MET B 136 48.87 -13.84 8.98
N LEU B 137 49.22 -13.61 7.72
CA LEU B 137 49.51 -14.71 6.76
C LEU B 137 50.78 -15.45 7.20
N LYS B 138 51.80 -14.73 7.68
CA LYS B 138 53.02 -15.37 8.29
C LYS B 138 52.60 -16.17 9.53
N ALA B 139 51.78 -15.56 10.39
CA ALA B 139 51.32 -16.20 11.65
C ALA B 139 50.70 -17.55 11.32
N TYR B 140 50.00 -17.64 10.20
CA TYR B 140 49.27 -18.87 9.83
C TYR B 140 50.03 -19.60 8.72
N ASN B 141 51.35 -19.41 8.61
CA ASN B 141 52.15 -19.95 7.50
C ASN B 141 52.10 -21.49 7.47
N TRP B 142 52.02 -22.14 8.63
CA TRP B 142 51.93 -23.62 8.68
C TRP B 142 50.64 -24.07 7.97
N ASP B 143 49.52 -23.43 8.33
CA ASP B 143 48.18 -23.70 7.73
C ASP B 143 48.24 -23.35 6.22
N TYR B 144 48.78 -22.19 5.86
CA TYR B 144 48.88 -21.78 4.44
C TYR B 144 49.65 -22.86 3.67
N MET B 145 50.84 -23.24 4.13
CA MET B 145 51.73 -24.11 3.30
C MET B 145 51.14 -25.52 3.23
N THR B 146 50.64 -26.06 4.33
CA THR B 146 50.10 -27.45 4.36
C THR B 146 48.84 -27.54 3.51
N ARG B 147 47.95 -26.54 3.56
CA ARG B 147 46.70 -26.55 2.77
C ARG B 147 47.04 -26.37 1.28
N ALA B 148 48.01 -25.51 0.94
CA ALA B 148 48.42 -25.20 -0.46
C ALA B 148 49.02 -26.44 -1.14
N VAL B 149 49.42 -27.46 -0.36
CA VAL B 149 49.92 -28.75 -0.90
C VAL B 149 48.82 -29.36 -1.75
N THR B 150 47.60 -29.39 -1.22
CA THR B 150 46.46 -30.17 -1.78
C THR B 150 45.34 -29.27 -2.34
N ILE B 151 45.45 -27.93 -2.29
CA ILE B 151 44.38 -27.00 -2.77
C ILE B 151 45.04 -25.79 -3.41
N ASN B 152 44.61 -25.35 -4.58
CA ASN B 152 45.28 -24.22 -5.24
C ASN B 152 45.40 -23.10 -4.22
N PRO B 153 46.56 -22.43 -4.09
CA PRO B 153 46.77 -21.43 -3.06
C PRO B 153 46.17 -20.05 -3.39
N ARG B 154 45.61 -19.91 -4.61
CA ARG B 154 45.02 -18.66 -5.15
C ARG B 154 44.01 -18.10 -4.16
N PRO B 155 43.04 -18.90 -3.68
CA PRO B 155 42.15 -18.45 -2.61
C PRO B 155 42.82 -18.19 -1.26
N GLY B 156 44.08 -18.64 -1.07
CA GLY B 156 44.89 -18.39 0.14
C GLY B 156 45.48 -16.98 0.18
N ASP B 157 45.58 -16.28 -0.95
CA ASP B 157 46.16 -14.91 -0.98
C ASP B 157 45.14 -13.95 -0.37
N ILE B 158 45.61 -12.84 0.18
CA ILE B 158 44.74 -11.73 0.64
C ILE B 158 45.28 -10.45 0.02
N ASN B 159 44.55 -9.89 -0.93
CA ASN B 159 44.91 -8.61 -1.57
C ASN B 159 44.43 -7.50 -0.62
N VAL B 160 45.37 -6.72 -0.10
CA VAL B 160 45.12 -5.65 0.90
C VAL B 160 45.06 -4.31 0.18
N HIS B 161 44.00 -3.54 0.43
CA HIS B 161 43.82 -2.16 -0.06
C HIS B 161 43.82 -1.23 1.15
N GLU B 162 45.00 -0.75 1.52
CA GLU B 162 45.19 0.16 2.66
C GLU B 162 44.91 1.57 2.13
N PHE B 163 44.14 2.35 2.88
CA PHE B 163 43.77 3.74 2.54
C PHE B 163 44.15 4.63 3.71
N ASP B 164 44.27 5.93 3.47
CA ASP B 164 44.74 6.93 4.47
C ASP B 164 43.64 7.14 5.53
N TYR B 165 43.90 6.71 6.75
CA TYR B 165 42.95 6.87 7.87
C TYR B 165 42.57 8.35 8.02
N ARG B 166 43.45 9.30 7.68
CA ARG B 166 43.24 10.75 7.99
C ARG B 166 42.26 11.38 6.98
N ALA B 167 42.03 10.71 5.85
CA ALA B 167 41.25 11.23 4.71
C ALA B 167 39.83 11.56 5.21
N LEU B 168 39.39 12.80 4.92
CA LEU B 168 38.08 13.35 5.35
C LEU B 168 37.07 13.03 4.23
N ASN B 169 36.34 11.93 4.40
CA ASN B 169 35.17 11.50 3.57
C ASN B 169 35.58 11.20 2.13
N GLU B 170 36.80 10.70 1.89
CA GLU B 170 37.29 10.40 0.53
C GLU B 170 36.88 8.97 0.16
N VAL B 171 36.88 8.63 -1.13
CA VAL B 171 36.44 7.33 -1.71
C VAL B 171 37.57 6.34 -1.54
N VAL B 172 37.32 5.20 -0.88
CA VAL B 172 38.31 4.11 -0.67
C VAL B 172 37.97 2.95 -1.59
N TYR B 173 36.81 2.97 -2.22
CA TYR B 173 36.34 1.85 -3.08
C TYR B 173 35.22 2.37 -3.97
N GLN B 174 35.22 1.91 -5.21
CA GLN B 174 34.43 2.52 -6.33
C GLN B 174 34.39 1.46 -7.41
N GLU B 175 33.41 0.56 -7.34
CA GLU B 175 33.22 -0.53 -8.32
C GLU B 175 31.73 -0.84 -8.47
N ASN B 176 31.30 -0.99 -9.72
CA ASN B 176 29.99 -1.54 -10.13
C ASN B 176 28.85 -0.69 -9.53
N GLY B 177 28.99 0.64 -9.57
CA GLY B 177 28.03 1.60 -9.02
C GLY B 177 28.00 1.59 -7.50
N VAL B 178 29.04 1.04 -6.84
CA VAL B 178 29.20 0.97 -5.35
C VAL B 178 30.38 1.83 -4.93
N THR B 179 30.13 2.74 -4.00
CA THR B 179 31.15 3.66 -3.42
C THR B 179 31.21 3.40 -1.91
N PHE B 180 32.40 3.16 -1.35
CA PHE B 180 32.68 3.36 0.10
C PHE B 180 33.52 4.61 0.29
N ARG B 181 33.13 5.46 1.23
CA ARG B 181 33.96 6.59 1.74
C ARG B 181 34.39 6.30 3.17
N SER B 182 35.57 6.79 3.55
CA SER B 182 36.08 6.70 4.94
C SER B 182 36.20 8.10 5.52
N TRP B 183 36.08 8.22 6.83
CA TRP B 183 36.51 9.38 7.62
C TRP B 183 37.03 8.88 8.95
N PRO B 184 37.82 9.67 9.68
CA PRO B 184 38.45 9.21 10.90
C PRO B 184 37.45 8.89 12.02
N CYS B 185 37.94 8.16 13.03
CA CYS B 185 37.34 8.03 14.37
C CYS B 185 38.37 8.52 15.38
N ILE B 186 37.91 8.75 16.60
CA ILE B 186 38.77 9.11 17.76
C ILE B 186 38.65 7.94 18.76
N HIS B 187 39.56 6.96 18.67
CA HIS B 187 39.44 5.71 19.45
C HIS B 187 40.79 4.99 19.58
N ALA B 188 41.27 4.88 20.83
CA ALA B 188 42.43 4.05 21.26
C ALA B 188 43.73 4.67 20.74
N GLY B 189 43.85 4.85 19.44
CA GLY B 189 44.97 5.56 18.80
C GLY B 189 44.61 5.82 17.36
N ASP B 190 45.41 6.60 16.64
CA ASP B 190 45.15 6.91 15.22
C ASP B 190 44.93 5.60 14.46
N GLY B 191 44.02 5.59 13.49
CA GLY B 191 43.85 4.49 12.51
C GLY B 191 42.39 4.15 12.25
N PRO B 192 41.56 3.97 13.30
CA PRO B 192 40.15 3.61 13.11
C PRO B 192 39.31 4.63 12.33
N VAL B 193 38.46 4.13 11.42
CA VAL B 193 37.56 4.93 10.56
C VAL B 193 36.10 4.45 10.68
N SER B 194 35.18 5.31 10.24
CA SER B 194 33.79 4.96 9.86
C SER B 194 33.74 4.82 8.34
N PHE B 195 32.79 4.04 7.83
CA PHE B 195 32.54 3.91 6.38
C PHE B 195 31.14 4.41 6.06
N ALA B 196 30.96 4.89 4.84
CA ALA B 196 29.66 5.19 4.20
C ALA B 196 29.64 4.41 2.89
N LEU B 197 28.64 3.56 2.72
CA LEU B 197 28.41 2.77 1.49
C LEU B 197 27.28 3.48 0.74
N GLU B 198 27.56 3.96 -0.47
CA GLU B 198 26.58 4.62 -1.38
C GLU B 198 26.34 3.69 -2.57
N TRP B 199 25.08 3.43 -2.86
CA TRP B 199 24.66 2.61 -4.01
C TRP B 199 23.17 2.86 -4.29
N ASN B 200 22.82 3.19 -5.55
CA ASN B 200 21.42 3.21 -6.03
C ASN B 200 20.54 4.10 -5.13
N GLY B 201 21.02 5.30 -4.79
CA GLY B 201 20.32 6.25 -3.92
C GLY B 201 20.15 5.78 -2.48
N TYR B 202 20.97 4.81 -2.04
CA TYR B 202 21.02 4.36 -0.63
C TYR B 202 22.39 4.68 -0.05
N LYS B 203 22.43 4.92 1.25
CA LYS B 203 23.65 5.27 2.00
C LYS B 203 23.57 4.52 3.34
N VAL B 204 24.52 3.60 3.56
CA VAL B 204 24.63 2.78 4.81
C VAL B 204 25.95 3.16 5.49
N VAL B 205 25.88 3.60 6.73
CA VAL B 205 27.05 4.16 7.45
C VAL B 205 27.36 3.25 8.63
N PHE B 206 28.61 2.81 8.67
CA PHE B 206 29.16 1.89 9.69
C PHE B 206 30.10 2.73 10.55
N GLY B 207 29.67 3.05 11.78
CA GLY B 207 30.41 3.95 12.67
C GLY B 207 31.79 3.43 13.06
N GLY B 208 31.97 2.11 13.10
CA GLY B 208 33.18 1.55 13.73
C GLY B 208 33.14 1.85 15.21
N ASP B 209 34.21 2.43 15.77
CA ASP B 209 34.32 2.84 17.20
C ASP B 209 34.84 4.28 17.29
N THR B 210 34.30 5.09 18.20
CA THR B 210 34.66 6.52 18.34
C THR B 210 34.06 7.12 19.60
N ALA B 211 34.79 8.05 20.22
CA ALA B 211 34.22 9.14 21.03
C ALA B 211 33.52 10.09 20.07
N PRO B 212 32.48 10.84 20.52
CA PRO B 212 31.69 11.66 19.59
C PRO B 212 32.66 12.57 18.82
N ASN B 213 32.56 12.60 17.50
CA ASN B 213 33.47 13.40 16.64
C ASN B 213 32.65 14.26 15.67
N ILE B 214 33.32 15.20 14.99
CA ILE B 214 32.68 16.24 14.12
C ILE B 214 32.47 15.68 12.71
N TRP B 215 33.08 14.55 12.37
CA TRP B 215 33.08 14.04 10.96
C TRP B 215 31.83 13.19 10.71
N TYR B 216 31.43 12.38 11.68
CA TYR B 216 30.32 11.41 11.49
C TYR B 216 29.04 12.19 11.20
N PRO B 217 28.63 13.16 12.06
CA PRO B 217 27.40 13.91 11.84
C PRO B 217 27.32 14.54 10.44
N GLU B 218 28.45 15.01 9.91
CA GLU B 218 28.52 15.60 8.54
C GLU B 218 28.37 14.51 7.48
N TYR B 219 29.20 13.46 7.50
CA TYR B 219 29.40 12.56 6.33
C TYR B 219 28.37 11.41 6.35
N ALA B 220 27.68 11.24 7.47
CA ALA B 220 26.61 10.21 7.65
C ALA B 220 25.21 10.80 7.34
N LYS B 221 25.11 12.11 7.16
CA LYS B 221 23.85 12.88 7.00
C LYS B 221 22.92 12.19 6.02
N GLY B 222 21.69 11.86 6.46
CA GLY B 222 20.62 11.33 5.61
C GLY B 222 20.86 9.90 5.15
N ALA B 223 21.54 9.10 5.98
CA ALA B 223 21.70 7.65 5.75
C ALA B 223 20.33 6.98 5.86
N ASP B 224 20.08 5.98 5.01
CA ASP B 224 19.03 4.95 5.20
C ASP B 224 19.25 4.24 6.54
N LEU B 225 20.50 3.82 6.79
CA LEU B 225 20.87 3.07 8.03
C LEU B 225 22.18 3.64 8.59
N ALA B 226 22.12 4.26 9.77
CA ALA B 226 23.28 4.84 10.46
C ALA B 226 23.61 3.95 11.64
N ILE B 227 24.73 3.20 11.56
CA ILE B 227 25.26 2.37 12.67
C ILE B 227 26.26 3.20 13.47
N HIS B 228 26.06 3.32 14.77
CA HIS B 228 27.06 4.01 15.63
C HIS B 228 27.19 3.28 16.97
N GLU B 229 28.42 3.28 17.47
CA GLU B 229 28.78 2.78 18.82
C GLU B 229 27.86 3.50 19.80
N CYS B 230 27.26 2.74 20.72
CA CYS B 230 26.42 3.23 21.83
C CYS B 230 26.82 2.45 23.07
N TRP B 231 27.47 3.09 24.04
CA TRP B 231 28.18 2.42 25.15
C TRP B 231 27.23 2.18 26.32
N MET B 232 27.49 1.09 27.04
CA MET B 232 26.84 0.81 28.34
C MET B 232 27.00 2.05 29.25
N THR B 233 26.18 2.15 30.28
CA THR B 233 26.08 3.37 31.11
C THR B 233 27.21 3.35 32.14
N SER B 234 27.57 4.52 32.66
CA SER B 234 28.54 4.69 33.77
C SER B 234 28.04 3.92 35.01
N ASP B 235 26.72 3.87 35.23
CA ASP B 235 26.10 3.03 36.29
C ASP B 235 26.40 1.55 36.02
N GLN B 236 26.25 1.12 34.75
CA GLN B 236 26.54 -0.26 34.30
C GLN B 236 28.04 -0.56 34.49
N MET B 237 28.93 0.36 34.08
CA MET B 237 30.40 0.18 34.24
C MET B 237 30.72 -0.10 35.72
N MET B 238 30.03 0.60 36.64
CA MET B 238 30.27 0.48 38.11
C MET B 238 29.73 -0.85 38.66
N THR B 239 28.54 -1.28 38.23
CA THR B 239 27.88 -2.53 38.72
C THR B 239 28.65 -3.75 38.20
N LYS B 240 28.94 -3.76 36.90
CA LYS B 240 29.51 -4.94 36.18
C LYS B 240 31.00 -5.08 36.49
N TYR B 241 31.81 -4.06 36.17
CA TYR B 241 33.29 -4.13 36.25
C TYR B 241 33.81 -3.54 37.58
N ASN B 242 32.94 -3.36 38.59
CA ASN B 242 33.28 -2.76 39.91
C ASN B 242 34.16 -1.52 39.74
N GLN B 243 33.91 -0.70 38.70
CA GLN B 243 34.72 0.50 38.34
C GLN B 243 34.52 1.58 39.40
N PRO B 244 35.53 2.46 39.64
CA PRO B 244 35.35 3.61 40.52
C PRO B 244 34.50 4.67 39.79
N ALA B 245 33.75 5.48 40.55
CA ALA B 245 32.79 6.50 40.05
C ALA B 245 33.44 7.34 38.95
N GLN B 246 34.62 7.93 39.23
CA GLN B 246 35.25 8.97 38.38
C GLN B 246 35.63 8.35 37.02
N LEU B 247 36.20 7.14 37.02
CA LEU B 247 36.63 6.42 35.78
C LEU B 247 35.38 5.93 35.01
N ALA B 248 34.31 5.53 35.71
CA ALA B 248 33.01 5.13 35.12
C ALA B 248 32.43 6.32 34.33
N LEU B 249 32.51 7.53 34.89
CA LEU B 249 32.09 8.79 34.21
C LEU B 249 32.95 9.02 32.96
N ARG B 250 34.28 8.91 33.08
CA ARG B 250 35.25 9.17 31.97
C ARG B 250 34.97 8.25 30.78
N ILE B 251 34.65 6.98 31.02
CA ILE B 251 34.40 5.97 29.94
C ILE B 251 33.34 6.53 28.97
N ASN B 252 32.31 7.25 29.44
CA ASN B 252 31.16 7.69 28.61
C ASN B 252 31.37 9.10 28.03
N LEU B 253 32.44 9.81 28.39
CA LEU B 253 32.73 11.18 27.86
C LEU B 253 33.95 11.17 26.90
N ASP B 254 35.12 10.72 27.39
CA ASP B 254 36.43 10.78 26.68
C ASP B 254 36.59 9.59 25.72
N PHE B 255 36.31 8.38 26.20
CA PHE B 255 36.73 7.10 25.55
C PHE B 255 35.71 6.68 24.47
N HIS B 256 34.42 6.80 24.79
CA HIS B 256 33.30 6.26 23.99
C HIS B 256 32.17 7.28 23.81
N THR B 257 31.26 6.92 22.91
CA THR B 257 29.96 7.60 22.68
C THR B 257 28.91 7.07 23.67
N SER B 258 28.57 7.88 24.68
CA SER B 258 27.39 7.68 25.56
C SER B 258 26.14 7.50 24.69
N ALA B 259 25.11 6.83 25.20
CA ALA B 259 23.76 6.79 24.59
C ALA B 259 23.24 8.22 24.34
N GLN B 260 23.37 9.09 25.35
CA GLN B 260 22.98 10.53 25.22
C GLN B 260 23.73 11.16 24.02
N SER B 261 25.06 11.04 23.93
CA SER B 261 25.87 11.51 22.76
C SER B 261 25.39 10.87 21.45
N PHE B 262 25.11 9.56 21.46
CA PHE B 262 24.61 8.79 20.27
C PHE B 262 23.32 9.46 19.78
N GLY B 263 22.43 9.76 20.71
CA GLY B 263 21.16 10.48 20.46
C GLY B 263 21.43 11.81 19.77
N GLN B 264 22.28 12.66 20.37
CA GLN B 264 22.68 13.97 19.78
C GLN B 264 23.15 13.73 18.36
N ILE B 265 24.07 12.76 18.18
CA ILE B 265 24.63 12.45 16.84
C ILE B 265 23.50 12.10 15.88
N MET B 266 22.60 11.18 16.23
CA MET B 266 21.56 10.70 15.28
C MET B 266 20.49 11.80 15.02
N ASN B 267 20.16 12.60 16.03
CA ASN B 267 19.37 13.85 15.83
C ASN B 267 19.99 14.68 14.68
N MET B 268 21.32 14.89 14.70
CA MET B 268 22.09 15.66 13.67
C MET B 268 22.00 14.97 12.29
N VAL B 269 22.12 13.65 12.24
CA VAL B 269 22.30 12.86 10.99
C VAL B 269 20.98 12.73 10.23
N GLN B 270 19.88 12.65 11.00
CA GLN B 270 18.50 12.42 10.49
C GLN B 270 18.50 11.24 9.53
N PRO B 271 18.93 10.04 10.00
CA PRO B 271 18.87 8.85 9.15
C PRO B 271 17.43 8.37 9.06
N ARG B 272 17.12 7.53 8.08
CA ARG B 272 15.82 6.84 8.01
C ARG B 272 15.70 5.96 9.25
N HIS B 273 16.80 5.27 9.60
CA HIS B 273 16.88 4.29 10.71
C HIS B 273 18.27 4.30 11.36
N ALA B 274 18.32 4.56 12.66
CA ALA B 274 19.53 4.55 13.50
C ALA B 274 19.75 3.16 14.14
N VAL B 275 21.00 2.70 14.25
CA VAL B 275 21.37 1.44 14.97
C VAL B 275 22.42 1.74 16.05
N ALA B 276 22.04 1.51 17.30
CA ALA B 276 22.96 1.47 18.46
C ALA B 276 23.51 0.03 18.57
N TYR B 277 24.84 -0.11 18.65
CA TYR B 277 25.48 -1.44 18.85
C TYR B 277 26.67 -1.26 19.80
N HIS B 278 27.36 -2.36 20.08
CA HIS B 278 28.66 -2.38 20.80
C HIS B 278 28.41 -2.27 22.29
N PHE B 279 27.21 -2.62 22.75
CA PHE B 279 26.92 -2.87 24.18
C PHE B 279 26.50 -4.33 24.35
N PHE B 280 26.68 -4.88 25.55
CA PHE B 280 26.08 -6.18 25.97
C PHE B 280 24.56 -5.96 26.12
N ASN B 281 23.81 -6.54 25.21
CA ASN B 281 22.33 -6.40 25.09
C ASN B 281 21.69 -7.43 26.03
N ASP B 282 21.48 -7.04 27.28
CA ASP B 282 21.02 -7.94 28.37
C ASP B 282 19.76 -7.35 28.99
N ASP B 283 18.94 -8.20 29.61
CA ASP B 283 17.64 -7.86 30.25
C ASP B 283 17.81 -6.79 31.33
N ASP B 284 19.02 -6.38 31.69
CA ASP B 284 19.25 -5.41 32.80
C ASP B 284 20.22 -4.30 32.37
N THR B 285 20.51 -4.15 31.07
CA THR B 285 21.47 -3.15 30.55
C THR B 285 20.82 -2.31 29.43
N ARG B 286 20.09 -2.96 28.54
CA ARG B 286 19.55 -2.43 27.26
C ARG B 286 18.62 -1.23 27.50
N TYR B 287 17.83 -1.26 28.58
CA TYR B 287 16.69 -0.34 28.79
C TYR B 287 17.24 1.05 29.10
N ASP B 288 18.14 1.20 30.07
CA ASP B 288 18.74 2.51 30.42
C ASP B 288 19.45 3.05 29.16
N ILE B 289 20.04 2.19 28.34
CA ILE B 289 20.76 2.65 27.11
C ILE B 289 19.73 3.23 26.12
N TYR B 290 18.63 2.52 25.89
CA TYR B 290 17.54 2.99 24.98
C TYR B 290 17.03 4.35 25.47
N THR B 291 16.85 4.48 26.78
CA THR B 291 16.35 5.70 27.47
C THR B 291 17.37 6.83 27.27
N GLY B 292 18.66 6.50 27.24
CA GLY B 292 19.76 7.46 26.96
C GLY B 292 19.63 8.08 25.58
N VAL B 293 19.37 7.28 24.56
CA VAL B 293 19.24 7.74 23.14
C VAL B 293 18.01 8.64 22.98
N ARG B 294 16.90 8.34 23.66
CA ARG B 294 15.58 8.98 23.41
C ARG B 294 15.57 10.38 24.05
N GLU B 295 16.50 10.67 24.98
CA GLU B 295 16.76 12.04 25.50
C GLU B 295 16.90 13.03 24.35
N ASN B 296 17.49 12.63 23.21
CA ASN B 296 17.83 13.58 22.13
C ASN B 296 17.44 13.07 20.75
N TYR B 297 17.20 11.75 20.56
CA TYR B 297 16.80 11.20 19.24
C TYR B 297 15.47 10.46 19.37
N ALA B 298 14.54 10.80 18.50
CA ALA B 298 13.13 10.33 18.55
C ALA B 298 12.82 9.48 17.32
N GLY B 299 13.72 9.42 16.34
CA GLY B 299 13.49 8.74 15.06
C GLY B 299 13.56 7.22 15.21
N PRO B 300 13.36 6.45 14.11
CA PRO B 300 13.43 5.00 14.14
C PRO B 300 14.81 4.53 14.65
N LEU B 301 14.81 3.68 15.66
CA LEU B 301 16.03 3.25 16.40
C LEU B 301 15.97 1.73 16.59
N SER B 302 17.03 1.01 16.18
CA SER B 302 17.26 -0.41 16.53
C SER B 302 18.31 -0.50 17.61
N MET B 303 18.04 -1.26 18.67
CA MET B 303 19.05 -1.74 19.65
C MET B 303 19.56 -3.12 19.17
N ALA B 304 20.68 -3.11 18.43
CA ALA B 304 21.22 -4.28 17.72
C ALA B 304 21.55 -5.38 18.74
N THR B 305 21.28 -6.60 18.33
CA THR B 305 21.84 -7.82 18.92
C THR B 305 22.18 -8.73 17.76
N ASP B 306 22.82 -9.86 18.04
CA ASP B 306 23.29 -10.81 17.02
C ASP B 306 22.08 -11.30 16.22
N MET B 307 22.25 -11.29 14.90
CA MET B 307 21.36 -11.86 13.87
C MET B 307 20.14 -10.94 13.66
N MET B 308 20.20 -9.71 14.17
CA MET B 308 19.21 -8.66 13.80
C MET B 308 19.46 -8.31 12.33
N VAL B 309 18.40 -8.13 11.55
CA VAL B 309 18.48 -7.91 10.07
C VAL B 309 17.59 -6.71 9.69
N TRP B 310 18.14 -5.79 8.89
CA TRP B 310 17.42 -4.63 8.34
C TRP B 310 17.22 -4.84 6.85
N ASN B 311 15.98 -4.63 6.37
CA ASN B 311 15.67 -4.57 4.93
C ASN B 311 15.45 -3.10 4.53
N ILE B 312 16.34 -2.59 3.70
CA ILE B 312 16.28 -1.19 3.16
C ILE B 312 15.61 -1.27 1.79
N THR B 313 14.44 -0.67 1.69
CA THR B 313 13.66 -0.51 0.44
C THR B 313 13.27 0.96 0.30
N ARG B 314 12.71 1.34 -0.83
CA ARG B 314 12.29 2.73 -1.13
C ARG B 314 11.26 3.17 -0.08
N ASP B 315 10.35 2.25 0.28
CA ASP B 315 9.17 2.45 1.15
C ASP B 315 9.54 2.44 2.64
N ALA B 316 10.36 1.47 3.08
CA ALA B 316 10.60 1.19 4.52
C ALA B 316 12.05 0.82 4.80
N VAL B 317 12.50 1.11 6.02
CA VAL B 317 13.64 0.41 6.67
C VAL B 317 13.04 -0.47 7.76
N THR B 318 13.08 -1.79 7.56
CA THR B 318 12.42 -2.81 8.41
C THR B 318 13.46 -3.55 9.26
N GLU B 319 13.28 -3.62 10.58
CA GLU B 319 14.07 -4.48 11.50
C GLU B 319 13.35 -5.82 11.70
N ARG B 320 14.04 -6.94 11.51
CA ARG B 320 13.57 -8.28 11.96
C ARG B 320 14.72 -9.03 12.63
N MET B 321 14.38 -10.12 13.33
CA MET B 321 15.39 -11.09 13.85
C MET B 321 15.49 -12.23 12.83
N ALA B 322 16.73 -12.63 12.52
CA ALA B 322 17.06 -13.79 11.68
C ALA B 322 16.92 -15.04 12.55
N VAL B 323 16.30 -16.07 11.99
CA VAL B 323 16.17 -17.40 12.62
C VAL B 323 16.93 -18.37 11.72
N SER B 324 18.09 -18.80 12.21
CA SER B 324 19.18 -19.42 11.42
C SER B 324 19.66 -20.69 12.11
N PRO B 325 20.24 -21.66 11.36
CA PRO B 325 20.70 -22.91 11.96
C PRO B 325 21.97 -22.80 12.82
N ASP B 326 21.86 -23.22 14.08
CA ASP B 326 22.98 -23.47 15.01
C ASP B 326 23.90 -24.55 14.43
N HIS B 327 23.32 -25.64 13.91
CA HIS B 327 24.03 -26.77 13.24
C HIS B 327 24.28 -26.38 11.76
N ALA B 328 25.07 -25.34 11.53
CA ALA B 328 25.31 -24.76 10.20
C ALA B 328 26.29 -25.62 9.41
N TRP B 329 26.14 -25.62 8.08
CA TRP B 329 27.08 -26.23 7.11
C TRP B 329 27.37 -25.19 6.02
N ASP B 330 28.56 -25.26 5.44
CA ASP B 330 28.91 -24.58 4.17
C ASP B 330 27.88 -24.97 3.09
N VAL B 331 27.40 -24.00 2.31
CA VAL B 331 26.48 -24.26 1.17
C VAL B 331 27.26 -24.01 -0.13
N ALA B 332 27.34 -25.01 -1.01
CA ALA B 332 27.99 -24.86 -2.33
C ALA B 332 27.43 -23.64 -3.07
N GLY B 333 28.32 -22.87 -3.70
CA GLY B 333 28.01 -21.98 -4.83
C GLY B 333 28.34 -22.66 -6.16
N PRO B 334 28.23 -21.93 -7.29
CA PRO B 334 28.51 -22.51 -8.61
C PRO B 334 30.00 -22.74 -8.94
N SER B 335 30.93 -22.40 -8.03
CA SER B 335 32.40 -22.40 -8.21
C SER B 335 32.81 -22.99 -9.57
N ASP B 337 36.00 -24.88 -9.86
CA ASP B 337 36.98 -25.01 -10.96
C ASP B 337 38.32 -24.35 -10.57
N LEU B 338 39.12 -25.00 -9.71
CA LEU B 338 40.46 -24.54 -9.27
C LEU B 338 41.41 -25.75 -9.17
N ALA B 339 42.24 -25.93 -10.21
CA ALA B 339 43.28 -26.99 -10.29
C ALA B 339 44.41 -26.68 -9.30
N PRO B 340 44.80 -27.63 -8.40
CA PRO B 340 46.02 -27.45 -7.60
C PRO B 340 47.28 -27.16 -8.42
N ASP B 341 48.24 -26.46 -7.82
CA ASP B 341 49.60 -26.30 -8.39
C ASP B 341 50.39 -27.55 -8.01
N ARG B 342 50.73 -28.39 -8.99
CA ARG B 342 51.27 -29.75 -8.75
C ARG B 342 52.80 -29.65 -8.54
N ASN B 343 53.40 -28.51 -8.90
CA ASN B 343 54.80 -28.13 -8.58
C ASN B 343 55.00 -27.95 -7.05
N ARG B 344 53.94 -27.79 -6.26
CA ARG B 344 53.99 -27.59 -4.78
C ARG B 344 54.62 -28.83 -4.10
N ALA B 345 55.72 -28.63 -3.36
CA ALA B 345 56.40 -29.68 -2.56
C ALA B 345 55.47 -30.14 -1.43
N SER B 346 55.53 -31.42 -1.07
CA SER B 346 54.82 -31.98 0.11
C SER B 346 55.38 -31.32 1.38
N GLU B 347 54.60 -31.23 2.46
CA GLU B 347 55.07 -30.67 3.76
C GLU B 347 55.25 -31.79 4.79
N TYR B 348 55.10 -33.05 4.34
CA TYR B 348 55.38 -34.25 5.16
C TYR B 348 56.83 -34.65 4.92
N THR B 349 57.52 -35.15 5.93
CA THR B 349 58.82 -35.88 5.80
C THR B 349 58.53 -37.36 5.97
N GLN B 350 59.47 -38.19 5.52
CA GLN B 350 59.35 -39.66 5.59
C GLN B 350 59.28 -40.06 7.07
N TYR B 351 59.96 -39.32 7.95
CA TYR B 351 59.97 -39.58 9.42
C TYR B 351 58.52 -39.70 9.93
N ILE B 352 57.64 -38.78 9.50
CA ILE B 352 56.23 -38.75 9.98
C ILE B 352 55.44 -39.83 9.23
N LEU B 353 55.62 -39.93 7.91
CA LEU B 353 54.86 -40.85 7.02
C LEU B 353 55.15 -42.31 7.42
N ASP B 354 56.28 -42.59 8.09
CA ASP B 354 56.68 -43.96 8.52
C ASP B 354 55.84 -44.42 9.71
N GLY B 355 55.09 -43.53 10.34
CA GLY B 355 54.39 -43.83 11.61
C GLY B 355 52.96 -44.33 11.41
N ARG B 356 52.49 -44.44 10.17
CA ARG B 356 51.12 -44.90 9.82
C ARG B 356 50.84 -46.27 10.45
N LEU B 357 49.71 -46.43 11.13
CA LEU B 357 49.23 -47.70 11.72
C LEU B 357 48.37 -48.44 10.68
N ASN B 358 48.41 -49.77 10.67
CA ASN B 358 47.60 -50.61 9.73
C ASN B 358 46.21 -50.76 10.32
N VAL B 359 45.21 -50.26 9.59
CA VAL B 359 43.77 -50.26 9.99
C VAL B 359 42.98 -50.97 8.87
N ASP B 360 43.60 -51.97 8.21
CA ASP B 360 42.98 -52.70 7.07
C ASP B 360 41.76 -53.48 7.59
N GLU B 361 41.96 -54.26 8.67
CA GLU B 361 40.97 -55.20 9.26
C GLU B 361 39.75 -54.40 9.77
N ALA B 362 40.00 -53.31 10.52
CA ALA B 362 39.00 -52.46 11.19
C ALA B 362 38.03 -51.85 10.18
N ASN B 363 38.52 -51.54 8.98
CA ASN B 363 37.85 -50.71 7.96
C ASN B 363 37.40 -51.57 6.76
N ALA B 364 37.70 -52.87 6.74
CA ALA B 364 37.39 -53.78 5.62
C ALA B 364 35.87 -53.85 5.44
N HIS B 365 35.15 -54.14 6.53
CA HIS B 365 33.67 -54.34 6.56
C HIS B 365 32.96 -53.16 5.86
N TRP B 366 33.07 -51.92 6.39
CA TRP B 366 32.38 -50.72 5.83
C TRP B 366 32.92 -50.39 4.43
N LYS B 367 34.22 -50.60 4.18
CA LYS B 367 34.91 -50.33 2.88
C LYS B 367 34.27 -51.18 1.77
N GLN B 368 34.17 -52.50 2.00
CA GLN B 368 33.52 -53.48 1.09
C GLN B 368 32.10 -52.99 0.78
N GLU B 369 31.25 -52.87 1.81
CA GLU B 369 29.86 -52.34 1.73
C GLU B 369 29.84 -51.03 0.92
N PHE B 370 30.75 -50.07 1.19
CA PHE B 370 30.74 -48.72 0.55
C PHE B 370 31.06 -48.85 -0.94
N MET B 371 31.91 -49.82 -1.30
CA MET B 371 32.38 -49.99 -2.70
C MET B 371 31.35 -50.79 -3.51
N GLY B 372 30.44 -51.52 -2.86
CA GLY B 372 29.27 -52.17 -3.48
C GLY B 372 28.04 -51.27 -3.50
N SER C 7 39.80 -20.91 45.78
CA SER C 7 40.13 -19.91 44.69
C SER C 7 40.00 -20.60 43.32
N SER C 8 41.04 -21.31 42.85
CA SER C 8 40.99 -22.15 41.62
C SER C 8 40.01 -23.30 41.85
N THR C 9 40.12 -23.96 43.02
CA THR C 9 39.44 -25.23 43.41
C THR C 9 38.02 -24.97 43.90
N GLY C 10 37.67 -23.72 44.28
CA GLY C 10 36.53 -23.38 45.15
C GLY C 10 35.32 -22.91 44.33
N ILE C 11 34.19 -22.67 45.00
CA ILE C 11 32.89 -22.21 44.43
C ILE C 11 32.99 -20.72 44.14
N ALA C 12 32.58 -20.28 42.95
CA ALA C 12 32.38 -18.84 42.62
C ALA C 12 31.21 -18.32 43.45
N PRO C 13 31.39 -17.29 44.33
CA PRO C 13 30.31 -16.75 45.15
C PRO C 13 29.52 -15.61 44.47
N LYS C 14 28.29 -15.36 44.93
CA LYS C 14 27.35 -14.31 44.45
C LYS C 14 27.34 -14.29 42.91
N ARG C 15 27.09 -15.43 42.28
CA ARG C 15 27.20 -15.61 40.80
C ARG C 15 26.24 -14.65 40.08
N TYR C 16 26.61 -14.21 38.87
CA TYR C 16 25.86 -13.16 38.13
C TYR C 16 24.63 -13.79 37.47
N VAL C 17 24.62 -15.13 37.32
CA VAL C 17 23.39 -15.87 36.96
C VAL C 17 23.03 -16.83 38.09
N TYR C 18 21.75 -17.12 38.20
CA TYR C 18 21.18 -18.06 39.18
C TYR C 18 21.12 -19.45 38.53
N TYR C 19 21.85 -20.40 39.08
CA TYR C 19 21.84 -21.81 38.63
C TYR C 19 20.89 -22.56 39.55
N PRO C 20 19.68 -22.96 39.10
CA PRO C 20 18.70 -23.56 40.02
C PRO C 20 19.21 -24.84 40.68
N GLY C 21 19.12 -24.87 42.02
CA GLY C 21 19.58 -25.96 42.89
C GLY C 21 20.96 -25.72 43.49
N SER C 22 21.65 -24.65 43.09
CA SER C 22 23.06 -24.36 43.42
C SER C 22 23.22 -23.37 44.58
N GLU C 23 22.14 -22.73 45.07
CA GLU C 23 22.27 -21.65 46.09
C GLU C 23 21.42 -22.00 47.31
N GLU C 24 22.02 -21.97 48.49
CA GLU C 24 21.28 -22.08 49.77
C GLU C 24 20.41 -20.83 49.92
N LEU C 25 19.16 -21.01 50.34
CA LEU C 25 18.25 -19.87 50.58
C LEU C 25 18.38 -19.48 52.04
N GLY C 26 18.63 -18.20 52.32
CA GLY C 26 18.88 -17.76 53.70
C GLY C 26 17.56 -17.78 54.46
N PRO C 27 17.55 -17.90 55.80
CA PRO C 27 16.31 -17.89 56.57
C PRO C 27 15.48 -16.59 56.45
N ASP C 28 16.09 -15.46 56.08
CA ASP C 28 15.36 -14.18 55.96
C ASP C 28 15.44 -13.73 54.52
N GLU C 29 15.27 -14.67 53.59
CA GLU C 29 15.37 -14.42 52.14
C GLU C 29 14.14 -14.97 51.42
N ILE C 30 13.72 -14.29 50.34
CA ILE C 30 12.72 -14.79 49.37
C ILE C 30 13.41 -14.86 48.00
N ARG C 31 13.13 -15.91 47.27
CA ARG C 31 13.49 -16.07 45.85
C ARG C 31 12.19 -16.19 45.06
N VAL C 32 12.06 -15.43 43.98
CA VAL C 32 10.90 -15.46 43.06
C VAL C 32 11.46 -15.73 41.67
N ILE C 33 10.92 -16.72 40.98
CA ILE C 33 11.33 -17.06 39.59
C ILE C 33 10.11 -16.92 38.68
N ALA C 34 10.23 -16.14 37.59
CA ALA C 34 9.22 -16.05 36.54
C ALA C 34 9.33 -17.28 35.65
N CYS C 35 8.39 -18.22 35.80
CA CYS C 35 8.35 -19.49 35.01
C CYS C 35 7.42 -19.34 33.81
N GLY C 36 6.77 -18.18 33.68
CA GLY C 36 6.01 -17.77 32.49
C GLY C 36 5.58 -16.32 32.63
N THR C 37 5.69 -15.59 31.54
CA THR C 37 5.57 -14.11 31.49
C THR C 37 4.78 -13.72 30.26
N GLY C 38 4.22 -14.68 29.52
CA GLY C 38 3.72 -14.46 28.16
C GLY C 38 2.21 -14.31 28.07
N MET C 39 1.60 -14.88 27.03
CA MET C 39 0.26 -14.50 26.51
C MET C 39 -0.58 -15.77 26.33
N PRO C 40 -1.88 -15.62 25.98
CA PRO C 40 -2.71 -16.78 25.64
C PRO C 40 -2.28 -17.51 24.35
N THR C 41 -1.33 -16.94 23.64
CA THR C 41 -0.73 -17.52 22.41
C THR C 41 0.64 -18.07 22.83
N ALA C 42 0.99 -19.30 22.43
CA ALA C 42 2.18 -20.05 22.91
C ALA C 42 3.45 -19.62 22.18
N ARG C 43 4.59 -19.68 22.87
CA ARG C 43 5.92 -19.53 22.22
C ARG C 43 7.00 -20.03 23.18
N ARG C 44 8.03 -20.66 22.60
CA ARG C 44 9.15 -21.27 23.36
C ARG C 44 9.81 -20.16 24.20
N ALA C 45 9.96 -18.95 23.67
CA ALA C 45 10.61 -17.85 24.43
C ALA C 45 9.86 -17.61 25.75
N GLN C 46 8.54 -17.71 25.76
CA GLN C 46 7.71 -17.24 26.92
C GLN C 46 6.54 -18.18 27.14
N ALA C 47 6.59 -18.94 28.22
CA ALA C 47 5.45 -19.70 28.76
C ALA C 47 4.39 -18.71 29.24
N ALA C 48 3.16 -19.19 29.40
CA ALA C 48 2.06 -18.43 30.02
C ALA C 48 2.34 -18.27 31.52
N ALA C 49 1.71 -17.27 32.11
CA ALA C 49 1.92 -16.79 33.49
C ALA C 49 2.20 -17.93 34.47
N ALA C 50 3.28 -17.82 35.21
CA ALA C 50 3.62 -18.74 36.33
C ALA C 50 4.75 -18.12 37.14
N TRP C 51 4.64 -18.19 38.45
CA TRP C 51 5.64 -17.69 39.40
C TRP C 51 5.90 -18.80 40.40
N VAL C 52 7.17 -19.00 40.73
CA VAL C 52 7.60 -19.86 41.85
C VAL C 52 8.12 -18.92 42.94
N VAL C 53 7.66 -19.12 44.16
CA VAL C 53 8.08 -18.32 45.35
C VAL C 53 8.69 -19.25 46.38
N GLU C 54 9.92 -18.99 46.77
CA GLU C 54 10.61 -19.83 47.77
C GLU C 54 10.92 -18.91 48.95
N LEU C 55 10.45 -19.29 50.13
CA LEU C 55 10.66 -18.52 51.37
C LEU C 55 11.80 -19.18 52.16
N GLY C 56 12.52 -18.35 52.90
CA GLY C 56 13.61 -18.75 53.81
C GLY C 56 13.17 -19.73 54.87
N ASN C 57 11.88 -19.81 55.19
CA ASN C 57 11.37 -20.77 56.19
C ASN C 57 11.17 -22.17 55.56
N GLY C 58 11.45 -22.35 54.26
CA GLY C 58 11.33 -23.65 53.54
C GLY C 58 10.01 -23.86 52.81
N ASP C 59 9.02 -23.00 53.03
CA ASP C 59 7.71 -23.01 52.33
C ASP C 59 7.93 -22.56 50.88
N LYS C 60 7.25 -23.19 49.93
CA LYS C 60 7.31 -22.80 48.49
C LYS C 60 5.90 -22.77 47.91
N PHE C 61 5.68 -21.89 46.95
CA PHE C 61 4.35 -21.65 46.39
C PHE C 61 4.49 -21.39 44.91
N ILE C 62 3.49 -21.86 44.18
CA ILE C 62 3.29 -21.48 42.76
C ILE C 62 2.11 -20.52 42.71
N VAL C 63 2.34 -19.37 42.13
CA VAL C 63 1.26 -18.39 41.84
C VAL C 63 1.09 -18.44 40.35
N ASP C 64 0.02 -19.09 39.92
CA ASP C 64 -0.35 -19.33 38.50
C ASP C 64 0.59 -20.39 37.94
N ILE C 65 0.03 -21.18 37.03
CA ILE C 65 0.70 -22.31 36.34
C ILE C 65 0.09 -22.43 34.94
N GLY C 66 0.25 -21.37 34.15
CA GLY C 66 -0.22 -21.25 32.76
C GLY C 66 0.39 -22.29 31.83
N SER C 67 -0.27 -22.49 30.69
CA SER C 67 0.17 -23.47 29.66
C SER C 67 1.63 -23.18 29.33
N GLY C 68 2.46 -24.23 29.32
CA GLY C 68 3.87 -24.16 28.90
C GLY C 68 4.83 -23.96 30.06
N SER C 69 4.36 -23.64 31.25
CA SER C 69 5.21 -23.18 32.38
C SER C 69 5.87 -24.37 33.09
N MET C 70 5.34 -25.59 32.95
CA MET C 70 5.85 -26.74 33.72
C MET C 70 7.29 -27.06 33.31
N ALA C 71 7.70 -26.91 32.06
CA ALA C 71 9.10 -27.14 31.63
C ALA C 71 10.08 -26.24 32.42
N ASN C 72 9.71 -24.97 32.62
CA ASN C 72 10.49 -23.99 33.41
C ASN C 72 10.50 -24.45 34.88
N ILE C 73 9.33 -24.81 35.43
CA ILE C 73 9.22 -25.15 36.87
C ILE C 73 10.13 -26.37 37.10
N GLN C 74 10.08 -27.36 36.19
CA GLN C 74 10.84 -28.63 36.28
C GLN C 74 12.35 -28.35 36.16
N SER C 75 12.77 -27.32 35.43
CA SER C 75 14.21 -26.95 35.27
C SER C 75 14.79 -26.40 36.58
N LEU C 76 13.99 -26.25 37.64
CA LEU C 76 14.45 -25.62 38.90
C LEU C 76 15.05 -26.66 39.85
N MET C 77 14.97 -27.95 39.51
CA MET C 77 15.52 -29.07 40.33
C MET C 77 14.91 -29.02 41.74
N ILE C 78 13.62 -28.72 41.85
CA ILE C 78 12.87 -28.72 43.14
C ILE C 78 12.07 -30.02 43.17
N PRO C 79 12.27 -30.88 44.18
CA PRO C 79 11.45 -32.09 44.32
C PRO C 79 9.96 -31.76 44.30
N ALA C 80 9.16 -32.57 43.60
CA ALA C 80 7.70 -32.39 43.44
C ALA C 80 7.01 -32.16 44.79
N ASN C 81 7.45 -32.84 45.85
CA ASN C 81 6.76 -32.77 47.16
C ASN C 81 6.86 -31.38 47.78
N TYR C 82 7.76 -30.52 47.30
CA TYR C 82 7.94 -29.18 47.88
C TYR C 82 7.03 -28.16 47.17
N LEU C 83 6.43 -28.52 46.03
CA LEU C 83 5.59 -27.58 45.22
C LEU C 83 4.16 -28.12 45.13
N THR C 84 3.53 -28.32 46.28
CA THR C 84 2.16 -28.86 46.38
C THR C 84 1.14 -27.75 46.55
N LYS C 85 1.54 -26.48 46.69
CA LYS C 85 0.63 -25.38 47.05
C LYS C 85 0.58 -24.35 45.92
N ILE C 86 -0.57 -24.25 45.28
CA ILE C 86 -0.77 -23.45 44.05
C ILE C 86 -1.89 -22.43 44.28
N PHE C 87 -1.62 -21.17 43.93
CA PHE C 87 -2.57 -20.04 44.01
C PHE C 87 -2.88 -19.59 42.58
N LEU C 88 -4.15 -19.51 42.21
CA LEU C 88 -4.54 -19.08 40.84
C LEU C 88 -5.16 -17.69 40.88
N THR C 89 -4.68 -16.81 40.01
CA THR C 89 -5.12 -15.39 39.98
C THR C 89 -6.40 -15.32 39.17
N ALA C 90 -6.56 -16.22 38.19
CA ALA C 90 -7.70 -16.22 37.23
C ALA C 90 -7.80 -17.61 36.59
N LEU C 91 -8.98 -17.97 36.12
CA LEU C 91 -9.24 -19.31 35.56
C LEU C 91 -9.06 -19.34 34.05
N HIS C 92 -8.28 -18.43 33.47
CA HIS C 92 -7.80 -18.54 32.07
C HIS C 92 -6.86 -19.74 31.92
N THR C 93 -6.84 -20.35 30.74
CA THR C 93 -5.93 -21.46 30.37
C THR C 93 -4.48 -20.97 30.50
N ASP C 94 -4.22 -19.70 30.22
CA ASP C 94 -2.83 -19.20 30.26
C ASP C 94 -2.48 -18.81 31.71
N HIS C 95 -3.33 -19.13 32.69
CA HIS C 95 -3.04 -18.93 34.12
C HIS C 95 -3.06 -20.28 34.89
N TRP C 96 -3.74 -21.32 34.40
CA TRP C 96 -3.78 -22.61 35.14
C TRP C 96 -3.79 -23.84 34.21
N GLY C 97 -3.58 -23.66 32.91
CA GLY C 97 -3.47 -24.75 31.93
C GLY C 97 -2.50 -25.86 32.33
N ASP C 98 -1.36 -25.57 32.98
CA ASP C 98 -0.37 -26.62 33.31
C ASP C 98 -0.63 -27.19 34.70
N LEU C 99 -1.78 -26.90 35.33
CA LEU C 99 -2.04 -27.53 36.65
C LEU C 99 -2.07 -29.05 36.45
N VAL C 100 -2.62 -29.49 35.33
CA VAL C 100 -2.79 -30.91 34.99
C VAL C 100 -1.41 -31.57 34.77
N SER C 101 -0.48 -30.88 34.10
CA SER C 101 0.93 -31.31 33.89
C SER C 101 1.60 -31.53 35.26
N MET C 102 1.42 -30.58 36.17
CA MET C 102 1.99 -30.67 37.53
C MET C 102 1.34 -31.84 38.27
N TRP C 103 0.03 -31.96 38.22
CA TRP C 103 -0.75 -33.06 38.85
C TRP C 103 -0.28 -34.43 38.35
N ALA C 104 -0.27 -34.66 37.05
CA ALA C 104 0.05 -35.98 36.44
C ALA C 104 1.55 -36.24 36.55
N GLY C 105 2.38 -35.25 36.18
CA GLY C 105 3.84 -35.36 36.17
C GLY C 105 4.40 -35.63 37.55
N GLY C 106 4.04 -34.83 38.55
CA GLY C 106 4.50 -35.00 39.94
C GLY C 106 4.08 -36.35 40.51
N TRP C 107 2.84 -36.77 40.29
CA TRP C 107 2.31 -38.09 40.71
C TRP C 107 3.18 -39.22 40.12
N THR C 108 3.43 -39.22 38.81
CA THR C 108 4.31 -40.25 38.18
C THR C 108 5.72 -40.16 38.79
N ALA C 109 6.20 -38.97 39.16
CA ALA C 109 7.59 -38.70 39.58
C ALA C 109 7.73 -38.73 41.11
N GLY C 110 6.75 -39.30 41.81
CA GLY C 110 6.89 -39.66 43.24
C GLY C 110 6.47 -38.57 44.21
N ARG C 111 5.68 -37.58 43.81
CA ARG C 111 4.97 -36.72 44.79
C ARG C 111 4.14 -37.65 45.68
N THR C 112 4.12 -37.41 46.98
CA THR C 112 3.44 -38.30 47.97
C THR C 112 2.26 -37.58 48.57
N ASP C 113 2.20 -36.27 48.42
CA ASP C 113 1.11 -35.41 48.93
C ASP C 113 0.18 -35.00 47.79
N PRO C 114 -1.13 -34.85 48.08
CA PRO C 114 -2.05 -34.25 47.13
C PRO C 114 -1.67 -32.79 46.88
N LEU C 115 -2.05 -32.28 45.71
CA LEU C 115 -1.95 -30.83 45.38
C LEU C 115 -3.02 -30.08 46.18
N GLU C 116 -2.71 -28.83 46.48
CA GLU C 116 -3.55 -27.90 47.26
C GLU C 116 -3.68 -26.65 46.39
N VAL C 117 -4.92 -26.27 46.04
CA VAL C 117 -5.18 -25.16 45.09
C VAL C 117 -6.11 -24.14 45.76
N TRP C 118 -5.60 -22.91 45.87
CA TRP C 118 -6.36 -21.69 46.25
C TRP C 118 -6.72 -20.95 44.97
N GLY C 119 -8.00 -20.73 44.77
CA GLY C 119 -8.48 -19.96 43.62
C GLY C 119 -9.75 -19.23 43.95
N PRO C 120 -10.11 -18.22 43.14
CA PRO C 120 -11.29 -17.42 43.40
C PRO C 120 -12.61 -18.15 43.12
N SER C 121 -13.63 -17.80 43.88
CA SER C 121 -15.03 -17.99 43.49
C SER C 121 -15.32 -17.16 42.23
N GLY C 122 -16.49 -17.34 41.66
CA GLY C 122 -17.09 -16.50 40.62
C GLY C 122 -18.44 -16.02 41.13
N SER C 123 -19.21 -15.31 40.31
CA SER C 123 -20.54 -14.75 40.70
C SER C 123 -21.52 -15.88 41.01
N ARG C 124 -21.27 -17.07 40.48
CA ARG C 124 -22.07 -18.30 40.68
C ARG C 124 -21.14 -19.53 40.68
N GLU C 125 -21.66 -20.66 41.16
CA GLU C 125 -20.90 -21.91 41.41
C GLU C 125 -20.04 -22.23 40.18
N ASP C 126 -20.62 -22.32 38.98
CA ASP C 126 -19.91 -22.83 37.78
C ASP C 126 -18.89 -21.81 37.24
N MET C 127 -18.66 -20.69 37.92
CA MET C 127 -17.66 -19.68 37.51
C MET C 127 -16.50 -19.62 38.52
N GLY C 128 -16.43 -20.55 39.47
CA GLY C 128 -15.41 -20.54 40.54
C GLY C 128 -14.39 -21.68 40.40
N THR C 129 -13.43 -21.71 41.31
CA THR C 129 -12.23 -22.59 41.26
C THR C 129 -12.64 -24.02 41.63
N LYS C 130 -13.50 -24.18 42.62
CA LYS C 130 -13.96 -25.53 43.07
C LYS C 130 -14.58 -26.25 41.88
N TYR C 131 -15.50 -25.58 41.21
CA TYR C 131 -16.17 -26.16 40.03
C TYR C 131 -15.09 -26.52 38.99
N ALA C 132 -14.18 -25.59 38.68
CA ALA C 132 -13.13 -25.73 37.64
C ALA C 132 -12.28 -26.99 37.88
N VAL C 133 -11.77 -27.15 39.09
CA VAL C 133 -10.85 -28.26 39.45
C VAL C 133 -11.62 -29.59 39.50
N GLU C 134 -12.83 -29.59 40.07
CA GLU C 134 -13.71 -30.79 40.10
C GLU C 134 -13.80 -31.35 38.67
N HIS C 135 -14.11 -30.46 37.72
CA HIS C 135 -14.33 -30.83 36.31
C HIS C 135 -13.00 -31.13 35.62
N MET C 136 -11.90 -30.52 36.06
CA MET C 136 -10.58 -30.87 35.51
C MET C 136 -10.26 -32.34 35.82
N LEU C 137 -10.54 -32.79 37.05
CA LEU C 137 -10.22 -34.17 37.49
C LEU C 137 -11.11 -35.16 36.73
N LYS C 138 -12.36 -34.82 36.45
CA LYS C 138 -13.25 -35.65 35.61
C LYS C 138 -12.71 -35.67 34.18
N ALA C 139 -12.24 -34.54 33.64
CA ALA C 139 -11.70 -34.48 32.27
C ALA C 139 -10.58 -35.50 32.11
N TYR C 140 -9.77 -35.67 33.16
CA TYR C 140 -8.58 -36.56 33.16
C TYR C 140 -8.86 -37.82 33.98
N ASN C 141 -10.11 -38.29 34.02
CA ASN C 141 -10.49 -39.45 34.86
C ASN C 141 -9.77 -40.69 34.31
N TRP C 142 -9.56 -40.79 33.01
CA TRP C 142 -8.89 -42.01 32.46
C TRP C 142 -7.46 -42.11 33.03
N ASP C 143 -6.72 -41.01 32.92
CA ASP C 143 -5.35 -40.86 33.47
C ASP C 143 -5.42 -41.16 34.98
N TYR C 144 -6.38 -40.59 35.69
CA TYR C 144 -6.48 -40.78 37.15
C TYR C 144 -6.65 -42.27 37.48
N MET C 145 -7.68 -42.92 36.94
CA MET C 145 -8.03 -44.33 37.32
C MET C 145 -6.91 -45.28 36.84
N THR C 146 -6.38 -45.12 35.65
CA THR C 146 -5.31 -46.02 35.14
C THR C 146 -4.06 -45.87 36.01
N ARG C 147 -3.68 -44.65 36.38
CA ARG C 147 -2.47 -44.42 37.22
C ARG C 147 -2.69 -44.95 38.63
N ALA C 148 -3.89 -44.76 39.20
CA ALA C 148 -4.22 -45.15 40.59
C ALA C 148 -4.07 -46.66 40.77
N VAL C 149 -4.14 -47.45 39.70
CA VAL C 149 -3.98 -48.94 39.75
C VAL C 149 -2.57 -49.28 40.22
N THR C 150 -1.54 -48.62 39.64
CA THR C 150 -0.10 -48.91 39.86
C THR C 150 0.56 -47.93 40.84
N ILE C 151 0.01 -46.73 41.04
CA ILE C 151 0.61 -45.70 41.95
C ILE C 151 -0.45 -45.30 42.98
N ASN C 152 -0.09 -45.32 44.27
CA ASN C 152 -0.97 -44.94 45.41
C ASN C 152 -1.73 -43.68 45.00
N PRO C 153 -3.07 -43.64 45.16
CA PRO C 153 -3.87 -42.55 44.61
C PRO C 153 -3.92 -41.27 45.45
N ARG C 154 -3.43 -41.29 46.70
CA ARG C 154 -3.49 -40.11 47.62
C ARG C 154 -2.91 -38.87 46.94
N PRO C 155 -1.68 -38.91 46.37
CA PRO C 155 -1.11 -37.76 45.67
C PRO C 155 -1.83 -37.34 44.37
N GLY C 156 -2.82 -38.11 43.92
CA GLY C 156 -3.64 -37.77 42.74
C GLY C 156 -4.88 -36.97 43.13
N ASP C 157 -5.11 -36.72 44.42
CA ASP C 157 -6.18 -35.79 44.85
C ASP C 157 -5.71 -34.37 44.60
N ILE C 158 -6.65 -33.44 44.40
CA ILE C 158 -6.39 -31.97 44.45
C ILE C 158 -7.35 -31.37 45.48
N ASN C 159 -6.84 -30.94 46.63
CA ASN C 159 -7.67 -30.26 47.66
C ASN C 159 -7.82 -28.81 47.20
N VAL C 160 -9.05 -28.37 46.95
CA VAL C 160 -9.34 -26.98 46.48
C VAL C 160 -9.72 -26.12 47.67
N HIS C 161 -9.07 -24.96 47.82
CA HIS C 161 -9.44 -23.93 48.82
C HIS C 161 -9.95 -22.70 48.06
N GLU C 162 -11.27 -22.65 47.87
CA GLU C 162 -11.92 -21.53 47.16
C GLU C 162 -12.08 -20.40 48.17
N PHE C 163 -11.84 -19.18 47.71
CA PHE C 163 -12.01 -17.96 48.53
C PHE C 163 -12.90 -17.02 47.74
N ASP C 164 -13.42 -16.02 48.45
CA ASP C 164 -14.37 -15.04 47.88
C ASP C 164 -13.63 -14.00 47.03
N TYR C 165 -13.86 -13.98 45.71
CA TYR C 165 -13.19 -13.06 44.77
C TYR C 165 -13.48 -11.62 45.15
N ARG C 166 -14.61 -11.34 45.81
CA ARG C 166 -15.08 -9.96 46.06
C ARG C 166 -14.28 -9.34 47.22
N ALA C 167 -13.66 -10.14 48.09
CA ALA C 167 -13.11 -9.64 49.37
C ALA C 167 -12.02 -8.59 49.10
N LEU C 168 -11.99 -7.53 49.91
CA LEU C 168 -11.07 -6.37 49.73
C LEU C 168 -9.87 -6.57 50.65
N ASN C 169 -8.83 -7.21 50.11
CA ASN C 169 -7.52 -7.36 50.77
C ASN C 169 -7.71 -8.28 51.97
N GLU C 170 -8.50 -9.35 51.84
CA GLU C 170 -8.76 -10.26 52.98
C GLU C 170 -7.91 -11.53 52.83
N VAL C 171 -7.61 -12.15 53.96
CA VAL C 171 -6.75 -13.36 54.02
C VAL C 171 -7.51 -14.49 53.30
N VAL C 172 -6.82 -15.22 52.43
CA VAL C 172 -7.27 -16.49 51.81
C VAL C 172 -6.40 -17.67 52.30
N TYR C 173 -5.22 -17.39 52.87
CA TYR C 173 -4.25 -18.40 53.36
C TYR C 173 -3.49 -17.84 54.57
N GLN C 174 -3.40 -18.65 55.62
CA GLN C 174 -2.62 -18.33 56.84
C GLN C 174 -2.07 -19.64 57.39
N GLU C 175 -0.75 -19.77 57.35
CA GLU C 175 -0.08 -20.98 57.82
C GLU C 175 1.38 -20.66 58.06
N ASN C 176 1.90 -21.05 59.23
CA ASN C 176 3.36 -21.03 59.49
C ASN C 176 3.89 -19.60 59.31
N GLY C 177 3.13 -18.60 59.75
CA GLY C 177 3.52 -17.18 59.65
C GLY C 177 3.52 -16.65 58.22
N VAL C 178 2.86 -17.33 57.29
CA VAL C 178 2.73 -16.90 55.86
C VAL C 178 1.27 -16.52 55.62
N THR C 179 1.03 -15.33 55.09
CA THR C 179 -0.31 -14.83 54.72
C THR C 179 -0.37 -14.59 53.22
N PHE C 180 -1.41 -15.06 52.56
CA PHE C 180 -1.88 -14.53 51.26
C PHE C 180 -3.19 -13.79 51.49
N ARG C 181 -3.26 -12.56 50.98
CA ARG C 181 -4.51 -11.79 50.84
C ARG C 181 -4.85 -11.70 49.35
N SER C 182 -6.14 -11.58 49.03
CA SER C 182 -6.65 -11.33 47.66
C SER C 182 -7.38 -9.98 47.62
N TRP C 183 -7.42 -9.37 46.45
CA TRP C 183 -8.39 -8.29 46.16
C TRP C 183 -8.79 -8.43 44.69
N PRO C 184 -9.93 -7.86 44.28
CA PRO C 184 -10.45 -8.13 42.96
C PRO C 184 -9.58 -7.49 41.88
N CYS C 185 -9.71 -8.06 40.69
CA CYS C 185 -9.27 -7.46 39.43
C CYS C 185 -10.52 -7.15 38.59
N ILE C 186 -10.31 -6.35 37.55
CA ILE C 186 -11.34 -5.98 36.53
C ILE C 186 -10.84 -6.52 35.20
N HIS C 187 -11.34 -7.68 34.80
CA HIS C 187 -10.81 -8.43 33.64
C HIS C 187 -11.75 -9.56 33.22
N ALA C 188 -12.33 -9.43 32.01
CA ALA C 188 -13.13 -10.43 31.28
C ALA C 188 -14.48 -10.64 31.96
N GLY C 189 -14.52 -10.75 33.29
CA GLY C 189 -15.73 -10.98 34.09
C GLY C 189 -15.34 -11.20 35.54
N ASP C 190 -16.33 -11.25 36.43
CA ASP C 190 -16.10 -11.36 37.89
C ASP C 190 -15.29 -12.64 38.17
N GLY C 191 -14.36 -12.59 39.11
CA GLY C 191 -13.54 -13.77 39.50
C GLY C 191 -12.09 -13.43 39.73
N PRO C 192 -11.37 -12.88 38.73
CA PRO C 192 -9.92 -12.68 38.87
C PRO C 192 -9.53 -11.77 40.03
N VAL C 193 -8.40 -12.11 40.64
CA VAL C 193 -7.86 -11.45 41.86
C VAL C 193 -6.36 -11.23 41.70
N SER C 194 -5.83 -10.31 42.49
CA SER C 194 -4.39 -10.15 42.77
C SER C 194 -4.14 -10.82 44.13
N PHE C 195 -2.89 -11.22 44.37
CA PHE C 195 -2.43 -11.73 45.70
C PHE C 195 -1.34 -10.83 46.29
N ALA C 196 -1.35 -10.69 47.60
CA ALA C 196 -0.19 -10.23 48.38
C ALA C 196 0.22 -11.38 49.30
N LEU C 197 1.48 -11.79 49.18
CA LEU C 197 2.14 -12.74 50.11
C LEU C 197 2.89 -11.89 51.15
N GLU C 198 2.56 -12.05 52.42
CA GLU C 198 3.25 -11.41 53.57
C GLU C 198 3.94 -12.51 54.37
N TRP C 199 5.22 -12.31 54.66
CA TRP C 199 6.00 -13.19 55.55
C TRP C 199 7.24 -12.47 56.09
N ASN C 200 7.46 -12.51 57.41
CA ASN C 200 8.76 -12.13 58.02
C ASN C 200 9.14 -10.70 57.56
N GLY C 201 8.17 -9.80 57.51
CA GLY C 201 8.40 -8.38 57.18
C GLY C 201 8.49 -8.15 55.67
N TYR C 202 8.27 -9.17 54.85
CA TYR C 202 8.28 -9.01 53.36
C TYR C 202 6.85 -9.05 52.85
N LYS C 203 6.68 -8.42 51.70
CA LYS C 203 5.42 -8.33 50.97
C LYS C 203 5.73 -8.48 49.48
N VAL C 204 5.19 -9.53 48.87
CA VAL C 204 5.32 -9.79 47.41
C VAL C 204 3.91 -9.80 46.86
N VAL C 205 3.70 -9.03 45.79
CA VAL C 205 2.37 -8.82 45.18
C VAL C 205 2.38 -9.38 43.75
N PHE C 206 1.41 -10.24 43.49
CA PHE C 206 1.17 -10.92 42.19
C PHE C 206 -0.13 -10.39 41.61
N GLY C 207 -0.03 -9.40 40.73
CA GLY C 207 -1.15 -8.66 40.16
C GLY C 207 -2.09 -9.55 39.39
N GLY C 208 -1.60 -10.41 38.50
CA GLY C 208 -2.52 -11.17 37.64
C GLY C 208 -2.93 -10.34 36.43
N ASP C 209 -4.26 -10.18 36.19
CA ASP C 209 -4.82 -9.50 34.98
C ASP C 209 -5.89 -8.48 35.37
N THR C 210 -5.74 -7.24 34.89
CA THR C 210 -6.68 -6.16 35.27
C THR C 210 -6.53 -4.95 34.35
N ALA C 211 -7.63 -4.22 34.19
CA ALA C 211 -7.65 -2.77 33.88
C ALA C 211 -7.29 -2.07 35.18
N PRO C 212 -6.65 -0.88 35.14
CA PRO C 212 -6.28 -0.17 36.36
C PRO C 212 -7.43 -0.07 37.35
N ASN C 213 -7.14 -0.30 38.65
CA ASN C 213 -8.21 -0.34 39.66
C ASN C 213 -7.71 0.34 40.92
N ILE C 214 -8.63 0.71 41.81
CA ILE C 214 -8.35 1.49 43.04
C ILE C 214 -7.76 0.58 44.13
N TRP C 215 -7.82 -0.74 43.98
CA TRP C 215 -7.45 -1.71 45.05
C TRP C 215 -5.93 -1.98 45.03
N TYR C 216 -5.37 -2.31 43.87
CA TYR C 216 -3.92 -2.63 43.76
C TYR C 216 -3.06 -1.51 44.33
N PRO C 217 -3.21 -0.22 43.93
CA PRO C 217 -2.42 0.88 44.49
C PRO C 217 -2.49 1.03 46.01
N GLU C 218 -3.68 0.84 46.59
CA GLU C 218 -3.90 0.77 48.07
C GLU C 218 -3.21 -0.47 48.65
N TYR C 219 -3.54 -1.67 48.19
CA TYR C 219 -3.20 -2.91 48.91
C TYR C 219 -1.76 -3.36 48.62
N ALA C 220 -1.17 -2.99 47.48
CA ALA C 220 0.20 -3.44 47.10
C ALA C 220 1.27 -2.52 47.70
N LYS C 221 0.82 -1.41 48.30
CA LYS C 221 1.68 -0.29 48.76
C LYS C 221 2.85 -0.83 49.59
N GLY C 222 4.06 -0.41 49.22
CA GLY C 222 5.31 -0.72 49.94
C GLY C 222 5.76 -2.16 49.75
N ALA C 223 5.19 -2.92 48.80
CA ALA C 223 5.60 -4.32 48.54
C ALA C 223 7.11 -4.35 48.27
N ASP C 224 7.81 -5.40 48.69
CA ASP C 224 9.24 -5.62 48.34
C ASP C 224 9.35 -5.84 46.82
N LEU C 225 8.40 -6.59 46.27
CA LEU C 225 8.32 -6.93 44.83
C LEU C 225 6.85 -6.87 44.43
N ALA C 226 6.53 -6.01 43.46
CA ALA C 226 5.16 -5.72 42.99
C ALA C 226 5.11 -6.06 41.52
N ILE C 227 4.37 -7.10 41.18
CA ILE C 227 4.19 -7.63 39.81
C ILE C 227 2.84 -7.13 39.34
N HIS C 228 2.80 -6.60 38.12
CA HIS C 228 1.55 -6.13 37.49
C HIS C 228 1.66 -6.36 35.99
N GLU C 229 0.54 -6.71 35.40
CA GLU C 229 0.33 -6.73 33.93
C GLU C 229 0.74 -5.37 33.39
N CYS C 230 1.35 -5.37 32.21
CA CYS C 230 1.88 -4.18 31.54
C CYS C 230 1.77 -4.47 30.05
N TRP C 231 0.75 -3.91 29.41
CA TRP C 231 0.28 -4.45 28.12
C TRP C 231 1.12 -3.89 26.98
N MET C 232 1.16 -4.61 25.88
CA MET C 232 1.78 -4.15 24.61
C MET C 232 1.05 -2.90 24.11
N THR C 233 1.79 -2.00 23.45
CA THR C 233 1.32 -0.66 23.00
C THR C 233 0.24 -0.82 21.90
N SER C 234 -0.56 0.23 21.73
CA SER C 234 -1.66 0.28 20.73
C SER C 234 -1.04 0.26 19.33
N ASP C 235 0.18 0.80 19.15
CA ASP C 235 0.92 0.75 17.86
C ASP C 235 1.35 -0.70 17.59
N GLN C 236 1.91 -1.36 18.61
CA GLN C 236 2.31 -2.79 18.55
C GLN C 236 1.08 -3.63 18.17
N MET C 237 -0.08 -3.40 18.81
CA MET C 237 -1.37 -4.10 18.53
C MET C 237 -1.78 -3.93 17.05
N MET C 238 -1.39 -2.84 16.39
CA MET C 238 -1.70 -2.59 14.95
C MET C 238 -0.67 -3.30 14.07
N THR C 239 0.62 -3.05 14.28
CA THR C 239 1.74 -3.69 13.52
C THR C 239 1.58 -5.22 13.55
N LYS C 240 1.38 -5.81 14.73
CA LYS C 240 1.40 -7.29 14.93
C LYS C 240 0.06 -7.89 14.48
N TYR C 241 -1.05 -7.49 15.08
CA TYR C 241 -2.38 -8.17 14.96
C TYR C 241 -3.27 -7.56 13.87
N ASN C 242 -2.84 -6.48 13.20
CA ASN C 242 -3.63 -5.74 12.18
C ASN C 242 -5.00 -5.36 12.76
N GLN C 243 -5.01 -4.51 13.78
CA GLN C 243 -6.23 -4.01 14.47
C GLN C 243 -6.63 -2.68 13.85
N PRO C 244 -7.94 -2.43 13.58
CA PRO C 244 -8.40 -1.11 13.16
C PRO C 244 -8.29 -0.11 14.32
N ALA C 245 -7.20 0.67 14.33
CA ALA C 245 -6.84 1.76 15.28
C ALA C 245 -7.77 1.82 16.49
N GLN C 246 -9.05 2.14 16.29
CA GLN C 246 -10.04 2.39 17.39
C GLN C 246 -10.03 1.21 18.37
N LEU C 247 -9.90 -0.04 17.87
CA LEU C 247 -9.78 -1.26 18.71
C LEU C 247 -8.48 -1.20 19.49
N ALA C 248 -7.36 -0.91 18.81
CA ALA C 248 -5.99 -0.87 19.39
C ALA C 248 -5.89 0.17 20.52
N LEU C 249 -6.64 1.27 20.42
CA LEU C 249 -6.68 2.34 21.45
C LEU C 249 -7.45 1.84 22.69
N ARG C 250 -8.64 1.25 22.49
CA ARG C 250 -9.55 0.78 23.57
C ARG C 250 -8.89 -0.36 24.36
N ILE C 251 -7.93 -1.07 23.75
CA ILE C 251 -7.23 -2.24 24.38
C ILE C 251 -6.35 -1.72 25.53
N ASN C 252 -5.66 -0.60 25.33
CA ASN C 252 -4.74 0.01 26.33
C ASN C 252 -5.48 0.94 27.32
N LEU C 253 -6.77 1.24 27.10
CA LEU C 253 -7.56 2.17 27.95
C LEU C 253 -8.58 1.40 28.82
N ASP C 254 -9.32 0.46 28.22
CA ASP C 254 -10.51 -0.22 28.82
C ASP C 254 -10.21 -1.65 29.30
N PHE C 255 -9.54 -2.47 28.47
CA PHE C 255 -9.39 -3.94 28.68
C PHE C 255 -8.19 -4.27 29.58
N HIS C 256 -7.09 -3.52 29.48
CA HIS C 256 -5.77 -3.89 30.06
C HIS C 256 -5.08 -2.68 30.66
N THR C 257 -4.01 -2.93 31.40
CA THR C 257 -3.12 -1.90 31.98
C THR C 257 -2.07 -1.57 30.93
N SER C 258 -2.09 -0.33 30.43
CA SER C 258 -1.08 0.28 29.53
C SER C 258 0.24 0.40 30.28
N ALA C 259 1.34 0.44 29.53
CA ALA C 259 2.66 0.78 30.08
C ALA C 259 2.54 2.00 31.00
N GLN C 260 1.84 3.05 30.52
CA GLN C 260 1.71 4.34 31.24
C GLN C 260 0.85 4.18 32.50
N SER C 261 -0.27 3.45 32.43
CA SER C 261 -1.10 3.12 33.62
C SER C 261 -0.24 2.40 34.67
N PHE C 262 0.65 1.52 34.22
CA PHE C 262 1.49 0.67 35.09
C PHE C 262 2.40 1.59 35.89
N GLY C 263 3.00 2.54 35.17
CA GLY C 263 3.82 3.61 35.76
C GLY C 263 3.06 4.37 36.83
N GLN C 264 1.85 4.84 36.51
CA GLN C 264 0.96 5.52 37.50
C GLN C 264 0.86 4.62 38.74
N ILE C 265 0.43 3.37 38.54
CA ILE C 265 0.22 2.40 39.64
C ILE C 265 1.50 2.30 40.45
N MET C 266 2.64 2.04 39.83
CA MET C 266 3.88 1.74 40.60
C MET C 266 4.38 3.00 41.31
N ASN C 267 4.16 4.17 40.71
CA ASN C 267 4.39 5.47 41.39
C ASN C 267 3.54 5.55 42.66
N MET C 268 2.27 5.16 42.60
CA MET C 268 1.36 5.15 43.79
C MET C 268 1.83 4.10 44.80
N VAL C 269 2.24 2.92 44.33
CA VAL C 269 2.59 1.76 45.19
C VAL C 269 3.91 2.05 45.91
N GLN C 270 4.89 2.66 45.22
CA GLN C 270 6.27 2.89 45.70
C GLN C 270 6.86 1.58 46.22
N PRO C 271 6.95 0.52 45.38
CA PRO C 271 7.55 -0.73 45.82
C PRO C 271 9.07 -0.64 45.82
N ARG C 272 9.77 -1.48 46.59
CA ARG C 272 11.25 -1.58 46.53
C ARG C 272 11.66 -1.92 45.09
N HIS C 273 10.85 -2.72 44.40
CA HIS C 273 11.12 -3.21 43.03
C HIS C 273 9.78 -3.50 42.34
N ALA C 274 9.62 -3.05 41.10
CA ALA C 274 8.42 -3.30 40.29
C ALA C 274 8.78 -4.28 39.17
N VAL C 275 7.81 -5.09 38.78
CA VAL C 275 7.96 -6.11 37.69
C VAL C 275 6.81 -5.93 36.72
N ALA C 276 7.10 -5.57 35.49
CA ALA C 276 6.15 -5.56 34.37
C ALA C 276 6.21 -6.93 33.71
N TYR C 277 5.07 -7.55 33.42
CA TYR C 277 5.03 -8.86 32.71
C TYR C 277 3.77 -8.84 31.84
N HIS C 278 3.55 -9.95 31.12
CA HIS C 278 2.30 -10.26 30.37
C HIS C 278 2.30 -9.52 29.03
N PHE C 279 3.49 -9.26 28.48
CA PHE C 279 3.72 -8.73 27.11
C PHE C 279 4.75 -9.63 26.42
N PHE C 280 4.68 -9.73 25.10
CA PHE C 280 5.74 -10.36 24.28
C PHE C 280 6.98 -9.47 24.34
N ASN C 281 7.99 -9.99 25.05
CA ASN C 281 9.31 -9.38 25.33
C ASN C 281 10.27 -9.71 24.17
N ASP C 282 10.24 -8.87 23.13
CA ASP C 282 10.97 -9.00 21.86
C ASP C 282 11.81 -7.75 21.59
N ASP C 283 12.78 -7.88 20.68
CA ASP C 283 13.78 -6.83 20.34
C ASP C 283 13.08 -5.58 19.81
N ASP C 284 11.82 -5.68 19.37
CA ASP C 284 11.08 -4.58 18.71
C ASP C 284 9.76 -4.29 19.42
N THR C 285 9.62 -4.63 20.71
CA THR C 285 8.40 -4.30 21.51
C THR C 285 8.76 -3.73 22.88
N ARG C 286 9.83 -4.24 23.49
CA ARG C 286 10.13 -4.04 24.94
C ARG C 286 10.43 -2.58 25.23
N TYR C 287 11.05 -1.88 24.28
CA TYR C 287 11.72 -0.57 24.52
C TYR C 287 10.63 0.50 24.73
N ASP C 288 9.60 0.49 23.89
CA ASP C 288 8.47 1.45 23.95
C ASP C 288 7.64 1.17 25.20
N ILE C 289 7.46 -0.10 25.55
CA ILE C 289 6.75 -0.50 26.81
C ILE C 289 7.53 0.09 27.98
N TYR C 290 8.86 -0.10 28.00
CA TYR C 290 9.76 0.45 29.07
C TYR C 290 9.57 1.97 29.18
N THR C 291 9.52 2.66 28.04
CA THR C 291 9.48 4.15 27.97
C THR C 291 8.16 4.61 28.57
N GLY C 292 7.06 4.00 28.13
CA GLY C 292 5.70 4.14 28.69
C GLY C 292 5.70 4.14 30.20
N VAL C 293 6.38 3.18 30.84
CA VAL C 293 6.38 3.06 32.32
C VAL C 293 7.14 4.24 32.90
N ARG C 294 8.26 4.60 32.26
CA ARG C 294 9.19 5.61 32.80
C ARG C 294 8.54 7.01 32.67
N GLU C 295 7.49 7.18 31.88
CA GLU C 295 6.69 8.43 31.81
C GLU C 295 6.23 8.79 33.23
N ASN C 296 5.93 7.79 34.07
CA ASN C 296 5.26 8.03 35.38
C ASN C 296 5.96 7.33 36.54
N TYR C 297 6.78 6.30 36.30
CA TYR C 297 7.49 5.54 37.37
C TYR C 297 9.00 5.58 37.13
N ALA C 298 9.76 6.03 38.15
CA ALA C 298 11.23 6.22 38.11
C ALA C 298 11.96 5.15 38.92
N GLY C 299 11.27 4.37 39.74
CA GLY C 299 11.89 3.47 40.72
C GLY C 299 12.46 2.18 40.10
N PRO C 300 13.05 1.29 40.93
CA PRO C 300 13.58 0.02 40.45
C PRO C 300 12.53 -0.80 39.69
N LEU C 301 12.88 -1.19 38.45
CA LEU C 301 11.93 -1.80 37.48
C LEU C 301 12.58 -3.05 36.88
N SER C 302 11.81 -4.13 36.70
CA SER C 302 12.21 -5.31 35.89
C SER C 302 11.22 -5.47 34.75
N MET C 303 11.71 -5.67 33.54
CA MET C 303 10.90 -6.08 32.37
C MET C 303 10.98 -7.61 32.27
N ALA C 304 9.99 -8.30 32.85
CA ALA C 304 10.06 -9.76 33.11
C ALA C 304 10.19 -10.49 31.79
N THR C 305 11.01 -11.54 31.78
CA THR C 305 10.97 -12.59 30.75
C THR C 305 11.14 -13.92 31.49
N ASP C 306 11.04 -15.02 30.78
CA ASP C 306 11.05 -16.38 31.37
C ASP C 306 12.40 -16.59 32.09
N MET C 307 12.36 -17.12 33.31
CA MET C 307 13.53 -17.58 34.08
C MET C 307 14.29 -16.38 34.63
N MET C 308 13.64 -15.22 34.71
CA MET C 308 14.14 -14.08 35.51
C MET C 308 13.88 -14.42 36.99
N VAL C 309 14.82 -14.07 37.86
CA VAL C 309 14.76 -14.38 39.31
C VAL C 309 15.06 -13.11 40.11
N TRP C 310 14.32 -12.94 41.20
CA TRP C 310 14.53 -11.85 42.17
C TRP C 310 14.91 -12.50 43.49
N ASN C 311 15.99 -12.02 44.09
CA ASN C 311 16.34 -12.33 45.49
C ASN C 311 15.95 -11.13 46.34
N ILE C 312 15.10 -11.34 47.35
CA ILE C 312 14.65 -10.28 48.29
C ILE C 312 15.34 -10.52 49.64
N THR C 313 16.14 -9.54 50.08
CA THR C 313 16.82 -9.54 51.39
C THR C 313 16.47 -8.22 52.09
N ARG C 314 16.82 -8.11 53.38
CA ARG C 314 16.71 -6.84 54.13
C ARG C 314 17.39 -5.72 53.32
N ASP C 315 18.55 -6.03 52.74
CA ASP C 315 19.51 -5.09 52.09
C ASP C 315 19.10 -4.71 50.66
N ALA C 316 18.60 -5.65 49.84
CA ALA C 316 18.46 -5.45 48.38
C ALA C 316 17.34 -6.32 47.79
N VAL C 317 16.82 -5.92 46.65
CA VAL C 317 16.02 -6.78 45.75
C VAL C 317 16.82 -6.85 44.46
N THR C 318 17.41 -8.01 44.17
CA THR C 318 18.27 -8.24 42.98
C THR C 318 17.48 -8.93 41.86
N GLU C 319 17.80 -8.57 40.63
CA GLU C 319 17.30 -9.25 39.41
C GLU C 319 18.47 -9.97 38.78
N ARG C 320 18.30 -11.23 38.45
CA ARG C 320 19.25 -12.02 37.65
C ARG C 320 18.42 -12.88 36.72
N MET C 321 19.07 -13.46 35.74
CA MET C 321 18.51 -14.54 34.91
C MET C 321 18.96 -15.89 35.49
N ALA C 322 18.05 -16.87 35.46
CA ALA C 322 18.31 -18.26 35.80
C ALA C 322 18.85 -18.93 34.54
N VAL C 323 19.87 -19.79 34.71
CA VAL C 323 20.52 -20.60 33.64
C VAL C 323 20.30 -22.04 34.08
N SER C 324 19.44 -22.74 33.36
CA SER C 324 18.73 -23.92 33.88
C SER C 324 18.68 -24.93 32.75
N PRO C 325 18.62 -26.23 33.06
CA PRO C 325 18.70 -27.27 32.05
C PRO C 325 17.43 -27.33 31.19
N ASP C 326 17.62 -27.26 29.87
CA ASP C 326 16.60 -27.60 28.86
C ASP C 326 16.30 -29.10 28.88
N HIS C 327 17.31 -29.93 29.19
CA HIS C 327 17.22 -31.41 29.21
C HIS C 327 16.97 -31.79 30.67
N ALA C 328 15.80 -31.40 31.18
CA ALA C 328 15.43 -31.46 32.61
C ALA C 328 14.92 -32.85 32.99
N TRP C 329 15.19 -33.23 34.23
CA TRP C 329 14.77 -34.51 34.86
C TRP C 329 14.15 -34.16 36.20
N ASP C 330 13.19 -34.96 36.67
CA ASP C 330 12.63 -34.78 38.03
C ASP C 330 13.77 -35.07 39.01
N VAL C 331 13.81 -34.36 40.12
CA VAL C 331 14.84 -34.56 41.20
C VAL C 331 14.09 -35.17 42.39
N ALA C 332 14.60 -36.27 42.93
CA ALA C 332 14.10 -36.96 44.13
C ALA C 332 14.21 -36.02 45.33
N GLY C 333 13.20 -36.02 46.20
CA GLY C 333 13.26 -35.40 47.55
C GLY C 333 13.37 -36.45 48.65
N PRO C 334 13.42 -36.04 49.93
CA PRO C 334 13.27 -36.99 51.04
C PRO C 334 11.80 -37.40 51.25
N ARG C 344 -7.46 -52.33 44.31
CA ARG C 344 -7.84 -51.48 43.12
C ARG C 344 -8.08 -52.37 41.90
N ALA C 345 -9.30 -52.36 41.38
CA ALA C 345 -9.69 -53.08 40.15
C ALA C 345 -8.82 -52.60 38.98
N SER C 346 -8.29 -53.56 38.22
CA SER C 346 -7.58 -53.37 36.92
C SER C 346 -8.49 -52.60 35.95
N GLU C 347 -7.89 -51.77 35.11
CA GLU C 347 -8.62 -51.04 34.05
C GLU C 347 -8.36 -51.75 32.70
N TYR C 348 -7.74 -52.93 32.76
CA TYR C 348 -7.55 -53.83 31.60
C TYR C 348 -8.69 -54.85 31.57
N THR C 349 -9.22 -55.12 30.38
CA THR C 349 -10.00 -56.34 30.04
C THR C 349 -9.09 -57.36 29.36
N GLN C 350 -9.43 -58.65 29.46
CA GLN C 350 -8.67 -59.76 28.84
C GLN C 350 -8.52 -59.51 27.33
N TYR C 351 -9.53 -58.96 26.66
CA TYR C 351 -9.46 -58.71 25.20
C TYR C 351 -8.19 -57.96 24.85
N ILE C 352 -7.80 -56.98 25.68
CA ILE C 352 -6.61 -56.11 25.41
C ILE C 352 -5.34 -56.88 25.81
N LEU C 353 -5.34 -57.52 26.97
CA LEU C 353 -4.19 -58.28 27.52
C LEU C 353 -3.84 -59.47 26.59
N ASP C 354 -4.79 -59.99 25.82
CA ASP C 354 -4.53 -61.10 24.87
C ASP C 354 -3.85 -60.57 23.60
N GLY C 355 -3.66 -59.25 23.44
CA GLY C 355 -2.98 -58.67 22.27
C GLY C 355 -1.45 -58.72 22.34
N ARG C 356 -0.86 -59.18 23.44
CA ARG C 356 0.61 -59.11 23.69
C ARG C 356 1.37 -59.88 22.61
N LEU C 357 2.37 -59.24 22.01
CA LEU C 357 3.29 -59.87 21.04
C LEU C 357 4.46 -60.44 21.81
N ASN C 358 4.80 -61.71 21.57
CA ASN C 358 6.02 -62.37 22.13
C ASN C 358 7.27 -61.69 21.57
N VAL C 359 8.17 -61.25 22.46
CA VAL C 359 9.43 -60.50 22.12
C VAL C 359 10.65 -61.09 22.87
N ASP C 360 10.52 -62.27 23.49
CA ASP C 360 11.60 -62.90 24.32
C ASP C 360 12.91 -62.94 23.53
N GLU C 361 12.89 -63.42 22.28
CA GLU C 361 14.09 -63.55 21.41
C GLU C 361 14.75 -62.17 21.28
N ALA C 362 14.06 -61.23 20.62
CA ALA C 362 14.52 -59.85 20.34
C ALA C 362 15.18 -59.24 21.58
N ASN C 363 14.66 -59.53 22.78
CA ASN C 363 15.10 -58.95 24.07
C ASN C 363 16.06 -59.90 24.83
N ALA C 364 16.33 -61.12 24.35
CA ALA C 364 17.13 -62.14 25.07
C ALA C 364 18.54 -61.59 25.41
N HIS C 365 19.28 -61.07 24.42
CA HIS C 365 20.72 -60.68 24.56
C HIS C 365 20.88 -59.67 25.71
N TRP C 366 20.13 -58.54 25.68
CA TRP C 366 20.23 -57.47 26.72
C TRP C 366 19.70 -57.99 28.05
N LYS C 367 18.64 -58.80 28.01
CA LYS C 367 17.95 -59.44 29.17
C LYS C 367 18.97 -60.23 30.01
N GLN C 368 19.77 -61.06 29.34
CA GLN C 368 20.84 -61.91 29.95
C GLN C 368 21.88 -60.99 30.60
N GLU C 369 22.44 -60.07 29.81
CA GLU C 369 23.51 -59.10 30.20
C GLU C 369 23.08 -58.36 31.48
N PHE C 370 21.93 -57.69 31.46
CA PHE C 370 21.44 -56.77 32.52
C PHE C 370 21.23 -57.51 33.85
N MET C 371 20.80 -58.78 33.80
CA MET C 371 20.50 -59.57 35.03
C MET C 371 21.81 -59.96 35.73
N GLY C 372 22.91 -60.11 34.97
CA GLY C 372 24.29 -60.18 35.50
C GLY C 372 24.94 -58.81 35.53
N VAL D 5 -1.88 29.88 -2.63
CA VAL D 5 -1.73 28.44 -2.26
C VAL D 5 -0.44 28.27 -1.44
N THR D 6 -0.58 28.25 -0.10
CA THR D 6 0.52 28.33 0.89
C THR D 6 1.55 27.18 0.74
N SER D 7 1.13 25.97 0.30
CA SER D 7 1.97 24.75 0.20
C SER D 7 1.77 24.03 -1.14
N SER D 8 2.83 23.40 -1.67
CA SER D 8 2.83 22.61 -2.93
C SER D 8 1.90 21.39 -2.80
N THR D 9 1.96 20.71 -1.65
CA THR D 9 1.30 19.41 -1.37
C THR D 9 -0.14 19.59 -0.87
N GLY D 10 -0.57 20.81 -0.51
CA GLY D 10 -1.78 21.07 0.32
C GLY D 10 -2.93 21.70 -0.50
N ILE D 11 -4.10 21.85 0.12
CA ILE D 11 -5.38 22.32 -0.49
C ILE D 11 -5.33 23.84 -0.68
N ALA D 12 -5.64 24.34 -1.89
CA ALA D 12 -5.83 25.77 -2.19
C ALA D 12 -7.04 26.29 -1.39
N PRO D 13 -6.89 27.33 -0.52
CA PRO D 13 -8.01 27.90 0.22
C PRO D 13 -8.77 29.00 -0.55
N LYS D 14 -9.99 29.32 -0.10
CA LYS D 14 -10.89 30.36 -0.69
C LYS D 14 -10.90 30.24 -2.23
N ARG D 15 -11.20 29.05 -2.76
CA ARG D 15 -11.08 28.76 -4.21
C ARG D 15 -12.06 29.66 -4.97
N TYR D 16 -11.67 30.12 -6.17
CA TYR D 16 -12.40 31.14 -6.96
C TYR D 16 -13.61 30.48 -7.64
N VAL D 17 -13.60 29.14 -7.74
CA VAL D 17 -14.83 28.38 -8.10
C VAL D 17 -15.19 27.47 -6.94
N TYR D 18 -16.48 27.10 -6.88
CA TYR D 18 -17.03 26.20 -5.86
C TYR D 18 -17.05 24.79 -6.46
N TYR D 19 -16.32 23.87 -5.85
CA TYR D 19 -16.34 22.45 -6.25
C TYR D 19 -17.29 21.74 -5.29
N PRO D 20 -18.50 21.35 -5.72
CA PRO D 20 -19.46 20.76 -4.80
C PRO D 20 -18.90 19.52 -4.10
N GLY D 21 -18.98 19.50 -2.77
CA GLY D 21 -18.47 18.42 -1.90
C GLY D 21 -17.10 18.71 -1.29
N SER D 22 -16.41 19.78 -1.72
CA SER D 22 -15.02 20.08 -1.35
C SER D 22 -14.92 21.08 -0.19
N GLU D 23 -16.03 21.70 0.23
CA GLU D 23 -15.96 22.82 1.21
C GLU D 23 -16.79 22.48 2.44
N GLU D 24 -16.20 22.66 3.61
CA GLU D 24 -16.95 22.58 4.89
C GLU D 24 -17.81 23.84 5.00
N LEU D 25 -19.07 23.68 5.40
CA LEU D 25 -19.97 24.83 5.67
C LEU D 25 -19.83 25.21 7.14
N GLY D 26 -19.57 26.48 7.41
CA GLY D 26 -19.37 26.95 8.79
C GLY D 26 -20.70 26.96 9.52
N PRO D 27 -20.70 27.00 10.87
CA PRO D 27 -21.95 27.00 11.63
C PRO D 27 -22.78 28.27 11.47
N ASP D 28 -22.20 29.39 11.03
CA ASP D 28 -22.94 30.66 10.79
C ASP D 28 -22.85 31.00 9.32
N GLU D 29 -22.98 29.99 8.46
CA GLU D 29 -22.88 30.20 6.99
C GLU D 29 -24.14 29.65 6.31
N ILE D 30 -24.49 30.24 5.17
CA ILE D 30 -25.51 29.68 4.24
C ILE D 30 -24.87 29.57 2.86
N ARG D 31 -25.11 28.45 2.18
CA ARG D 31 -24.73 28.23 0.77
C ARG D 31 -26.03 28.08 -0.03
N VAL D 32 -26.16 28.82 -1.13
CA VAL D 32 -27.31 28.78 -2.05
C VAL D 32 -26.72 28.50 -3.43
N ILE D 33 -27.19 27.44 -4.10
CA ILE D 33 -26.80 27.08 -5.49
C ILE D 33 -28.04 27.22 -6.35
N ALA D 34 -27.91 27.93 -7.47
CA ALA D 34 -28.92 27.99 -8.54
C ALA D 34 -28.80 26.70 -9.34
N CYS D 35 -29.75 25.77 -9.17
CA CYS D 35 -29.79 24.51 -9.93
C CYS D 35 -30.69 24.65 -11.16
N GLY D 36 -31.38 25.77 -11.30
CA GLY D 36 -32.09 26.12 -12.54
C GLY D 36 -32.54 27.56 -12.46
N THR D 37 -32.45 28.26 -13.58
CA THR D 37 -32.62 29.74 -13.67
C THR D 37 -33.43 30.09 -14.92
N GLY D 38 -33.92 29.09 -15.66
CA GLY D 38 -34.46 29.28 -17.02
C GLY D 38 -35.97 29.42 -17.07
N MET D 39 -36.57 28.87 -18.12
CA MET D 39 -37.94 29.19 -18.61
C MET D 39 -38.79 27.92 -18.75
N PRO D 40 -40.07 28.05 -19.18
CA PRO D 40 -40.91 26.88 -19.49
C PRO D 40 -40.44 26.10 -20.72
N THR D 41 -39.40 26.61 -21.38
CA THR D 41 -38.82 26.01 -22.59
C THR D 41 -37.42 25.50 -22.19
N ALA D 42 -37.10 24.26 -22.59
CA ALA D 42 -35.94 23.50 -22.07
C ALA D 42 -34.68 23.86 -22.85
N ARG D 43 -33.54 23.83 -22.16
CA ARG D 43 -32.22 24.01 -22.78
C ARG D 43 -31.14 23.55 -21.82
N ARG D 44 -30.08 22.98 -22.40
CA ARG D 44 -28.94 22.41 -21.66
C ARG D 44 -28.27 23.52 -20.83
N ALA D 45 -28.11 24.75 -21.34
CA ALA D 45 -27.48 25.85 -20.54
C ALA D 45 -28.27 26.13 -19.26
N GLN D 46 -29.60 26.00 -19.28
CA GLN D 46 -30.45 26.47 -18.16
C GLN D 46 -31.59 25.48 -17.88
N ALA D 47 -31.53 24.80 -16.74
CA ALA D 47 -32.66 24.05 -16.19
C ALA D 47 -33.73 25.05 -15.77
N ALA D 48 -34.95 24.59 -15.53
CA ALA D 48 -36.06 25.37 -14.97
C ALA D 48 -35.80 25.58 -13.47
N ALA D 49 -36.45 26.59 -12.90
CA ALA D 49 -36.21 27.12 -11.54
C ALA D 49 -35.96 25.98 -10.55
N ALA D 50 -34.83 26.08 -9.83
CA ALA D 50 -34.47 25.19 -8.71
C ALA D 50 -33.41 25.87 -7.87
N TRP D 51 -33.55 25.76 -6.55
CA TRP D 51 -32.52 26.30 -5.62
C TRP D 51 -32.24 25.24 -4.57
N VAL D 52 -30.97 25.06 -4.25
CA VAL D 52 -30.53 24.25 -3.09
C VAL D 52 -30.00 25.23 -2.05
N VAL D 53 -30.49 25.12 -0.81
CA VAL D 53 -30.07 25.96 0.33
C VAL D 53 -29.48 25.05 1.39
N GLU D 54 -28.25 25.32 1.79
CA GLU D 54 -27.56 24.54 2.83
C GLU D 54 -27.26 25.52 3.96
N LEU D 55 -27.75 25.21 5.13
CA LEU D 55 -27.51 26.01 6.34
C LEU D 55 -26.40 25.34 7.16
N GLY D 56 -25.68 26.16 7.91
CA GLY D 56 -24.57 25.76 8.79
C GLY D 56 -24.99 24.81 9.89
N ASN D 57 -26.28 24.69 10.20
CA ASN D 57 -26.78 23.75 11.24
C ASN D 57 -26.97 22.33 10.65
N GLY D 58 -26.67 22.10 9.36
CA GLY D 58 -26.82 20.78 8.70
C GLY D 58 -28.14 20.58 7.95
N ASP D 59 -29.10 21.50 8.11
CA ASP D 59 -30.41 21.44 7.41
C ASP D 59 -30.20 21.84 5.95
N LYS D 60 -30.84 21.15 5.02
CA LYS D 60 -30.81 21.50 3.57
C LYS D 60 -32.23 21.52 3.03
N PHE D 61 -32.47 22.36 2.03
CA PHE D 61 -33.81 22.56 1.47
C PHE D 61 -33.64 22.80 -0.01
N ILE D 62 -34.63 22.31 -0.73
CA ILE D 62 -34.84 22.62 -2.16
C ILE D 62 -36.02 23.57 -2.22
N VAL D 63 -35.82 24.67 -2.90
CA VAL D 63 -36.90 25.60 -3.23
C VAL D 63 -37.05 25.52 -4.74
N ASP D 64 -38.13 24.91 -5.17
CA ASP D 64 -38.46 24.65 -6.59
C ASP D 64 -37.52 23.56 -7.13
N ILE D 65 -38.07 22.75 -8.03
CA ILE D 65 -37.39 21.60 -8.68
C ILE D 65 -38.02 21.43 -10.06
N GLY D 66 -37.86 22.46 -10.87
CA GLY D 66 -38.32 22.53 -12.26
C GLY D 66 -37.71 21.46 -13.15
N SER D 67 -38.38 21.19 -14.27
CA SER D 67 -37.92 20.25 -15.31
C SER D 67 -36.45 20.52 -15.60
N GLY D 68 -35.62 19.47 -15.60
CA GLY D 68 -34.20 19.55 -16.00
C GLY D 68 -33.26 19.84 -14.85
N SER D 69 -33.73 20.24 -13.67
CA SER D 69 -32.89 20.71 -12.55
C SER D 69 -32.22 19.54 -11.83
N MET D 70 -32.74 18.32 -11.94
CA MET D 70 -32.23 17.20 -11.10
C MET D 70 -30.77 16.87 -11.48
N ALA D 71 -30.36 16.97 -12.74
CA ALA D 71 -28.95 16.75 -13.14
C ALA D 71 -27.98 17.70 -12.40
N ASN D 72 -28.36 18.95 -12.23
CA ASN D 72 -27.60 19.97 -11.48
C ASN D 72 -27.59 19.57 -10.01
N ILE D 73 -28.76 19.26 -9.44
CA ILE D 73 -28.85 18.91 -7.98
C ILE D 73 -27.95 17.67 -7.77
N GLN D 74 -28.01 16.67 -8.65
CA GLN D 74 -27.21 15.43 -8.51
C GLN D 74 -25.73 15.73 -8.63
N SER D 75 -25.32 16.76 -9.39
CA SER D 75 -23.89 17.15 -9.54
C SER D 75 -23.31 17.71 -8.23
N LEU D 76 -24.10 17.87 -7.16
CA LEU D 76 -23.65 18.56 -5.92
C LEU D 76 -23.02 17.57 -4.92
N MET D 77 -23.12 16.26 -5.20
CA MET D 77 -22.54 15.19 -4.36
C MET D 77 -23.16 15.25 -2.96
N ILE D 78 -24.45 15.55 -2.85
CA ILE D 78 -25.19 15.55 -1.56
C ILE D 78 -25.98 14.26 -1.49
N PRO D 79 -25.79 13.43 -0.44
CA PRO D 79 -26.61 12.23 -0.27
C PRO D 79 -28.11 12.54 -0.36
N ALA D 80 -28.87 11.69 -1.05
CA ALA D 80 -30.34 11.79 -1.25
C ALA D 80 -31.04 12.07 0.09
N ASN D 81 -30.58 11.46 1.17
CA ASN D 81 -31.26 11.54 2.48
C ASN D 81 -31.18 12.94 3.08
N TYR D 82 -30.28 13.79 2.59
CA TYR D 82 -30.14 15.16 3.17
C TYR D 82 -31.04 16.15 2.42
N LEU D 83 -31.59 15.75 1.27
CA LEU D 83 -32.44 16.62 0.42
C LEU D 83 -33.87 16.08 0.35
N THR D 84 -34.51 15.93 1.50
CA THR D 84 -35.88 15.41 1.60
C THR D 84 -36.92 16.51 1.73
N LYS D 85 -36.53 17.77 1.92
CA LYS D 85 -37.50 18.84 2.25
C LYS D 85 -37.55 19.81 1.06
N ILE D 86 -38.68 19.84 0.38
CA ILE D 86 -38.88 20.56 -0.90
C ILE D 86 -40.01 21.59 -0.71
N PHE D 87 -39.73 22.84 -1.07
CA PHE D 87 -40.68 23.98 -1.02
C PHE D 87 -41.01 24.38 -2.46
N LEU D 88 -42.28 24.47 -2.81
CA LEU D 88 -42.67 24.87 -4.18
C LEU D 88 -43.26 26.28 -4.16
N THR D 89 -42.83 27.15 -5.07
CA THR D 89 -43.37 28.53 -5.18
C THR D 89 -44.64 28.52 -6.02
N ALA D 90 -44.75 27.61 -6.99
CA ALA D 90 -45.86 27.57 -7.97
C ALA D 90 -45.97 26.16 -8.51
N LEU D 91 -47.13 25.77 -9.01
CA LEU D 91 -47.38 24.40 -9.54
C LEU D 91 -47.21 24.38 -11.06
N HIS D 92 -46.40 25.26 -11.62
CA HIS D 92 -45.89 25.13 -13.02
C HIS D 92 -44.97 23.92 -13.15
N THR D 93 -45.00 23.27 -14.31
CA THR D 93 -44.06 22.20 -14.68
C THR D 93 -42.63 22.70 -14.43
N ASP D 94 -42.35 23.97 -14.75
CA ASP D 94 -40.97 24.46 -14.74
C ASP D 94 -40.63 24.90 -13.31
N HIS D 95 -41.46 24.59 -12.33
CA HIS D 95 -41.14 24.84 -10.90
C HIS D 95 -41.21 23.54 -10.07
N TRP D 96 -41.87 22.47 -10.51
CA TRP D 96 -41.84 21.19 -9.76
C TRP D 96 -41.83 19.97 -10.69
N GLY D 97 -41.57 20.14 -11.98
CA GLY D 97 -41.45 19.05 -12.97
C GLY D 97 -40.55 17.91 -12.53
N ASP D 98 -39.39 18.20 -11.92
CA ASP D 98 -38.37 17.16 -11.59
C ASP D 98 -38.61 16.63 -10.16
N LEU D 99 -39.73 16.96 -9.53
CA LEU D 99 -40.03 16.38 -8.20
C LEU D 99 -40.10 14.86 -8.36
N VAL D 100 -40.66 14.40 -9.48
CA VAL D 100 -40.84 12.94 -9.74
C VAL D 100 -39.46 12.29 -9.93
N SER D 101 -38.52 12.97 -10.58
CA SER D 101 -37.14 12.49 -10.83
C SER D 101 -36.39 12.35 -9.51
N MET D 102 -36.59 13.31 -8.60
CA MET D 102 -35.99 13.23 -7.26
C MET D 102 -36.64 12.05 -6.53
N TRP D 103 -37.96 11.90 -6.62
CA TRP D 103 -38.72 10.87 -5.87
C TRP D 103 -38.24 9.48 -6.30
N ALA D 104 -38.24 9.22 -7.59
CA ALA D 104 -37.91 7.88 -8.14
C ALA D 104 -36.40 7.67 -8.08
N GLY D 105 -35.62 8.69 -8.47
CA GLY D 105 -34.15 8.60 -8.52
C GLY D 105 -33.56 8.31 -7.15
N GLY D 106 -33.90 9.11 -6.13
CA GLY D 106 -33.35 8.96 -4.78
C GLY D 106 -33.79 7.65 -4.14
N TRP D 107 -35.02 7.21 -4.44
CA TRP D 107 -35.59 5.94 -3.96
C TRP D 107 -34.76 4.76 -4.54
N THR D 108 -34.48 4.74 -5.84
CA THR D 108 -33.56 3.73 -6.44
C THR D 108 -32.18 3.80 -5.79
N ALA D 109 -31.67 5.01 -5.50
CA ALA D 109 -30.26 5.28 -5.12
C ALA D 109 -30.06 5.15 -3.60
N GLY D 110 -31.12 4.89 -2.84
CA GLY D 110 -31.00 4.45 -1.45
C GLY D 110 -31.51 5.45 -0.42
N ARG D 111 -32.22 6.51 -0.82
CA ARG D 111 -32.92 7.39 0.16
C ARG D 111 -33.80 6.51 1.05
N THR D 112 -33.88 6.79 2.35
CA THR D 112 -34.58 5.92 3.32
C THR D 112 -35.78 6.63 3.94
N ASP D 113 -35.79 7.96 3.86
CA ASP D 113 -36.92 8.78 4.33
C ASP D 113 -37.84 9.15 3.16
N PRO D 114 -39.16 9.29 3.42
CA PRO D 114 -40.06 9.89 2.43
C PRO D 114 -39.66 11.34 2.11
N LEU D 115 -40.02 11.81 0.90
CA LEU D 115 -39.93 13.25 0.57
C LEU D 115 -40.99 14.00 1.38
N GLU D 116 -40.72 15.27 1.63
CA GLU D 116 -41.60 16.19 2.40
C GLU D 116 -41.73 17.44 1.55
N VAL D 117 -42.96 17.78 1.16
CA VAL D 117 -43.23 18.86 0.18
C VAL D 117 -44.18 19.86 0.82
N TRP D 118 -43.71 21.11 0.93
CA TRP D 118 -44.49 22.31 1.29
C TRP D 118 -44.87 23.00 0.00
N GLY D 119 -46.16 23.20 -0.22
CA GLY D 119 -46.62 23.96 -1.39
C GLY D 119 -47.90 24.70 -1.06
N PRO D 120 -48.25 25.72 -1.86
CA PRO D 120 -49.46 26.50 -1.64
C PRO D 120 -50.75 25.75 -2.00
N SER D 121 -51.80 26.12 -1.29
CA SER D 121 -53.17 25.79 -1.71
C SER D 121 -53.47 26.61 -2.97
N GLY D 122 -54.61 26.34 -3.56
CA GLY D 122 -55.24 27.24 -4.55
C GLY D 122 -56.60 27.67 -4.05
N SER D 123 -57.38 28.30 -4.91
CA SER D 123 -58.70 28.88 -4.56
C SER D 123 -59.67 27.76 -4.17
N ARG D 124 -59.39 26.53 -4.62
CA ARG D 124 -60.21 25.32 -4.37
C ARG D 124 -59.28 24.08 -4.38
N GLU D 125 -59.75 22.96 -3.83
CA GLU D 125 -58.96 21.72 -3.65
C GLU D 125 -58.10 21.43 -4.90
N ASP D 126 -58.67 21.38 -6.09
CA ASP D 126 -57.98 20.83 -7.28
C ASP D 126 -56.96 21.84 -7.84
N MET D 127 -56.76 22.96 -7.17
CA MET D 127 -55.78 23.99 -7.64
C MET D 127 -54.59 24.10 -6.68
N GLY D 128 -54.51 23.25 -5.62
CA GLY D 128 -53.44 23.32 -4.62
C GLY D 128 -52.50 22.13 -4.66
N THR D 129 -51.53 22.14 -3.76
CA THR D 129 -50.35 21.23 -3.80
C THR D 129 -50.75 19.83 -3.35
N LYS D 130 -51.65 19.72 -2.38
CA LYS D 130 -52.06 18.39 -1.86
C LYS D 130 -52.66 17.59 -3.02
N TYR D 131 -53.61 18.18 -3.72
CA TYR D 131 -54.23 17.54 -4.90
C TYR D 131 -53.16 17.22 -5.95
N ALA D 132 -52.26 18.17 -6.25
CA ALA D 132 -51.23 18.03 -7.31
C ALA D 132 -50.36 16.80 -7.05
N VAL D 133 -49.89 16.66 -5.80
CA VAL D 133 -48.90 15.60 -5.42
C VAL D 133 -49.61 14.24 -5.37
N GLU D 134 -50.81 14.18 -4.81
CA GLU D 134 -51.66 12.97 -4.76
C GLU D 134 -51.80 12.42 -6.18
N HIS D 135 -52.10 13.28 -7.14
CA HIS D 135 -52.35 12.83 -8.53
C HIS D 135 -51.01 12.52 -9.19
N MET D 136 -49.91 13.13 -8.79
CA MET D 136 -48.60 12.80 -9.37
C MET D 136 -48.24 11.37 -8.93
N LEU D 137 -48.50 11.02 -7.68
CA LEU D 137 -48.22 9.65 -7.18
C LEU D 137 -49.09 8.63 -7.94
N LYS D 138 -50.36 8.95 -8.22
CA LYS D 138 -51.24 8.05 -9.02
C LYS D 138 -50.67 7.92 -10.44
N ALA D 139 -50.22 9.05 -11.02
CA ALA D 139 -49.64 9.10 -12.38
C ALA D 139 -48.50 8.09 -12.49
N TYR D 140 -47.70 7.94 -11.43
CA TYR D 140 -46.51 7.05 -11.42
C TYR D 140 -46.80 5.83 -10.56
N ASN D 141 -48.05 5.38 -10.55
CA ASN D 141 -48.44 4.18 -9.76
C ASN D 141 -47.69 2.95 -10.29
N TRP D 142 -47.48 2.82 -11.60
CA TRP D 142 -46.78 1.61 -12.11
C TRP D 142 -45.36 1.54 -11.48
N ASP D 143 -44.64 2.66 -11.55
CA ASP D 143 -43.25 2.82 -11.08
C ASP D 143 -43.25 2.62 -9.57
N TYR D 144 -44.22 3.22 -8.87
CA TYR D 144 -44.33 3.05 -7.40
C TYR D 144 -44.49 1.56 -7.06
N MET D 145 -45.50 0.89 -7.63
CA MET D 145 -45.90 -0.49 -7.22
C MET D 145 -44.79 -1.46 -7.61
N THR D 146 -44.23 -1.35 -8.80
CA THR D 146 -43.17 -2.27 -9.28
C THR D 146 -41.93 -2.06 -8.42
N ARG D 147 -41.55 -0.81 -8.15
CA ARG D 147 -40.33 -0.52 -7.34
C ARG D 147 -40.55 -1.00 -5.91
N ALA D 148 -41.77 -0.90 -5.36
CA ALA D 148 -42.08 -1.24 -3.95
C ALA D 148 -41.93 -2.75 -3.71
N VAL D 149 -41.96 -3.56 -4.78
CA VAL D 149 -41.76 -5.04 -4.72
C VAL D 149 -40.34 -5.35 -4.24
N THR D 150 -39.32 -4.65 -4.74
CA THR D 150 -37.89 -4.96 -4.50
C THR D 150 -37.22 -3.94 -3.56
N ILE D 151 -37.79 -2.75 -3.36
CA ILE D 151 -37.21 -1.72 -2.44
C ILE D 151 -38.26 -1.38 -1.39
N ASN D 152 -37.86 -1.26 -0.12
CA ASN D 152 -38.77 -0.86 0.98
C ASN D 152 -39.59 0.32 0.50
N PRO D 153 -40.92 0.30 0.66
CA PRO D 153 -41.78 1.37 0.12
C PRO D 153 -41.79 2.70 0.89
N ARG D 154 -41.30 2.72 2.13
CA ARG D 154 -41.38 3.90 3.02
C ARG D 154 -40.81 5.15 2.35
N PRO D 155 -39.60 5.15 1.78
CA PRO D 155 -39.10 6.32 1.05
C PRO D 155 -39.85 6.68 -0.25
N GLY D 156 -40.78 5.84 -0.73
CA GLY D 156 -41.61 6.16 -1.90
C GLY D 156 -42.83 7.00 -1.55
N ASP D 157 -43.06 7.33 -0.28
CA ASP D 157 -44.14 8.25 0.11
C ASP D 157 -43.68 9.68 -0.13
N ILE D 158 -44.63 10.60 -0.31
CA ILE D 158 -44.40 12.07 -0.24
C ILE D 158 -45.40 12.62 0.77
N ASN D 159 -44.89 13.13 1.89
CA ASN D 159 -45.73 13.85 2.86
C ASN D 159 -45.87 15.28 2.33
N VAL D 160 -47.12 15.70 2.11
CA VAL D 160 -47.40 17.07 1.60
C VAL D 160 -47.78 17.91 2.80
N HIS D 161 -47.15 19.08 2.92
CA HIS D 161 -47.57 20.12 3.86
C HIS D 161 -48.14 21.30 3.06
N GLU D 162 -49.45 21.31 2.85
CA GLU D 162 -50.11 22.42 2.12
C GLU D 162 -50.24 23.60 3.09
N PHE D 163 -50.00 24.81 2.61
CA PHE D 163 -50.16 26.05 3.42
C PHE D 163 -51.11 26.97 2.66
N ASP D 164 -51.72 27.91 3.38
CA ASP D 164 -52.66 28.90 2.78
C ASP D 164 -51.88 29.89 1.87
N TYR D 165 -52.12 29.89 0.57
CA TYR D 165 -51.43 30.78 -0.40
C TYR D 165 -51.74 32.26 -0.12
N ARG D 166 -52.85 32.56 0.58
CA ARG D 166 -53.37 33.94 0.77
C ARG D 166 -52.60 34.61 1.92
N ALA D 167 -51.97 33.84 2.80
CA ALA D 167 -51.40 34.37 4.05
C ALA D 167 -50.31 35.40 3.75
N LEU D 168 -50.32 36.50 4.49
CA LEU D 168 -49.39 37.65 4.32
C LEU D 168 -48.21 37.45 5.27
N ASN D 169 -47.13 36.88 4.74
CA ASN D 169 -45.84 36.77 5.45
C ASN D 169 -46.02 35.92 6.72
N GLU D 170 -46.74 34.81 6.62
CA GLU D 170 -46.98 33.90 7.76
C GLU D 170 -46.12 32.62 7.61
N VAL D 171 -45.77 32.05 8.75
CA VAL D 171 -44.95 30.82 8.87
C VAL D 171 -45.71 29.70 8.15
N VAL D 172 -44.99 28.94 7.33
CA VAL D 172 -45.46 27.66 6.72
C VAL D 172 -44.60 26.51 7.24
N TYR D 173 -43.42 26.81 7.79
CA TYR D 173 -42.44 25.83 8.33
C TYR D 173 -41.70 26.43 9.51
N GLN D 174 -41.60 25.66 10.58
CA GLN D 174 -40.85 26.01 11.80
C GLN D 174 -40.29 24.72 12.38
N GLU D 175 -38.99 24.58 12.36
CA GLU D 175 -38.29 23.37 12.85
C GLU D 175 -36.83 23.76 13.10
N ASN D 176 -36.31 23.44 14.30
CA ASN D 176 -34.86 23.47 14.58
C ASN D 176 -34.31 24.88 14.32
N GLY D 177 -35.06 25.92 14.70
CA GLY D 177 -34.68 27.34 14.55
C GLY D 177 -34.68 27.82 13.10
N VAL D 178 -35.27 27.06 12.19
CA VAL D 178 -35.49 27.49 10.77
C VAL D 178 -36.97 27.80 10.57
N THR D 179 -37.24 28.97 10.00
CA THR D 179 -38.57 29.46 9.61
C THR D 179 -38.61 29.68 8.10
N PHE D 180 -39.68 29.23 7.46
CA PHE D 180 -40.10 29.68 6.11
C PHE D 180 -41.40 30.46 6.30
N ARG D 181 -41.48 31.65 5.73
CA ARG D 181 -42.77 32.39 5.63
C ARG D 181 -43.13 32.42 4.14
N SER D 182 -44.41 32.50 3.80
CA SER D 182 -44.93 32.74 2.43
C SER D 182 -45.63 34.09 2.37
N TRP D 183 -45.67 34.68 1.19
CA TRP D 183 -46.66 35.73 0.85
C TRP D 183 -47.03 35.53 -0.61
N PRO D 184 -48.15 36.10 -1.07
CA PRO D 184 -48.64 35.80 -2.40
C PRO D 184 -47.82 36.42 -3.53
N CYS D 185 -47.97 35.83 -4.71
CA CYS D 185 -47.53 36.41 -6.01
C CYS D 185 -48.76 36.66 -6.86
N ILE D 186 -48.58 37.44 -7.92
CA ILE D 186 -49.61 37.73 -8.94
C ILE D 186 -49.15 37.17 -10.26
N HIS D 187 -49.65 36.01 -10.63
CA HIS D 187 -49.07 35.20 -11.72
C HIS D 187 -50.01 34.07 -12.11
N ALA D 188 -50.58 34.16 -13.32
CA ALA D 188 -51.31 33.09 -14.01
C ALA D 188 -52.70 32.90 -13.39
N GLY D 189 -52.77 32.87 -12.06
CA GLY D 189 -53.98 32.61 -11.27
C GLY D 189 -53.59 32.41 -9.82
N ASP D 190 -54.54 32.41 -8.90
CA ASP D 190 -54.25 32.41 -7.44
C ASP D 190 -53.44 31.14 -7.11
N GLY D 191 -52.50 31.25 -6.19
CA GLY D 191 -51.77 30.09 -5.64
C GLY D 191 -50.29 30.37 -5.46
N PRO D 192 -49.58 30.86 -6.49
CA PRO D 192 -48.15 31.09 -6.39
C PRO D 192 -47.79 32.00 -5.21
N VAL D 193 -46.64 31.72 -4.60
CA VAL D 193 -46.10 32.41 -3.40
C VAL D 193 -44.60 32.66 -3.58
N SER D 194 -44.11 33.60 -2.77
CA SER D 194 -42.68 33.85 -2.49
C SER D 194 -42.40 33.23 -1.14
N PHE D 195 -41.15 32.86 -0.87
CA PHE D 195 -40.73 32.39 0.48
C PHE D 195 -39.62 33.26 1.05
N ALA D 196 -39.62 33.39 2.37
CA ALA D 196 -38.48 33.88 3.15
C ALA D 196 -38.05 32.77 4.10
N LEU D 197 -36.79 32.40 4.03
CA LEU D 197 -36.12 31.47 4.97
C LEU D 197 -35.39 32.34 6.00
N GLU D 198 -35.75 32.22 7.27
CA GLU D 198 -35.07 32.89 8.42
C GLU D 198 -34.39 31.82 9.26
N TRP D 199 -33.10 32.00 9.52
CA TRP D 199 -32.30 31.14 10.42
C TRP D 199 -31.08 31.94 10.91
N ASN D 200 -30.85 31.97 12.23
CA ASN D 200 -29.55 32.41 12.78
C ASN D 200 -29.20 33.83 12.29
N GLY D 201 -30.14 34.77 12.31
CA GLY D 201 -29.92 36.17 11.92
C GLY D 201 -29.96 36.39 10.42
N TYR D 202 -30.13 35.35 9.61
CA TYR D 202 -30.09 35.44 8.13
C TYR D 202 -31.52 35.41 7.60
N LYS D 203 -31.73 36.02 6.45
CA LYS D 203 -33.01 36.03 5.71
C LYS D 203 -32.67 35.85 4.24
N VAL D 204 -33.13 34.75 3.65
CA VAL D 204 -33.03 34.45 2.21
C VAL D 204 -34.42 34.39 1.61
N VAL D 205 -34.61 35.14 0.52
CA VAL D 205 -35.94 35.32 -0.11
C VAL D 205 -35.92 34.68 -1.49
N PHE D 206 -36.86 33.76 -1.70
CA PHE D 206 -37.13 33.09 -3.00
C PHE D 206 -38.42 33.66 -3.56
N GLY D 207 -38.30 34.52 -4.57
CA GLY D 207 -39.43 35.29 -5.12
C GLY D 207 -40.38 34.40 -5.87
N GLY D 208 -39.87 33.51 -6.71
CA GLY D 208 -40.75 32.70 -7.57
C GLY D 208 -41.10 33.45 -8.84
N ASP D 209 -42.42 33.63 -9.12
CA ASP D 209 -42.96 34.24 -10.37
C ASP D 209 -44.05 35.25 -10.01
N THR D 210 -43.88 36.52 -10.40
CA THR D 210 -44.88 37.58 -10.08
C THR D 210 -44.77 38.78 -11.02
N ALA D 211 -45.91 39.41 -11.27
CA ALA D 211 -46.02 40.84 -11.64
C ALA D 211 -45.65 41.62 -10.39
N PRO D 212 -45.05 42.82 -10.51
CA PRO D 212 -44.58 43.57 -9.34
C PRO D 212 -45.74 43.69 -8.33
N ASN D 213 -45.47 43.42 -7.06
CA ASN D 213 -46.57 43.37 -6.05
C ASN D 213 -46.08 44.10 -4.80
N ILE D 214 -47.00 44.38 -3.90
CA ILE D 214 -46.77 45.25 -2.72
C ILE D 214 -46.20 44.41 -1.59
N TRP D 215 -46.25 43.08 -1.69
CA TRP D 215 -45.89 42.20 -0.53
C TRP D 215 -44.38 42.00 -0.49
N TYR D 216 -43.76 41.67 -1.61
CA TYR D 216 -42.31 41.34 -1.65
C TYR D 216 -41.49 42.51 -1.10
N PRO D 217 -41.66 43.77 -1.58
CA PRO D 217 -40.83 44.87 -1.11
C PRO D 217 -40.87 45.05 0.41
N GLU D 218 -42.01 44.83 1.04
CA GLU D 218 -42.21 44.93 2.51
C GLU D 218 -41.58 43.70 3.20
N TYR D 219 -41.96 42.50 2.80
CA TYR D 219 -41.62 41.25 3.51
C TYR D 219 -40.19 40.81 3.21
N ALA D 220 -39.62 41.12 2.04
CA ALA D 220 -38.24 40.76 1.64
C ALA D 220 -37.22 41.71 2.30
N LYS D 221 -37.69 42.80 2.93
CA LYS D 221 -36.86 43.95 3.36
C LYS D 221 -35.66 43.46 4.18
N GLY D 222 -34.46 43.89 3.80
CA GLY D 222 -33.20 43.62 4.52
C GLY D 222 -32.72 42.17 4.40
N ALA D 223 -33.16 41.42 3.38
CA ALA D 223 -32.74 40.02 3.16
C ALA D 223 -31.23 39.97 2.89
N ASP D 224 -30.55 38.92 3.39
CA ASP D 224 -29.13 38.68 3.03
C ASP D 224 -29.04 38.46 1.52
N LEU D 225 -29.94 37.64 0.96
CA LEU D 225 -30.01 37.32 -0.49
C LEU D 225 -31.47 37.38 -0.90
N ALA D 226 -31.80 38.23 -1.88
CA ALA D 226 -33.16 38.43 -2.39
C ALA D 226 -33.19 38.03 -3.86
N ILE D 227 -33.90 36.93 -4.16
CA ILE D 227 -34.09 36.36 -5.53
C ILE D 227 -35.44 36.83 -6.04
N HIS D 228 -35.49 37.28 -7.28
CA HIS D 228 -36.74 37.76 -7.89
C HIS D 228 -36.64 37.56 -9.38
N GLU D 229 -37.75 37.14 -9.97
CA GLU D 229 -37.99 37.09 -11.43
C GLU D 229 -37.55 38.43 -12.01
N CYS D 230 -36.87 38.37 -13.15
CA CYS D 230 -36.41 39.54 -13.91
C CYS D 230 -36.51 39.19 -15.39
N TRP D 231 -37.52 39.71 -16.07
CA TRP D 231 -37.97 39.20 -17.38
C TRP D 231 -37.09 39.78 -18.49
N MET D 232 -37.00 39.02 -19.57
CA MET D 232 -36.37 39.49 -20.83
C MET D 232 -37.13 40.73 -21.35
N THR D 233 -36.41 41.59 -22.09
CA THR D 233 -36.90 42.91 -22.59
C THR D 233 -38.01 42.69 -23.62
N SER D 234 -38.88 43.68 -23.79
CA SER D 234 -39.97 43.66 -24.82
C SER D 234 -39.32 43.55 -26.20
N ASP D 235 -38.17 44.20 -26.40
CA ASP D 235 -37.40 44.17 -27.68
C ASP D 235 -36.96 42.74 -27.98
N GLN D 236 -36.40 42.03 -26.98
CA GLN D 236 -36.03 40.58 -27.09
C GLN D 236 -37.29 39.76 -27.41
N MET D 237 -38.39 39.98 -26.66
CA MET D 237 -39.69 39.28 -26.87
C MET D 237 -40.10 39.42 -28.34
N MET D 238 -39.79 40.56 -28.97
CA MET D 238 -40.04 40.81 -30.41
C MET D 238 -38.98 40.11 -31.28
N THR D 239 -37.69 40.43 -31.09
CA THR D 239 -36.53 39.84 -31.83
C THR D 239 -36.64 38.31 -31.87
N LYS D 240 -36.70 37.67 -30.70
CA LYS D 240 -36.63 36.19 -30.52
C LYS D 240 -37.97 35.56 -30.94
N TYR D 241 -39.05 35.90 -30.22
CA TYR D 241 -40.37 35.19 -30.28
C TYR D 241 -41.31 35.81 -31.33
N ASN D 242 -40.85 36.77 -32.14
CA ASN D 242 -41.68 37.52 -33.12
C ASN D 242 -43.07 37.78 -32.51
N GLN D 243 -43.11 38.59 -31.44
CA GLN D 243 -44.33 39.08 -30.75
C GLN D 243 -44.78 40.38 -31.39
N PRO D 244 -46.10 40.56 -31.64
CA PRO D 244 -46.60 41.78 -32.28
C PRO D 244 -46.63 43.00 -31.35
N ALA D 245 -45.46 43.61 -31.12
CA ALA D 245 -45.26 44.98 -30.60
C ALA D 245 -46.03 45.22 -29.28
N GLN D 246 -47.37 45.29 -29.32
CA GLN D 246 -48.21 45.63 -28.13
C GLN D 246 -48.13 44.45 -27.15
N LEU D 247 -48.27 43.21 -27.63
CA LEU D 247 -48.14 41.99 -26.79
C LEU D 247 -46.81 42.07 -26.03
N ALA D 248 -45.70 42.32 -26.74
CA ALA D 248 -44.32 42.42 -26.21
C ALA D 248 -44.26 43.49 -25.10
N LEU D 249 -44.96 44.61 -25.27
CA LEU D 249 -44.99 45.73 -24.28
C LEU D 249 -45.77 45.28 -23.04
N ARG D 250 -46.91 44.59 -23.23
CA ARG D 250 -47.83 44.15 -22.13
C ARG D 250 -47.15 43.08 -21.26
N ILE D 251 -46.27 42.26 -21.86
CA ILE D 251 -45.57 41.14 -21.16
C ILE D 251 -44.72 41.72 -20.03
N ASN D 252 -43.99 42.79 -20.31
CA ASN D 252 -43.00 43.40 -19.37
C ASN D 252 -43.70 44.37 -18.40
N LEU D 253 -45.00 44.68 -18.60
CA LEU D 253 -45.78 45.59 -17.71
C LEU D 253 -46.78 44.80 -16.84
N ASP D 254 -47.60 43.92 -17.43
CA ASP D 254 -48.77 43.28 -16.78
C ASP D 254 -48.45 41.88 -16.24
N PHE D 255 -47.81 41.01 -17.04
CA PHE D 255 -47.65 39.56 -16.78
C PHE D 255 -46.46 39.28 -15.84
N HIS D 256 -45.32 39.94 -16.10
CA HIS D 256 -44.02 39.65 -15.47
C HIS D 256 -43.44 40.91 -14.84
N THR D 257 -42.38 40.72 -14.06
CA THR D 257 -41.52 41.81 -13.53
C THR D 257 -40.47 42.13 -14.59
N SER D 258 -40.55 43.31 -15.20
CA SER D 258 -39.48 43.87 -16.09
C SER D 258 -38.19 44.06 -15.28
N ALA D 259 -37.04 44.14 -15.94
CA ALA D 259 -35.75 44.47 -15.30
C ALA D 259 -35.87 45.79 -14.51
N GLN D 260 -36.51 46.79 -15.12
CA GLN D 260 -36.74 48.11 -14.47
C GLN D 260 -37.55 47.94 -13.18
N SER D 261 -38.66 47.18 -13.23
CA SER D 261 -39.48 46.87 -12.04
C SER D 261 -38.60 46.15 -10.99
N PHE D 262 -37.79 45.17 -11.42
CA PHE D 262 -36.89 44.42 -10.49
C PHE D 262 -36.00 45.43 -9.76
N GLY D 263 -35.40 46.36 -10.51
CA GLY D 263 -34.62 47.49 -9.96
C GLY D 263 -35.37 48.28 -8.90
N GLN D 264 -36.61 48.69 -9.18
CA GLN D 264 -37.46 49.44 -8.20
C GLN D 264 -37.62 48.54 -6.98
N ILE D 265 -38.02 47.29 -7.18
CA ILE D 265 -38.27 46.33 -6.06
C ILE D 265 -37.00 46.22 -5.21
N MET D 266 -35.83 45.99 -5.82
CA MET D 266 -34.60 45.73 -5.02
C MET D 266 -34.11 47.03 -4.37
N ASN D 267 -34.35 48.17 -5.01
CA ASN D 267 -34.07 49.49 -4.36
C ASN D 267 -34.93 49.61 -3.09
N MET D 268 -36.20 49.19 -3.11
CA MET D 268 -37.06 49.24 -1.91
C MET D 268 -36.56 48.24 -0.85
N VAL D 269 -36.17 47.02 -1.26
CA VAL D 269 -35.81 45.91 -0.32
C VAL D 269 -34.48 46.24 0.38
N GLN D 270 -33.53 46.83 -0.35
CA GLN D 270 -32.14 47.11 0.16
C GLN D 270 -31.55 45.82 0.73
N PRO D 271 -31.45 44.75 -0.09
CA PRO D 271 -30.90 43.49 0.37
C PRO D 271 -29.38 43.60 0.48
N ARG D 272 -28.69 42.75 1.21
CA ARG D 272 -27.20 42.73 1.11
C ARG D 272 -26.80 42.38 -0.34
N HIS D 273 -27.57 41.52 -1.00
CA HIS D 273 -27.25 41.02 -2.36
C HIS D 273 -28.56 40.64 -3.02
N ALA D 274 -28.73 41.03 -4.29
CA ALA D 274 -29.95 40.75 -5.05
C ALA D 274 -29.60 39.80 -6.20
N VAL D 275 -30.56 38.99 -6.61
CA VAL D 275 -30.36 37.97 -7.67
C VAL D 275 -31.50 38.09 -8.66
N ALA D 276 -31.18 38.41 -9.90
CA ALA D 276 -32.14 38.34 -11.01
C ALA D 276 -32.05 36.96 -11.63
N TYR D 277 -33.19 36.30 -11.86
CA TYR D 277 -33.25 35.02 -12.59
C TYR D 277 -34.50 35.00 -13.47
N HIS D 278 -34.71 33.86 -14.13
CA HIS D 278 -35.95 33.50 -14.88
C HIS D 278 -35.92 34.19 -16.25
N PHE D 279 -34.73 34.44 -16.80
CA PHE D 279 -34.55 34.87 -18.21
C PHE D 279 -33.51 33.95 -18.86
N PHE D 280 -33.54 33.85 -20.19
CA PHE D 280 -32.47 33.23 -21.01
C PHE D 280 -31.25 34.14 -20.94
N ASN D 281 -30.20 33.62 -20.29
CA ASN D 281 -28.93 34.32 -19.97
C ASN D 281 -27.91 34.04 -21.09
N ASP D 282 -28.00 34.83 -22.16
CA ASP D 282 -27.22 34.66 -23.42
C ASP D 282 -26.40 35.92 -23.71
N ASP D 283 -25.43 35.81 -24.63
CA ASP D 283 -24.43 36.87 -24.93
C ASP D 283 -25.12 38.10 -25.56
N ASP D 284 -26.41 38.02 -25.89
CA ASP D 284 -27.17 39.10 -26.58
C ASP D 284 -28.50 39.34 -25.87
N THR D 285 -28.63 38.95 -24.60
CA THR D 285 -29.87 39.19 -23.83
C THR D 285 -29.51 39.83 -22.49
N ARG D 286 -28.40 39.41 -21.89
CA ARG D 286 -28.12 39.65 -20.45
C ARG D 286 -27.84 41.13 -20.22
N TYR D 287 -27.21 41.80 -21.19
CA TYR D 287 -26.61 43.16 -21.01
C TYR D 287 -27.74 44.17 -20.85
N ASP D 288 -28.74 44.16 -21.75
CA ASP D 288 -29.90 45.10 -21.67
C ASP D 288 -30.70 44.82 -20.41
N ILE D 289 -30.86 43.54 -20.03
CA ILE D 289 -31.56 43.19 -18.77
C ILE D 289 -30.80 43.81 -17.60
N TYR D 290 -29.48 43.71 -17.58
CA TYR D 290 -28.62 44.25 -16.49
C TYR D 290 -28.84 45.76 -16.36
N THR D 291 -28.74 46.44 -17.50
CA THR D 291 -28.82 47.91 -17.67
C THR D 291 -30.18 48.37 -17.10
N GLY D 292 -31.23 47.65 -17.46
CA GLY D 292 -32.61 47.83 -16.95
C GLY D 292 -32.69 47.85 -15.43
N VAL D 293 -32.01 46.91 -14.77
CA VAL D 293 -31.99 46.84 -13.28
C VAL D 293 -31.27 48.07 -12.73
N ARG D 294 -30.15 48.44 -13.36
CA ARG D 294 -29.26 49.50 -12.81
C ARG D 294 -29.95 50.85 -12.97
N GLU D 295 -30.90 51.01 -13.90
CA GLU D 295 -31.76 52.23 -13.99
C GLU D 295 -32.21 52.62 -12.56
N ASN D 296 -32.41 51.65 -11.65
CA ASN D 296 -33.05 51.96 -10.33
C ASN D 296 -32.34 51.31 -9.14
N TYR D 297 -31.53 50.26 -9.33
CA TYR D 297 -30.90 49.51 -8.21
C TYR D 297 -29.39 49.56 -8.43
N ALA D 298 -28.65 50.07 -7.45
CA ALA D 298 -27.20 50.29 -7.52
C ALA D 298 -26.47 49.26 -6.66
N GLY D 299 -27.18 48.50 -5.84
CA GLY D 299 -26.57 47.59 -4.86
C GLY D 299 -25.98 46.33 -5.50
N PRO D 300 -25.37 45.46 -4.68
CA PRO D 300 -24.85 44.17 -5.13
C PRO D 300 -25.89 43.34 -5.89
N LEU D 301 -25.51 42.86 -7.08
CA LEU D 301 -26.42 42.16 -8.01
C LEU D 301 -25.74 40.95 -8.65
N SER D 302 -26.42 39.82 -8.70
CA SER D 302 -26.02 38.65 -9.53
C SER D 302 -27.02 38.49 -10.67
N MET D 303 -26.53 38.32 -11.88
CA MET D 303 -27.34 37.85 -13.02
C MET D 303 -27.25 36.32 -13.07
N ALA D 304 -28.19 35.66 -12.39
CA ALA D 304 -28.12 34.22 -12.11
C ALA D 304 -27.97 33.44 -13.42
N THR D 305 -27.15 32.41 -13.38
CA THR D 305 -27.18 31.31 -14.35
C THR D 305 -27.06 30.01 -13.56
N ASP D 306 -27.23 28.90 -14.26
CA ASP D 306 -27.18 27.54 -13.66
C ASP D 306 -25.81 27.37 -12.98
N MET D 307 -25.85 26.87 -11.76
CA MET D 307 -24.68 26.43 -10.98
C MET D 307 -23.92 27.64 -10.43
N MET D 308 -24.52 28.83 -10.47
CA MET D 308 -24.05 29.99 -9.68
C MET D 308 -24.29 29.71 -8.19
N VAL D 309 -23.38 30.13 -7.33
CA VAL D 309 -23.47 29.80 -5.89
C VAL D 309 -23.19 31.06 -5.08
N TRP D 310 -23.92 31.25 -3.99
CA TRP D 310 -23.74 32.41 -3.08
C TRP D 310 -23.35 31.86 -1.72
N ASN D 311 -22.29 32.39 -1.15
CA ASN D 311 -21.96 32.09 0.27
C ASN D 311 -22.39 33.30 1.10
N ILE D 312 -23.28 33.10 2.06
CA ILE D 312 -23.73 34.14 3.02
C ILE D 312 -23.01 33.89 4.36
N THR D 313 -22.18 34.84 4.80
CA THR D 313 -21.53 34.93 6.14
C THR D 313 -21.91 36.29 6.76
N ARG D 314 -21.51 36.57 8.00
CA ARG D 314 -21.75 37.88 8.66
C ARG D 314 -21.14 39.02 7.84
N ASP D 315 -19.95 38.80 7.26
CA ASP D 315 -19.12 39.86 6.63
C ASP D 315 -19.41 40.03 5.15
N ALA D 316 -19.86 39.00 4.42
CA ALA D 316 -19.96 39.07 2.95
C ALA D 316 -21.09 38.19 2.41
N VAL D 317 -21.55 38.55 1.22
CA VAL D 317 -22.36 37.67 0.33
C VAL D 317 -21.56 37.59 -0.95
N THR D 318 -20.97 36.42 -1.18
CA THR D 318 -20.02 36.07 -2.28
C THR D 318 -20.79 35.37 -3.39
N GLU D 319 -20.51 35.74 -4.64
CA GLU D 319 -20.99 35.02 -5.84
C GLU D 319 -19.80 34.26 -6.43
N ARG D 320 -19.96 32.98 -6.72
CA ARG D 320 -19.01 32.19 -7.54
C ARG D 320 -19.80 31.26 -8.43
N MET D 321 -19.15 30.70 -9.44
CA MET D 321 -19.68 29.58 -10.25
C MET D 321 -19.24 28.27 -9.59
N ALA D 322 -20.13 27.28 -9.58
CA ALA D 322 -19.85 25.88 -9.22
C ALA D 322 -19.29 25.15 -10.45
N VAL D 323 -18.23 24.37 -10.25
CA VAL D 323 -17.58 23.51 -11.28
C VAL D 323 -17.84 22.09 -10.80
N SER D 324 -18.66 21.35 -11.53
CA SER D 324 -19.36 20.18 -10.98
C SER D 324 -19.41 19.12 -12.08
N PRO D 325 -19.48 17.82 -11.72
CA PRO D 325 -19.38 16.75 -12.71
C PRO D 325 -20.61 16.63 -13.61
N ASP D 326 -20.40 16.71 -14.93
CA ASP D 326 -21.40 16.31 -15.95
C ASP D 326 -21.72 14.82 -15.84
N HIS D 327 -20.71 13.97 -15.54
CA HIS D 327 -20.87 12.50 -15.41
C HIS D 327 -21.15 12.22 -13.94
N ALA D 328 -22.31 12.65 -13.45
CA ALA D 328 -22.67 12.59 -12.02
C ALA D 328 -23.09 11.17 -11.66
N TRP D 329 -22.83 10.81 -10.40
CA TRP D 329 -23.28 9.57 -9.73
C TRP D 329 -23.91 10.00 -8.41
N ASP D 330 -24.91 9.25 -7.95
CA ASP D 330 -25.46 9.37 -6.57
C ASP D 330 -24.31 9.12 -5.59
N VAL D 331 -24.29 9.85 -4.48
CA VAL D 331 -23.27 9.66 -3.40
C VAL D 331 -23.98 9.09 -2.18
N ALA D 332 -23.43 8.02 -1.58
CA ALA D 332 -24.01 7.34 -0.40
C ALA D 332 -23.86 8.26 0.82
N GLY D 333 -24.88 8.27 1.68
CA GLY D 333 -24.84 8.94 3.00
C GLY D 333 -24.59 7.95 4.15
N PRO D 334 -24.51 8.43 5.41
CA PRO D 334 -24.32 7.56 6.57
C PRO D 334 -25.05 6.20 6.50
N PRO D 340 -36.68 -4.24 2.95
CA PRO D 340 -37.54 -4.52 1.77
C PRO D 340 -38.70 -5.45 2.18
N ASP D 341 -39.93 -4.92 2.22
CA ASP D 341 -41.16 -5.66 2.60
C ASP D 341 -41.41 -6.77 1.57
N ARG D 342 -41.02 -8.01 1.91
CA ARG D 342 -41.12 -9.21 1.04
C ARG D 342 -42.52 -9.84 1.15
N ASN D 343 -43.43 -9.24 1.92
CA ASN D 343 -44.88 -9.59 1.96
C ASN D 343 -45.67 -8.76 0.93
N ARG D 344 -45.01 -8.31 -0.16
CA ARG D 344 -45.64 -7.56 -1.29
C ARG D 344 -45.88 -8.52 -2.45
N ALA D 345 -47.08 -8.47 -3.05
CA ALA D 345 -47.43 -9.29 -4.23
C ALA D 345 -46.52 -8.88 -5.41
N SER D 346 -45.93 -9.86 -6.09
CA SER D 346 -45.22 -9.68 -7.37
C SER D 346 -46.15 -8.99 -8.35
N GLU D 347 -45.62 -8.13 -9.22
CA GLU D 347 -46.37 -7.42 -10.29
C GLU D 347 -46.08 -8.08 -11.64
N TYR D 348 -45.42 -9.24 -11.60
CA TYR D 348 -45.25 -10.14 -12.74
C TYR D 348 -46.39 -11.17 -12.74
N THR D 349 -46.85 -11.54 -13.93
CA THR D 349 -47.66 -12.75 -14.20
C THR D 349 -46.74 -13.82 -14.82
N GLN D 350 -47.14 -15.09 -14.71
CA GLN D 350 -46.36 -16.25 -15.23
C GLN D 350 -46.16 -16.10 -16.74
N TYR D 351 -47.13 -15.52 -17.43
CA TYR D 351 -47.09 -15.28 -18.88
C TYR D 351 -45.81 -14.52 -19.29
N ILE D 352 -45.44 -13.50 -18.52
CA ILE D 352 -44.26 -12.63 -18.86
C ILE D 352 -43.00 -13.36 -18.38
N LEU D 353 -43.03 -13.90 -17.17
CA LEU D 353 -41.89 -14.67 -16.63
C LEU D 353 -41.55 -15.85 -17.57
N ASP D 354 -42.52 -16.42 -18.30
CA ASP D 354 -42.26 -17.60 -19.18
C ASP D 354 -41.55 -17.16 -20.46
N GLY D 355 -41.23 -15.88 -20.61
CA GLY D 355 -40.61 -15.34 -21.84
C GLY D 355 -39.08 -15.31 -21.80
N ARG D 356 -38.46 -15.67 -20.69
CA ARG D 356 -37.00 -15.48 -20.49
C ARG D 356 -36.20 -16.27 -21.51
N LEU D 357 -35.15 -15.66 -22.08
CA LEU D 357 -34.18 -16.29 -23.00
C LEU D 357 -33.08 -16.99 -22.19
N ASN D 358 -32.74 -18.24 -22.51
CA ASN D 358 -31.51 -18.88 -21.96
C ASN D 358 -30.28 -18.19 -22.57
N VAL D 359 -29.41 -17.67 -21.69
CA VAL D 359 -28.19 -16.88 -22.06
C VAL D 359 -27.00 -17.44 -21.28
N ASP D 360 -27.12 -18.66 -20.78
CA ASP D 360 -26.12 -19.33 -19.91
C ASP D 360 -24.76 -19.42 -20.63
N GLU D 361 -24.76 -19.86 -21.89
CA GLU D 361 -23.55 -20.05 -22.74
C GLU D 361 -22.87 -18.68 -22.85
N ALA D 362 -23.59 -17.70 -23.40
CA ALA D 362 -23.12 -16.32 -23.68
C ALA D 362 -22.44 -15.70 -22.46
N ASN D 363 -22.91 -16.00 -21.25
CA ASN D 363 -22.49 -15.35 -19.98
C ASN D 363 -21.53 -16.22 -19.15
N ALA D 364 -21.33 -17.50 -19.50
CA ALA D 364 -20.48 -18.45 -18.72
C ALA D 364 -19.06 -17.86 -18.52
N HIS D 365 -18.42 -17.36 -19.59
CA HIS D 365 -17.01 -16.88 -19.57
C HIS D 365 -16.84 -15.85 -18.44
N TRP D 366 -17.56 -14.73 -18.49
CA TRP D 366 -17.47 -13.63 -17.48
C TRP D 366 -17.94 -14.10 -16.10
N LYS D 367 -18.89 -15.04 -16.07
CA LYS D 367 -19.61 -15.53 -14.86
C LYS D 367 -18.66 -16.36 -13.99
N GLN D 368 -17.89 -17.26 -14.62
CA GLN D 368 -16.77 -18.02 -13.96
C GLN D 368 -15.77 -17.01 -13.39
N GLU D 369 -15.19 -16.16 -14.26
CA GLU D 369 -14.14 -15.15 -13.91
C GLU D 369 -14.61 -14.32 -12.71
N PHE D 370 -15.82 -13.74 -12.76
CA PHE D 370 -16.35 -12.80 -11.73
C PHE D 370 -16.46 -13.49 -10.36
N MET D 371 -16.71 -14.79 -10.34
CA MET D 371 -16.88 -15.54 -9.07
C MET D 371 -15.50 -15.94 -8.52
N GLY D 372 -14.41 -15.41 -9.11
CA GLY D 372 -13.09 -15.23 -8.46
C GLY D 372 -12.80 -13.76 -8.18
N SER E 7 -16.55 25.43 -53.10
CA SER E 7 -16.10 24.91 -51.76
C SER E 7 -15.48 26.05 -50.91
N SER E 8 -15.09 27.16 -51.53
CA SER E 8 -14.56 28.37 -50.85
C SER E 8 -15.72 29.13 -50.19
N THR E 9 -16.75 29.49 -50.97
CA THR E 9 -17.95 30.26 -50.56
C THR E 9 -19.08 29.32 -50.10
N GLY E 10 -19.01 28.04 -50.50
CA GLY E 10 -20.12 27.05 -50.48
C GLY E 10 -20.15 26.23 -49.18
N ILE E 11 -21.10 25.30 -49.08
CA ILE E 11 -21.41 24.45 -47.90
C ILE E 11 -20.48 23.22 -47.95
N ALA E 12 -19.84 22.89 -46.83
CA ALA E 12 -19.11 21.62 -46.60
C ALA E 12 -20.10 20.45 -46.66
N PRO E 13 -19.95 19.50 -47.61
CA PRO E 13 -20.91 18.40 -47.76
C PRO E 13 -20.56 17.21 -46.86
N LYS E 14 -21.53 16.31 -46.63
CA LYS E 14 -21.34 15.00 -45.94
C LYS E 14 -20.66 15.23 -44.59
N ARG E 15 -21.09 16.25 -43.83
CA ARG E 15 -20.35 16.75 -42.64
C ARG E 15 -20.15 15.63 -41.62
N TYR E 16 -19.01 15.63 -40.94
CA TYR E 16 -18.58 14.54 -40.01
C TYR E 16 -19.34 14.66 -38.69
N VAL E 17 -19.93 15.81 -38.40
CA VAL E 17 -20.93 15.97 -37.28
C VAL E 17 -22.27 16.39 -37.88
N TYR E 18 -23.36 16.08 -37.18
CA TYR E 18 -24.74 16.44 -37.57
C TYR E 18 -25.11 17.74 -36.87
N TYR E 19 -25.33 18.79 -37.65
CA TYR E 19 -25.85 20.08 -37.12
C TYR E 19 -27.38 20.08 -37.24
N PRO E 20 -28.15 19.89 -36.15
CA PRO E 20 -29.60 19.80 -36.26
C PRO E 20 -30.26 20.99 -36.98
N GLY E 21 -31.05 20.69 -38.02
CA GLY E 21 -31.80 21.68 -38.83
C GLY E 21 -31.00 22.12 -40.04
N SER E 22 -29.86 21.52 -40.34
CA SER E 22 -28.93 21.99 -41.40
C SER E 22 -28.93 21.01 -42.58
N GLU E 23 -29.54 19.84 -42.42
CA GLU E 23 -29.48 18.71 -43.40
C GLU E 23 -30.89 18.33 -43.85
N GLU E 24 -31.13 18.39 -45.15
CA GLU E 24 -32.40 17.94 -45.76
C GLU E 24 -32.48 16.43 -45.57
N LEU E 25 -33.64 15.93 -45.18
CA LEU E 25 -33.88 14.46 -45.09
C LEU E 25 -34.42 13.99 -46.45
N GLY E 26 -33.79 12.96 -47.02
CA GLY E 26 -34.16 12.39 -48.33
C GLY E 26 -35.39 11.51 -48.20
N PRO E 27 -36.10 11.24 -49.31
CA PRO E 27 -37.40 10.58 -49.24
C PRO E 27 -37.25 9.11 -48.81
N ASP E 28 -36.07 8.52 -49.01
CA ASP E 28 -35.76 7.09 -48.71
C ASP E 28 -34.79 6.99 -47.53
N GLU E 29 -34.97 7.88 -46.54
CA GLU E 29 -34.01 8.04 -45.42
C GLU E 29 -34.72 8.10 -44.07
N ILE E 30 -34.08 7.57 -43.05
CA ILE E 30 -34.50 7.75 -41.63
C ILE E 30 -33.35 8.38 -40.86
N ARG E 31 -33.66 9.32 -39.96
CA ARG E 31 -32.74 9.87 -38.93
C ARG E 31 -33.26 9.47 -37.55
N VAL E 32 -32.39 8.89 -36.71
CA VAL E 32 -32.69 8.57 -35.29
C VAL E 32 -31.67 9.32 -34.45
N ILE E 33 -32.12 10.03 -33.42
CA ILE E 33 -31.26 10.81 -32.50
C ILE E 33 -31.55 10.27 -31.09
N ALA E 34 -30.51 9.84 -30.38
CA ALA E 34 -30.59 9.55 -28.93
C ALA E 34 -30.66 10.89 -28.22
N CYS E 35 -31.80 11.20 -27.60
CA CYS E 35 -31.97 12.40 -26.75
C CYS E 35 -31.89 12.03 -25.26
N GLY E 36 -31.68 10.76 -24.96
CA GLY E 36 -31.37 10.28 -23.60
C GLY E 36 -30.97 8.83 -23.63
N THR E 37 -29.88 8.49 -22.94
CA THR E 37 -29.22 7.16 -23.04
C THR E 37 -28.97 6.62 -21.63
N GLY E 38 -29.41 7.33 -20.59
CA GLY E 38 -28.89 7.15 -19.23
C GLY E 38 -29.79 6.28 -18.38
N MET E 39 -29.97 6.65 -17.11
CA MET E 39 -30.42 5.78 -15.97
C MET E 39 -31.43 6.51 -15.08
N PRO E 40 -32.01 5.83 -14.06
CA PRO E 40 -32.92 6.48 -13.11
C PRO E 40 -32.33 7.67 -12.33
N THR E 41 -31.00 7.81 -12.35
CA THR E 41 -30.25 8.89 -11.68
C THR E 41 -29.81 9.92 -12.72
N ALA E 42 -29.91 11.21 -12.39
CA ALA E 42 -29.74 12.31 -13.37
C ALA E 42 -28.26 12.68 -13.54
N ARG E 43 -27.91 13.21 -14.71
CA ARG E 43 -26.57 13.79 -14.97
C ARG E 43 -26.58 14.53 -16.29
N ARG E 44 -25.82 15.62 -16.38
CA ARG E 44 -25.84 16.53 -17.56
C ARG E 44 -25.36 15.74 -18.77
N ALA E 45 -24.45 14.78 -18.61
CA ALA E 45 -23.87 14.05 -19.75
C ALA E 45 -24.93 13.13 -20.37
N GLN E 46 -25.94 12.69 -19.60
CA GLN E 46 -26.90 11.68 -20.06
C GLN E 46 -28.28 11.89 -19.45
N ALA E 47 -29.20 12.39 -20.29
CA ALA E 47 -30.64 12.42 -19.97
C ALA E 47 -31.12 10.96 -19.92
N ALA E 48 -32.30 10.73 -19.34
CA ALA E 48 -32.97 9.43 -19.30
C ALA E 48 -33.55 9.17 -20.70
N ALA E 49 -33.91 7.90 -20.96
CA ALA E 49 -34.21 7.36 -22.31
C ALA E 49 -35.17 8.27 -23.08
N ALA E 50 -34.77 8.64 -24.28
CA ALA E 50 -35.56 9.42 -25.24
C ALA E 50 -34.95 9.25 -26.63
N TRP E 51 -35.78 8.99 -27.63
CA TRP E 51 -35.35 8.82 -29.04
C TRP E 51 -36.26 9.65 -29.93
N VAL E 52 -35.66 10.39 -30.86
CA VAL E 52 -36.43 11.12 -31.90
C VAL E 52 -36.17 10.42 -33.22
N VAL E 53 -37.24 10.05 -33.93
CA VAL E 53 -37.17 9.40 -35.27
C VAL E 53 -37.80 10.34 -36.29
N GLU E 54 -37.05 10.64 -37.34
CA GLU E 54 -37.52 11.47 -38.46
C GLU E 54 -37.49 10.59 -39.72
N LEU E 55 -38.65 10.38 -40.33
CA LEU E 55 -38.81 9.57 -41.58
C LEU E 55 -38.80 10.52 -42.77
N GLY E 56 -38.29 10.06 -43.90
CA GLY E 56 -38.19 10.87 -45.14
C GLY E 56 -39.56 11.31 -45.64
N ASN E 57 -40.62 10.61 -45.21
CA ASN E 57 -42.01 10.95 -45.62
C ASN E 57 -42.47 12.20 -44.84
N GLY E 58 -41.76 12.60 -43.78
CA GLY E 58 -42.04 13.82 -43.00
C GLY E 58 -42.63 13.53 -41.63
N ASP E 59 -42.96 12.27 -41.34
CA ASP E 59 -43.47 11.86 -40.02
C ASP E 59 -42.30 11.88 -39.03
N LYS E 60 -42.59 12.30 -37.80
CA LYS E 60 -41.60 12.30 -36.69
C LYS E 60 -42.28 11.71 -35.47
N PHE E 61 -41.55 10.81 -34.81
CA PHE E 61 -42.01 10.13 -33.58
C PHE E 61 -40.97 10.33 -32.49
N ILE E 62 -41.46 10.39 -31.27
CA ILE E 62 -40.65 10.27 -30.04
C ILE E 62 -40.95 8.90 -29.47
N VAL E 63 -39.92 8.13 -29.24
CA VAL E 63 -40.00 6.88 -28.44
C VAL E 63 -39.30 7.14 -27.11
N ASP E 64 -40.08 7.20 -26.03
CA ASP E 64 -39.58 7.46 -24.65
C ASP E 64 -39.19 8.95 -24.59
N ILE E 65 -39.47 9.55 -23.45
CA ILE E 65 -39.21 10.98 -23.14
C ILE E 65 -38.95 11.06 -21.63
N GLY E 66 -37.88 10.39 -21.22
CA GLY E 66 -37.38 10.33 -19.83
C GLY E 66 -36.97 11.71 -19.33
N SER E 67 -36.99 11.84 -18.01
CA SER E 67 -36.57 13.03 -17.24
C SER E 67 -35.28 13.56 -17.83
N GLY E 68 -35.28 14.85 -18.19
CA GLY E 68 -34.06 15.56 -18.62
C GLY E 68 -33.89 15.57 -20.13
N SER E 69 -34.67 14.81 -20.90
CA SER E 69 -34.43 14.62 -22.35
C SER E 69 -34.94 15.81 -23.17
N MET E 70 -35.84 16.61 -22.61
CA MET E 70 -36.50 17.70 -23.37
C MET E 70 -35.44 18.71 -23.83
N ALA E 71 -34.38 18.93 -23.05
CA ALA E 71 -33.31 19.88 -23.41
C ALA E 71 -32.61 19.38 -24.67
N ASN E 72 -32.35 18.10 -24.79
CA ASN E 72 -31.79 17.52 -26.04
C ASN E 72 -32.80 17.66 -27.18
N ILE E 73 -34.07 17.32 -26.93
CA ILE E 73 -35.11 17.36 -28.00
C ILE E 73 -35.22 18.81 -28.53
N GLN E 74 -35.23 19.79 -27.62
CA GLN E 74 -35.42 21.21 -27.97
C GLN E 74 -34.21 21.73 -28.75
N SER E 75 -33.02 21.14 -28.58
CA SER E 75 -31.78 21.53 -29.31
C SER E 75 -31.87 21.15 -30.80
N LEU E 76 -32.85 20.34 -31.21
CA LEU E 76 -32.90 19.76 -32.59
C LEU E 76 -33.48 20.78 -33.59
N MET E 77 -33.92 21.96 -33.11
CA MET E 77 -34.55 23.03 -33.95
C MET E 77 -35.74 22.47 -34.73
N ILE E 78 -36.59 21.66 -34.08
CA ILE E 78 -37.80 21.06 -34.71
C ILE E 78 -39.02 21.73 -34.09
N PRO E 79 -39.92 22.32 -34.89
CA PRO E 79 -41.10 22.99 -34.34
C PRO E 79 -41.99 22.02 -33.57
N ALA E 80 -42.54 22.45 -32.43
CA ALA E 80 -43.39 21.66 -31.51
C ALA E 80 -44.49 20.91 -32.26
N ASN E 81 -45.00 21.46 -33.36
CA ASN E 81 -46.15 20.84 -34.08
C ASN E 81 -45.72 19.59 -34.84
N TYR E 82 -44.42 19.36 -35.02
CA TYR E 82 -43.94 18.16 -35.73
C TYR E 82 -43.73 16.99 -34.75
N LEU E 83 -43.80 17.26 -33.44
CA LEU E 83 -43.41 16.30 -32.37
C LEU E 83 -44.60 16.07 -31.44
N THR E 84 -45.71 15.59 -32.00
CA THR E 84 -46.99 15.41 -31.29
C THR E 84 -47.31 13.93 -31.08
N LYS E 85 -46.49 13.00 -31.58
CA LYS E 85 -46.78 11.54 -31.42
C LYS E 85 -45.67 10.88 -30.59
N ILE E 86 -46.03 10.34 -29.43
CA ILE E 86 -45.08 9.78 -28.43
C ILE E 86 -45.45 8.33 -28.12
N PHE E 87 -44.48 7.45 -28.22
CA PHE E 87 -44.55 6.03 -27.85
C PHE E 87 -43.74 5.83 -26.56
N LEU E 88 -44.34 5.23 -25.53
CA LEU E 88 -43.66 4.87 -24.28
C LEU E 88 -43.47 3.35 -24.21
N THR E 89 -42.24 2.93 -23.89
CA THR E 89 -41.86 1.52 -23.72
C THR E 89 -42.24 1.12 -22.30
N ALA E 90 -42.33 2.06 -21.37
CA ALA E 90 -42.48 1.75 -19.94
C ALA E 90 -42.84 3.02 -19.17
N LEU E 91 -43.40 2.87 -17.97
CA LEU E 91 -44.00 3.97 -17.17
C LEU E 91 -43.05 4.37 -16.03
N HIS E 92 -41.78 3.99 -16.12
CA HIS E 92 -40.68 4.57 -15.31
C HIS E 92 -40.59 6.07 -15.58
N THR E 93 -40.25 6.84 -14.55
CA THR E 93 -39.97 8.30 -14.66
C THR E 93 -38.83 8.51 -15.65
N ASP E 94 -37.86 7.61 -15.75
CA ASP E 94 -36.73 7.77 -16.70
C ASP E 94 -37.12 7.31 -18.10
N HIS E 95 -38.40 7.01 -18.36
CA HIS E 95 -38.89 6.73 -19.74
C HIS E 95 -40.01 7.69 -20.15
N TRP E 96 -40.72 8.36 -19.22
CA TRP E 96 -41.76 9.34 -19.62
C TRP E 96 -41.85 10.57 -18.71
N GLY E 97 -40.93 10.79 -17.79
CA GLY E 97 -40.92 11.93 -16.85
C GLY E 97 -41.03 13.28 -17.55
N ASP E 98 -40.47 13.43 -18.76
CA ASP E 98 -40.45 14.74 -19.44
C ASP E 98 -41.65 14.92 -20.35
N LEU E 99 -42.60 13.97 -20.37
CA LEU E 99 -43.86 14.12 -21.16
C LEU E 99 -44.53 15.41 -20.72
N VAL E 100 -44.44 15.73 -19.43
CA VAL E 100 -45.12 16.95 -18.87
C VAL E 100 -44.44 18.22 -19.40
N SER E 101 -43.14 18.19 -19.61
CA SER E 101 -42.35 19.31 -20.19
C SER E 101 -42.67 19.47 -21.69
N MET E 102 -42.78 18.38 -22.43
CA MET E 102 -43.26 18.41 -23.85
C MET E 102 -44.67 19.01 -23.90
N TRP E 103 -45.55 18.55 -23.02
CA TRP E 103 -46.97 18.99 -22.90
C TRP E 103 -47.04 20.50 -22.62
N ALA E 104 -46.48 20.95 -21.50
CA ALA E 104 -46.55 22.35 -21.00
C ALA E 104 -45.72 23.28 -21.88
N GLY E 105 -44.44 22.94 -22.13
CA GLY E 105 -43.51 23.79 -22.90
C GLY E 105 -43.95 23.93 -24.35
N GLY E 106 -44.35 22.82 -24.98
CA GLY E 106 -44.84 22.84 -26.38
C GLY E 106 -46.05 23.75 -26.55
N TRP E 107 -46.94 23.78 -25.57
CA TRP E 107 -48.23 24.53 -25.59
C TRP E 107 -47.95 26.03 -25.46
N THR E 108 -47.08 26.44 -24.54
CA THR E 108 -46.65 27.85 -24.36
C THR E 108 -45.84 28.29 -25.59
N ALA E 109 -45.28 27.33 -26.34
CA ALA E 109 -44.34 27.53 -27.48
C ALA E 109 -45.00 27.11 -28.81
N GLY E 110 -46.34 27.18 -28.87
CA GLY E 110 -47.09 27.30 -30.13
C GLY E 110 -47.54 25.98 -30.70
N ARG E 111 -47.31 24.85 -30.04
CA ARG E 111 -48.03 23.62 -30.43
C ARG E 111 -49.53 23.98 -30.48
N THR E 112 -50.20 23.62 -31.58
CA THR E 112 -51.64 23.88 -31.81
C THR E 112 -52.42 22.57 -31.71
N ASP E 113 -51.74 21.44 -31.91
CA ASP E 113 -52.38 20.10 -31.90
C ASP E 113 -52.14 19.42 -30.55
N PRO E 114 -53.07 18.55 -30.12
CA PRO E 114 -52.89 17.80 -28.87
C PRO E 114 -51.72 16.81 -29.03
N LEU E 115 -51.15 16.40 -27.88
CA LEU E 115 -50.21 15.25 -27.88
C LEU E 115 -51.01 13.98 -28.10
N GLU E 116 -50.44 13.07 -28.86
CA GLU E 116 -50.90 11.68 -29.06
C GLU E 116 -49.88 10.79 -28.37
N VAL E 117 -50.32 9.96 -27.42
CA VAL E 117 -49.44 9.08 -26.65
C VAL E 117 -49.89 7.62 -26.82
N TRP E 118 -49.00 6.77 -27.30
CA TRP E 118 -49.19 5.30 -27.37
C TRP E 118 -48.38 4.70 -26.23
N GLY E 119 -48.98 3.95 -25.33
CA GLY E 119 -48.21 3.22 -24.33
C GLY E 119 -48.94 1.98 -23.86
N PRO E 120 -48.24 1.07 -23.17
CA PRO E 120 -48.82 -0.22 -22.82
C PRO E 120 -49.86 -0.05 -21.72
N SER E 121 -50.70 -1.07 -21.58
CA SER E 121 -51.56 -1.30 -20.40
C SER E 121 -50.68 -1.95 -19.34
N GLY E 122 -51.22 -2.17 -18.16
CA GLY E 122 -50.60 -3.07 -17.18
C GLY E 122 -51.58 -4.19 -16.88
N SER E 123 -51.28 -4.96 -15.85
CA SER E 123 -52.07 -6.14 -15.44
C SER E 123 -53.41 -5.70 -14.87
N ARG E 124 -53.58 -4.39 -14.66
CA ARG E 124 -54.84 -3.78 -14.16
C ARG E 124 -54.85 -2.31 -14.56
N GLU E 125 -55.97 -1.64 -14.37
CA GLU E 125 -56.22 -0.28 -14.90
C GLU E 125 -55.15 0.72 -14.41
N ASP E 126 -54.86 0.71 -13.09
CA ASP E 126 -53.98 1.69 -12.41
C ASP E 126 -52.50 1.39 -12.68
N MET E 127 -52.20 0.34 -13.45
CA MET E 127 -50.81 0.01 -13.83
C MET E 127 -50.57 0.33 -15.31
N GLY E 128 -51.54 0.92 -16.01
CA GLY E 128 -51.45 1.18 -17.46
C GLY E 128 -51.24 2.65 -17.82
N THR E 129 -51.01 2.92 -19.11
CA THR E 129 -50.67 4.25 -19.66
C THR E 129 -51.87 5.21 -19.59
N LYS E 130 -53.09 4.74 -19.88
CA LYS E 130 -54.30 5.59 -19.84
C LYS E 130 -54.42 6.22 -18.45
N TYR E 131 -54.41 5.40 -17.42
CA TYR E 131 -54.53 5.88 -16.02
C TYR E 131 -53.40 6.88 -15.74
N ALA E 132 -52.16 6.54 -16.13
CA ALA E 132 -50.94 7.33 -15.83
C ALA E 132 -51.08 8.75 -16.39
N VAL E 133 -51.39 8.86 -17.67
CA VAL E 133 -51.52 10.17 -18.37
C VAL E 133 -52.70 10.95 -17.80
N GLU E 134 -53.83 10.28 -17.58
CA GLU E 134 -55.03 10.87 -16.94
C GLU E 134 -54.61 11.57 -15.64
N HIS E 135 -53.85 10.90 -14.79
CA HIS E 135 -53.52 11.43 -13.43
C HIS E 135 -52.38 12.46 -13.50
N MET E 136 -51.51 12.38 -14.50
CA MET E 136 -50.47 13.40 -14.75
C MET E 136 -51.17 14.73 -15.06
N LEU E 137 -52.20 14.68 -15.90
CA LEU E 137 -53.01 15.88 -16.24
C LEU E 137 -53.67 16.46 -14.99
N LYS E 138 -54.17 15.64 -14.07
CA LYS E 138 -54.78 16.16 -12.81
C LYS E 138 -53.68 16.74 -11.91
N ALA E 139 -52.50 16.11 -11.92
CA ALA E 139 -51.32 16.55 -11.14
C ALA E 139 -51.01 18.00 -11.53
N TYR E 140 -51.14 18.32 -12.81
CA TYR E 140 -50.84 19.67 -13.33
C TYR E 140 -52.14 20.42 -13.64
N ASN E 141 -53.21 20.16 -12.92
CA ASN E 141 -54.50 20.87 -13.08
C ASN E 141 -54.32 22.39 -12.91
N TRP E 142 -53.56 22.84 -11.92
CA TRP E 142 -53.32 24.29 -11.68
C TRP E 142 -52.71 24.91 -12.94
N ASP E 143 -51.67 24.28 -13.49
CA ASP E 143 -50.94 24.77 -14.68
C ASP E 143 -51.94 24.78 -15.84
N TYR E 144 -52.69 23.68 -16.03
CA TYR E 144 -53.69 23.51 -17.13
C TYR E 144 -54.76 24.62 -17.08
N MET E 145 -55.42 24.80 -15.93
CA MET E 145 -56.57 25.75 -15.79
C MET E 145 -56.09 27.20 -15.95
N THR E 146 -54.95 27.59 -15.36
CA THR E 146 -54.39 28.96 -15.45
C THR E 146 -53.94 29.21 -16.89
N ARG E 147 -53.26 28.27 -17.52
CA ARG E 147 -52.80 28.44 -18.92
C ARG E 147 -54.03 28.54 -19.85
N ALA E 148 -55.09 27.79 -19.57
CA ALA E 148 -56.25 27.63 -20.48
C ALA E 148 -57.04 28.94 -20.54
N VAL E 149 -56.97 29.76 -19.49
CA VAL E 149 -57.56 31.13 -19.46
C VAL E 149 -56.98 31.94 -20.63
N THR E 150 -55.65 31.93 -20.84
CA THR E 150 -54.95 32.88 -21.76
C THR E 150 -54.55 32.21 -23.09
N ILE E 151 -54.67 30.88 -23.22
CA ILE E 151 -54.25 30.10 -24.41
C ILE E 151 -55.34 29.07 -24.66
N ASN E 152 -55.89 29.00 -25.89
CA ASN E 152 -56.90 27.97 -26.30
C ASN E 152 -56.41 26.60 -25.87
N PRO E 153 -57.20 25.82 -25.09
CA PRO E 153 -56.73 24.56 -24.51
C PRO E 153 -56.59 23.32 -25.39
N ARG E 154 -56.93 23.41 -26.68
CA ARG E 154 -56.88 22.26 -27.62
C ARG E 154 -55.52 21.58 -27.56
N PRO E 155 -54.39 22.33 -27.64
CA PRO E 155 -53.05 21.74 -27.52
C PRO E 155 -52.74 21.06 -26.16
N GLY E 156 -53.49 21.44 -25.12
CA GLY E 156 -53.37 20.89 -23.74
C GLY E 156 -54.02 19.53 -23.57
N ASP E 157 -54.70 19.00 -24.58
CA ASP E 157 -55.30 17.65 -24.54
C ASP E 157 -54.21 16.62 -24.88
N ILE E 158 -54.29 15.46 -24.27
CA ILE E 158 -53.43 14.29 -24.57
C ILE E 158 -54.35 13.10 -24.84
N ASN E 159 -54.42 12.68 -26.10
CA ASN E 159 -55.18 11.49 -26.50
C ASN E 159 -54.30 10.26 -26.29
N VAL E 160 -54.72 9.33 -25.43
CA VAL E 160 -53.92 8.13 -25.10
C VAL E 160 -54.47 6.92 -25.89
N HIS E 161 -53.60 6.23 -26.62
CA HIS E 161 -53.87 4.95 -27.30
C HIS E 161 -53.18 3.82 -26.52
N GLU E 162 -53.87 3.23 -25.56
CA GLU E 162 -53.32 2.16 -24.71
C GLU E 162 -53.50 0.86 -25.50
N PHE E 163 -52.51 -0.02 -25.45
CA PHE E 163 -52.52 -1.33 -26.15
C PHE E 163 -52.09 -2.40 -25.16
N ASP E 164 -52.57 -3.62 -25.37
CA ASP E 164 -52.37 -4.81 -24.49
C ASP E 164 -50.87 -5.13 -24.51
N TYR E 165 -50.22 -5.06 -23.35
CA TYR E 165 -48.75 -5.22 -23.22
C TYR E 165 -48.40 -6.65 -23.66
N ARG E 166 -49.34 -7.58 -23.45
CA ARG E 166 -49.17 -9.04 -23.64
C ARG E 166 -49.08 -9.43 -25.12
N ALA E 167 -49.55 -8.59 -26.04
CA ALA E 167 -49.75 -8.96 -27.45
C ALA E 167 -48.39 -9.12 -28.15
N LEU E 168 -48.24 -10.22 -28.88
CA LEU E 168 -46.97 -10.69 -29.48
C LEU E 168 -46.86 -10.14 -30.90
N ASN E 169 -46.10 -9.05 -31.09
CA ASN E 169 -45.79 -8.41 -32.40
C ASN E 169 -47.07 -7.93 -33.11
N GLU E 170 -48.10 -7.51 -32.36
CA GLU E 170 -49.36 -6.99 -32.95
C GLU E 170 -49.16 -5.53 -33.29
N VAL E 171 -49.88 -5.03 -34.29
CA VAL E 171 -49.87 -3.62 -34.77
C VAL E 171 -50.56 -2.76 -33.73
N VAL E 172 -49.86 -1.73 -33.22
CA VAL E 172 -50.42 -0.72 -32.28
C VAL E 172 -50.60 0.60 -33.02
N TYR E 173 -50.07 0.75 -34.23
CA TYR E 173 -50.18 2.01 -34.99
C TYR E 173 -49.97 1.71 -36.47
N GLN E 174 -50.81 2.28 -37.33
CA GLN E 174 -50.78 2.06 -38.81
C GLN E 174 -51.31 3.34 -39.46
N GLU E 175 -50.42 4.16 -40.02
CA GLU E 175 -50.75 5.54 -40.48
C GLU E 175 -49.73 5.98 -41.52
N ASN E 176 -50.16 6.33 -42.72
CA ASN E 176 -49.32 7.08 -43.70
C ASN E 176 -48.13 6.20 -44.11
N GLY E 177 -48.39 4.89 -44.25
CA GLY E 177 -47.36 3.89 -44.62
C GLY E 177 -46.38 3.63 -43.48
N VAL E 178 -46.75 3.97 -42.24
CA VAL E 178 -45.92 3.72 -41.03
C VAL E 178 -46.65 2.72 -40.15
N THR E 179 -45.96 1.64 -39.79
CA THR E 179 -46.42 0.62 -38.83
C THR E 179 -45.54 0.66 -37.58
N PHE E 180 -46.17 0.56 -36.41
CA PHE E 180 -45.52 0.24 -35.12
C PHE E 180 -46.13 -1.06 -34.59
N ARG E 181 -45.27 -2.03 -34.30
CA ARG E 181 -45.62 -3.28 -33.60
C ARG E 181 -44.98 -3.22 -32.22
N SER E 182 -45.58 -3.90 -31.24
CA SER E 182 -45.05 -4.05 -29.88
C SER E 182 -44.99 -5.53 -29.53
N TRP E 183 -44.15 -5.87 -28.56
CA TRP E 183 -44.14 -7.18 -27.90
C TRP E 183 -43.69 -6.97 -26.47
N PRO E 184 -43.87 -7.95 -25.59
CA PRO E 184 -43.52 -7.77 -24.19
C PRO E 184 -42.01 -7.68 -23.89
N CYS E 185 -41.75 -7.09 -22.73
CA CYS E 185 -40.46 -7.09 -22.04
C CYS E 185 -40.66 -7.77 -20.71
N ILE E 186 -39.56 -8.21 -20.12
CA ILE E 186 -39.55 -8.78 -18.75
C ILE E 186 -38.74 -7.80 -17.89
N HIS E 187 -39.41 -6.97 -17.09
CA HIS E 187 -38.72 -5.88 -16.34
C HIS E 187 -39.65 -5.27 -15.27
N ALA E 188 -39.29 -5.50 -14.01
CA ALA E 188 -39.83 -4.88 -12.77
C ALA E 188 -41.24 -5.42 -12.47
N GLY E 189 -42.12 -5.39 -13.46
CA GLY E 189 -43.49 -5.93 -13.38
C GLY E 189 -44.11 -5.88 -14.75
N ASP E 190 -45.29 -6.49 -14.93
CA ASP E 190 -45.96 -6.58 -16.25
C ASP E 190 -46.21 -5.17 -16.79
N GLY E 191 -45.98 -4.96 -18.08
CA GLY E 191 -46.43 -3.73 -18.75
C GLY E 191 -45.45 -3.26 -19.80
N PRO E 192 -44.13 -3.20 -19.50
CA PRO E 192 -43.18 -2.69 -20.47
C PRO E 192 -43.11 -3.52 -21.76
N VAL E 193 -42.83 -2.86 -22.89
CA VAL E 193 -42.83 -3.44 -24.26
C VAL E 193 -41.65 -2.85 -25.05
N SER E 194 -41.33 -3.49 -26.16
CA SER E 194 -40.44 -2.94 -27.20
C SER E 194 -41.32 -2.56 -28.37
N PHE E 195 -40.83 -1.69 -29.27
CA PHE E 195 -41.50 -1.26 -30.52
C PHE E 195 -40.61 -1.65 -31.70
N ALA E 196 -41.25 -2.05 -32.80
CA ALA E 196 -40.65 -2.09 -34.15
C ALA E 196 -41.41 -1.09 -35.01
N LEU E 197 -40.70 -0.11 -35.52
CA LEU E 197 -41.24 0.88 -36.50
C LEU E 197 -40.85 0.37 -37.89
N GLU E 198 -41.84 0.14 -38.76
CA GLU E 198 -41.67 -0.35 -40.17
C GLU E 198 -42.19 0.75 -41.08
N TRP E 199 -41.37 1.20 -42.04
CA TRP E 199 -41.71 2.23 -43.04
C TRP E 199 -40.75 2.10 -44.24
N ASN E 200 -41.27 2.00 -45.46
CA ASN E 200 -40.48 2.13 -46.72
C ASN E 200 -39.35 1.09 -46.78
N GLY E 201 -39.62 -0.16 -46.38
CA GLY E 201 -38.64 -1.26 -46.43
C GLY E 201 -37.62 -1.22 -45.30
N TYR E 202 -37.77 -0.27 -44.36
CA TYR E 202 -36.93 -0.07 -43.17
C TYR E 202 -37.63 -0.60 -41.92
N LYS E 203 -36.81 -1.03 -40.97
CA LYS E 203 -37.27 -1.56 -39.66
C LYS E 203 -36.35 -0.94 -38.61
N VAL E 204 -36.92 -0.20 -37.66
CA VAL E 204 -36.14 0.35 -36.51
C VAL E 204 -36.76 -0.22 -35.24
N VAL E 205 -35.95 -0.83 -34.38
CA VAL E 205 -36.43 -1.50 -33.15
C VAL E 205 -35.94 -0.71 -31.93
N PHE E 206 -36.90 -0.30 -31.09
CA PHE E 206 -36.68 0.36 -29.78
C PHE E 206 -36.95 -0.67 -28.69
N GLY E 207 -35.90 -1.23 -28.09
CA GLY E 207 -36.00 -2.28 -27.06
C GLY E 207 -36.75 -1.82 -25.83
N GLY E 208 -36.40 -0.70 -25.24
CA GLY E 208 -36.91 -0.37 -23.90
C GLY E 208 -36.06 -1.03 -22.81
N ASP E 209 -36.70 -1.74 -21.86
CA ASP E 209 -36.04 -2.35 -20.66
C ASP E 209 -36.47 -3.82 -20.47
N THR E 210 -35.52 -4.75 -20.31
CA THR E 210 -35.83 -6.21 -20.25
C THR E 210 -34.62 -7.03 -19.82
N ALA E 211 -34.88 -8.09 -19.06
CA ALA E 211 -34.07 -9.31 -19.02
C ALA E 211 -34.15 -9.95 -20.40
N PRO E 212 -33.12 -10.69 -20.85
CA PRO E 212 -33.16 -11.26 -22.20
C PRO E 212 -34.46 -12.07 -22.36
N ASN E 213 -35.15 -11.87 -23.47
CA ASN E 213 -36.45 -12.54 -23.75
C ASN E 213 -36.44 -13.17 -25.14
N ILE E 214 -37.37 -14.09 -25.35
CA ILE E 214 -37.55 -14.90 -26.59
C ILE E 214 -38.21 -14.04 -27.66
N TRP E 215 -38.87 -12.95 -27.26
CA TRP E 215 -39.65 -12.12 -28.19
C TRP E 215 -38.71 -11.24 -29.02
N TYR E 216 -37.82 -10.48 -28.38
CA TYR E 216 -37.01 -9.47 -29.11
C TYR E 216 -36.24 -10.12 -30.26
N PRO E 217 -35.51 -11.22 -30.02
CA PRO E 217 -34.69 -11.84 -31.06
C PRO E 217 -35.48 -12.26 -32.30
N GLU E 218 -36.74 -12.68 -32.11
CA GLU E 218 -37.65 -13.12 -33.20
C GLU E 218 -38.17 -11.91 -33.98
N TYR E 219 -38.76 -10.93 -33.29
CA TYR E 219 -39.55 -9.82 -33.89
C TYR E 219 -38.63 -8.67 -34.31
N ALA E 220 -37.39 -8.62 -33.81
CA ALA E 220 -36.42 -7.57 -34.17
C ALA E 220 -35.58 -8.01 -35.38
N LYS E 221 -35.62 -9.29 -35.75
CA LYS E 221 -34.82 -9.90 -36.85
C LYS E 221 -34.70 -8.97 -38.06
N GLY E 222 -33.46 -8.78 -38.53
CA GLY E 222 -33.16 -8.05 -39.76
C GLY E 222 -33.43 -6.57 -39.66
N ALA E 223 -33.61 -6.02 -38.44
CA ALA E 223 -33.78 -4.57 -38.22
C ALA E 223 -32.65 -3.81 -38.91
N ASP E 224 -32.95 -2.71 -39.59
CA ASP E 224 -31.93 -1.74 -40.04
C ASP E 224 -31.16 -1.16 -38.85
N LEU E 225 -31.84 -0.92 -37.73
CA LEU E 225 -31.25 -0.33 -36.50
C LEU E 225 -31.98 -0.96 -35.32
N ALA E 226 -31.24 -1.69 -34.49
CA ALA E 226 -31.79 -2.45 -33.36
C ALA E 226 -31.20 -1.88 -32.07
N ILE E 227 -32.06 -1.25 -31.28
CA ILE E 227 -31.71 -0.66 -29.96
C ILE E 227 -32.14 -1.61 -28.86
N HIS E 228 -31.22 -1.93 -27.96
CA HIS E 228 -31.49 -2.80 -26.79
C HIS E 228 -30.71 -2.25 -25.60
N GLU E 229 -31.29 -2.41 -24.43
CA GLU E 229 -30.60 -2.15 -23.14
C GLU E 229 -29.33 -3.02 -23.11
N CYS E 230 -28.29 -2.46 -22.53
CA CYS E 230 -26.96 -3.08 -22.38
C CYS E 230 -26.36 -2.61 -21.05
N TRP E 231 -26.40 -3.44 -20.01
CA TRP E 231 -26.22 -2.98 -18.62
C TRP E 231 -24.74 -2.82 -18.29
N MET E 232 -24.46 -1.96 -17.33
CA MET E 232 -23.12 -1.87 -16.69
C MET E 232 -22.76 -3.24 -16.10
N THR E 233 -21.48 -3.55 -16.09
CA THR E 233 -20.91 -4.86 -15.64
C THR E 233 -21.13 -5.00 -14.12
N SER E 234 -21.23 -6.24 -13.66
CA SER E 234 -21.24 -6.63 -12.23
C SER E 234 -20.08 -5.98 -11.45
N ASP E 235 -18.88 -5.92 -12.04
CA ASP E 235 -17.68 -5.26 -11.43
C ASP E 235 -18.01 -3.78 -11.21
N GLN E 236 -18.54 -3.13 -12.24
CA GLN E 236 -18.97 -1.71 -12.22
C GLN E 236 -20.07 -1.52 -11.17
N MET E 237 -21.01 -2.48 -11.01
CA MET E 237 -22.08 -2.39 -9.97
C MET E 237 -21.46 -2.42 -8.56
N MET E 238 -20.37 -3.17 -8.36
CA MET E 238 -19.61 -3.24 -7.08
C MET E 238 -18.85 -1.91 -6.87
N THR E 239 -17.97 -1.57 -7.81
CA THR E 239 -17.17 -0.31 -7.84
C THR E 239 -18.08 0.90 -7.54
N LYS E 240 -19.07 1.14 -8.41
CA LYS E 240 -19.87 2.40 -8.46
C LYS E 240 -20.95 2.42 -7.37
N TYR E 241 -21.78 1.37 -7.27
CA TYR E 241 -23.00 1.34 -6.41
C TYR E 241 -22.74 0.61 -5.08
N ASN E 242 -21.54 0.05 -4.84
CA ASN E 242 -21.16 -0.64 -3.57
C ASN E 242 -22.08 -1.85 -3.33
N GLN E 243 -22.39 -2.64 -4.37
CA GLN E 243 -23.20 -3.89 -4.29
C GLN E 243 -22.34 -5.05 -3.82
N PRO E 244 -22.87 -5.95 -2.95
CA PRO E 244 -22.18 -7.19 -2.60
C PRO E 244 -22.13 -8.12 -3.82
N ALA E 245 -21.10 -8.96 -3.92
CA ALA E 245 -20.77 -9.80 -5.10
C ALA E 245 -22.03 -10.49 -5.65
N GLN E 246 -22.85 -11.11 -4.77
CA GLN E 246 -24.02 -11.93 -5.19
C GLN E 246 -25.08 -11.02 -5.84
N LEU E 247 -25.38 -9.86 -5.24
CA LEU E 247 -26.40 -8.90 -5.77
C LEU E 247 -25.94 -8.36 -7.12
N ALA E 248 -24.66 -8.02 -7.24
CA ALA E 248 -24.02 -7.51 -8.48
C ALA E 248 -24.07 -8.57 -9.58
N LEU E 249 -23.87 -9.84 -9.21
CA LEU E 249 -23.94 -10.98 -10.17
C LEU E 249 -25.37 -11.05 -10.70
N ARG E 250 -26.36 -11.04 -9.80
CA ARG E 250 -27.81 -11.22 -10.09
C ARG E 250 -28.30 -10.13 -11.05
N ILE E 251 -27.85 -8.89 -10.84
CA ILE E 251 -28.27 -7.72 -11.66
C ILE E 251 -28.10 -8.04 -13.15
N ASN E 252 -27.02 -8.71 -13.56
CA ASN E 252 -26.70 -8.97 -15.00
C ASN E 252 -27.24 -10.33 -15.49
N LEU E 253 -27.86 -11.14 -14.62
CA LEU E 253 -28.51 -12.42 -14.98
C LEU E 253 -30.04 -12.28 -14.86
N ASP E 254 -30.55 -11.94 -13.68
CA ASP E 254 -32.01 -11.89 -13.36
C ASP E 254 -32.67 -10.62 -13.93
N PHE E 255 -32.18 -9.44 -13.55
CA PHE E 255 -32.95 -8.18 -13.64
C PHE E 255 -32.78 -7.54 -15.04
N HIS E 256 -31.59 -7.64 -15.65
CA HIS E 256 -31.20 -6.85 -16.85
C HIS E 256 -30.50 -7.71 -17.91
N THR E 257 -30.42 -7.17 -19.12
CA THR E 257 -29.61 -7.69 -20.25
C THR E 257 -28.15 -7.26 -20.07
N SER E 258 -27.27 -8.22 -19.76
CA SER E 258 -25.80 -8.05 -19.68
C SER E 258 -25.26 -7.68 -21.07
N ALA E 259 -24.06 -7.10 -21.12
CA ALA E 259 -23.36 -6.86 -22.41
C ALA E 259 -23.21 -8.20 -23.17
N GLN E 260 -22.82 -9.25 -22.46
CA GLN E 260 -22.69 -10.60 -23.07
C GLN E 260 -24.04 -11.03 -23.68
N SER E 261 -25.16 -10.94 -22.93
CA SER E 261 -26.54 -11.27 -23.38
C SER E 261 -26.90 -10.39 -24.58
N PHE E 262 -26.63 -9.09 -24.51
CA PHE E 262 -26.90 -8.13 -25.60
C PHE E 262 -26.26 -8.65 -26.90
N GLY E 263 -25.04 -9.14 -26.79
CA GLY E 263 -24.27 -9.71 -27.91
C GLY E 263 -24.95 -10.94 -28.49
N GLN E 264 -25.35 -11.89 -27.63
CA GLN E 264 -26.12 -13.10 -28.03
C GLN E 264 -27.32 -12.64 -28.85
N ILE E 265 -28.11 -11.70 -28.27
CA ILE E 265 -29.36 -11.18 -28.87
C ILE E 265 -29.08 -10.61 -30.25
N MET E 266 -28.06 -9.75 -30.40
CA MET E 266 -27.81 -9.05 -31.70
C MET E 266 -27.21 -10.02 -32.74
N ASN E 267 -26.46 -11.03 -32.29
CA ASN E 267 -26.01 -12.14 -33.17
C ASN E 267 -27.25 -12.86 -33.72
N MET E 268 -28.25 -13.15 -32.87
CA MET E 268 -29.57 -13.74 -33.25
C MET E 268 -30.33 -12.83 -34.21
N VAL E 269 -30.26 -11.50 -34.02
CA VAL E 269 -31.10 -10.51 -34.76
C VAL E 269 -30.50 -10.21 -36.14
N GLN E 270 -29.18 -10.18 -36.23
CA GLN E 270 -28.42 -9.80 -37.46
C GLN E 270 -28.94 -8.48 -38.01
N PRO E 271 -28.97 -7.40 -37.20
CA PRO E 271 -29.35 -6.08 -37.71
C PRO E 271 -28.24 -5.55 -38.63
N ARG E 272 -28.53 -4.56 -39.49
CA ARG E 272 -27.48 -3.78 -40.19
C ARG E 272 -26.65 -3.02 -39.15
N HIS E 273 -27.26 -2.65 -38.02
CA HIS E 273 -26.58 -1.81 -36.99
C HIS E 273 -27.28 -2.01 -35.64
N ALA E 274 -26.53 -2.43 -34.64
CA ALA E 274 -27.00 -2.63 -33.25
C ALA E 274 -26.64 -1.38 -32.44
N VAL E 275 -27.52 -0.98 -31.51
CA VAL E 275 -27.27 0.14 -30.57
C VAL E 275 -27.41 -0.38 -29.13
N ALA E 276 -26.31 -0.35 -28.38
CA ALA E 276 -26.30 -0.52 -26.91
C ALA E 276 -26.55 0.84 -26.23
N TYR E 277 -27.45 0.88 -25.24
CA TYR E 277 -27.79 2.11 -24.49
C TYR E 277 -28.16 1.70 -23.06
N HIS E 278 -28.33 2.68 -22.20
CA HIS E 278 -28.95 2.54 -20.86
C HIS E 278 -27.87 2.21 -19.82
N PHE E 279 -26.62 2.50 -20.15
CA PHE E 279 -25.48 2.49 -19.20
C PHE E 279 -24.92 3.92 -19.11
N PHE E 280 -24.30 4.26 -17.99
CA PHE E 280 -23.46 5.48 -17.87
C PHE E 280 -22.22 5.29 -18.74
N ASN E 281 -22.12 6.11 -19.78
CA ASN E 281 -21.09 6.04 -20.83
C ASN E 281 -19.89 6.89 -20.39
N ASP E 282 -19.04 6.34 -19.51
CA ASP E 282 -17.90 7.04 -18.88
C ASP E 282 -16.57 6.46 -19.38
N ASP E 283 -15.53 7.29 -19.36
CA ASP E 283 -14.13 6.95 -19.75
C ASP E 283 -13.69 5.65 -19.04
N ASP E 284 -14.31 5.30 -17.90
CA ASP E 284 -13.90 4.10 -17.13
C ASP E 284 -14.96 2.98 -17.18
N THR E 285 -16.08 3.13 -17.89
CA THR E 285 -17.15 2.09 -17.91
C THR E 285 -17.31 1.46 -19.31
N ARG E 286 -17.15 2.25 -20.35
CA ARG E 286 -17.62 1.88 -21.72
C ARG E 286 -16.88 0.66 -22.27
N TYR E 287 -15.60 0.46 -21.92
CA TYR E 287 -14.69 -0.45 -22.67
C TYR E 287 -14.99 -1.90 -22.32
N ASP E 288 -15.24 -2.19 -21.04
CA ASP E 288 -15.65 -3.53 -20.55
C ASP E 288 -17.01 -3.87 -21.16
N ILE E 289 -17.91 -2.89 -21.25
CA ILE E 289 -19.27 -3.11 -21.82
C ILE E 289 -19.11 -3.43 -23.31
N TYR E 290 -18.36 -2.63 -24.05
CA TYR E 290 -18.15 -2.86 -25.51
C TYR E 290 -17.58 -4.27 -25.71
N THR E 291 -16.65 -4.68 -24.85
CA THR E 291 -15.89 -5.97 -24.93
C THR E 291 -16.85 -7.13 -24.59
N GLY E 292 -17.66 -7.01 -23.54
CA GLY E 292 -18.77 -7.94 -23.29
C GLY E 292 -19.60 -8.20 -24.55
N VAL E 293 -20.06 -7.14 -25.22
CA VAL E 293 -20.85 -7.25 -26.48
C VAL E 293 -20.07 -8.04 -27.54
N ARG E 294 -18.77 -7.78 -27.71
CA ARG E 294 -17.98 -8.34 -28.85
C ARG E 294 -17.64 -9.82 -28.59
N GLU E 295 -17.81 -10.33 -27.36
CA GLU E 295 -17.70 -11.79 -27.08
C GLU E 295 -18.60 -12.56 -28.07
N ASN E 296 -19.77 -12.02 -28.39
CA ASN E 296 -20.85 -12.78 -29.06
C ASN E 296 -21.32 -12.11 -30.36
N TYR E 297 -21.15 -10.79 -30.53
CA TYR E 297 -21.66 -10.06 -31.72
C TYR E 297 -20.51 -9.29 -32.35
N ALA E 298 -20.37 -9.38 -33.65
CA ALA E 298 -19.20 -8.86 -34.41
C ALA E 298 -19.67 -7.80 -35.41
N GLY E 299 -20.98 -7.58 -35.51
CA GLY E 299 -21.56 -6.71 -36.56
C GLY E 299 -21.44 -5.25 -36.18
N PRO E 300 -21.86 -4.33 -37.08
CA PRO E 300 -21.87 -2.92 -36.77
C PRO E 300 -22.58 -2.62 -35.43
N LEU E 301 -21.91 -1.82 -34.60
CA LEU E 301 -22.32 -1.50 -33.21
C LEU E 301 -22.03 -0.03 -32.90
N SER E 302 -22.98 0.65 -32.28
CA SER E 302 -22.83 2.00 -31.71
C SER E 302 -22.94 1.84 -30.21
N MET E 303 -22.02 2.42 -29.46
CA MET E 303 -22.19 2.56 -27.99
C MET E 303 -22.82 3.94 -27.76
N ALA E 304 -24.13 3.97 -27.51
CA ALA E 304 -24.94 5.20 -27.44
C ALA E 304 -24.44 6.11 -26.31
N THR E 305 -24.48 7.41 -26.61
CA THR E 305 -24.54 8.50 -25.61
C THR E 305 -25.48 9.58 -26.17
N ASP E 306 -25.83 10.56 -25.34
CA ASP E 306 -26.75 11.67 -25.73
C ASP E 306 -26.23 12.30 -27.03
N MET E 307 -27.16 12.61 -27.94
CA MET E 307 -27.01 13.35 -29.22
C MET E 307 -26.22 12.53 -30.26
N MET E 308 -26.05 11.23 -30.07
CA MET E 308 -25.64 10.33 -31.18
C MET E 308 -26.77 10.26 -32.21
N VAL E 309 -26.42 10.22 -33.50
CA VAL E 309 -27.44 10.23 -34.58
C VAL E 309 -27.05 9.19 -35.61
N TRP E 310 -28.06 8.49 -36.12
CA TRP E 310 -27.95 7.44 -37.15
C TRP E 310 -28.71 7.90 -38.38
N ASN E 311 -28.05 7.93 -39.54
CA ASN E 311 -28.72 8.06 -40.85
C ASN E 311 -28.81 6.67 -41.46
N ILE E 312 -30.06 6.23 -41.70
CA ILE E 312 -30.41 4.97 -42.41
C ILE E 312 -30.77 5.31 -43.85
N THR E 313 -29.98 4.79 -44.79
CA THR E 313 -30.21 4.87 -46.26
C THR E 313 -30.14 3.44 -46.80
N ARG E 314 -30.34 3.23 -48.10
CA ARG E 314 -30.26 1.88 -48.72
C ARG E 314 -28.84 1.33 -48.52
N ASP E 315 -27.83 2.17 -48.70
CA ASP E 315 -26.41 1.74 -48.83
C ASP E 315 -25.67 1.74 -47.48
N ALA E 316 -26.20 2.37 -46.43
CA ALA E 316 -25.45 2.60 -45.17
C ALA E 316 -26.36 2.89 -43.97
N VAL E 317 -25.90 2.48 -42.80
CA VAL E 317 -26.32 3.08 -41.51
C VAL E 317 -25.09 3.74 -40.90
N THR E 318 -25.09 5.07 -40.84
CA THR E 318 -23.95 5.91 -40.41
C THR E 318 -24.24 6.42 -38.99
N GLU E 319 -23.24 6.40 -38.13
CA GLU E 319 -23.24 6.96 -36.75
C GLU E 319 -22.48 8.29 -36.80
N ARG E 320 -23.09 9.37 -36.37
CA ARG E 320 -22.41 10.67 -36.12
C ARG E 320 -22.84 11.20 -34.76
N MET E 321 -22.10 12.20 -34.27
CA MET E 321 -22.55 12.99 -33.09
C MET E 321 -23.21 14.27 -33.59
N ALA E 322 -24.31 14.63 -32.94
CA ALA E 322 -24.99 15.92 -33.12
C ALA E 322 -24.20 16.98 -32.37
N VAL E 323 -23.93 18.08 -33.05
CA VAL E 323 -23.44 19.34 -32.42
C VAL E 323 -24.60 20.33 -32.47
N SER E 324 -25.19 20.59 -31.31
CA SER E 324 -26.49 21.28 -31.10
C SER E 324 -26.34 22.39 -30.08
N PRO E 325 -27.19 23.43 -30.11
CA PRO E 325 -27.09 24.53 -29.14
C PRO E 325 -27.55 24.21 -27.71
N ASP E 326 -26.65 24.45 -26.75
CA ASP E 326 -26.92 24.54 -25.30
C ASP E 326 -27.88 25.68 -24.97
N HIS E 327 -27.69 26.84 -25.63
CA HIS E 327 -28.60 28.03 -25.50
C HIS E 327 -29.76 27.85 -26.48
N ALA E 328 -30.61 26.83 -26.27
CA ALA E 328 -31.68 26.44 -27.22
C ALA E 328 -32.87 27.39 -27.08
N TRP E 329 -33.57 27.59 -28.20
CA TRP E 329 -34.83 28.36 -28.28
C TRP E 329 -35.83 27.53 -29.09
N ASP E 330 -37.09 27.56 -28.67
CA ASP E 330 -38.26 27.17 -29.49
C ASP E 330 -38.11 27.80 -30.90
N VAL E 331 -38.36 27.01 -31.94
CA VAL E 331 -38.26 27.43 -33.37
C VAL E 331 -39.69 27.32 -33.96
N ALA E 332 -40.12 28.34 -34.71
CA ALA E 332 -41.50 28.51 -35.22
C ALA E 332 -41.77 27.50 -36.35
N GLY E 333 -42.97 26.90 -36.32
CA GLY E 333 -43.57 26.14 -37.43
C GLY E 333 -44.54 27.01 -38.23
N PRO E 334 -45.14 26.49 -39.33
CA PRO E 334 -46.06 27.26 -40.15
C PRO E 334 -47.49 27.31 -39.58
N ARG E 342 -64.72 29.57 -26.80
CA ARG E 342 -65.37 29.21 -25.50
C ARG E 342 -64.77 30.11 -24.41
N ASN E 343 -65.62 30.71 -23.57
CA ASN E 343 -65.23 31.54 -22.39
C ASN E 343 -64.84 30.61 -21.24
N ARG E 344 -63.76 30.97 -20.53
CA ARG E 344 -63.32 30.24 -19.31
C ARG E 344 -63.29 31.22 -18.16
N ALA E 345 -63.49 30.71 -16.95
CA ALA E 345 -63.38 31.50 -15.70
C ALA E 345 -61.92 31.89 -15.45
N SER E 346 -61.71 33.16 -15.14
CA SER E 346 -60.45 33.65 -14.54
C SER E 346 -60.12 32.80 -13.30
N GLU E 347 -58.82 32.60 -13.04
CA GLU E 347 -58.36 31.86 -11.82
C GLU E 347 -57.79 32.86 -10.80
N TYR E 348 -57.95 34.16 -11.04
CA TYR E 348 -57.55 35.22 -10.08
C TYR E 348 -58.74 35.57 -9.21
N THR E 349 -58.49 35.81 -7.92
CA THR E 349 -59.39 36.58 -7.01
C THR E 349 -58.95 38.03 -7.03
N GLN E 350 -59.85 38.94 -6.65
CA GLN E 350 -59.53 40.40 -6.63
C GLN E 350 -58.59 40.65 -5.45
N TYR E 351 -58.56 39.77 -4.45
CA TYR E 351 -57.64 39.83 -3.27
C TYR E 351 -56.17 39.80 -3.74
N ILE E 352 -55.89 38.96 -4.73
CA ILE E 352 -54.53 38.81 -5.33
C ILE E 352 -54.26 40.00 -6.26
N LEU E 353 -55.19 40.33 -7.17
CA LEU E 353 -54.99 41.42 -8.16
C LEU E 353 -54.88 42.79 -7.47
N ASP E 354 -55.50 42.97 -6.30
CA ASP E 354 -55.36 44.19 -5.45
C ASP E 354 -53.93 44.35 -4.94
N GLY E 355 -53.07 43.33 -5.04
CA GLY E 355 -51.66 43.40 -4.61
C GLY E 355 -50.71 44.09 -5.58
N ARG E 356 -51.15 44.51 -6.77
CA ARG E 356 -50.24 45.04 -7.82
C ARG E 356 -49.50 46.27 -7.29
N LEU E 357 -48.19 46.35 -7.52
CA LEU E 357 -47.31 47.47 -7.10
C LEU E 357 -47.28 48.49 -8.23
N ASN E 358 -47.28 49.79 -7.88
CA ASN E 358 -47.15 50.86 -8.89
C ASN E 358 -45.69 50.89 -9.37
N VAL E 359 -45.46 50.65 -10.66
CA VAL E 359 -44.09 50.68 -11.29
C VAL E 359 -44.07 51.61 -12.51
N ASP E 360 -45.06 52.52 -12.64
CA ASP E 360 -45.19 53.53 -13.73
C ASP E 360 -43.88 54.30 -13.94
N GLU E 361 -43.32 54.86 -12.86
CA GLU E 361 -42.09 55.71 -12.84
C GLU E 361 -40.91 54.96 -13.47
N ALA E 362 -40.61 53.77 -12.94
CA ALA E 362 -39.42 52.93 -13.22
C ALA E 362 -39.40 52.50 -14.69
N ASN E 363 -40.58 52.24 -15.25
CA ASN E 363 -40.78 51.65 -16.59
C ASN E 363 -41.02 52.76 -17.62
N ALA E 364 -41.06 54.02 -17.19
CA ALA E 364 -41.43 55.18 -18.04
C ALA E 364 -40.42 55.32 -19.18
N HIS E 365 -39.12 55.36 -18.85
CA HIS E 365 -38.05 55.69 -19.83
C HIS E 365 -38.07 54.69 -20.98
N TRP E 366 -37.91 53.38 -20.69
CA TRP E 366 -37.87 52.30 -21.73
C TRP E 366 -39.19 52.27 -22.51
N LYS E 367 -40.33 52.53 -21.85
CA LYS E 367 -41.70 52.46 -22.45
C LYS E 367 -41.87 53.54 -23.52
N GLN E 368 -41.41 54.78 -23.24
CA GLN E 368 -41.45 55.94 -24.17
C GLN E 368 -40.54 55.67 -25.37
N GLU E 369 -39.36 55.08 -25.15
CA GLU E 369 -38.36 54.74 -26.22
C GLU E 369 -38.90 53.61 -27.11
N PHE E 370 -39.59 52.60 -26.52
CA PHE E 370 -40.08 51.37 -27.21
C PHE E 370 -41.31 51.69 -28.08
N MET E 371 -42.12 52.64 -27.65
CA MET E 371 -43.36 53.07 -28.37
C MET E 371 -43.00 54.07 -29.50
N GLY E 372 -41.88 54.78 -29.37
CA GLY E 372 -41.29 55.59 -30.45
C GLY E 372 -40.47 54.76 -31.42
N SER F 7 22.51 -18.08 -6.70
CA SER F 7 22.90 -16.69 -7.09
C SER F 7 22.95 -15.79 -5.83
N SER F 8 23.62 -14.64 -5.93
CA SER F 8 23.80 -13.70 -4.80
C SER F 8 22.42 -13.15 -4.37
N THR F 9 21.51 -12.94 -5.32
CA THR F 9 20.17 -12.34 -5.14
C THR F 9 19.10 -13.42 -4.88
N GLY F 10 19.36 -14.66 -5.31
CA GLY F 10 18.36 -15.75 -5.45
C GLY F 10 18.04 -16.42 -4.11
N ILE F 11 17.07 -17.33 -4.14
CA ILE F 11 16.67 -18.24 -3.03
C ILE F 11 17.55 -19.49 -3.11
N ALA F 12 18.14 -19.88 -1.96
CA ALA F 12 18.92 -21.13 -1.76
C ALA F 12 17.99 -22.33 -1.76
N PRO F 13 18.14 -23.29 -2.72
CA PRO F 13 17.21 -24.40 -2.88
C PRO F 13 17.48 -25.63 -2.01
N LYS F 14 16.46 -26.47 -1.79
CA LYS F 14 16.57 -27.80 -1.10
C LYS F 14 17.30 -27.60 0.24
N ARG F 15 16.80 -26.72 1.10
CA ARG F 15 17.59 -26.25 2.27
C ARG F 15 17.84 -27.43 3.23
N TYR F 16 18.97 -27.43 3.94
CA TYR F 16 19.42 -28.60 4.77
C TYR F 16 18.64 -28.54 6.09
N VAL F 17 18.07 -27.37 6.41
CA VAL F 17 17.06 -27.24 7.50
C VAL F 17 15.71 -26.82 6.90
N TYR F 18 14.63 -27.17 7.60
CA TYR F 18 13.25 -26.74 7.27
C TYR F 18 12.93 -25.46 8.02
N TYR F 19 12.67 -24.39 7.27
CA TYR F 19 12.20 -23.10 7.82
C TYR F 19 10.68 -23.09 7.73
N PRO F 20 9.91 -23.28 8.84
CA PRO F 20 8.45 -23.33 8.75
C PRO F 20 7.87 -22.11 8.04
N GLY F 21 6.99 -22.35 7.08
CA GLY F 21 6.33 -21.31 6.28
C GLY F 21 7.14 -20.92 5.07
N SER F 22 8.31 -21.52 4.82
CA SER F 22 9.20 -21.11 3.71
C SER F 22 9.10 -22.08 2.52
N GLU F 23 8.50 -23.25 2.68
CA GLU F 23 8.53 -24.28 1.60
C GLU F 23 7.10 -24.59 1.14
N GLU F 24 6.92 -24.58 -0.18
CA GLU F 24 5.68 -25.03 -0.86
C GLU F 24 5.60 -26.55 -0.70
N LEU F 25 4.47 -27.05 -0.22
CA LEU F 25 4.20 -28.51 -0.13
C LEU F 25 3.70 -28.98 -1.51
N GLY F 26 4.32 -30.02 -2.07
CA GLY F 26 3.96 -30.56 -3.39
C GLY F 26 2.63 -31.30 -3.31
N PRO F 27 1.86 -31.39 -4.42
CA PRO F 27 0.62 -32.17 -4.45
C PRO F 27 0.72 -33.66 -4.03
N ASP F 28 1.88 -34.26 -4.23
CA ASP F 28 2.12 -35.70 -3.97
C ASP F 28 3.17 -35.83 -2.85
N GLU F 29 3.12 -34.91 -1.87
CA GLU F 29 4.13 -34.81 -0.78
C GLU F 29 3.40 -34.73 0.58
N ILE F 30 4.01 -35.31 1.60
CA ILE F 30 3.59 -35.20 3.02
C ILE F 30 4.72 -34.58 3.84
N ARG F 31 4.38 -33.74 4.79
CA ARG F 31 5.31 -33.17 5.80
C ARG F 31 4.76 -33.58 7.15
N VAL F 32 5.61 -34.18 7.98
CA VAL F 32 5.31 -34.55 9.39
C VAL F 32 6.32 -33.82 10.25
N ILE F 33 5.86 -33.08 11.26
CA ILE F 33 6.76 -32.41 12.23
C ILE F 33 6.48 -33.00 13.60
N ALA F 34 7.53 -33.45 14.30
CA ALA F 34 7.41 -33.86 15.72
C ALA F 34 7.29 -32.58 16.54
N CYS F 35 6.13 -32.29 17.12
CA CYS F 35 5.98 -31.11 18.00
C CYS F 35 6.08 -31.53 19.46
N GLY F 36 6.23 -32.83 19.70
CA GLY F 36 6.50 -33.37 21.04
C GLY F 36 6.95 -34.81 20.96
N THR F 37 8.04 -35.16 21.62
CA THR F 37 8.69 -36.48 21.52
C THR F 37 8.94 -37.05 22.90
N GLY F 38 8.57 -36.32 23.96
CA GLY F 38 9.08 -36.52 25.33
C GLY F 38 8.18 -37.41 26.17
N MET F 39 7.99 -37.04 27.44
CA MET F 39 7.60 -37.93 28.57
C MET F 39 6.58 -37.24 29.48
N PRO F 40 5.99 -37.97 30.45
CA PRO F 40 5.05 -37.37 31.40
C PRO F 40 5.67 -36.26 32.29
N THR F 41 6.96 -36.03 32.12
CA THR F 41 7.76 -35.09 32.95
C THR F 41 8.27 -34.01 32.00
N ALA F 42 8.09 -32.74 32.36
CA ALA F 42 8.25 -31.59 31.45
C ALA F 42 9.74 -31.25 31.26
N ARG F 43 10.06 -30.63 30.13
CA ARG F 43 11.42 -30.07 29.86
C ARG F 43 11.46 -29.33 28.53
N ARG F 44 12.21 -28.24 28.48
CA ARG F 44 12.18 -27.30 27.34
C ARG F 44 12.65 -28.06 26.09
N ALA F 45 13.54 -29.04 26.24
CA ALA F 45 14.13 -29.71 25.04
C ALA F 45 13.07 -30.58 24.37
N GLN F 46 12.06 -31.02 25.12
CA GLN F 46 11.11 -32.06 24.63
C GLN F 46 9.74 -31.83 25.25
N ALA F 47 8.85 -31.27 24.45
CA ALA F 47 7.40 -31.24 24.76
C ALA F 47 6.89 -32.69 24.70
N ALA F 48 5.77 -32.96 25.38
CA ALA F 48 5.05 -34.24 25.34
C ALA F 48 4.44 -34.44 23.94
N ALA F 49 4.14 -35.70 23.63
CA ALA F 49 3.80 -36.26 22.30
C ALA F 49 2.83 -35.36 21.52
N ALA F 50 3.22 -34.96 20.32
CA ALA F 50 2.40 -34.19 19.37
C ALA F 50 3.02 -34.24 17.99
N TRP F 51 2.18 -34.30 16.95
CA TRP F 51 2.58 -34.53 15.55
C TRP F 51 1.70 -33.66 14.65
N VAL F 52 2.32 -32.87 13.79
CA VAL F 52 1.58 -32.06 12.80
C VAL F 52 1.82 -32.76 11.47
N VAL F 53 0.76 -33.05 10.73
CA VAL F 53 0.82 -33.72 9.39
C VAL F 53 0.22 -32.76 8.37
N GLU F 54 0.97 -32.46 7.33
CA GLU F 54 0.49 -31.62 6.22
C GLU F 54 0.50 -32.48 4.96
N LEU F 55 -0.65 -32.54 4.29
CA LEU F 55 -0.85 -33.35 3.05
C LEU F 55 -0.84 -32.38 1.87
N GLY F 56 -0.34 -32.84 0.73
CA GLY F 56 -0.24 -32.05 -0.52
C GLY F 56 -1.58 -31.48 -0.95
N ASN F 57 -2.68 -32.11 -0.53
CA ASN F 57 -4.07 -31.71 -0.89
C ASN F 57 -4.51 -30.48 -0.07
N GLY F 58 -3.74 -30.11 0.96
CA GLY F 58 -3.99 -28.92 1.79
C GLY F 58 -4.62 -29.29 3.13
N ASP F 59 -4.87 -30.57 3.40
CA ASP F 59 -5.43 -31.04 4.69
C ASP F 59 -4.30 -31.11 5.71
N LYS F 60 -4.56 -30.66 6.94
CA LYS F 60 -3.59 -30.70 8.04
C LYS F 60 -4.26 -31.36 9.23
N PHE F 61 -3.50 -32.19 9.93
CA PHE F 61 -3.99 -32.98 11.09
C PHE F 61 -3.00 -32.82 12.22
N ILE F 62 -3.53 -32.84 13.43
CA ILE F 62 -2.71 -32.96 14.66
C ILE F 62 -3.00 -34.33 15.22
N VAL F 63 -1.95 -35.12 15.43
CA VAL F 63 -2.09 -36.40 16.16
C VAL F 63 -1.37 -36.23 17.51
N ASP F 64 -2.13 -36.28 18.59
CA ASP F 64 -1.65 -36.00 19.97
C ASP F 64 -1.29 -34.52 20.09
N ILE F 65 -1.52 -33.98 21.27
CA ILE F 65 -1.24 -32.54 21.56
C ILE F 65 -0.93 -32.46 23.06
N GLY F 66 0.15 -33.16 23.44
CA GLY F 66 0.70 -33.25 24.81
C GLY F 66 1.07 -31.89 25.39
N SER F 67 0.94 -31.76 26.70
CA SER F 67 1.42 -30.59 27.48
C SER F 67 2.75 -30.11 26.92
N GLY F 68 2.83 -28.80 26.62
CA GLY F 68 4.04 -28.11 26.14
C GLY F 68 4.16 -28.07 24.62
N SER F 69 3.35 -28.83 23.87
CA SER F 69 3.55 -28.96 22.39
C SER F 69 3.07 -27.71 21.64
N MET F 70 2.18 -26.92 22.24
CA MET F 70 1.54 -25.75 21.58
C MET F 70 2.55 -24.67 21.16
N ALA F 71 3.64 -24.46 21.92
CA ALA F 71 4.75 -23.55 21.54
C ALA F 71 5.40 -24.05 20.23
N ASN F 72 5.63 -25.36 20.10
CA ASN F 72 6.21 -25.97 18.88
C ASN F 72 5.22 -25.81 17.73
N ILE F 73 3.94 -26.13 17.97
CA ILE F 73 2.91 -26.07 16.90
C ILE F 73 2.80 -24.63 16.38
N GLN F 74 2.80 -23.65 17.28
CA GLN F 74 2.67 -22.21 16.94
C GLN F 74 3.90 -21.70 16.17
N SER F 75 5.07 -22.33 16.28
CA SER F 75 6.34 -21.91 15.61
C SER F 75 6.28 -22.23 14.11
N LEU F 76 5.29 -23.00 13.67
CA LEU F 76 5.20 -23.52 12.28
C LEU F 76 4.60 -22.48 11.33
N MET F 77 4.11 -21.36 11.87
CA MET F 77 3.50 -20.24 11.11
C MET F 77 2.31 -20.76 10.30
N ILE F 78 1.48 -21.61 10.90
CA ILE F 78 0.24 -22.15 10.27
C ILE F 78 -0.94 -21.43 10.91
N PRO F 79 -1.81 -20.79 10.10
CA PRO F 79 -3.04 -20.21 10.63
C PRO F 79 -3.89 -21.22 11.42
N ALA F 80 -4.40 -20.78 12.58
CA ALA F 80 -5.22 -21.61 13.51
C ALA F 80 -6.35 -22.31 12.76
N ASN F 81 -6.91 -21.70 11.70
CA ASN F 81 -8.09 -22.27 10.98
C ASN F 81 -7.72 -23.57 10.25
N TYR F 82 -6.45 -23.81 9.98
CA TYR F 82 -5.99 -25.00 9.22
C TYR F 82 -5.74 -26.17 10.16
N LEU F 83 -5.72 -25.92 11.47
CA LEU F 83 -5.40 -26.95 12.50
C LEU F 83 -6.62 -27.19 13.40
N THR F 84 -7.74 -27.59 12.80
CA THR F 84 -9.03 -27.80 13.52
C THR F 84 -9.30 -29.29 13.72
N LYS F 85 -8.55 -30.19 13.09
CA LYS F 85 -8.81 -31.65 13.20
C LYS F 85 -7.66 -32.30 13.97
N ILE F 86 -8.01 -32.95 15.07
CA ILE F 86 -7.09 -33.44 16.13
C ILE F 86 -7.47 -34.86 16.50
N PHE F 87 -6.54 -35.82 16.38
CA PHE F 87 -6.73 -37.23 16.78
C PHE F 87 -5.90 -37.50 18.02
N LEU F 88 -6.49 -38.15 19.03
CA LEU F 88 -5.82 -38.52 20.30
C LEU F 88 -5.61 -40.04 20.36
N THR F 89 -4.39 -40.48 20.67
CA THR F 89 -4.03 -41.90 20.78
C THR F 89 -4.36 -42.40 22.19
N ALA F 90 -4.44 -41.49 23.17
CA ALA F 90 -4.53 -41.82 24.60
C ALA F 90 -4.96 -40.57 25.38
N LEU F 91 -5.62 -40.74 26.54
CA LEU F 91 -6.14 -39.59 27.32
C LEU F 91 -5.17 -39.23 28.47
N HIS F 92 -3.91 -39.67 28.36
CA HIS F 92 -2.78 -39.14 29.16
C HIS F 92 -2.66 -37.61 28.98
N THR F 93 -2.37 -36.90 30.07
CA THR F 93 -2.08 -35.45 29.99
C THR F 93 -0.96 -35.22 28.99
N ASP F 94 0.02 -36.11 28.90
CA ASP F 94 1.16 -35.88 27.98
C ASP F 94 0.79 -36.34 26.55
N HIS F 95 -0.48 -36.65 26.29
CA HIS F 95 -0.97 -36.86 24.90
C HIS F 95 -2.07 -35.85 24.52
N TRP F 96 -2.75 -35.22 25.47
CA TRP F 96 -3.79 -34.23 25.08
C TRP F 96 -3.87 -33.02 26.02
N GLY F 97 -2.94 -32.87 26.97
CA GLY F 97 -2.89 -31.72 27.89
C GLY F 97 -3.01 -30.36 27.19
N ASP F 98 -2.44 -30.19 25.98
CA ASP F 98 -2.42 -28.87 25.32
C ASP F 98 -3.62 -28.66 24.40
N LEU F 99 -4.61 -29.56 24.42
CA LEU F 99 -5.85 -29.32 23.65
C LEU F 99 -6.48 -28.02 24.19
N VAL F 100 -6.42 -27.78 25.50
CA VAL F 100 -7.05 -26.57 26.08
C VAL F 100 -6.36 -25.32 25.54
N SER F 101 -5.04 -25.36 25.31
CA SER F 101 -4.23 -24.24 24.77
C SER F 101 -4.57 -24.01 23.29
N MET F 102 -4.70 -25.06 22.50
CA MET F 102 -5.18 -24.98 21.11
C MET F 102 -6.58 -24.33 21.10
N TRP F 103 -7.47 -24.80 21.97
CA TRP F 103 -8.89 -24.39 22.08
C TRP F 103 -8.96 -22.91 22.42
N ALA F 104 -8.39 -22.50 23.57
CA ALA F 104 -8.41 -21.11 24.07
C ALA F 104 -7.56 -20.19 23.18
N GLY F 105 -6.29 -20.54 22.93
CA GLY F 105 -5.36 -19.71 22.16
C GLY F 105 -5.79 -19.51 20.71
N GLY F 106 -6.14 -20.59 19.98
CA GLY F 106 -6.67 -20.48 18.61
C GLY F 106 -7.83 -19.50 18.54
N TRP F 107 -8.83 -19.68 19.41
CA TRP F 107 -10.05 -18.84 19.52
C TRP F 107 -9.70 -17.36 19.78
N THR F 108 -8.87 -17.02 20.76
CA THR F 108 -8.47 -15.60 21.01
C THR F 108 -7.75 -15.05 19.77
N ALA F 109 -7.15 -15.93 18.95
CA ALA F 109 -6.21 -15.58 17.86
C ALA F 109 -6.78 -15.99 16.49
N GLY F 110 -8.09 -15.87 16.29
CA GLY F 110 -8.71 -15.79 14.95
C GLY F 110 -9.37 -17.08 14.47
N ARG F 111 -9.13 -18.25 15.08
CA ARG F 111 -9.86 -19.48 14.64
C ARG F 111 -11.37 -19.16 14.60
N THR F 112 -12.03 -19.57 13.52
CA THR F 112 -13.45 -19.27 13.18
C THR F 112 -14.27 -20.56 13.23
N ASP F 113 -13.64 -21.69 12.94
CA ASP F 113 -14.33 -23.00 12.99
C ASP F 113 -14.11 -23.61 14.38
N PRO F 114 -15.03 -24.49 14.84
CA PRO F 114 -14.82 -25.24 16.08
C PRO F 114 -13.65 -26.22 15.91
N LEU F 115 -13.11 -26.73 17.02
CA LEU F 115 -12.15 -27.86 17.00
C LEU F 115 -12.95 -29.14 16.83
N GLU F 116 -12.33 -30.11 16.15
CA GLU F 116 -12.87 -31.44 15.84
C GLU F 116 -11.89 -32.45 16.41
N VAL F 117 -12.36 -33.36 17.26
CA VAL F 117 -11.47 -34.24 18.04
C VAL F 117 -11.99 -35.67 17.84
N TRP F 118 -11.14 -36.53 17.27
CA TRP F 118 -11.34 -37.99 17.19
C TRP F 118 -10.51 -38.60 18.29
N GLY F 119 -11.09 -39.38 19.20
CA GLY F 119 -10.30 -40.15 20.17
C GLY F 119 -11.03 -41.40 20.63
N PRO F 120 -10.33 -42.31 21.33
CA PRO F 120 -10.95 -43.57 21.71
C PRO F 120 -12.03 -43.41 22.79
N SER F 121 -12.99 -44.35 22.80
CA SER F 121 -13.84 -44.65 23.97
C SER F 121 -12.94 -45.33 24.99
N GLY F 122 -13.45 -45.55 26.18
CA GLY F 122 -12.87 -46.47 27.17
C GLY F 122 -13.82 -47.62 27.46
N SER F 123 -13.50 -48.39 28.49
CA SER F 123 -14.27 -49.57 28.95
C SER F 123 -15.62 -49.14 29.54
N ARG F 124 -15.82 -47.84 29.80
CA ARG F 124 -17.09 -47.23 30.28
C ARG F 124 -17.07 -45.75 29.92
N GLU F 125 -18.18 -45.05 30.12
CA GLU F 125 -18.37 -43.66 29.62
C GLU F 125 -17.27 -42.76 30.19
N ASP F 126 -17.03 -42.78 31.52
CA ASP F 126 -16.09 -41.85 32.22
C ASP F 126 -14.62 -42.21 31.90
N MET F 127 -14.35 -43.18 31.02
CA MET F 127 -12.97 -43.56 30.61
C MET F 127 -12.73 -43.21 29.14
N GLY F 128 -13.65 -42.47 28.51
CA GLY F 128 -13.63 -42.18 27.08
C GLY F 128 -13.40 -40.71 26.77
N THR F 129 -13.13 -40.42 25.49
CA THR F 129 -12.76 -39.10 24.95
C THR F 129 -13.95 -38.16 25.03
N LYS F 130 -15.15 -38.68 24.75
CA LYS F 130 -16.39 -37.86 24.80
C LYS F 130 -16.49 -37.22 26.19
N TYR F 131 -16.49 -38.03 27.24
CA TYR F 131 -16.58 -37.58 28.65
C TYR F 131 -15.44 -36.61 28.94
N ALA F 132 -14.21 -36.98 28.55
CA ALA F 132 -12.97 -36.21 28.78
C ALA F 132 -13.14 -34.78 28.26
N VAL F 133 -13.49 -34.63 26.99
CA VAL F 133 -13.58 -33.30 26.34
C VAL F 133 -14.74 -32.52 26.96
N GLU F 134 -15.88 -33.17 27.18
CA GLU F 134 -17.06 -32.58 27.83
C GLU F 134 -16.65 -31.93 29.16
N HIS F 135 -15.88 -32.63 30.01
CA HIS F 135 -15.55 -32.12 31.36
C HIS F 135 -14.41 -31.08 31.30
N MET F 136 -13.56 -31.15 30.28
CA MET F 136 -12.49 -30.16 30.06
C MET F 136 -13.15 -28.79 29.81
N LEU F 137 -14.18 -28.78 28.95
CA LEU F 137 -14.98 -27.56 28.63
C LEU F 137 -15.66 -27.04 29.89
N LYS F 138 -16.14 -27.93 30.76
CA LYS F 138 -16.75 -27.50 32.05
C LYS F 138 -15.65 -26.96 33.00
N ALA F 139 -14.45 -27.51 32.94
CA ALA F 139 -13.28 -27.08 33.74
C ALA F 139 -12.93 -25.63 33.40
N TYR F 140 -13.07 -25.29 32.13
CA TYR F 140 -12.73 -23.96 31.59
C TYR F 140 -14.00 -23.14 31.31
N ASN F 141 -15.09 -23.42 32.02
CA ASN F 141 -16.36 -22.65 31.93
C ASN F 141 -16.12 -21.15 32.18
N TRP F 142 -15.38 -20.74 33.20
CA TRP F 142 -15.19 -19.30 33.45
C TRP F 142 -14.60 -18.65 32.19
N ASP F 143 -13.63 -19.32 31.58
CA ASP F 143 -12.85 -18.75 30.46
C ASP F 143 -13.77 -18.73 29.22
N TYR F 144 -14.50 -19.82 28.99
CA TYR F 144 -15.49 -19.92 27.90
C TYR F 144 -16.51 -18.78 28.03
N MET F 145 -17.12 -18.62 29.22
CA MET F 145 -18.33 -17.76 29.34
C MET F 145 -17.88 -16.30 29.18
N THR F 146 -16.80 -15.92 29.84
CA THR F 146 -16.22 -14.55 29.79
C THR F 146 -15.75 -14.23 28.38
N ARG F 147 -15.19 -15.19 27.63
CA ARG F 147 -14.66 -14.91 26.28
C ARG F 147 -15.84 -14.80 25.29
N ALA F 148 -16.86 -15.63 25.47
CA ALA F 148 -18.06 -15.72 24.60
C ALA F 148 -18.85 -14.40 24.65
N VAL F 149 -18.74 -13.61 25.72
CA VAL F 149 -19.33 -12.24 25.83
C VAL F 149 -18.81 -11.34 24.69
N THR F 150 -17.49 -11.28 24.47
CA THR F 150 -16.82 -10.30 23.56
C THR F 150 -16.27 -10.94 22.26
N ILE F 151 -16.36 -12.26 22.06
CA ILE F 151 -15.90 -12.97 20.82
C ILE F 151 -16.91 -14.08 20.52
N ASN F 152 -17.40 -14.14 19.27
CA ASN F 152 -18.41 -15.13 18.78
C ASN F 152 -18.06 -16.53 19.26
N PRO F 153 -18.99 -17.27 19.91
CA PRO F 153 -18.66 -18.53 20.55
C PRO F 153 -18.56 -19.79 19.66
N ARG F 154 -18.78 -19.68 18.35
CA ARG F 154 -18.79 -20.86 17.45
C ARG F 154 -17.45 -21.59 17.47
N PRO F 155 -16.29 -20.91 17.33
CA PRO F 155 -14.99 -21.59 17.42
C PRO F 155 -14.66 -22.12 18.81
N GLY F 156 -15.41 -21.73 19.84
CA GLY F 156 -15.28 -22.26 21.22
C GLY F 156 -15.94 -23.63 21.40
N ASP F 157 -16.69 -24.12 20.42
CA ASP F 157 -17.25 -25.51 20.42
C ASP F 157 -16.14 -26.52 20.11
N ILE F 158 -16.25 -27.71 20.68
CA ILE F 158 -15.43 -28.89 20.30
C ILE F 158 -16.38 -30.02 19.92
N ASN F 159 -16.40 -30.40 18.65
CA ASN F 159 -17.13 -31.60 18.17
C ASN F 159 -16.25 -32.82 18.42
N VAL F 160 -16.74 -33.81 19.16
CA VAL F 160 -16.00 -35.05 19.50
C VAL F 160 -16.53 -36.24 18.70
N HIS F 161 -15.65 -36.94 17.99
CA HIS F 161 -15.91 -38.23 17.28
C HIS F 161 -15.26 -39.35 18.07
N GLU F 162 -15.98 -39.90 19.04
CA GLU F 162 -15.51 -41.04 19.85
C GLU F 162 -15.72 -42.30 19.03
N PHE F 163 -14.70 -43.13 18.87
CA PHE F 163 -14.77 -44.43 18.16
C PHE F 163 -14.46 -45.51 19.19
N ASP F 164 -14.79 -46.75 18.88
CA ASP F 164 -14.59 -47.92 19.78
C ASP F 164 -13.08 -48.19 19.79
N TYR F 165 -12.47 -48.25 20.98
CA TYR F 165 -11.02 -48.51 21.12
C TYR F 165 -10.72 -49.93 20.64
N ARG F 166 -11.66 -50.87 20.85
CA ARG F 166 -11.46 -52.33 20.62
C ARG F 166 -11.39 -52.67 19.12
N ALA F 167 -11.90 -51.82 18.25
CA ALA F 167 -12.04 -52.10 16.80
C ALA F 167 -10.66 -52.34 16.18
N LEU F 168 -10.55 -53.35 15.32
CA LEU F 168 -9.30 -53.81 14.68
C LEU F 168 -9.18 -53.20 13.28
N ASN F 169 -8.51 -52.05 13.17
CA ASN F 169 -8.10 -51.44 11.88
C ASN F 169 -9.33 -50.88 11.13
N GLU F 170 -10.36 -50.40 11.84
CA GLU F 170 -11.62 -49.87 11.24
C GLU F 170 -11.46 -48.37 10.90
N VAL F 171 -12.13 -47.89 9.85
CA VAL F 171 -12.13 -46.45 9.47
C VAL F 171 -12.82 -45.62 10.57
N VAL F 172 -12.14 -44.59 11.09
CA VAL F 172 -12.72 -43.64 12.10
C VAL F 172 -12.84 -42.27 11.45
N TYR F 173 -12.16 -42.07 10.31
CA TYR F 173 -12.21 -40.82 9.52
C TYR F 173 -12.07 -41.15 8.04
N GLN F 174 -12.99 -40.65 7.22
CA GLN F 174 -12.85 -40.70 5.75
C GLN F 174 -13.40 -39.41 5.14
N GLU F 175 -12.52 -38.61 4.54
CA GLU F 175 -12.82 -37.27 4.01
C GLU F 175 -11.75 -36.86 3.00
N ASN F 176 -12.19 -36.39 1.84
CA ASN F 176 -11.37 -35.63 0.83
C ASN F 176 -10.12 -36.42 0.45
N GLY F 177 -10.24 -37.76 0.39
CA GLY F 177 -9.18 -38.67 -0.07
C GLY F 177 -8.28 -39.13 1.06
N VAL F 178 -8.62 -38.80 2.31
CA VAL F 178 -7.84 -39.14 3.55
C VAL F 178 -8.62 -40.16 4.38
N THR F 179 -7.96 -41.25 4.77
CA THR F 179 -8.49 -42.31 5.67
C THR F 179 -7.62 -42.41 6.92
N PHE F 180 -8.24 -42.34 8.10
CA PHE F 180 -7.62 -42.78 9.37
C PHE F 180 -8.25 -44.10 9.77
N ARG F 181 -7.44 -45.08 10.13
CA ARG F 181 -7.86 -46.33 10.81
C ARG F 181 -7.26 -46.37 12.22
N SER F 182 -7.95 -46.98 13.18
CA SER F 182 -7.44 -47.20 14.55
C SER F 182 -7.32 -48.70 14.83
N TRP F 183 -6.36 -49.07 15.68
CA TRP F 183 -6.35 -50.38 16.35
C TRP F 183 -5.88 -50.17 17.77
N PRO F 184 -6.10 -51.15 18.65
CA PRO F 184 -5.77 -51.00 20.07
C PRO F 184 -4.29 -51.03 20.41
N CYS F 185 -4.00 -50.54 21.61
CA CYS F 185 -2.70 -50.62 22.29
C CYS F 185 -2.93 -51.29 23.63
N ILE F 186 -1.84 -51.79 24.21
CA ILE F 186 -1.80 -52.36 25.58
C ILE F 186 -0.93 -51.44 26.45
N HIS F 187 -1.58 -50.63 27.28
CA HIS F 187 -0.92 -49.53 28.04
C HIS F 187 -1.84 -48.97 29.12
N ALA F 188 -1.50 -49.22 30.38
CA ALA F 188 -2.11 -48.62 31.60
C ALA F 188 -3.53 -49.14 31.84
N GLY F 189 -4.43 -49.01 30.85
CA GLY F 189 -5.79 -49.58 30.90
C GLY F 189 -6.42 -49.47 29.52
N ASP F 190 -7.56 -50.13 29.28
CA ASP F 190 -8.23 -50.10 27.95
C ASP F 190 -8.43 -48.67 27.47
N GLY F 191 -8.21 -48.40 26.18
CA GLY F 191 -8.62 -47.13 25.58
C GLY F 191 -7.62 -46.65 24.54
N PRO F 192 -6.31 -46.65 24.85
CA PRO F 192 -5.31 -46.16 23.90
C PRO F 192 -5.27 -46.93 22.59
N VAL F 193 -5.06 -46.21 21.48
CA VAL F 193 -5.08 -46.76 20.09
C VAL F 193 -3.87 -46.22 19.33
N SER F 194 -3.55 -46.86 18.20
CA SER F 194 -2.65 -46.34 17.13
C SER F 194 -3.51 -45.89 15.94
N PHE F 195 -2.99 -45.00 15.10
CA PHE F 195 -3.67 -44.53 13.87
C PHE F 195 -2.79 -44.84 12.67
N ALA F 196 -3.44 -45.08 11.53
CA ALA F 196 -2.82 -45.16 10.20
C ALA F 196 -3.56 -44.18 9.31
N LEU F 197 -2.82 -43.27 8.71
CA LEU F 197 -3.33 -42.22 7.80
C LEU F 197 -2.96 -42.63 6.37
N GLU F 198 -3.97 -42.80 5.51
CA GLU F 198 -3.75 -43.19 4.08
C GLU F 198 -4.29 -42.06 3.21
N TRP F 199 -3.45 -41.61 2.29
CA TRP F 199 -3.76 -40.49 1.38
C TRP F 199 -2.83 -40.60 0.17
N ASN F 200 -3.42 -40.58 -1.03
CA ASN F 200 -2.68 -40.43 -2.31
C ASN F 200 -1.53 -41.46 -2.40
N GLY F 201 -1.72 -42.70 -1.94
CA GLY F 201 -0.72 -43.78 -2.09
C GLY F 201 0.19 -43.93 -0.88
N TYR F 202 0.09 -43.01 0.10
CA TYR F 202 1.00 -42.96 1.26
C TYR F 202 0.29 -43.49 2.51
N LYS F 203 1.10 -43.91 3.48
CA LYS F 203 0.65 -44.51 4.75
C LYS F 203 1.60 -44.05 5.86
N VAL F 204 1.07 -43.34 6.83
CA VAL F 204 1.81 -42.75 7.99
C VAL F 204 1.16 -43.33 9.23
N VAL F 205 1.94 -43.98 10.07
CA VAL F 205 1.42 -44.71 11.26
C VAL F 205 1.92 -44.02 12.53
N PHE F 206 0.97 -43.67 13.40
CA PHE F 206 1.18 -43.05 14.72
C PHE F 206 0.87 -44.10 15.78
N GLY F 207 1.92 -44.75 16.32
CA GLY F 207 1.85 -45.78 17.36
C GLY F 207 1.15 -45.30 18.62
N GLY F 208 1.50 -44.13 19.15
CA GLY F 208 0.99 -43.78 20.49
C GLY F 208 1.80 -44.46 21.58
N ASP F 209 1.14 -45.18 22.51
CA ASP F 209 1.77 -45.86 23.68
C ASP F 209 1.27 -47.32 23.80
N THR F 210 2.19 -48.25 23.97
CA THR F 210 1.87 -49.70 24.03
C THR F 210 3.09 -50.52 24.44
N ALA F 211 2.85 -51.59 25.20
CA ALA F 211 3.71 -52.79 25.23
C ALA F 211 3.56 -53.51 23.89
N PRO F 212 4.53 -54.33 23.45
CA PRO F 212 4.48 -54.88 22.09
C PRO F 212 3.21 -55.69 21.89
N ASN F 213 2.58 -55.54 20.72
CA ASN F 213 1.23 -56.09 20.44
C ASN F 213 1.15 -56.62 19.01
N ILE F 214 0.14 -57.45 18.75
CA ILE F 214 0.02 -58.24 17.50
C ILE F 214 -0.62 -57.37 16.43
N TRP F 215 -1.20 -56.23 16.80
CA TRP F 215 -2.00 -55.38 15.87
C TRP F 215 -1.08 -54.45 15.07
N TYR F 216 -0.19 -53.70 15.72
CA TYR F 216 0.72 -52.74 15.02
C TYR F 216 1.46 -53.42 13.87
N PRO F 217 2.17 -54.54 14.10
CA PRO F 217 3.00 -55.15 13.06
C PRO F 217 2.18 -55.50 11.79
N GLU F 218 0.93 -55.91 11.99
CA GLU F 218 0.01 -56.36 10.91
C GLU F 218 -0.51 -55.13 10.15
N TYR F 219 -0.99 -54.11 10.87
CA TYR F 219 -1.74 -52.97 10.30
C TYR F 219 -0.79 -51.81 9.90
N ALA F 220 0.47 -51.81 10.34
CA ALA F 220 1.44 -50.73 9.99
C ALA F 220 2.28 -51.13 8.77
N LYS F 221 2.24 -52.42 8.42
CA LYS F 221 2.98 -53.02 7.28
C LYS F 221 3.05 -52.04 6.11
N GLY F 222 4.25 -51.75 5.62
CA GLY F 222 4.51 -51.03 4.36
C GLY F 222 4.23 -49.55 4.46
N ALA F 223 4.19 -49.00 5.67
CA ALA F 223 4.09 -47.55 5.95
C ALA F 223 5.24 -46.79 5.28
N ASP F 224 4.98 -45.62 4.71
CA ASP F 224 6.04 -44.68 4.30
C ASP F 224 6.80 -44.20 5.56
N LEU F 225 6.08 -44.02 6.67
CA LEU F 225 6.65 -43.50 7.95
C LEU F 225 5.88 -44.20 9.07
N ALA F 226 6.59 -44.96 9.90
CA ALA F 226 6.03 -45.71 11.03
C ALA F 226 6.64 -45.16 12.32
N ILE F 227 5.79 -44.61 13.19
CA ILE F 227 6.19 -43.96 14.46
C ILE F 227 5.75 -44.90 15.58
N HIS F 228 6.64 -45.25 16.50
CA HIS F 228 6.34 -46.18 17.62
C HIS F 228 7.13 -45.77 18.87
N GLU F 229 6.51 -45.96 20.03
CA GLU F 229 7.19 -45.74 21.33
C GLU F 229 8.46 -46.59 21.32
N CYS F 230 9.52 -46.04 21.90
CA CYS F 230 10.82 -46.70 22.04
C CYS F 230 11.42 -46.26 23.37
N TRP F 231 11.37 -47.13 24.36
CA TRP F 231 11.59 -46.76 25.78
C TRP F 231 13.08 -46.62 26.07
N MET F 232 13.36 -45.83 27.10
CA MET F 232 14.69 -45.73 27.73
C MET F 232 15.08 -47.08 28.33
N THR F 233 16.39 -47.39 28.30
CA THR F 233 16.97 -48.70 28.71
C THR F 233 16.70 -48.91 30.21
N SER F 234 16.67 -50.17 30.66
CA SER F 234 16.54 -50.53 32.10
C SER F 234 17.74 -50.01 32.91
N ASP F 235 18.95 -49.97 32.31
CA ASP F 235 20.16 -49.33 32.93
C ASP F 235 19.89 -47.83 33.14
N GLN F 236 19.37 -47.16 32.10
CA GLN F 236 18.98 -45.73 32.16
C GLN F 236 17.89 -45.53 33.23
N MET F 237 16.97 -46.49 33.41
CA MET F 237 15.90 -46.43 34.44
C MET F 237 16.53 -46.54 35.85
N MET F 238 17.61 -47.33 35.99
CA MET F 238 18.37 -47.45 37.27
C MET F 238 19.13 -46.15 37.54
N THR F 239 19.87 -45.65 36.54
CA THR F 239 20.67 -44.40 36.62
C THR F 239 19.76 -43.21 36.94
N LYS F 240 18.79 -42.92 36.08
CA LYS F 240 18.00 -41.67 36.13
C LYS F 240 16.96 -41.77 37.25
N TYR F 241 16.06 -42.77 37.20
CA TYR F 241 14.85 -42.86 38.05
C TYR F 241 15.13 -43.67 39.34
N ASN F 242 16.34 -44.20 39.51
CA ASN F 242 16.78 -44.91 40.76
C ASN F 242 15.82 -46.08 41.05
N GLN F 243 15.57 -46.92 40.04
CA GLN F 243 14.70 -48.13 40.11
C GLN F 243 15.52 -49.34 40.57
N PRO F 244 14.93 -50.25 41.40
CA PRO F 244 15.55 -51.55 41.67
C PRO F 244 15.66 -52.37 40.38
N ALA F 245 16.76 -53.13 40.24
CA ALA F 245 17.08 -53.98 39.06
C ALA F 245 15.80 -54.63 38.52
N GLN F 246 14.97 -55.21 39.41
CA GLN F 246 13.79 -56.03 39.04
C GLN F 246 12.74 -55.11 38.39
N LEU F 247 12.39 -53.98 39.01
CA LEU F 247 11.35 -53.04 38.50
C LEU F 247 11.80 -52.46 37.15
N ALA F 248 13.08 -52.07 37.04
CA ALA F 248 13.71 -51.49 35.83
C ALA F 248 13.69 -52.50 34.68
N LEU F 249 13.96 -53.77 34.98
CA LEU F 249 13.87 -54.90 34.01
C LEU F 249 12.44 -54.99 33.48
N ARG F 250 11.45 -55.06 34.38
CA ARG F 250 10.00 -55.26 34.07
C ARG F 250 9.52 -54.09 33.19
N ILE F 251 10.05 -52.89 33.38
CA ILE F 251 9.61 -51.67 32.64
C ILE F 251 9.79 -51.87 31.13
N ASN F 252 10.88 -52.52 30.71
CA ASN F 252 11.19 -52.74 29.26
C ASN F 252 10.62 -54.09 28.77
N LEU F 253 10.01 -54.89 29.65
CA LEU F 253 9.43 -56.22 29.33
C LEU F 253 7.89 -56.20 29.46
N ASP F 254 7.34 -55.65 30.53
CA ASP F 254 5.88 -55.70 30.86
C ASP F 254 5.13 -54.45 30.36
N PHE F 255 5.66 -53.25 30.63
CA PHE F 255 4.89 -51.98 30.57
C PHE F 255 5.08 -51.29 29.21
N HIS F 256 6.27 -51.37 28.62
CA HIS F 256 6.66 -50.53 27.47
C HIS F 256 7.34 -51.34 26.37
N THR F 257 7.47 -50.75 25.18
CA THR F 257 8.24 -51.31 24.05
C THR F 257 9.70 -50.90 24.19
N SER F 258 10.57 -51.85 24.55
CA SER F 258 12.05 -51.74 24.56
C SER F 258 12.54 -51.35 23.17
N ALA F 259 13.72 -50.73 23.09
CA ALA F 259 14.43 -50.47 21.81
C ALA F 259 14.56 -51.77 21.01
N GLN F 260 14.82 -52.89 21.67
CA GLN F 260 14.98 -54.20 20.99
C GLN F 260 13.62 -54.60 20.39
N SER F 261 12.54 -54.52 21.18
CA SER F 261 11.15 -54.79 20.71
C SER F 261 10.82 -53.91 19.50
N PHE F 262 11.17 -52.61 19.59
CA PHE F 262 10.88 -51.61 18.52
C PHE F 262 11.52 -52.09 17.23
N GLY F 263 12.74 -52.60 17.33
CA GLY F 263 13.49 -53.22 16.23
C GLY F 263 12.73 -54.40 15.63
N GLN F 264 12.34 -55.37 16.45
CA GLN F 264 11.52 -56.55 16.02
C GLN F 264 10.32 -56.05 15.22
N ILE F 265 9.57 -55.09 15.81
CA ILE F 265 8.30 -54.55 15.23
C ILE F 265 8.58 -53.90 13.87
N MET F 266 9.62 -53.07 13.78
CA MET F 266 9.92 -52.34 12.52
C MET F 266 10.53 -53.32 11.50
N ASN F 267 11.17 -54.39 11.98
CA ASN F 267 11.65 -55.50 11.12
C ASN F 267 10.44 -56.16 10.45
N MET F 268 9.35 -56.35 11.19
CA MET F 268 8.09 -56.97 10.70
C MET F 268 7.34 -56.01 9.77
N VAL F 269 7.19 -54.75 10.19
CA VAL F 269 6.43 -53.71 9.45
C VAL F 269 7.11 -53.43 8.11
N GLN F 270 8.43 -53.40 8.10
CA GLN F 270 9.25 -53.00 6.93
C GLN F 270 8.78 -51.66 6.37
N PRO F 271 8.84 -50.55 7.14
CA PRO F 271 8.47 -49.24 6.58
C PRO F 271 9.57 -48.70 5.66
N ARG F 272 9.27 -47.71 4.84
CA ARG F 272 10.31 -46.92 4.13
C ARG F 272 11.24 -46.27 5.17
N HIS F 273 10.67 -45.81 6.29
CA HIS F 273 11.37 -45.05 7.37
C HIS F 273 10.64 -45.29 8.70
N ALA F 274 11.35 -45.79 9.70
CA ALA F 274 10.84 -45.96 11.08
C ALA F 274 11.19 -44.73 11.94
N VAL F 275 10.29 -44.31 12.84
CA VAL F 275 10.58 -43.19 13.78
C VAL F 275 10.44 -43.71 15.20
N ALA F 276 11.52 -43.67 15.98
CA ALA F 276 11.54 -43.96 17.44
C ALA F 276 11.30 -42.65 18.19
N TYR F 277 10.39 -42.65 19.16
CA TYR F 277 10.10 -41.43 19.95
C TYR F 277 9.77 -41.84 21.37
N HIS F 278 9.60 -40.88 22.27
CA HIS F 278 8.96 -41.08 23.60
C HIS F 278 10.02 -41.51 24.63
N PHE F 279 11.27 -41.16 24.36
CA PHE F 279 12.39 -41.27 25.32
C PHE F 279 13.00 -39.88 25.49
N PHE F 280 13.67 -39.61 26.62
CA PHE F 280 14.54 -38.42 26.75
C PHE F 280 15.76 -38.60 25.85
N ASN F 281 15.83 -37.77 24.81
CA ASN F 281 16.87 -37.79 23.75
C ASN F 281 18.04 -36.91 24.20
N ASP F 282 18.92 -37.47 25.03
CA ASP F 282 20.05 -36.79 25.69
C ASP F 282 21.38 -37.35 25.18
N ASP F 283 22.47 -36.57 25.31
CA ASP F 283 23.84 -36.94 24.84
C ASP F 283 24.27 -38.27 25.48
N ASP F 284 23.65 -38.71 26.58
CA ASP F 284 24.08 -39.91 27.34
C ASP F 284 23.00 -41.01 27.32
N THR F 285 21.90 -40.85 26.59
CA THR F 285 20.81 -41.88 26.56
C THR F 285 20.64 -42.43 25.14
N ARG F 286 20.73 -41.57 24.14
CA ARG F 286 20.27 -41.85 22.76
C ARG F 286 21.05 -43.05 22.17
N TYR F 287 22.34 -43.23 22.46
CA TYR F 287 23.23 -44.18 21.71
C TYR F 287 22.89 -45.64 22.05
N ASP F 288 22.66 -45.94 23.33
CA ASP F 288 22.19 -47.27 23.81
C ASP F 288 20.82 -47.59 23.20
N ILE F 289 19.96 -46.59 23.05
CA ILE F 289 18.59 -46.82 22.51
C ILE F 289 18.74 -47.18 21.03
N TYR F 290 19.40 -46.34 20.25
CA TYR F 290 19.70 -46.60 18.81
C TYR F 290 20.28 -48.01 18.60
N THR F 291 21.18 -48.45 19.49
CA THR F 291 21.92 -49.73 19.36
C THR F 291 20.94 -50.89 19.58
N GLY F 292 20.08 -50.78 20.60
CA GLY F 292 18.95 -51.70 20.82
C GLY F 292 18.14 -51.91 19.56
N VAL F 293 17.73 -50.82 18.91
CA VAL F 293 16.90 -50.90 17.67
C VAL F 293 17.68 -51.65 16.59
N ARG F 294 18.97 -51.36 16.42
CA ARG F 294 19.81 -51.87 15.29
C ARG F 294 20.17 -53.35 15.47
N GLU F 295 20.01 -53.93 16.67
CA GLU F 295 20.11 -55.40 16.91
C GLU F 295 19.14 -56.17 15.99
N ASN F 296 17.97 -55.61 15.67
CA ASN F 296 16.90 -56.33 14.95
C ASN F 296 16.37 -55.56 13.73
N TYR F 297 16.64 -54.25 13.56
CA TYR F 297 16.10 -53.45 12.42
C TYR F 297 17.23 -52.65 11.74
N ALA F 298 17.34 -52.77 10.42
CA ALA F 298 18.46 -52.19 9.64
C ALA F 298 17.97 -51.12 8.66
N GLY F 299 16.66 -50.91 8.52
CA GLY F 299 16.10 -49.96 7.55
C GLY F 299 16.28 -48.53 8.04
N PRO F 300 15.93 -47.52 7.23
CA PRO F 300 16.03 -46.12 7.63
C PRO F 300 15.34 -45.86 8.97
N LEU F 301 16.01 -45.10 9.85
CA LEU F 301 15.58 -44.82 11.25
C LEU F 301 15.83 -43.33 11.56
N SER F 302 14.85 -42.73 12.23
CA SER F 302 14.97 -41.39 12.84
C SER F 302 14.85 -41.57 14.34
N MET F 303 15.77 -40.98 15.10
CA MET F 303 15.66 -40.93 16.58
C MET F 303 15.05 -39.57 16.93
N ALA F 304 13.73 -39.53 17.12
CA ALA F 304 12.99 -38.25 17.12
C ALA F 304 13.44 -37.40 18.30
N THR F 305 13.45 -36.09 18.05
CA THR F 305 13.42 -35.02 19.07
C THR F 305 12.51 -33.91 18.52
N ASP F 306 12.15 -32.93 19.35
CA ASP F 306 11.21 -31.83 18.99
C ASP F 306 11.69 -31.17 17.69
N MET F 307 10.77 -30.87 16.79
CA MET F 307 10.97 -30.04 15.58
C MET F 307 11.77 -30.79 14.53
N MET F 308 11.87 -32.11 14.67
CA MET F 308 12.32 -33.00 13.59
C MET F 308 11.21 -33.07 12.55
N VAL F 309 11.56 -33.07 11.27
CA VAL F 309 10.55 -33.00 10.17
C VAL F 309 10.90 -34.06 9.13
N TRP F 310 9.88 -34.75 8.62
CA TRP F 310 9.99 -35.71 7.50
C TRP F 310 9.21 -35.19 6.28
N ASN F 311 9.86 -35.17 5.12
CA ASN F 311 9.20 -34.95 3.81
C ASN F 311 9.06 -36.34 3.16
N ILE F 312 7.82 -36.77 2.92
CA ILE F 312 7.50 -38.04 2.20
C ILE F 312 7.19 -37.68 0.76
N THR F 313 8.01 -38.17 -0.18
CA THR F 313 7.79 -38.01 -1.65
C THR F 313 7.76 -39.41 -2.27
N ARG F 314 7.47 -39.50 -3.56
CA ARG F 314 7.51 -40.80 -4.30
C ARG F 314 8.92 -41.40 -4.15
N ASP F 315 9.96 -40.58 -4.26
CA ASP F 315 11.36 -41.06 -4.40
C ASP F 315 12.08 -41.17 -3.04
N ALA F 316 11.66 -40.45 -2.00
CA ALA F 316 12.39 -40.49 -0.71
C ALA F 316 11.52 -40.16 0.49
N VAL F 317 12.00 -40.54 1.67
CA VAL F 317 11.61 -40.02 3.00
C VAL F 317 12.85 -39.37 3.61
N THR F 318 12.86 -38.04 3.63
CA THR F 318 13.95 -37.14 4.09
C THR F 318 13.69 -36.74 5.54
N GLU F 319 14.69 -36.85 6.41
CA GLU F 319 14.70 -36.33 7.79
C GLU F 319 15.45 -35.00 7.81
N ARG F 320 14.81 -33.94 8.28
CA ARG F 320 15.50 -32.66 8.57
C ARG F 320 15.07 -32.18 9.94
N MET F 321 15.78 -31.18 10.44
CA MET F 321 15.38 -30.42 11.65
C MET F 321 14.76 -29.11 11.19
N ALA F 322 13.67 -28.72 11.84
CA ALA F 322 13.04 -27.40 11.69
C ALA F 322 13.82 -26.39 12.52
N VAL F 323 14.14 -25.27 11.88
CA VAL F 323 14.63 -24.02 12.52
C VAL F 323 13.46 -23.00 12.47
N SER F 324 12.91 -22.68 13.64
CA SER F 324 11.61 -22.00 13.81
C SER F 324 11.73 -20.96 14.93
N PRO F 325 10.87 -19.91 14.91
CA PRO F 325 10.95 -18.83 15.91
C PRO F 325 10.52 -19.24 17.32
N ASP F 326 11.44 -19.07 18.28
CA ASP F 326 11.19 -19.10 19.74
C ASP F 326 10.27 -17.93 20.12
N HIS F 327 10.46 -16.77 19.45
CA HIS F 327 9.62 -15.55 19.62
C HIS F 327 8.44 -15.64 18.64
N ALA F 328 7.58 -16.64 18.82
CA ALA F 328 6.50 -16.98 17.86
C ALA F 328 5.29 -16.05 18.05
N TRP F 329 4.56 -15.85 16.95
CA TRP F 329 3.35 -15.00 16.86
C TRP F 329 2.31 -15.78 16.05
N ASP F 330 1.04 -15.69 16.44
CA ASP F 330 -0.08 -16.19 15.60
C ASP F 330 0.08 -15.55 14.21
N VAL F 331 -0.18 -16.29 13.14
CA VAL F 331 -0.18 -15.77 11.74
C VAL F 331 -1.63 -15.78 11.23
N ALA F 332 -2.09 -14.63 10.69
CA ALA F 332 -3.44 -14.44 10.09
C ALA F 332 -3.61 -15.37 8.89
N GLY F 333 -4.78 -16.03 8.78
CA GLY F 333 -5.22 -16.81 7.60
C GLY F 333 -6.34 -16.10 6.84
N PRO F 334 -6.96 -16.72 5.82
CA PRO F 334 -8.03 -16.10 5.05
C PRO F 334 -9.43 -16.18 5.68
N ASP F 341 -23.30 -14.36 17.19
CA ASP F 341 -23.85 -13.02 16.85
C ASP F 341 -25.11 -12.67 17.68
N ARG F 342 -25.69 -13.63 18.42
CA ARG F 342 -26.90 -13.46 19.28
C ARG F 342 -26.50 -13.21 20.74
N ASN F 343 -27.37 -12.51 21.50
CA ASN F 343 -27.04 -11.84 22.80
C ASN F 343 -26.64 -12.84 23.89
N ARG F 344 -25.66 -12.44 24.71
CA ARG F 344 -25.18 -13.18 25.90
C ARG F 344 -25.03 -12.20 27.05
N ALA F 345 -25.19 -12.68 28.29
CA ALA F 345 -25.09 -11.88 29.52
C ALA F 345 -23.63 -11.52 29.78
N SER F 346 -23.36 -10.25 30.09
CA SER F 346 -22.11 -9.76 30.72
C SER F 346 -21.82 -10.60 31.98
N GLU F 347 -20.54 -10.81 32.28
CA GLU F 347 -20.16 -11.63 33.46
C GLU F 347 -19.58 -10.71 34.54
N TYR F 348 -19.74 -9.40 34.37
CA TYR F 348 -19.28 -8.39 35.34
C TYR F 348 -20.43 -8.02 36.27
N THR F 349 -20.14 -7.70 37.52
CA THR F 349 -21.09 -6.98 38.40
C THR F 349 -20.59 -5.54 38.49
N GLN F 350 -21.47 -4.64 38.90
CA GLN F 350 -21.15 -3.19 39.03
C GLN F 350 -20.24 -3.01 40.25
N TYR F 351 -20.26 -3.95 41.21
CA TYR F 351 -19.30 -4.02 42.36
C TYR F 351 -17.85 -4.00 41.85
N ILE F 352 -17.58 -4.74 40.78
CA ILE F 352 -16.23 -4.87 40.15
C ILE F 352 -15.96 -3.67 39.25
N LEU F 353 -16.87 -3.38 38.32
CA LEU F 353 -16.71 -2.27 37.35
C LEU F 353 -16.58 -0.93 38.09
N ASP F 354 -17.19 -0.74 39.28
CA ASP F 354 -17.03 0.45 40.15
C ASP F 354 -15.58 0.63 40.63
N GLY F 355 -14.68 -0.33 40.39
CA GLY F 355 -13.31 -0.29 40.94
C GLY F 355 -12.27 0.34 40.02
N ARG F 356 -12.66 0.88 38.86
CA ARG F 356 -11.68 1.38 37.86
C ARG F 356 -10.95 2.62 38.38
N LEU F 357 -9.63 2.64 38.21
CA LEU F 357 -8.75 3.77 38.57
C LEU F 357 -8.83 4.79 37.43
N ASN F 358 -8.93 6.07 37.74
CA ASN F 358 -8.83 7.12 36.70
C ASN F 358 -7.36 7.17 36.23
N VAL F 359 -7.09 6.86 34.96
CA VAL F 359 -5.71 6.86 34.37
C VAL F 359 -5.64 7.82 33.17
N ASP F 360 -6.60 8.75 33.04
CA ASP F 360 -6.73 9.67 31.89
C ASP F 360 -5.42 10.45 31.68
N GLU F 361 -4.92 11.06 32.76
CA GLU F 361 -3.72 11.95 32.81
C GLU F 361 -2.48 11.19 32.33
N ALA F 362 -2.09 10.12 33.03
CA ALA F 362 -0.92 9.25 32.74
C ALA F 362 -0.93 8.79 31.27
N ASN F 363 -2.12 8.64 30.67
CA ASN F 363 -2.29 8.08 29.31
C ASN F 363 -2.51 9.20 28.28
N ALA F 364 -2.64 10.46 28.71
CA ALA F 364 -3.05 11.59 27.82
C ALA F 364 -2.00 11.76 26.72
N HIS F 365 -0.72 11.90 27.09
CA HIS F 365 0.42 12.16 26.16
C HIS F 365 0.38 11.16 24.99
N TRP F 366 0.55 9.85 25.25
CA TRP F 366 0.68 8.80 24.18
C TRP F 366 -0.64 8.74 23.39
N LYS F 367 -1.78 8.91 24.08
CA LYS F 367 -3.16 8.84 23.51
C LYS F 367 -3.33 9.91 22.43
N GLN F 368 -2.89 11.14 22.71
CA GLN F 368 -2.97 12.31 21.78
C GLN F 368 -2.13 12.03 20.52
N GLU F 369 -0.89 11.53 20.66
CA GLU F 369 0.00 11.17 19.51
C GLU F 369 -0.70 10.14 18.63
N PHE F 370 -1.30 9.10 19.24
CA PHE F 370 -1.82 7.90 18.55
C PHE F 370 -3.07 8.24 17.73
N MET F 371 -3.88 9.19 18.20
CA MET F 371 -5.11 9.65 17.51
C MET F 371 -4.70 10.58 16.34
N GLY F 372 -3.84 11.57 16.61
CA GLY F 372 -3.28 12.50 15.61
C GLY F 372 -1.92 12.04 15.12
N THR G 6 18.14 -33.52 50.51
CA THR G 6 17.85 -32.54 49.42
C THR G 6 16.79 -31.53 49.90
N SER G 7 17.09 -30.79 50.99
CA SER G 7 16.18 -29.93 51.81
C SER G 7 15.54 -28.79 50.98
N SER G 8 14.44 -28.19 51.47
CA SER G 8 13.76 -27.04 50.80
C SER G 8 14.78 -25.92 50.57
N THR G 9 15.47 -25.49 51.64
CA THR G 9 16.31 -24.28 51.73
C THR G 9 17.71 -24.55 51.14
N GLY G 10 18.16 -25.82 51.10
CA GLY G 10 19.57 -26.22 50.86
C GLY G 10 19.88 -26.52 49.38
N ILE G 11 21.16 -26.61 49.06
CA ILE G 11 21.71 -26.84 47.68
C ILE G 11 21.36 -28.27 47.23
N ALA G 12 20.96 -28.47 45.96
CA ALA G 12 20.76 -29.82 45.37
C ALA G 12 22.13 -30.45 45.13
N PRO G 13 22.42 -31.63 45.75
CA PRO G 13 23.72 -32.29 45.61
C PRO G 13 23.87 -33.15 44.35
N LYS G 14 25.11 -33.49 44.02
CA LYS G 14 25.52 -34.30 42.84
C LYS G 14 24.59 -34.03 41.65
N ARG G 15 24.57 -32.80 41.15
CA ARG G 15 23.57 -32.35 40.16
C ARG G 15 23.85 -33.02 38.83
N TYR G 16 22.78 -33.27 38.08
CA TYR G 16 22.76 -34.08 36.84
C TYR G 16 23.34 -33.23 35.69
N VAL G 17 23.39 -31.92 35.83
CA VAL G 17 24.17 -31.05 34.90
C VAL G 17 25.26 -30.33 35.68
N TYR G 18 26.30 -29.92 34.98
CA TYR G 18 27.42 -29.13 35.54
C TYR G 18 27.13 -27.64 35.36
N TYR G 19 26.93 -26.93 36.48
CA TYR G 19 26.80 -25.46 36.49
C TYR G 19 28.18 -24.84 36.76
N PRO G 20 28.90 -24.35 35.73
CA PRO G 20 30.26 -23.87 35.93
C PRO G 20 30.37 -22.76 36.97
N GLY G 21 31.29 -22.91 37.90
CA GLY G 21 31.41 -21.98 39.05
C GLY G 21 30.70 -22.49 40.29
N SER G 22 29.93 -23.57 40.20
CA SER G 22 29.03 -24.02 41.29
C SER G 22 29.62 -25.18 42.10
N GLU G 23 30.69 -25.81 41.62
CA GLU G 23 31.20 -27.09 42.20
C GLU G 23 32.67 -26.95 42.63
N GLU G 24 32.95 -27.33 43.88
CA GLU G 24 34.32 -27.45 44.40
C GLU G 24 34.99 -28.68 43.76
N LEU G 25 36.21 -28.52 43.26
CA LEU G 25 37.01 -29.64 42.72
C LEU G 25 37.73 -30.30 43.90
N GLY G 26 37.60 -31.62 44.05
CA GLY G 26 38.31 -32.40 45.07
C GLY G 26 39.80 -32.44 44.76
N PRO G 27 40.64 -32.81 45.75
CA PRO G 27 42.10 -32.83 45.56
C PRO G 27 42.57 -34.03 44.72
N ASP G 28 41.74 -35.07 44.55
CA ASP G 28 42.07 -36.24 43.71
C ASP G 28 41.07 -36.32 42.55
N GLU G 29 40.69 -35.16 42.01
CA GLU G 29 39.67 -35.08 40.93
C GLU G 29 40.21 -34.23 39.78
N ILE G 30 39.79 -34.55 38.57
CA ILE G 30 40.05 -33.75 37.34
C ILE G 30 38.71 -33.44 36.70
N ARG G 31 38.59 -32.23 36.15
CA ARG G 31 37.42 -31.79 35.37
C ARG G 31 37.94 -31.39 34.01
N VAL G 32 37.43 -32.02 32.95
CA VAL G 32 37.73 -31.69 31.55
C VAL G 32 36.43 -31.18 30.91
N ILE G 33 36.47 -30.05 30.22
CA ILE G 33 35.29 -29.47 29.52
C ILE G 33 35.67 -29.35 28.05
N ALA G 34 34.88 -29.96 27.20
CA ALA G 34 34.98 -29.75 25.74
C ALA G 34 34.47 -28.33 25.47
N CYS G 35 35.34 -27.36 25.20
CA CYS G 35 34.92 -25.97 24.82
C CYS G 35 34.89 -25.83 23.30
N GLY G 36 35.23 -26.87 22.56
CA GLY G 36 35.08 -26.89 21.10
C GLY G 36 35.35 -28.28 20.58
N THR G 37 34.50 -28.78 19.69
CA THR G 37 34.46 -30.22 19.29
C THR G 37 34.34 -30.33 17.78
N GLY G 38 34.32 -29.19 17.07
CA GLY G 38 33.87 -29.08 15.68
C GLY G 38 35.00 -29.13 14.68
N MET G 39 34.82 -28.35 13.59
CA MET G 39 35.47 -28.52 12.27
C MET G 39 36.03 -27.18 11.81
N PRO G 40 36.78 -27.16 10.67
CA PRO G 40 37.33 -25.93 10.11
C PRO G 40 36.26 -24.93 9.61
N THR G 41 35.00 -25.33 9.74
CA THR G 41 33.79 -24.58 9.29
C THR G 41 32.95 -24.30 10.53
N ALA G 42 32.46 -23.08 10.66
CA ALA G 42 31.93 -22.49 11.91
C ALA G 42 30.43 -22.81 12.05
N ARG G 43 29.99 -22.89 13.30
CA ARG G 43 28.57 -23.08 13.67
C ARG G 43 28.42 -22.84 15.15
N ARG G 44 27.30 -22.24 15.52
CA ARG G 44 27.04 -21.84 16.93
C ARG G 44 26.99 -23.12 17.77
N ALA G 45 26.60 -24.27 17.22
CA ALA G 45 26.40 -25.52 18.00
C ALA G 45 27.75 -26.12 18.42
N GLN G 46 28.81 -25.89 17.63
CA GLN G 46 30.16 -26.46 17.89
C GLN G 46 31.26 -25.49 17.51
N ALA G 47 31.94 -24.99 18.53
CA ALA G 47 33.19 -24.24 18.36
C ALA G 47 34.26 -25.23 17.87
N ALA G 48 35.34 -24.71 17.28
CA ALA G 48 36.53 -25.48 16.87
C ALA G 48 37.28 -25.92 18.14
N ALA G 49 38.09 -26.99 18.00
CA ALA G 49 38.79 -27.74 19.07
C ALA G 49 39.26 -26.85 20.21
N ALA G 50 38.85 -27.17 21.43
CA ALA G 50 39.33 -26.46 22.64
C ALA G 50 38.94 -27.29 23.85
N TRP G 51 39.90 -27.54 24.76
CA TRP G 51 39.65 -28.27 26.03
C TRP G 51 40.16 -27.45 27.20
N VAL G 52 39.39 -27.40 28.27
CA VAL G 52 39.80 -26.80 29.55
C VAL G 52 39.92 -27.97 30.54
N VAL G 53 41.08 -28.08 31.19
CA VAL G 53 41.40 -29.17 32.15
C VAL G 53 41.65 -28.49 33.48
N GLU G 54 40.90 -28.87 34.51
CA GLU G 54 41.11 -28.36 35.87
C GLU G 54 41.52 -29.54 36.76
N LEU G 55 42.65 -29.38 37.44
CA LEU G 55 43.19 -30.41 38.36
C LEU G 55 42.86 -29.98 39.79
N GLY G 56 42.63 -30.96 40.66
CA GLY G 56 42.42 -30.76 42.10
C GLY G 56 43.57 -30.05 42.80
N ASN G 57 44.76 -29.96 42.21
CA ASN G 57 45.89 -29.19 42.78
C ASN G 57 45.71 -27.69 42.49
N GLY G 58 44.66 -27.29 41.77
CA GLY G 58 44.38 -25.89 41.42
C GLY G 58 45.00 -25.47 40.09
N ASP G 59 45.80 -26.32 39.45
CA ASP G 59 46.32 -26.01 38.09
C ASP G 59 45.21 -26.18 37.06
N LYS G 60 45.20 -25.32 36.05
CA LYS G 60 44.22 -25.33 34.93
C LYS G 60 44.99 -25.14 33.67
N PHE G 61 44.61 -25.86 32.61
CA PHE G 61 45.31 -25.80 31.31
C PHE G 61 44.25 -25.69 30.23
N ILE G 62 44.66 -25.14 29.12
CA ILE G 62 43.87 -25.13 27.88
C ILE G 62 44.67 -25.95 26.89
N VAL G 63 44.00 -26.94 26.32
CA VAL G 63 44.56 -27.72 25.20
C VAL G 63 43.71 -27.41 23.97
N ASP G 64 44.31 -26.70 23.02
CA ASP G 64 43.67 -26.13 21.82
C ASP G 64 42.73 -24.97 22.19
N ILE G 65 42.67 -23.98 21.31
CA ILE G 65 41.77 -22.81 21.47
C ILE G 65 41.37 -22.34 20.06
N GLY G 66 40.66 -23.23 19.35
CA GLY G 66 40.13 -23.03 17.98
C GLY G 66 39.18 -21.82 17.88
N SER G 67 38.96 -21.35 16.65
CA SER G 67 38.02 -20.23 16.35
C SER G 67 36.68 -20.56 16.99
N GLY G 68 36.17 -19.63 17.81
CA GLY G 68 34.83 -19.66 18.42
C GLY G 68 34.79 -20.24 19.82
N SER G 69 35.89 -20.83 20.30
CA SER G 69 35.90 -21.52 21.63
C SER G 69 35.89 -20.49 22.75
N MET G 70 36.32 -19.26 22.52
CA MET G 70 36.49 -18.29 23.65
C MET G 70 35.13 -18.06 24.34
N ALA G 71 34.04 -18.05 23.59
CA ALA G 71 32.69 -17.85 24.14
C ALA G 71 32.37 -18.97 25.13
N ASN G 72 32.70 -20.20 24.79
CA ASN G 72 32.54 -21.35 25.72
C ASN G 72 33.45 -21.20 26.94
N ILE G 73 34.72 -20.88 26.71
CA ILE G 73 35.71 -20.77 27.82
C ILE G 73 35.22 -19.69 28.79
N GLN G 74 34.68 -18.60 28.26
CA GLN G 74 34.27 -17.44 29.09
C GLN G 74 33.01 -17.80 29.90
N SER G 75 32.21 -18.75 29.43
CA SER G 75 30.97 -19.21 30.13
C SER G 75 31.32 -19.99 31.39
N LEU G 76 32.59 -20.33 31.62
CA LEU G 76 33.00 -21.21 32.76
C LEU G 76 33.15 -20.42 34.07
N MET G 77 33.02 -19.10 34.03
CA MET G 77 33.28 -18.22 35.20
C MET G 77 34.65 -18.55 35.82
N ILE G 78 35.71 -18.69 35.01
CA ILE G 78 37.09 -18.86 35.51
C ILE G 78 37.85 -17.56 35.28
N PRO G 79 38.33 -16.88 36.35
CA PRO G 79 39.16 -15.70 36.21
C PRO G 79 40.27 -15.94 35.18
N ALA G 80 40.54 -14.95 34.33
CA ALA G 80 41.49 -15.07 33.21
C ALA G 80 42.89 -15.41 33.74
N ASN G 81 43.23 -14.97 34.95
CA ASN G 81 44.56 -15.19 35.53
C ASN G 81 44.79 -16.68 35.80
N TYR G 82 43.73 -17.49 35.88
CA TYR G 82 43.86 -18.95 36.12
C TYR G 82 44.01 -19.72 34.80
N LEU G 83 43.84 -19.09 33.64
CA LEU G 83 43.93 -19.81 32.34
C LEU G 83 45.01 -19.19 31.46
N THR G 84 46.24 -19.13 31.95
CA THR G 84 47.38 -18.51 31.24
C THR G 84 48.23 -19.55 30.52
N LYS G 85 47.98 -20.86 30.71
CA LYS G 85 48.87 -21.93 30.17
C LYS G 85 48.12 -22.72 29.09
N ILE G 86 48.62 -22.62 27.88
CA ILE G 86 47.89 -23.08 26.68
C ILE G 86 48.81 -24.01 25.90
N PHE G 87 48.29 -25.18 25.56
CA PHE G 87 48.98 -26.22 24.76
C PHE G 87 48.28 -26.33 23.41
N LEU G 88 49.03 -26.29 22.32
CA LEU G 88 48.49 -26.39 20.96
C LEU G 88 48.91 -27.73 20.35
N THR G 89 47.97 -28.49 19.82
CA THR G 89 48.22 -29.77 19.11
C THR G 89 48.59 -29.45 17.65
N ALA G 90 48.12 -28.35 17.08
CA ALA G 90 48.37 -28.06 15.65
C ALA G 90 48.15 -26.59 15.40
N LEU G 91 48.72 -26.07 14.31
CA LEU G 91 48.67 -24.61 14.03
C LEU G 91 47.57 -24.33 12.99
N HIS G 92 46.57 -25.21 12.92
CA HIS G 92 45.30 -24.96 12.19
C HIS G 92 44.58 -23.81 12.89
N THR G 93 43.94 -22.93 12.11
CA THR G 93 43.12 -21.83 12.67
C THR G 93 42.11 -22.46 13.62
N ASP G 94 41.66 -23.67 13.34
CA ASP G 94 40.57 -24.27 14.15
C ASP G 94 41.18 -25.00 15.34
N HIS G 95 42.50 -24.86 15.57
CA HIS G 95 43.13 -25.36 16.81
C HIS G 95 43.74 -24.22 17.63
N TRP G 96 44.00 -23.02 17.08
CA TRP G 96 44.55 -21.90 17.89
C TRP G 96 44.04 -20.51 17.45
N GLY G 97 43.06 -20.46 16.55
CA GLY G 97 42.44 -19.21 16.05
C GLY G 97 42.03 -18.28 17.17
N ASP G 98 41.53 -18.82 18.28
CA ASP G 98 41.03 -17.94 19.38
C ASP G 98 42.12 -17.58 20.39
N LEU G 99 43.38 -17.95 20.14
CA LEU G 99 44.48 -17.49 21.02
C LEU G 99 44.44 -15.96 21.11
N VAL G 100 44.23 -15.28 19.98
CA VAL G 100 44.23 -13.79 19.95
C VAL G 100 43.10 -13.24 20.83
N SER G 101 41.93 -13.89 20.87
CA SER G 101 40.76 -13.47 21.67
C SER G 101 41.06 -13.67 23.16
N MET G 102 41.66 -14.80 23.52
CA MET G 102 42.16 -15.02 24.90
C MET G 102 43.10 -13.86 25.24
N TRP G 103 44.08 -13.62 24.36
CA TRP G 103 45.17 -12.62 24.58
C TRP G 103 44.56 -11.22 24.74
N ALA G 104 43.76 -10.77 23.79
CA ALA G 104 43.20 -9.39 23.83
C ALA G 104 42.14 -9.33 24.93
N GLY G 105 41.16 -10.23 24.90
CA GLY G 105 40.04 -10.24 25.85
C GLY G 105 40.53 -10.33 27.29
N GLY G 106 41.39 -11.31 27.59
CA GLY G 106 41.92 -11.51 28.95
C GLY G 106 42.57 -10.24 29.48
N TRP G 107 43.37 -9.60 28.65
CA TRP G 107 44.16 -8.39 29.02
C TRP G 107 43.21 -7.21 29.31
N THR G 108 42.16 -6.96 28.49
CA THR G 108 41.19 -5.85 28.78
C THR G 108 40.43 -6.19 30.07
N ALA G 109 40.20 -7.48 30.34
CA ALA G 109 39.40 -8.01 31.47
C ALA G 109 40.25 -8.15 32.73
N GLY G 110 41.57 -7.93 32.63
CA GLY G 110 42.44 -7.80 33.81
C GLY G 110 43.20 -9.06 34.17
N ARG G 111 43.50 -9.94 33.21
CA ARG G 111 44.66 -10.84 33.35
C ARG G 111 45.89 -9.96 33.64
N THR G 112 46.71 -10.35 34.62
CA THR G 112 47.92 -9.61 35.09
C THR G 112 49.21 -10.32 34.67
N ASP G 113 49.12 -11.62 34.35
CA ASP G 113 50.29 -12.43 33.89
C ASP G 113 50.24 -12.61 32.37
N PRO G 114 51.41 -12.75 31.72
CA PRO G 114 51.47 -13.02 30.29
C PRO G 114 50.93 -14.42 29.99
N LEU G 115 50.49 -14.65 28.75
CA LEU G 115 50.11 -16.01 28.28
C LEU G 115 51.40 -16.82 28.13
N GLU G 116 51.29 -18.12 28.40
CA GLU G 116 52.36 -19.12 28.22
C GLU G 116 51.81 -20.14 27.23
N VAL G 117 52.48 -20.32 26.09
CA VAL G 117 52.00 -21.18 24.99
C VAL G 117 53.04 -22.27 24.73
N TRP G 118 52.63 -23.52 24.86
CA TRP G 118 53.42 -24.72 24.47
C TRP G 118 52.85 -25.19 23.14
N GLY G 119 53.66 -25.28 22.11
CA GLY G 119 53.23 -25.88 20.85
C GLY G 119 54.39 -26.40 20.05
N PRO G 120 54.14 -27.18 18.99
CA PRO G 120 55.21 -27.86 18.28
C PRO G 120 55.98 -26.95 17.32
N SER G 121 57.22 -27.36 17.05
CA SER G 121 58.02 -26.90 15.90
C SER G 121 57.44 -27.52 14.63
N GLY G 122 57.92 -27.10 13.48
CA GLY G 122 57.67 -27.77 12.19
C GLY G 122 59.00 -28.25 11.62
N SER G 123 59.03 -28.62 10.35
CA SER G 123 60.22 -29.23 9.73
C SER G 123 61.28 -28.14 9.54
N ARG G 124 60.88 -26.88 9.67
CA ARG G 124 61.71 -25.68 9.50
C ARG G 124 61.09 -24.55 10.35
N GLU G 125 61.83 -23.44 10.53
CA GLU G 125 61.47 -22.36 11.47
C GLU G 125 60.04 -21.88 11.21
N ASP G 126 59.72 -21.51 9.96
CA ASP G 126 58.46 -20.82 9.59
C ASP G 126 57.26 -21.77 9.62
N MET G 127 57.43 -23.03 10.08
CA MET G 127 56.35 -24.03 10.18
C MET G 127 56.07 -24.40 11.64
N GLY G 128 56.67 -23.66 12.58
CA GLY G 128 56.53 -23.91 14.04
C GLY G 128 55.80 -22.83 14.79
N THR G 129 55.51 -23.13 16.06
CA THR G 129 54.71 -22.28 16.96
C THR G 129 55.46 -20.98 17.25
N LYS G 130 56.78 -21.04 17.41
CA LYS G 130 57.55 -19.85 17.84
C LYS G 130 57.30 -18.76 16.79
N TYR G 131 57.56 -19.10 15.53
CA TYR G 131 57.33 -18.23 14.36
C TYR G 131 55.86 -17.77 14.33
N ALA G 132 54.90 -18.70 14.46
CA ALA G 132 53.43 -18.45 14.42
C ALA G 132 53.04 -17.34 15.40
N VAL G 133 53.39 -17.51 16.67
CA VAL G 133 52.92 -16.59 17.75
C VAL G 133 53.62 -15.24 17.57
N GLU G 134 54.92 -15.24 17.27
CA GLU G 134 55.72 -14.02 17.01
C GLU G 134 55.01 -13.16 15.96
N HIS G 135 54.59 -13.77 14.85
CA HIS G 135 53.91 -13.07 13.73
C HIS G 135 52.46 -12.77 14.08
N MET G 136 51.81 -13.56 14.94
CA MET G 136 50.43 -13.28 15.38
C MET G 136 50.47 -11.94 16.12
N LEU G 137 51.43 -11.78 17.04
CA LEU G 137 51.60 -10.55 17.84
C LEU G 137 51.88 -9.32 16.94
N LYS G 138 52.70 -9.44 15.90
CA LYS G 138 52.94 -8.35 14.92
C LYS G 138 51.62 -8.04 14.18
N ALA G 139 50.91 -9.06 13.73
CA ALA G 139 49.59 -8.96 13.05
C ALA G 139 48.70 -8.00 13.84
N TYR G 140 48.66 -8.14 15.17
CA TYR G 140 47.79 -7.35 16.08
C TYR G 140 48.60 -6.25 16.79
N ASN G 141 49.62 -5.70 16.11
CA ASN G 141 50.49 -4.65 16.68
C ASN G 141 49.68 -3.39 17.02
N TRP G 142 48.77 -2.96 16.14
CA TRP G 142 47.89 -1.79 16.40
C TRP G 142 47.17 -1.97 17.75
N ASP G 143 46.55 -3.13 17.91
CA ASP G 143 45.74 -3.46 19.11
C ASP G 143 46.68 -3.45 20.31
N TYR G 144 47.84 -4.07 20.15
CA TYR G 144 48.88 -4.18 21.22
C TYR G 144 49.28 -2.77 21.68
N MET G 145 49.70 -1.93 20.74
CA MET G 145 50.32 -0.62 21.03
C MET G 145 49.25 0.29 21.63
N THR G 146 48.07 0.38 21.01
CA THR G 146 46.96 1.22 21.51
C THR G 146 46.56 0.75 22.91
N ARG G 147 46.42 -0.56 23.12
CA ARG G 147 45.95 -1.10 24.43
C ARG G 147 47.00 -0.80 25.51
N ALA G 148 48.29 -0.95 25.17
CA ALA G 148 49.44 -0.81 26.09
C ALA G 148 49.59 0.64 26.58
N VAL G 149 49.03 1.61 25.84
CA VAL G 149 48.98 3.03 26.30
C VAL G 149 48.18 3.13 27.59
N THR G 150 47.05 2.42 27.67
CA THR G 150 46.03 2.55 28.76
C THR G 150 46.16 1.42 29.80
N ILE G 151 46.72 0.27 29.41
CA ILE G 151 46.85 -0.92 30.30
C ILE G 151 48.31 -1.37 30.31
N ASN G 152 48.88 -1.66 31.50
CA ASN G 152 50.23 -2.26 31.69
C ASN G 152 50.48 -3.35 30.67
N PRO G 153 51.60 -3.32 29.93
CA PRO G 153 51.78 -4.26 28.82
C PRO G 153 52.26 -5.66 29.22
N ARG G 154 52.63 -5.91 30.49
CA ARG G 154 53.15 -7.24 30.91
C ARG G 154 52.16 -8.34 30.50
N PRO G 155 50.85 -8.26 30.82
CA PRO G 155 49.92 -9.33 30.41
C PRO G 155 49.75 -9.49 28.89
N GLY G 156 50.17 -8.51 28.08
CA GLY G 156 50.13 -8.56 26.61
C GLY G 156 51.30 -9.31 26.01
N ASP G 157 52.24 -9.77 26.84
CA ASP G 157 53.36 -10.66 26.43
C ASP G 157 52.82 -12.08 26.22
N ILE G 158 53.35 -12.81 25.24
CA ILE G 158 53.13 -14.28 25.12
C ILE G 158 54.49 -14.96 25.14
N ASN G 159 54.80 -15.68 26.22
CA ASN G 159 56.02 -16.51 26.34
C ASN G 159 55.74 -17.82 25.61
N VAL G 160 56.50 -18.11 24.56
CA VAL G 160 56.27 -19.35 23.78
C VAL G 160 57.27 -20.38 24.24
N HIS G 161 56.84 -21.61 24.35
CA HIS G 161 57.66 -22.79 24.70
C HIS G 161 57.52 -23.79 23.55
N GLU G 162 58.32 -23.63 22.51
CA GLU G 162 58.27 -24.50 21.32
C GLU G 162 59.02 -25.79 21.66
N PHE G 163 58.39 -26.95 21.45
CA PHE G 163 59.01 -28.26 21.69
C PHE G 163 59.11 -28.97 20.36
N ASP G 164 59.97 -29.98 20.31
CA ASP G 164 60.31 -30.74 19.08
C ASP G 164 59.14 -31.66 18.73
N TYR G 165 58.48 -31.46 17.58
CA TYR G 165 57.31 -32.25 17.15
C TYR G 165 57.70 -33.72 17.01
N ARG G 166 58.94 -33.96 16.58
CA ARG G 166 59.49 -35.30 16.23
C ARG G 166 59.59 -36.18 17.48
N ALA G 167 59.66 -35.59 18.66
CA ALA G 167 60.00 -36.32 19.91
C ALA G 167 58.93 -37.38 20.22
N LEU G 168 59.36 -38.62 20.50
CA LEU G 168 58.45 -39.75 20.76
C LEU G 168 58.18 -39.83 22.27
N ASN G 169 57.04 -39.29 22.72
CA ASN G 169 56.54 -39.39 24.12
C ASN G 169 57.47 -38.71 25.13
N GLU G 170 58.06 -37.58 24.78
CA GLU G 170 59.04 -36.86 25.63
C GLU G 170 58.31 -35.76 26.41
N VAL G 171 58.79 -35.46 27.62
CA VAL G 171 58.24 -34.38 28.48
C VAL G 171 58.38 -33.05 27.72
N VAL G 172 57.32 -32.25 27.66
CA VAL G 172 57.37 -30.86 27.10
C VAL G 172 57.06 -29.87 28.21
N TYR G 173 56.59 -30.38 29.33
CA TYR G 173 56.16 -29.59 30.50
C TYR G 173 56.19 -30.48 31.74
N GLN G 174 56.75 -29.97 32.83
CA GLN G 174 56.75 -30.70 34.11
C GLN G 174 56.90 -29.67 35.23
N GLU G 175 55.84 -29.50 36.01
CA GLU G 175 55.75 -28.49 37.10
C GLU G 175 54.71 -29.00 38.10
N ASN G 176 55.03 -28.99 39.39
CA ASN G 176 54.01 -29.08 40.46
C ASN G 176 53.28 -30.43 40.39
N GLY G 177 54.01 -31.50 40.04
CA GLY G 177 53.48 -32.87 39.90
C GLY G 177 52.72 -33.11 38.61
N VAL G 178 52.81 -32.20 37.65
CA VAL G 178 52.06 -32.28 36.36
C VAL G 178 53.07 -32.38 35.25
N THR G 179 52.91 -33.40 34.41
CA THR G 179 53.77 -33.71 33.27
C THR G 179 52.88 -33.70 32.02
N PHE G 180 53.29 -33.00 30.98
CA PHE G 180 52.78 -33.21 29.61
C PHE G 180 53.89 -33.88 28.82
N ARG G 181 53.54 -34.93 28.08
CA ARG G 181 54.37 -35.53 27.01
C ARG G 181 53.69 -35.30 25.65
N SER G 182 54.47 -35.17 24.60
CA SER G 182 53.96 -35.07 23.21
C SER G 182 54.44 -36.28 22.40
N TRP G 183 53.70 -36.64 21.36
CA TRP G 183 54.19 -37.55 20.30
C TRP G 183 53.55 -37.10 19.01
N PRO G 184 54.12 -37.46 17.87
CA PRO G 184 53.69 -36.88 16.60
C PRO G 184 52.30 -37.36 16.16
N CYS G 185 51.72 -36.63 15.21
CA CYS G 185 50.52 -36.98 14.44
C CYS G 185 50.90 -36.96 12.96
N ILE G 186 50.03 -37.52 12.13
CA ILE G 186 50.19 -37.55 10.65
C ILE G 186 48.98 -36.83 10.06
N HIS G 187 49.14 -35.56 9.72
CA HIS G 187 48.02 -34.67 9.39
C HIS G 187 48.53 -33.41 8.72
N ALA G 188 48.23 -33.26 7.42
CA ALA G 188 48.44 -32.06 6.59
C ALA G 188 49.92 -31.90 6.26
N GLY G 189 50.76 -31.96 7.28
CA GLY G 189 52.22 -31.77 7.19
C GLY G 189 52.85 -31.96 8.55
N ASP G 190 54.16 -32.06 8.59
CA ASP G 190 54.92 -32.25 9.86
C ASP G 190 54.51 -31.15 10.83
N GLY G 191 54.36 -31.51 12.10
CA GLY G 191 54.24 -30.53 13.18
C GLY G 191 53.19 -30.97 14.19
N PRO G 192 51.95 -31.30 13.78
CA PRO G 192 50.90 -31.66 14.73
C PRO G 192 51.35 -32.78 15.66
N VAL G 193 50.86 -32.76 16.89
CA VAL G 193 51.21 -33.70 17.99
C VAL G 193 49.97 -33.96 18.86
N SER G 194 50.02 -35.06 19.59
CA SER G 194 49.06 -35.40 20.66
C SER G 194 49.76 -35.13 21.98
N PHE G 195 49.02 -34.88 23.05
CA PHE G 195 49.55 -34.67 24.42
C PHE G 195 48.99 -35.73 25.34
N ALA G 196 49.76 -36.08 26.38
CA ALA G 196 49.32 -36.81 27.58
C ALA G 196 49.67 -35.96 28.80
N LEU G 197 48.67 -35.63 29.61
CA LEU G 197 48.78 -34.95 30.93
C LEU G 197 48.78 -36.05 31.98
N GLU G 198 49.83 -36.16 32.79
CA GLU G 198 49.85 -37.12 33.92
C GLU G 198 49.92 -36.28 35.18
N TRP G 199 49.09 -36.63 36.13
CA TRP G 199 49.09 -35.96 37.44
C TRP G 199 48.40 -36.88 38.44
N ASN G 200 49.04 -37.15 39.58
CA ASN G 200 48.37 -37.79 40.74
C ASN G 200 47.77 -39.13 40.31
N GLY G 201 48.43 -39.84 39.40
CA GLY G 201 48.01 -41.18 38.92
C GLY G 201 46.95 -41.14 37.85
N TYR G 202 46.59 -39.93 37.38
CA TYR G 202 45.61 -39.75 36.29
C TYR G 202 46.41 -39.56 35.00
N LYS G 203 45.84 -40.02 33.89
CA LYS G 203 46.44 -39.79 32.57
C LYS G 203 45.30 -39.32 31.67
N VAL G 204 45.42 -38.12 31.07
CA VAL G 204 44.39 -37.57 30.14
C VAL G 204 45.08 -37.33 28.83
N VAL G 205 44.59 -37.94 27.75
CA VAL G 205 45.24 -37.87 26.41
C VAL G 205 44.39 -37.00 25.49
N PHE G 206 45.04 -36.00 24.89
CA PHE G 206 44.50 -35.07 23.86
C PHE G 206 45.13 -35.43 22.52
N GLY G 207 44.38 -36.12 21.67
CA GLY G 207 44.87 -36.66 20.38
C GLY G 207 45.12 -35.56 19.36
N GLY G 208 44.35 -34.49 19.38
CA GLY G 208 44.49 -33.49 18.29
C GLY G 208 43.96 -34.07 16.98
N ASP G 209 44.82 -34.16 15.94
CA ASP G 209 44.38 -34.45 14.53
C ASP G 209 45.40 -35.39 13.87
N THR G 210 44.96 -36.55 13.39
CA THR G 210 45.86 -37.60 12.85
C THR G 210 45.07 -38.58 11.97
N ALA G 211 45.69 -39.04 10.89
CA ALA G 211 45.46 -40.39 10.33
C ALA G 211 46.00 -41.40 11.36
N PRO G 212 45.47 -42.64 11.43
CA PRO G 212 45.90 -43.58 12.47
C PRO G 212 47.42 -43.75 12.43
N ASN G 213 48.05 -43.75 13.61
CA ASN G 213 49.54 -43.78 13.77
C ASN G 213 49.88 -44.86 14.79
N ILE G 214 51.12 -45.32 14.78
CA ILE G 214 51.61 -46.37 15.72
C ILE G 214 51.91 -45.75 17.09
N TRP G 215 51.93 -44.42 17.24
CA TRP G 215 52.40 -43.79 18.51
C TRP G 215 51.26 -43.70 19.54
N TYR G 216 50.09 -43.21 19.16
CA TYR G 216 48.93 -42.99 20.09
C TYR G 216 48.60 -44.29 20.83
N PRO G 217 48.42 -45.43 20.12
CA PRO G 217 48.11 -46.70 20.79
C PRO G 217 49.11 -47.10 21.90
N GLU G 218 50.41 -46.89 21.66
CA GLU G 218 51.49 -47.08 22.68
C GLU G 218 51.35 -46.06 23.83
N TYR G 219 51.42 -44.76 23.56
CA TYR G 219 51.66 -43.72 24.60
C TYR G 219 50.37 -43.31 25.34
N ALA G 220 49.18 -43.61 24.79
CA ALA G 220 47.88 -43.28 25.43
C ALA G 220 47.39 -44.41 26.33
N LYS G 221 48.03 -45.58 26.29
CA LYS G 221 47.55 -46.82 26.93
C LYS G 221 47.14 -46.54 28.38
N GLY G 222 45.96 -47.02 28.80
CA GLY G 222 45.50 -46.97 30.19
C GLY G 222 45.09 -45.56 30.64
N ALA G 223 44.84 -44.65 29.72
CA ALA G 223 44.40 -43.27 30.05
C ALA G 223 43.06 -43.35 30.78
N ASP G 224 42.88 -42.49 31.78
CA ASP G 224 41.55 -42.26 32.41
C ASP G 224 40.57 -41.76 31.35
N LEU G 225 41.01 -40.79 30.54
CA LEU G 225 40.21 -40.17 29.46
C LEU G 225 41.15 -40.04 28.25
N ALA G 226 40.75 -40.66 27.14
CA ALA G 226 41.43 -40.67 25.84
C ALA G 226 40.54 -39.94 24.84
N ILE G 227 41.05 -38.86 24.25
CA ILE G 227 40.34 -38.05 23.22
C ILE G 227 41.08 -38.26 21.90
N HIS G 228 40.35 -38.57 20.84
CA HIS G 228 40.93 -38.83 19.49
C HIS G 228 39.93 -38.33 18.47
N GLU G 229 40.43 -37.83 17.34
CA GLU G 229 39.59 -37.42 16.19
C GLU G 229 38.84 -38.67 15.72
N CYS G 230 37.63 -38.45 15.25
CA CYS G 230 36.70 -39.53 14.87
C CYS G 230 35.84 -38.97 13.74
N TRP G 231 36.22 -39.27 12.51
CA TRP G 231 35.78 -38.50 11.33
C TRP G 231 34.35 -38.91 10.95
N MET G 232 33.65 -37.98 10.32
CA MET G 232 32.37 -38.29 9.65
C MET G 232 32.64 -39.34 8.55
N THR G 233 31.61 -40.19 8.32
CA THR G 233 31.62 -41.37 7.40
C THR G 233 31.67 -40.92 5.94
N SER G 234 32.09 -41.81 5.05
CA SER G 234 32.31 -41.49 3.62
C SER G 234 30.95 -41.26 2.93
N ASP G 235 29.88 -41.84 3.49
CA ASP G 235 28.48 -41.55 3.08
C ASP G 235 28.18 -40.09 3.42
N GLN G 236 28.39 -39.71 4.68
CA GLN G 236 28.20 -38.32 5.18
C GLN G 236 29.09 -37.38 4.35
N MET G 237 30.30 -37.81 3.96
CA MET G 237 31.24 -37.00 3.14
C MET G 237 30.65 -36.75 1.73
N MET G 238 29.84 -37.67 1.21
CA MET G 238 29.13 -37.50 -0.09
C MET G 238 27.83 -36.71 0.11
N THR G 239 27.00 -37.11 1.08
CA THR G 239 25.72 -36.43 1.46
C THR G 239 25.98 -34.92 1.69
N LYS G 240 26.87 -34.59 2.65
CA LYS G 240 27.03 -33.23 3.21
C LYS G 240 27.98 -32.36 2.37
N TYR G 241 28.98 -32.94 1.69
CA TYR G 241 30.03 -32.18 0.95
C TYR G 241 30.00 -32.49 -0.56
N ASN G 242 29.04 -33.31 -1.04
CA ASN G 242 28.86 -33.75 -2.46
C ASN G 242 30.18 -34.21 -3.08
N GLN G 243 30.95 -35.02 -2.36
CA GLN G 243 32.28 -35.55 -2.79
C GLN G 243 32.07 -36.71 -3.76
N PRO G 244 32.92 -36.86 -4.82
CA PRO G 244 33.01 -38.12 -5.58
C PRO G 244 33.22 -39.32 -4.65
N ALA G 245 32.53 -40.44 -4.93
CA ALA G 245 32.56 -41.69 -4.13
C ALA G 245 33.99 -42.08 -3.75
N GLN G 246 34.95 -41.88 -4.66
CA GLN G 246 36.34 -42.37 -4.55
C GLN G 246 37.12 -41.49 -3.55
N LEU G 247 37.01 -40.16 -3.65
CA LEU G 247 37.66 -39.19 -2.73
C LEU G 247 37.04 -39.36 -1.34
N ALA G 248 35.71 -39.48 -1.26
CA ALA G 248 34.94 -39.76 -0.02
C ALA G 248 35.51 -41.00 0.69
N LEU G 249 35.94 -42.03 -0.07
CA LEU G 249 36.51 -43.27 0.50
C LEU G 249 37.91 -42.98 1.09
N ARG G 250 38.74 -42.19 0.38
CA ARG G 250 40.15 -41.86 0.76
C ARG G 250 40.18 -41.07 2.07
N ILE G 251 39.21 -40.18 2.28
CA ILE G 251 39.16 -39.23 3.44
C ILE G 251 39.21 -40.05 4.73
N ASN G 252 38.51 -41.18 4.78
CA ASN G 252 38.39 -42.03 5.99
C ASN G 252 39.48 -43.11 6.04
N LEU G 253 40.36 -43.20 5.03
CA LEU G 253 41.46 -44.21 5.03
C LEU G 253 42.82 -43.53 5.17
N ASP G 254 43.08 -42.46 4.43
CA ASP G 254 44.43 -41.81 4.36
C ASP G 254 44.48 -40.52 5.19
N PHE G 255 43.48 -39.64 5.04
CA PHE G 255 43.56 -38.23 5.50
C PHE G 255 43.20 -38.14 6.98
N HIS G 256 42.35 -39.05 7.50
CA HIS G 256 41.71 -38.92 8.83
C HIS G 256 41.53 -40.28 9.50
N THR G 257 41.24 -40.28 10.79
CA THR G 257 40.86 -41.46 11.58
C THR G 257 39.34 -41.70 11.46
N SER G 258 38.94 -42.66 10.61
CA SER G 258 37.55 -43.18 10.50
C SER G 258 37.01 -43.56 11.88
N ALA G 259 35.69 -43.60 12.06
CA ALA G 259 35.06 -44.08 13.32
C ALA G 259 35.56 -45.50 13.64
N GLN G 260 35.75 -46.32 12.60
CA GLN G 260 36.23 -47.73 12.74
C GLN G 260 37.70 -47.75 13.18
N SER G 261 38.56 -46.97 12.54
CA SER G 261 39.97 -46.75 12.98
C SER G 261 39.94 -46.32 14.47
N PHE G 262 39.08 -45.38 14.87
CA PHE G 262 38.97 -44.91 16.28
C PHE G 262 38.66 -46.07 17.24
N GLY G 263 37.68 -46.91 16.89
CA GLY G 263 37.38 -48.11 17.68
C GLY G 263 38.61 -49.02 17.77
N GLN G 264 39.27 -49.28 16.64
CA GLN G 264 40.53 -50.10 16.68
C GLN G 264 41.48 -49.44 17.68
N ILE G 265 41.70 -48.13 17.57
CA ILE G 265 42.71 -47.43 18.41
C ILE G 265 42.32 -47.56 19.89
N MET G 266 41.05 -47.32 20.23
CA MET G 266 40.65 -47.31 21.66
C MET G 266 40.59 -48.74 22.20
N ASN G 267 40.29 -49.69 21.34
CA ASN G 267 40.41 -51.13 21.69
C ASN G 267 41.85 -51.40 22.14
N MET G 268 42.83 -50.92 21.36
CA MET G 268 44.29 -51.03 21.67
C MET G 268 44.60 -50.28 22.98
N VAL G 269 44.07 -49.07 23.19
CA VAL G 269 44.45 -48.17 24.32
C VAL G 269 43.87 -48.67 25.65
N GLN G 270 42.65 -49.22 25.63
CA GLN G 270 41.92 -49.71 26.83
C GLN G 270 41.80 -48.62 27.89
N PRO G 271 41.22 -47.45 27.55
CA PRO G 271 41.11 -46.34 28.50
C PRO G 271 39.95 -46.60 29.46
N ARG G 272 39.89 -45.89 30.59
CA ARG G 272 38.69 -45.93 31.46
C ARG G 272 37.52 -45.35 30.65
N HIS G 273 37.81 -44.38 29.76
CA HIS G 273 36.76 -43.65 29.02
C HIS G 273 37.37 -43.03 27.76
N ALA G 274 36.77 -43.30 26.61
CA ALA G 274 37.15 -42.76 25.29
C ALA G 274 36.24 -41.58 24.98
N VAL G 275 36.74 -40.64 24.19
CA VAL G 275 35.97 -39.46 23.72
C VAL G 275 36.25 -39.35 22.23
N ALA G 276 35.24 -39.53 21.40
CA ALA G 276 35.28 -39.17 19.98
C ALA G 276 34.93 -37.68 19.85
N TYR G 277 35.63 -36.96 18.98
CA TYR G 277 35.32 -35.53 18.72
C TYR G 277 35.74 -35.21 17.28
N HIS G 278 35.51 -33.96 16.86
CA HIS G 278 36.01 -33.39 15.58
C HIS G 278 35.15 -33.87 14.40
N PHE G 279 33.87 -34.14 14.66
CA PHE G 279 32.81 -34.41 13.65
C PHE G 279 31.62 -33.51 14.03
N PHE G 280 30.80 -33.14 13.03
CA PHE G 280 29.53 -32.43 13.26
C PHE G 280 28.57 -33.40 13.96
N ASN G 281 28.18 -33.06 15.18
CA ASN G 281 27.34 -33.90 16.07
C ASN G 281 25.88 -33.45 15.89
N ASP G 282 25.22 -34.03 14.88
CA ASP G 282 23.86 -33.69 14.38
C ASP G 282 22.97 -34.93 14.54
N ASP G 283 21.64 -34.73 14.54
CA ASP G 283 20.66 -35.81 14.78
C ASP G 283 20.81 -36.87 13.66
N ASP G 284 21.38 -36.51 12.51
CA ASP G 284 21.50 -37.42 11.32
C ASP G 284 22.97 -37.74 11.02
N THR G 285 23.91 -37.44 11.92
CA THR G 285 25.35 -37.81 11.74
C THR G 285 25.83 -38.69 12.89
N ARG G 286 25.39 -38.42 14.12
CA ARG G 286 26.03 -38.99 15.33
C ARG G 286 25.92 -40.51 15.33
N TYR G 287 24.78 -41.09 14.90
CA TYR G 287 24.43 -42.52 15.21
C TYR G 287 25.34 -43.46 14.41
N ASP G 288 25.51 -43.21 13.11
CA ASP G 288 26.41 -44.01 12.24
C ASP G 288 27.83 -43.93 12.76
N ILE G 289 28.27 -42.74 13.19
CA ILE G 289 29.65 -42.56 13.72
C ILE G 289 29.77 -43.44 14.97
N TYR G 290 28.78 -43.41 15.86
CA TYR G 290 28.78 -44.24 17.10
C TYR G 290 28.92 -45.72 16.74
N THR G 291 28.10 -46.19 15.80
CA THR G 291 28.07 -47.61 15.36
C THR G 291 29.44 -47.96 14.76
N GLY G 292 30.00 -47.08 13.93
CA GLY G 292 31.39 -47.21 13.45
C GLY G 292 32.35 -47.60 14.58
N VAL G 293 32.32 -46.85 15.67
CA VAL G 293 33.25 -47.05 16.82
C VAL G 293 32.94 -48.40 17.42
N ARG G 294 31.66 -48.73 17.56
CA ARG G 294 31.21 -49.91 18.33
C ARG G 294 31.63 -51.21 17.62
N GLU G 295 31.90 -51.16 16.31
CA GLU G 295 32.42 -52.34 15.56
C GLU G 295 33.62 -52.91 16.31
N ASN G 296 34.48 -52.06 16.89
CA ASN G 296 35.81 -52.51 17.42
C ASN G 296 35.98 -52.15 18.89
N TYR G 297 35.37 -51.06 19.40
CA TYR G 297 35.53 -50.63 20.82
C TYR G 297 34.20 -50.80 21.56
N ALA G 298 34.23 -51.47 22.70
CA ALA G 298 33.06 -51.81 23.55
C ALA G 298 33.14 -51.07 24.89
N GLY G 299 34.23 -50.35 25.15
CA GLY G 299 34.40 -49.68 26.45
C GLY G 299 33.56 -48.40 26.54
N PRO G 300 33.55 -47.75 27.73
CA PRO G 300 32.85 -46.47 27.92
C PRO G 300 33.32 -45.40 26.91
N LEU G 301 32.34 -44.71 26.33
CA LEU G 301 32.53 -43.82 25.16
C LEU G 301 31.68 -42.57 25.35
N SER G 302 32.24 -41.41 25.08
CA SER G 302 31.44 -40.16 24.94
C SER G 302 31.51 -39.73 23.48
N MET G 303 30.38 -39.34 22.92
CA MET G 303 30.35 -38.67 21.61
C MET G 303 30.30 -37.16 21.90
N ALA G 304 31.47 -36.51 21.77
CA ALA G 304 31.68 -35.15 22.31
C ALA G 304 30.77 -34.16 21.58
N THR G 305 30.18 -33.26 22.34
CA THR G 305 29.71 -31.96 21.79
C THR G 305 30.17 -30.85 22.74
N ASP G 306 30.03 -29.59 22.33
CA ASP G 306 30.48 -28.41 23.10
C ASP G 306 29.84 -28.45 24.48
N MET G 307 30.64 -28.16 25.51
CA MET G 307 30.22 -28.00 26.91
C MET G 307 29.89 -29.35 27.54
N MET G 308 30.31 -30.46 26.94
CA MET G 308 30.34 -31.77 27.63
C MET G 308 31.44 -31.73 28.70
N VAL G 309 31.19 -32.26 29.88
CA VAL G 309 32.23 -32.24 30.94
C VAL G 309 32.43 -33.65 31.54
N TRP G 310 33.69 -34.00 31.78
CA TRP G 310 34.02 -35.30 32.43
C TRP G 310 34.63 -35.01 33.79
N ASN G 311 34.10 -35.70 34.79
CA ASN G 311 34.67 -35.73 36.16
C ASN G 311 35.40 -37.07 36.33
N ILE G 312 36.71 -37.00 36.44
CA ILE G 312 37.64 -38.12 36.68
C ILE G 312 37.90 -38.20 38.17
N THR G 313 37.52 -39.32 38.80
CA THR G 313 37.85 -39.64 40.20
C THR G 313 38.42 -41.06 40.24
N ARG G 314 38.80 -41.49 41.44
CA ARG G 314 39.33 -42.86 41.70
C ARG G 314 38.27 -43.86 41.27
N ASP G 315 37.01 -43.61 41.63
CA ASP G 315 35.89 -44.58 41.49
C ASP G 315 35.24 -44.48 40.10
N ALA G 316 35.34 -43.34 39.40
CA ALA G 316 34.48 -43.12 38.20
C ALA G 316 35.07 -42.11 37.22
N VAL G 317 34.70 -42.28 35.95
CA VAL G 317 34.73 -41.21 34.92
C VAL G 317 33.29 -40.98 34.49
N THR G 318 32.74 -39.84 34.87
CA THR G 318 31.32 -39.43 34.67
C THR G 318 31.25 -38.39 33.55
N GLU G 319 30.33 -38.56 32.61
CA GLU G 319 29.99 -37.53 31.59
C GLU G 319 28.75 -36.78 32.05
N ARG G 320 28.80 -35.44 32.06
CA ARG G 320 27.62 -34.57 32.21
C ARG G 320 27.65 -33.50 31.13
N MET G 321 26.54 -32.80 30.94
CA MET G 321 26.54 -31.58 30.10
C MET G 321 26.65 -30.38 31.04
N ALA G 322 27.37 -29.34 30.59
CA ALA G 322 27.48 -28.06 31.30
C ALA G 322 26.35 -27.13 30.82
N VAL G 323 25.69 -26.47 31.78
CA VAL G 323 24.62 -25.49 31.53
C VAL G 323 25.22 -24.17 31.98
N SER G 324 25.54 -23.30 31.04
CA SER G 324 26.43 -22.13 31.28
C SER G 324 25.78 -20.89 30.69
N PRO G 325 26.12 -19.67 31.14
CA PRO G 325 25.51 -18.45 30.60
C PRO G 325 25.94 -18.07 29.18
N ASP G 326 24.96 -17.92 28.28
CA ASP G 326 25.14 -17.34 26.90
C ASP G 326 25.47 -15.86 27.02
N HIS G 327 24.94 -15.17 28.04
CA HIS G 327 25.21 -13.74 28.37
C HIS G 327 26.39 -13.69 29.35
N ALA G 328 27.57 -14.10 28.90
CA ALA G 328 28.79 -14.27 29.73
C ALA G 328 29.44 -12.93 29.96
N TRP G 329 30.02 -12.80 31.15
CA TRP G 329 30.86 -11.66 31.62
C TRP G 329 32.14 -12.25 32.22
N ASP G 330 33.26 -11.57 32.00
CA ASP G 330 34.51 -11.78 32.77
C ASP G 330 34.17 -11.80 34.26
N VAL G 331 34.73 -12.76 35.01
CA VAL G 331 34.62 -12.86 36.49
C VAL G 331 35.98 -12.47 37.07
N ALA G 332 35.99 -11.56 38.06
CA ALA G 332 37.21 -11.00 38.68
C ALA G 332 37.91 -12.10 39.49
N GLY G 333 39.23 -12.23 39.31
CA GLY G 333 40.10 -13.08 40.14
C GLY G 333 40.69 -12.28 41.30
N PRO G 334 41.32 -12.95 42.29
CA PRO G 334 41.79 -12.30 43.52
C PRO G 334 42.29 -10.86 43.40
N ARG G 342 57.91 1.69 32.68
CA ARG G 342 58.31 2.54 31.53
C ARG G 342 57.09 3.29 30.99
N ASN G 343 57.26 4.58 30.69
CA ASN G 343 56.24 5.43 30.01
C ASN G 343 56.08 4.97 28.55
N ARG G 344 54.88 5.19 28.01
CA ARG G 344 54.52 4.83 26.62
C ARG G 344 54.05 6.12 25.93
N ALA G 345 54.46 6.30 24.68
CA ALA G 345 53.98 7.37 23.78
C ALA G 345 52.51 7.14 23.46
N SER G 346 51.70 8.20 23.53
CA SER G 346 50.35 8.27 22.93
C SER G 346 50.44 7.78 21.48
N GLU G 347 49.42 7.06 21.00
CA GLU G 347 49.30 6.68 19.57
C GLU G 347 48.28 7.59 18.87
N TYR G 348 47.84 8.64 19.57
CA TYR G 348 47.00 9.71 19.00
C TYR G 348 47.92 10.82 18.48
N THR G 349 47.61 11.37 17.29
CA THR G 349 48.09 12.69 16.79
C THR G 349 47.02 13.75 17.10
N GLN G 350 47.43 15.03 17.17
CA GLN G 350 46.55 16.18 17.51
C GLN G 350 45.49 16.34 16.41
N TYR G 351 45.82 15.96 15.17
CA TYR G 351 44.89 15.97 14.02
C TYR G 351 43.58 15.24 14.35
N ILE G 352 43.69 14.03 14.91
CA ILE G 352 42.52 13.18 15.30
C ILE G 352 41.88 13.76 16.57
N LEU G 353 42.67 14.10 17.60
CA LEU G 353 42.15 14.60 18.91
C LEU G 353 41.41 15.93 18.71
N ASP G 354 41.62 16.60 17.57
CA ASP G 354 41.01 17.90 17.20
C ASP G 354 39.59 17.73 16.64
N GLY G 355 39.15 16.49 16.37
CA GLY G 355 37.84 16.17 15.80
C GLY G 355 36.74 15.98 16.85
N ARG G 356 37.04 16.12 18.14
CA ARG G 356 36.06 15.83 19.22
C ARG G 356 34.82 16.72 19.03
N LEU G 357 33.64 16.15 19.21
CA LEU G 357 32.32 16.85 19.12
C LEU G 357 31.92 17.32 20.52
N ASN G 358 31.45 18.56 20.67
CA ASN G 358 30.93 19.05 21.97
C ASN G 358 29.57 18.41 22.20
N VAL G 359 29.43 17.71 23.34
CA VAL G 359 28.22 16.90 23.69
C VAL G 359 27.83 17.23 25.12
N ASP G 360 28.27 18.39 25.62
CA ASP G 360 28.09 18.81 27.03
C ASP G 360 26.59 18.86 27.37
N GLU G 361 25.76 19.43 26.47
CA GLU G 361 24.30 19.65 26.73
C GLU G 361 23.60 18.27 26.77
N ALA G 362 23.81 17.43 25.75
CA ALA G 362 23.25 16.07 25.59
C ALA G 362 23.46 15.23 26.86
N ASN G 363 24.55 15.48 27.59
CA ASN G 363 25.04 14.63 28.71
C ASN G 363 24.84 15.31 30.08
N ALA G 364 24.44 16.59 30.11
CA ALA G 364 24.39 17.42 31.34
C ALA G 364 23.46 16.76 32.38
N HIS G 365 22.29 16.28 31.96
CA HIS G 365 21.25 15.71 32.86
C HIS G 365 21.82 14.46 33.56
N TRP G 366 22.27 13.46 32.79
CA TRP G 366 22.76 12.16 33.33
C TRP G 366 24.05 12.41 34.15
N LYS G 367 24.93 13.27 33.62
CA LYS G 367 26.21 13.69 34.24
C LYS G 367 25.95 14.29 35.64
N GLN G 368 24.95 15.16 35.77
CA GLN G 368 24.56 15.80 37.05
C GLN G 368 24.04 14.73 38.03
N GLU G 369 23.08 13.92 37.56
CA GLU G 369 22.45 12.80 38.32
C GLU G 369 23.56 11.86 38.85
N PHE G 370 24.46 11.42 37.97
CA PHE G 370 25.51 10.39 38.27
C PHE G 370 26.54 10.92 39.28
N MET G 371 27.08 12.13 39.03
CA MET G 371 28.11 12.78 39.88
C MET G 371 27.53 13.02 41.29
N GLY G 372 26.19 13.01 41.40
CA GLY G 372 25.45 12.75 42.65
C GLY G 372 24.97 11.31 42.74
N SER H 7 -21.26 14.80 7.86
CA SER H 7 -21.33 14.70 6.36
C SER H 7 -22.27 15.77 5.77
N SER H 8 -23.33 16.21 6.47
CA SER H 8 -24.17 17.34 5.99
C SER H 8 -23.29 18.61 5.80
N THR H 9 -22.70 19.13 6.88
CA THR H 9 -21.86 20.35 6.93
C THR H 9 -20.45 20.09 6.36
N GLY H 10 -19.99 18.83 6.37
CA GLY H 10 -18.57 18.43 6.13
C GLY H 10 -18.25 18.13 4.65
N ILE H 11 -16.98 17.89 4.36
CA ILE H 11 -16.40 17.64 3.00
C ILE H 11 -16.77 16.22 2.57
N ALA H 12 -17.09 16.01 1.29
CA ALA H 12 -17.24 14.66 0.67
C ALA H 12 -15.86 14.03 0.51
N PRO H 13 -15.60 12.84 1.10
CA PRO H 13 -14.29 12.18 1.01
C PRO H 13 -14.16 11.25 -0.21
N LYS H 14 -12.92 10.95 -0.60
CA LYS H 14 -12.57 10.06 -1.73
C LYS H 14 -13.49 10.35 -2.93
N ARG H 15 -13.49 11.57 -3.44
CA ARG H 15 -14.48 12.00 -4.46
C ARG H 15 -14.22 11.28 -5.77
N TYR H 16 -15.30 11.01 -6.52
CA TYR H 16 -15.29 10.18 -7.74
C TYR H 16 -14.69 10.97 -8.91
N VAL H 17 -14.69 12.30 -8.82
CA VAL H 17 -13.93 13.17 -9.77
C VAL H 17 -12.87 13.91 -8.98
N TYR H 18 -11.81 14.27 -9.68
CA TYR H 18 -10.68 15.06 -9.13
C TYR H 18 -10.98 16.55 -9.34
N TYR H 19 -11.17 17.30 -8.25
CA TYR H 19 -11.29 18.77 -8.33
C TYR H 19 -9.91 19.40 -8.07
N PRO H 20 -9.23 19.92 -9.12
CA PRO H 20 -7.90 20.48 -8.98
C PRO H 20 -7.77 21.58 -7.93
N GLY H 21 -6.87 21.38 -6.96
CA GLY H 21 -6.66 22.34 -5.86
C GLY H 21 -7.43 21.95 -4.61
N SER H 22 -8.21 20.86 -4.66
CA SER H 22 -9.10 20.44 -3.55
C SER H 22 -8.49 19.29 -2.73
N GLU H 23 -7.43 18.64 -3.20
CA GLU H 23 -6.94 17.39 -2.55
C GLU H 23 -5.48 17.52 -2.13
N GLU H 24 -5.22 17.28 -0.85
CA GLU H 24 -3.86 17.16 -0.29
C GLU H 24 -3.20 15.90 -0.87
N LEU H 25 -1.99 16.02 -1.40
CA LEU H 25 -1.18 14.88 -1.85
C LEU H 25 -0.44 14.30 -0.64
N GLY H 26 -0.54 13.01 -0.41
CA GLY H 26 0.15 12.34 0.70
C GLY H 26 1.63 12.21 0.36
N PRO H 27 2.50 11.95 1.36
CA PRO H 27 3.95 12.02 1.15
C PRO H 27 4.43 10.82 0.35
N ASP H 28 3.61 9.76 0.25
CA ASP H 28 3.90 8.55 -0.57
C ASP H 28 2.94 8.47 -1.75
N GLU H 29 2.59 9.59 -2.38
CA GLU H 29 1.58 9.57 -3.46
C GLU H 29 2.11 10.37 -4.66
N ILE H 30 1.73 9.95 -5.88
CA ILE H 30 1.95 10.67 -7.15
C ILE H 30 0.57 10.95 -7.78
N ARG H 31 0.42 12.15 -8.34
CA ARG H 31 -0.75 12.56 -9.15
C ARG H 31 -0.20 12.87 -10.54
N VAL H 32 -0.71 12.21 -11.58
CA VAL H 32 -0.40 12.53 -13.00
C VAL H 32 -1.70 13.00 -13.68
N ILE H 33 -1.67 14.18 -14.28
CA ILE H 33 -2.83 14.72 -15.04
C ILE H 33 -2.42 14.77 -16.50
N ALA H 34 -3.19 14.12 -17.38
CA ALA H 34 -3.05 14.32 -18.83
C ALA H 34 -3.60 15.72 -19.15
N CYS H 35 -2.73 16.66 -19.54
CA CYS H 35 -3.16 18.00 -19.99
C CYS H 35 -3.18 18.08 -21.53
N GLY H 36 -2.87 16.97 -22.20
CA GLY H 36 -2.91 16.93 -23.67
C GLY H 36 -2.62 15.53 -24.13
N THR H 37 -3.51 14.96 -24.95
CA THR H 37 -3.53 13.54 -25.34
C THR H 37 -3.67 13.43 -26.86
N GLY H 38 -3.60 14.54 -27.57
CA GLY H 38 -4.06 14.59 -28.97
C GLY H 38 -2.94 14.47 -29.99
N MET H 39 -3.09 15.23 -31.07
CA MET H 39 -2.50 15.03 -32.41
C MET H 39 -1.96 16.37 -32.90
N PRO H 40 -1.20 16.40 -34.03
CA PRO H 40 -0.64 17.65 -34.53
C PRO H 40 -1.74 18.55 -35.12
N THR H 41 -2.96 18.05 -35.17
CA THR H 41 -4.16 18.79 -35.61
C THR H 41 -4.95 19.15 -34.35
N ALA H 42 -5.48 20.37 -34.29
CA ALA H 42 -6.06 20.98 -33.06
C ALA H 42 -7.53 20.57 -32.88
N ARG H 43 -8.01 20.64 -31.64
CA ARG H 43 -9.33 20.17 -31.16
C ARG H 43 -9.55 20.70 -29.75
N ARG H 44 -10.71 21.29 -29.45
CA ARG H 44 -11.03 21.75 -28.08
C ARG H 44 -11.09 20.55 -27.15
N ALA H 45 -11.47 19.36 -27.65
CA ALA H 45 -11.63 18.13 -26.84
C ALA H 45 -10.26 17.58 -26.37
N GLN H 46 -9.20 17.76 -27.18
CA GLN H 46 -7.86 17.16 -26.94
C GLN H 46 -6.76 18.14 -27.33
N ALA H 47 -6.16 18.79 -26.33
CA ALA H 47 -4.90 19.55 -26.50
C ALA H 47 -3.83 18.56 -26.94
N ALA H 48 -2.72 19.02 -27.51
CA ALA H 48 -1.53 18.20 -27.85
C ALA H 48 -0.80 17.81 -26.56
N ALA H 49 0.03 16.78 -26.68
CA ALA H 49 0.78 16.06 -25.63
C ALA H 49 1.21 17.00 -24.51
N ALA H 50 0.75 16.73 -23.29
CA ALA H 50 1.23 17.45 -22.09
C ALA H 50 0.84 16.67 -20.84
N TRP H 51 1.77 16.53 -19.91
CA TRP H 51 1.55 15.81 -18.63
C TRP H 51 2.03 16.69 -17.50
N VAL H 52 1.26 16.72 -16.44
CA VAL H 52 1.69 17.39 -15.19
C VAL H 52 1.83 16.25 -14.18
N VAL H 53 2.96 16.20 -13.49
CA VAL H 53 3.27 15.18 -12.44
C VAL H 53 3.49 15.89 -11.12
N GLU H 54 2.76 15.50 -10.10
CA GLU H 54 2.91 16.04 -8.74
C GLU H 54 3.31 14.91 -7.79
N LEU H 55 4.45 15.06 -7.13
CA LEU H 55 4.99 14.08 -6.14
C LEU H 55 4.65 14.54 -4.72
N GLY H 56 4.52 13.59 -3.80
CA GLY H 56 4.26 13.88 -2.39
C GLY H 56 5.36 14.66 -1.69
N ASN H 57 6.56 14.79 -2.29
CA ASN H 57 7.65 15.58 -1.68
C ASN H 57 7.50 17.06 -2.05
N GLY H 58 6.44 17.42 -2.78
CA GLY H 58 6.15 18.81 -3.17
C GLY H 58 6.73 19.19 -4.52
N ASP H 59 7.57 18.35 -5.13
CA ASP H 59 8.11 18.62 -6.49
C ASP H 59 7.00 18.39 -7.51
N LYS H 60 7.04 19.16 -8.59
CA LYS H 60 6.07 19.11 -9.72
C LYS H 60 6.87 19.24 -11.01
N PHE H 61 6.47 18.50 -12.04
CA PHE H 61 7.16 18.51 -13.34
C PHE H 61 6.11 18.58 -14.44
N ILE H 62 6.51 19.15 -15.55
CA ILE H 62 5.75 19.08 -16.80
C ILE H 62 6.56 18.21 -17.75
N VAL H 63 5.90 17.20 -18.31
CA VAL H 63 6.49 16.37 -19.39
C VAL H 63 5.65 16.64 -20.65
N ASP H 64 6.27 17.34 -21.59
CA ASP H 64 5.62 17.81 -22.83
C ASP H 64 4.66 18.95 -22.49
N ILE H 65 4.57 19.91 -23.39
CA ILE H 65 3.68 21.08 -23.26
C ILE H 65 3.32 21.52 -24.68
N GLY H 66 2.67 20.60 -25.41
CA GLY H 66 2.18 20.78 -26.79
C GLY H 66 1.16 21.91 -26.94
N SER H 67 1.02 22.40 -28.17
CA SER H 67 0.05 23.44 -28.57
C SER H 67 -1.31 23.12 -27.95
N GLY H 68 -1.82 24.08 -27.18
CA GLY H 68 -3.18 24.11 -26.63
C GLY H 68 -3.27 23.63 -25.20
N SER H 69 -2.18 23.12 -24.61
CA SER H 69 -2.19 22.39 -23.30
C SER H 69 -2.22 23.36 -22.15
N MET H 70 -1.83 24.61 -22.38
CA MET H 70 -1.68 25.61 -21.28
C MET H 70 -3.03 25.88 -20.63
N ALA H 71 -4.13 25.84 -21.39
CA ALA H 71 -5.49 26.03 -20.82
C ALA H 71 -5.75 24.90 -19.82
N ASN H 72 -5.40 23.67 -20.15
CA ASN H 72 -5.57 22.56 -19.16
C ASN H 72 -4.63 22.79 -17.98
N ILE H 73 -3.36 23.12 -18.21
CA ILE H 73 -2.39 23.27 -17.07
C ILE H 73 -2.89 24.39 -16.15
N GLN H 74 -3.38 25.48 -16.70
CA GLN H 74 -3.88 26.64 -15.93
C GLN H 74 -5.17 26.29 -15.14
N SER H 75 -5.98 25.34 -15.58
CA SER H 75 -7.19 24.89 -14.84
C SER H 75 -6.82 24.15 -13.54
N LEU H 76 -5.54 23.86 -13.30
CA LEU H 76 -5.12 23.02 -12.13
C LEU H 76 -4.98 23.85 -10.86
N MET H 77 -5.11 25.16 -10.93
CA MET H 77 -4.96 26.07 -9.77
C MET H 77 -3.60 25.83 -9.09
N ILE H 78 -2.55 25.59 -9.87
CA ILE H 78 -1.14 25.49 -9.38
C ILE H 78 -0.43 26.81 -9.69
N PRO H 79 0.08 27.50 -8.65
CA PRO H 79 0.90 28.70 -8.81
C PRO H 79 2.02 28.45 -9.81
N ALA H 80 2.25 29.39 -10.72
CA ALA H 80 3.26 29.26 -11.81
C ALA H 80 4.65 28.91 -11.25
N ASN H 81 5.03 29.42 -10.08
CA ASN H 81 6.36 29.20 -9.49
C ASN H 81 6.57 27.73 -9.14
N TYR H 82 5.50 26.92 -9.07
CA TYR H 82 5.61 25.48 -8.72
C TYR H 82 5.84 24.64 -9.99
N LEU H 83 5.71 25.22 -11.18
CA LEU H 83 5.80 24.46 -12.44
C LEU H 83 6.89 25.03 -13.35
N THR H 84 8.11 25.18 -12.84
CA THR H 84 9.23 25.80 -13.56
C THR H 84 10.08 24.76 -14.29
N LYS H 85 9.84 23.46 -14.06
CA LYS H 85 10.72 22.38 -14.59
C LYS H 85 9.94 21.59 -15.64
N ILE H 86 10.45 21.63 -16.86
CA ILE H 86 9.76 21.07 -18.05
C ILE H 86 10.73 20.13 -18.77
N PHE H 87 10.25 18.91 -19.05
CA PHE H 87 10.93 17.88 -19.85
C PHE H 87 10.20 17.75 -21.20
N LEU H 88 10.97 17.75 -22.29
CA LEU H 88 10.44 17.56 -23.66
C LEU H 88 10.90 16.21 -24.20
N THR H 89 9.96 15.37 -24.62
CA THR H 89 10.21 14.04 -25.25
C THR H 89 10.65 14.28 -26.70
N ALA H 90 10.21 15.35 -27.35
CA ALA H 90 10.45 15.57 -28.79
C ALA H 90 10.16 17.02 -29.14
N LEU H 91 10.70 17.53 -30.25
CA LEU H 91 10.68 18.97 -30.61
C LEU H 91 9.59 19.25 -31.66
N HIS H 92 8.61 18.35 -31.78
CA HIS H 92 7.34 18.56 -32.53
C HIS H 92 6.61 19.73 -31.88
N THR H 93 5.96 20.59 -32.66
CA THR H 93 5.13 21.70 -32.11
C THR H 93 4.05 21.11 -31.20
N ASP H 94 3.57 19.90 -31.50
CA ASP H 94 2.52 19.26 -30.67
C ASP H 94 3.15 18.63 -29.41
N HIS H 95 4.46 18.83 -29.15
CA HIS H 95 5.10 18.40 -27.87
C HIS H 95 5.67 19.59 -27.07
N TRP H 96 5.89 20.77 -27.66
CA TRP H 96 6.46 21.93 -26.91
C TRP H 96 5.95 23.28 -27.42
N GLY H 97 4.98 23.27 -28.34
CA GLY H 97 4.32 24.48 -28.85
C GLY H 97 3.85 25.43 -27.75
N ASP H 98 3.38 24.95 -26.59
CA ASP H 98 2.89 25.88 -25.52
C ASP H 98 3.97 26.30 -24.53
N LEU H 99 5.24 25.91 -24.73
CA LEU H 99 6.35 26.40 -23.87
C LEU H 99 6.31 27.94 -23.81
N VAL H 100 6.17 28.58 -24.96
CA VAL H 100 6.11 30.06 -25.05
C VAL H 100 4.94 30.62 -24.21
N SER H 101 3.78 29.97 -24.18
CA SER H 101 2.57 30.42 -23.43
C SER H 101 2.86 30.34 -21.93
N MET H 102 3.47 29.24 -21.49
CA MET H 102 3.93 29.01 -20.09
C MET H 102 4.93 30.12 -19.74
N TRP H 103 5.92 30.32 -20.62
CA TRP H 103 6.98 31.35 -20.47
C TRP H 103 6.37 32.75 -20.29
N ALA H 104 5.60 33.20 -21.26
CA ALA H 104 5.06 34.58 -21.28
C ALA H 104 3.95 34.69 -20.23
N GLY H 105 3.03 33.73 -20.20
CA GLY H 105 1.87 33.73 -19.29
C GLY H 105 2.31 33.73 -17.85
N GLY H 106 3.21 32.82 -17.46
CA GLY H 106 3.67 32.70 -16.07
C GLY H 106 4.34 33.97 -15.60
N TRP H 107 5.21 34.52 -16.43
CA TRP H 107 5.96 35.78 -16.16
C TRP H 107 4.97 36.92 -15.86
N THR H 108 3.96 37.16 -16.70
CA THR H 108 2.97 38.26 -16.47
C THR H 108 2.15 37.95 -15.21
N ALA H 109 1.99 36.67 -14.85
CA ALA H 109 1.18 36.20 -13.69
C ALA H 109 2.05 35.93 -12.47
N GLY H 110 3.30 36.41 -12.45
CA GLY H 110 4.14 36.48 -11.23
C GLY H 110 4.89 35.20 -10.92
N ARG H 111 5.22 34.36 -11.91
CA ARG H 111 6.39 33.45 -11.77
C ARG H 111 7.62 34.33 -11.52
N THR H 112 8.44 33.97 -10.51
CA THR H 112 9.64 34.74 -10.05
C THR H 112 10.94 34.06 -10.50
N ASP H 113 10.92 32.73 -10.67
CA ASP H 113 12.10 31.94 -11.09
C ASP H 113 12.07 31.71 -12.61
N PRO H 114 13.25 31.57 -13.24
CA PRO H 114 13.32 31.20 -14.66
C PRO H 114 12.73 29.81 -14.90
N LEU H 115 12.26 29.56 -16.13
CA LEU H 115 11.92 28.17 -16.56
C LEU H 115 13.22 27.37 -16.71
N GLU H 116 13.13 26.08 -16.40
CA GLU H 116 14.20 25.08 -16.55
C GLU H 116 13.66 24.04 -17.53
N VAL H 117 14.34 23.86 -18.65
CA VAL H 117 13.89 22.93 -19.73
C VAL H 117 14.96 21.88 -19.97
N TRP H 118 14.57 20.63 -19.80
CA TRP H 118 15.35 19.43 -20.20
C TRP H 118 14.77 18.93 -21.50
N GLY H 119 15.60 18.81 -22.53
CA GLY H 119 15.18 18.23 -23.81
C GLY H 119 16.35 17.62 -24.55
N PRO H 120 16.08 16.75 -25.55
CA PRO H 120 17.15 16.06 -26.23
C PRO H 120 17.95 16.96 -27.19
N SER H 121 19.21 16.57 -27.40
CA SER H 121 20.02 16.98 -28.57
C SER H 121 19.46 16.27 -29.78
N GLY H 122 20.01 16.58 -30.95
CA GLY H 122 19.75 15.87 -32.21
C GLY H 122 21.07 15.39 -32.79
N SER H 123 21.09 14.94 -34.04
CA SER H 123 22.32 14.37 -34.65
C SER H 123 23.33 15.50 -34.91
N ARG H 124 22.86 16.75 -34.87
CA ARG H 124 23.72 17.95 -35.02
C ARG H 124 23.10 19.11 -34.23
N GLU H 125 23.85 20.18 -34.03
CA GLU H 125 23.47 21.32 -33.15
C GLU H 125 22.04 21.80 -33.46
N ASP H 126 21.71 22.04 -34.73
CA ASP H 126 20.44 22.70 -35.13
C ASP H 126 19.24 21.76 -35.04
N MET H 127 19.39 20.56 -34.48
CA MET H 127 18.33 19.53 -34.33
C MET H 127 18.10 19.23 -32.85
N GLY H 128 18.68 20.01 -31.94
CA GLY H 128 18.59 19.78 -30.48
C GLY H 128 17.84 20.87 -29.74
N THR H 129 17.48 20.59 -28.50
CA THR H 129 16.63 21.47 -27.66
C THR H 129 17.34 22.81 -27.42
N LYS H 130 18.67 22.79 -27.26
CA LYS H 130 19.45 24.01 -26.93
C LYS H 130 19.23 25.05 -28.03
N TYR H 131 19.48 24.65 -29.26
CA TYR H 131 19.24 25.47 -30.48
C TYR H 131 17.76 25.90 -30.51
N ALA H 132 16.81 24.98 -30.35
CA ALA H 132 15.35 25.26 -30.42
C ALA H 132 14.96 26.40 -29.47
N VAL H 133 15.34 26.32 -28.19
CA VAL H 133 14.85 27.26 -27.15
C VAL H 133 15.56 28.63 -27.32
N GLU H 134 16.84 28.64 -27.70
CA GLU H 134 17.59 29.89 -27.95
C GLU H 134 16.87 30.67 -29.07
N HIS H 135 16.48 29.97 -30.13
CA HIS H 135 15.81 30.56 -31.31
C HIS H 135 14.33 30.86 -30.97
N MET H 136 13.72 30.14 -30.03
CA MET H 136 12.34 30.45 -29.56
C MET H 136 12.36 31.83 -28.89
N LEU H 137 13.35 32.08 -28.03
CA LEU H 137 13.44 33.34 -27.27
C LEU H 137 13.74 34.51 -28.21
N LYS H 138 14.52 34.30 -29.26
CA LYS H 138 14.76 35.34 -30.31
C LYS H 138 13.45 35.58 -31.09
N ALA H 139 12.81 34.50 -31.54
CA ALA H 139 11.47 34.54 -32.20
C ALA H 139 10.57 35.49 -31.42
N TYR H 140 10.53 35.43 -30.08
CA TYR H 140 9.63 36.26 -29.22
C TYR H 140 10.39 37.40 -28.55
N ASN H 141 11.38 37.97 -29.23
CA ASN H 141 12.26 39.02 -28.67
C ASN H 141 11.47 40.32 -28.44
N TRP H 142 10.49 40.64 -29.30
CA TRP H 142 9.64 41.86 -29.09
C TRP H 142 8.92 41.67 -27.75
N ASP H 143 8.33 40.50 -27.56
CA ASP H 143 7.54 40.22 -26.35
C ASP H 143 8.49 40.31 -25.16
N TYR H 144 9.67 39.70 -25.27
CA TYR H 144 10.68 39.66 -24.18
C TYR H 144 11.07 41.08 -23.80
N MET H 145 11.50 41.85 -24.80
CA MET H 145 12.12 43.17 -24.55
C MET H 145 11.06 44.09 -23.94
N THR H 146 9.83 44.13 -24.51
CA THR H 146 8.77 45.05 -24.04
C THR H 146 8.33 44.63 -22.64
N ARG H 147 8.17 43.32 -22.40
CA ARG H 147 7.71 42.85 -21.06
C ARG H 147 8.76 43.19 -19.98
N ALA H 148 10.05 43.07 -20.33
CA ALA H 148 11.19 43.23 -19.39
C ALA H 148 11.29 44.69 -18.90
N VAL H 149 10.78 45.66 -19.66
CA VAL H 149 10.74 47.09 -19.25
C VAL H 149 9.96 47.20 -17.94
N THR H 150 8.79 46.55 -17.87
CA THR H 150 7.74 46.68 -16.81
C THR H 150 7.91 45.63 -15.71
N ILE H 151 8.41 44.43 -16.04
CA ILE H 151 8.52 43.28 -15.08
C ILE H 151 9.97 42.80 -15.08
N ASN H 152 10.54 42.53 -13.90
CA ASN H 152 11.93 42.02 -13.71
C ASN H 152 12.17 40.88 -14.69
N PRO H 153 13.30 40.83 -15.42
CA PRO H 153 13.47 39.84 -16.48
C PRO H 153 13.99 38.46 -16.05
N ARG H 154 14.27 38.26 -14.76
CA ARG H 154 14.80 36.97 -14.24
C ARG H 154 13.86 35.83 -14.63
N PRO H 155 12.53 35.91 -14.36
CA PRO H 155 11.63 34.82 -14.74
C PRO H 155 11.52 34.61 -16.27
N GLY H 156 11.87 35.62 -17.07
CA GLY H 156 11.89 35.53 -18.55
C GLY H 156 13.10 34.76 -19.06
N ASP H 157 14.04 34.38 -18.18
CA ASP H 157 15.16 33.48 -18.56
C ASP H 157 14.60 32.07 -18.73
N ILE H 158 15.12 31.32 -19.71
CA ILE H 158 14.97 29.84 -19.77
C ILE H 158 16.36 29.21 -19.73
N ASN H 159 16.68 28.49 -18.65
CA ASN H 159 17.90 27.67 -18.50
C ASN H 159 17.62 26.33 -19.20
N VAL H 160 18.34 26.02 -20.27
CA VAL H 160 18.16 24.74 -21.01
C VAL H 160 19.21 23.74 -20.53
N HIS H 161 18.76 22.52 -20.27
CA HIS H 161 19.58 21.35 -19.88
C HIS H 161 19.41 20.34 -21.00
N GLU H 162 20.22 20.47 -22.04
CA GLU H 162 20.20 19.54 -23.20
C GLU H 162 20.92 18.28 -22.77
N PHE H 163 20.35 17.11 -23.07
CA PHE H 163 20.96 15.80 -22.77
C PHE H 163 21.12 15.10 -24.12
N ASP H 164 22.01 14.10 -24.15
CA ASP H 164 22.35 13.30 -25.34
C ASP H 164 21.19 12.34 -25.65
N TYR H 165 20.56 12.44 -26.83
CA TYR H 165 19.37 11.63 -27.20
C TYR H 165 19.75 10.15 -27.32
N ARG H 166 21.01 9.89 -27.69
CA ARG H 166 21.52 8.53 -28.00
C ARG H 166 21.67 7.72 -26.72
N ALA H 167 21.69 8.36 -25.55
CA ALA H 167 22.06 7.71 -24.29
C ALA H 167 21.01 6.65 -23.92
N LEU H 168 21.46 5.50 -23.39
CA LEU H 168 20.60 4.32 -23.12
C LEU H 168 20.30 4.27 -21.63
N ASN H 169 19.16 4.84 -21.25
CA ASN H 169 18.57 4.78 -19.88
C ASN H 169 19.49 5.49 -18.90
N GLU H 170 20.10 6.61 -19.30
CA GLU H 170 21.00 7.40 -18.43
C GLU H 170 20.24 8.54 -17.75
N VAL H 171 20.72 8.90 -16.57
CA VAL H 171 20.19 9.99 -15.70
C VAL H 171 20.36 11.32 -16.44
N VAL H 172 19.28 12.08 -16.61
CA VAL H 172 19.33 13.45 -17.19
C VAL H 172 18.96 14.45 -16.11
N TYR H 173 18.43 13.97 -14.99
CA TYR H 173 18.00 14.79 -13.84
C TYR H 173 18.11 13.97 -12.57
N GLN H 174 18.62 14.57 -11.50
CA GLN H 174 18.67 13.90 -10.17
C GLN H 174 18.78 14.99 -9.09
N GLU H 175 17.74 15.14 -8.29
CA GLU H 175 17.58 16.20 -7.27
C GLU H 175 16.48 15.77 -6.30
N ASN H 176 16.69 15.97 -5.00
CA ASN H 176 15.64 15.83 -3.95
C ASN H 176 15.01 14.42 -3.98
N GLY H 177 15.81 13.41 -4.33
CA GLY H 177 15.35 12.01 -4.40
C GLY H 177 14.57 11.71 -5.67
N VAL H 178 14.59 12.61 -6.67
CA VAL H 178 13.88 12.40 -7.96
C VAL H 178 14.93 12.21 -9.06
N THR H 179 14.78 11.13 -9.80
CA THR H 179 15.62 10.79 -10.96
C THR H 179 14.76 10.73 -12.22
N PHE H 180 15.17 11.41 -13.30
CA PHE H 180 14.69 11.11 -14.67
C PHE H 180 15.84 10.47 -15.43
N ARG H 181 15.55 9.38 -16.15
CA ARG H 181 16.41 8.79 -17.21
C ARG H 181 15.72 8.94 -18.56
N SER H 182 16.50 9.07 -19.63
CA SER H 182 16.02 9.07 -21.03
C SER H 182 16.45 7.80 -21.75
N TRP H 183 15.72 7.41 -22.77
CA TRP H 183 16.24 6.50 -23.81
C TRP H 183 15.64 6.91 -25.14
N PRO H 184 16.24 6.51 -26.26
CA PRO H 184 15.83 7.04 -27.56
C PRO H 184 14.49 6.44 -27.98
N CYS H 185 13.82 7.13 -28.89
CA CYS H 185 12.64 6.69 -29.65
C CYS H 185 13.04 6.64 -31.12
N ILE H 186 12.26 5.93 -31.92
CA ILE H 186 12.40 5.84 -33.40
C ILE H 186 11.19 6.57 -34.00
N HIS H 187 11.34 7.87 -34.33
CA HIS H 187 10.22 8.71 -34.77
C HIS H 187 10.68 9.98 -35.52
N ALA H 188 10.32 10.07 -36.80
CA ALA H 188 10.54 11.22 -37.70
C ALA H 188 12.03 11.35 -38.04
N GLY H 189 12.87 11.40 -37.00
CA GLY H 189 14.32 11.68 -37.11
C GLY H 189 14.98 11.55 -35.75
N ASP H 190 16.29 11.47 -35.74
CA ASP H 190 17.08 11.35 -34.49
C ASP H 190 16.65 12.47 -33.55
N GLY H 191 16.39 12.14 -32.29
CA GLY H 191 16.28 13.13 -31.20
C GLY H 191 15.26 12.71 -30.16
N PRO H 192 14.05 12.30 -30.57
CA PRO H 192 12.99 12.02 -29.60
C PRO H 192 13.42 10.98 -28.56
N VAL H 193 12.94 11.16 -27.33
CA VAL H 193 13.24 10.23 -26.22
C VAL H 193 11.98 9.94 -25.40
N SER H 194 12.05 8.88 -24.62
CA SER H 194 11.09 8.56 -23.54
C SER H 194 11.76 8.93 -22.23
N PHE H 195 10.97 9.19 -21.19
CA PHE H 195 11.54 9.42 -19.85
C PHE H 195 11.01 8.36 -18.89
N ALA H 196 11.80 8.08 -17.86
CA ALA H 196 11.37 7.40 -16.64
C ALA H 196 11.68 8.35 -15.48
N LEU H 197 10.64 8.76 -14.75
CA LEU H 197 10.72 9.43 -13.44
C LEU H 197 10.69 8.33 -12.39
N GLU H 198 11.70 8.29 -11.52
CA GLU H 198 11.73 7.42 -10.31
C GLU H 198 11.81 8.31 -9.07
N TRP H 199 11.03 7.96 -8.06
CA TRP H 199 10.96 8.67 -6.77
C TRP H 199 10.23 7.78 -5.78
N ASN H 200 10.85 7.50 -4.62
CA ASN H 200 10.15 6.87 -3.46
C ASN H 200 9.56 5.52 -3.87
N GLY H 201 10.27 4.75 -4.70
CA GLY H 201 9.84 3.41 -5.11
C GLY H 201 8.83 3.42 -6.26
N TYR H 202 8.43 4.60 -6.72
CA TYR H 202 7.48 4.72 -7.85
C TYR H 202 8.31 4.97 -9.11
N LYS H 203 7.78 4.50 -10.24
CA LYS H 203 8.37 4.61 -11.59
C LYS H 203 7.26 4.98 -12.57
N VAL H 204 7.34 6.17 -13.17
CA VAL H 204 6.30 6.66 -14.12
C VAL H 204 7.01 6.86 -15.43
N VAL H 205 6.51 6.22 -16.49
CA VAL H 205 7.18 6.26 -17.82
C VAL H 205 6.36 7.11 -18.78
N PHE H 206 7.02 8.07 -19.43
CA PHE H 206 6.49 9.00 -20.46
C PHE H 206 7.15 8.64 -21.78
N GLY H 207 6.46 7.84 -22.59
CA GLY H 207 6.97 7.23 -23.83
C GLY H 207 7.23 8.26 -24.91
N GLY H 208 6.55 9.40 -24.88
CA GLY H 208 6.67 10.32 -26.03
C GLY H 208 6.13 9.68 -27.30
N ASP H 209 6.94 9.62 -28.39
CA ASP H 209 6.53 9.19 -29.76
C ASP H 209 7.58 8.24 -30.37
N THR H 210 7.13 7.07 -30.83
CA THR H 210 8.02 5.97 -31.30
C THR H 210 7.26 4.92 -32.12
N ALA H 211 7.91 4.39 -33.15
CA ALA H 211 7.69 3.03 -33.70
C ALA H 211 8.24 2.04 -32.67
N PRO H 212 7.73 0.80 -32.60
CA PRO H 212 8.10 -0.10 -31.50
C PRO H 212 9.63 -0.28 -31.46
N ASN H 213 10.21 -0.20 -30.27
CA ASN H 213 11.69 -0.17 -30.11
C ASN H 213 12.07 -1.09 -28.97
N ILE H 214 13.32 -1.56 -28.98
CA ILE H 214 13.85 -2.57 -28.01
C ILE H 214 14.11 -1.90 -26.65
N TRP H 215 14.11 -0.57 -26.57
CA TRP H 215 14.58 0.13 -25.37
C TRP H 215 13.44 0.25 -24.34
N TYR H 216 12.29 0.76 -24.76
CA TYR H 216 11.11 0.97 -23.88
C TYR H 216 10.75 -0.32 -23.12
N PRO H 217 10.59 -1.49 -23.79
CA PRO H 217 10.19 -2.71 -23.08
C PRO H 217 11.15 -3.06 -21.93
N GLU H 218 12.46 -2.84 -22.15
CA GLU H 218 13.54 -3.01 -21.15
C GLU H 218 13.43 -1.95 -20.05
N TYR H 219 13.52 -0.66 -20.39
CA TYR H 219 13.75 0.40 -19.37
C TYR H 219 12.45 0.80 -18.65
N ALA H 220 11.27 0.46 -19.19
CA ALA H 220 9.96 0.81 -18.60
C ALA H 220 9.47 -0.30 -17.66
N LYS H 221 10.17 -1.44 -17.62
CA LYS H 221 9.66 -2.67 -16.96
C LYS H 221 9.22 -2.33 -15.54
N GLY H 222 8.02 -2.73 -15.15
CA GLY H 222 7.58 -2.63 -13.74
C GLY H 222 7.15 -1.22 -13.35
N ALA H 223 6.94 -0.32 -14.32
CA ALA H 223 6.45 1.04 -14.03
C ALA H 223 5.11 0.96 -13.27
N ASP H 224 4.90 1.86 -12.33
CA ASP H 224 3.56 2.09 -11.71
C ASP H 224 2.56 2.54 -12.78
N LEU H 225 3.00 3.45 -13.66
CA LEU H 225 2.20 4.03 -14.76
C LEU H 225 3.10 4.10 -15.99
N ALA H 226 2.73 3.36 -17.04
CA ALA H 226 3.47 3.35 -18.33
C ALA H 226 2.59 4.02 -19.38
N ILE H 227 3.04 5.14 -19.92
CA ILE H 227 2.35 5.91 -21.00
C ILE H 227 3.10 5.58 -22.29
N HIS H 228 2.38 5.25 -23.35
CA HIS H 228 3.01 4.94 -24.66
C HIS H 228 2.07 5.40 -25.76
N GLU H 229 2.63 5.88 -26.84
CA GLU H 229 1.88 6.21 -28.08
C GLU H 229 1.04 4.96 -28.44
N CYS H 230 -0.21 5.17 -28.82
CA CYS H 230 -1.14 4.11 -29.24
C CYS H 230 -1.97 4.62 -30.41
N TRP H 231 -1.58 4.26 -31.63
CA TRP H 231 -2.02 4.99 -32.84
C TRP H 231 -3.43 4.56 -33.23
N MET H 232 -4.12 5.44 -33.94
CA MET H 232 -5.41 5.15 -34.59
C MET H 232 -5.18 4.04 -35.63
N THR H 233 -6.23 3.29 -35.96
CA THR H 233 -6.15 2.04 -36.76
C THR H 233 -5.96 2.40 -38.24
N SER H 234 -5.40 1.48 -39.02
CA SER H 234 -5.22 1.67 -40.49
C SER H 234 -6.59 1.91 -41.14
N ASP H 235 -7.65 1.27 -40.61
CA ASP H 235 -9.07 1.52 -41.04
C ASP H 235 -9.46 2.96 -40.72
N GLN H 236 -9.23 3.41 -39.49
CA GLN H 236 -9.50 4.83 -39.07
C GLN H 236 -8.65 5.77 -39.94
N MET H 237 -7.42 5.37 -40.32
CA MET H 237 -6.51 6.20 -41.15
C MET H 237 -7.12 6.45 -42.54
N MET H 238 -7.80 5.45 -43.14
CA MET H 238 -8.46 5.60 -44.47
C MET H 238 -9.77 6.39 -44.30
N THR H 239 -10.58 6.03 -43.29
CA THR H 239 -11.92 6.61 -42.99
C THR H 239 -11.82 8.12 -42.67
N LYS H 240 -10.74 8.55 -42.01
CA LYS H 240 -10.64 9.91 -41.42
C LYS H 240 -9.72 10.82 -42.24
N TYR H 241 -8.73 10.26 -42.94
CA TYR H 241 -7.68 11.02 -43.68
C TYR H 241 -7.66 10.67 -45.18
N ASN H 242 -8.67 9.96 -45.69
CA ASN H 242 -8.78 9.42 -47.08
C ASN H 242 -7.40 9.02 -47.62
N GLN H 243 -6.72 8.11 -46.91
CA GLN H 243 -5.38 7.56 -47.23
C GLN H 243 -5.53 6.34 -48.15
N PRO H 244 -4.61 6.12 -49.13
CA PRO H 244 -4.55 4.86 -49.85
C PRO H 244 -4.19 3.69 -48.92
N ALA H 245 -4.85 2.54 -49.11
CA ALA H 245 -4.82 1.34 -48.23
C ALA H 245 -3.39 1.02 -47.78
N GLN H 246 -2.42 1.05 -48.71
CA GLN H 246 -1.03 0.60 -48.44
C GLN H 246 -0.30 1.66 -47.59
N LEU H 247 -0.58 2.95 -47.80
CA LEU H 247 -0.06 4.05 -46.93
C LEU H 247 -0.66 3.91 -45.53
N ALA H 248 -1.95 3.57 -45.41
CA ALA H 248 -2.67 3.39 -44.13
C ALA H 248 -2.09 2.19 -43.36
N LEU H 249 -1.61 1.17 -44.09
CA LEU H 249 -1.00 -0.07 -43.52
C LEU H 249 0.37 0.28 -42.91
N ARG H 250 1.21 0.99 -43.67
CA ARG H 250 2.59 1.41 -43.29
C ARG H 250 2.56 2.24 -42.00
N ILE H 251 1.67 3.23 -41.91
CA ILE H 251 1.51 4.15 -40.73
C ILE H 251 1.50 3.32 -39.43
N ASN H 252 0.84 2.16 -39.41
CA ASN H 252 0.68 1.32 -38.20
C ASN H 252 1.77 0.23 -38.09
N LEU H 253 2.68 0.11 -39.05
CA LEU H 253 3.80 -0.86 -39.01
C LEU H 253 5.14 -0.11 -38.90
N ASP H 254 5.42 0.87 -39.75
CA ASP H 254 6.75 1.53 -39.87
C ASP H 254 6.81 2.81 -39.02
N PHE H 255 5.80 3.67 -39.09
CA PHE H 255 5.88 5.07 -38.59
C PHE H 255 5.55 5.12 -37.09
N HIS H 256 4.54 4.36 -36.63
CA HIS H 256 3.94 4.51 -35.29
C HIS H 256 3.77 3.15 -34.58
N THR H 257 3.42 3.20 -33.30
CA THR H 257 3.02 2.03 -32.50
C THR H 257 1.51 1.80 -32.69
N SER H 258 1.13 0.72 -33.39
CA SER H 258 -0.24 0.16 -33.48
C SER H 258 -0.74 -0.14 -32.08
N ALA H 259 -2.06 -0.17 -31.91
CA ALA H 259 -2.71 -0.61 -30.66
C ALA H 259 -2.18 -2.00 -30.30
N GLN H 260 -1.96 -2.83 -31.33
CA GLN H 260 -1.51 -4.25 -31.18
C GLN H 260 -0.08 -4.27 -30.64
N SER H 261 0.83 -3.51 -31.27
CA SER H 261 2.22 -3.28 -30.77
C SER H 261 2.19 -2.77 -29.33
N PHE H 262 1.35 -1.77 -29.04
CA PHE H 262 1.15 -1.19 -27.67
C PHE H 262 0.88 -2.34 -26.70
N GLY H 263 -0.05 -3.22 -27.05
CA GLY H 263 -0.37 -4.38 -26.22
C GLY H 263 0.84 -5.29 -26.02
N GLN H 264 1.51 -5.66 -27.12
CA GLN H 264 2.76 -6.47 -27.06
C GLN H 264 3.71 -5.80 -26.06
N ILE H 265 3.96 -4.49 -26.26
CA ILE H 265 4.94 -3.70 -25.45
C ILE H 265 4.50 -3.74 -24.00
N MET H 266 3.23 -3.48 -23.73
CA MET H 266 2.74 -3.46 -22.34
C MET H 266 2.70 -4.89 -21.78
N ASN H 267 2.47 -5.90 -22.61
CA ASN H 267 2.59 -7.30 -22.11
C ASN H 267 4.04 -7.51 -21.62
N MET H 268 5.04 -7.06 -22.38
CA MET H 268 6.48 -7.19 -22.01
C MET H 268 6.78 -6.37 -20.74
N VAL H 269 6.28 -5.13 -20.64
CA VAL H 269 6.58 -4.18 -19.53
C VAL H 269 5.94 -4.67 -18.22
N GLN H 270 4.72 -5.20 -18.24
CA GLN H 270 3.96 -5.60 -17.02
C GLN H 270 3.87 -4.43 -16.03
N PRO H 271 3.30 -3.27 -16.44
CA PRO H 271 3.16 -2.14 -15.52
C PRO H 271 1.97 -2.36 -14.57
N ARG H 272 1.94 -1.63 -13.47
CA ARG H 272 0.77 -1.65 -12.57
C ARG H 272 -0.42 -1.14 -13.38
N HIS H 273 -0.19 -0.13 -14.22
CA HIS H 273 -1.23 0.55 -15.01
C HIS H 273 -0.61 1.05 -16.31
N ALA H 274 -1.20 0.69 -17.44
CA ALA H 274 -0.84 1.16 -18.80
C ALA H 274 -1.73 2.35 -19.19
N VAL H 275 -1.19 3.30 -19.95
CA VAL H 275 -1.94 4.48 -20.47
C VAL H 275 -1.65 4.54 -21.95
N ALA H 276 -2.69 4.39 -22.74
CA ALA H 276 -2.65 4.59 -24.19
C ALA H 276 -3.03 6.05 -24.46
N TYR H 277 -2.29 6.76 -25.29
CA TYR H 277 -2.62 8.16 -25.66
C TYR H 277 -2.21 8.38 -27.10
N HIS H 278 -2.43 9.60 -27.59
CA HIS H 278 -1.87 10.14 -28.86
C HIS H 278 -2.78 9.73 -30.03
N PHE H 279 -4.03 9.37 -29.73
CA PHE H 279 -5.09 9.06 -30.71
C PHE H 279 -6.27 10.00 -30.42
N PHE H 280 -7.07 10.31 -31.43
CA PHE H 280 -8.34 11.04 -31.26
C PHE H 280 -9.32 10.09 -30.54
N ASN H 281 -9.78 10.53 -29.37
CA ASN H 281 -10.59 9.72 -28.45
C ASN H 281 -12.05 10.12 -28.69
N ASP H 282 -12.67 9.46 -29.67
CA ASP H 282 -14.01 9.74 -30.24
C ASP H 282 -14.91 8.50 -30.10
N ASP H 283 -16.22 8.72 -30.14
CA ASP H 283 -17.28 7.71 -29.87
C ASP H 283 -17.17 6.59 -30.92
N ASP H 284 -16.51 6.84 -32.05
CA ASP H 284 -16.37 5.84 -33.16
C ASP H 284 -14.90 5.49 -33.45
N THR H 285 -13.93 5.88 -32.59
CA THR H 285 -12.50 5.49 -32.81
C THR H 285 -12.01 4.62 -31.64
N ARG H 286 -12.42 4.96 -30.41
CA ARG H 286 -11.77 4.48 -29.17
C ARG H 286 -11.89 2.95 -29.08
N TYR H 287 -12.97 2.35 -29.58
CA TYR H 287 -13.38 0.95 -29.26
C TYR H 287 -12.43 -0.03 -29.95
N ASP H 288 -12.12 0.21 -31.22
CA ASP H 288 -11.18 -0.64 -32.02
C ASP H 288 -9.77 -0.50 -31.47
N ILE H 289 -9.42 0.68 -30.96
CA ILE H 289 -8.08 0.95 -30.36
C ILE H 289 -8.00 0.10 -29.08
N TYR H 290 -9.04 0.15 -28.24
CA TYR H 290 -9.07 -0.65 -26.99
C TYR H 290 -8.93 -2.14 -27.31
N THR H 291 -9.70 -2.63 -28.30
CA THR H 291 -9.74 -4.05 -28.73
C THR H 291 -8.34 -4.47 -29.20
N GLY H 292 -7.74 -3.71 -30.13
CA GLY H 292 -6.36 -3.94 -30.61
C GLY H 292 -5.38 -4.13 -29.45
N VAL H 293 -5.43 -3.25 -28.45
CA VAL H 293 -4.55 -3.36 -27.26
C VAL H 293 -4.85 -4.70 -26.60
N ARG H 294 -6.12 -5.03 -26.40
CA ARG H 294 -6.56 -6.17 -25.54
C ARG H 294 -6.16 -7.49 -26.19
N GLU H 295 -5.86 -7.50 -27.51
CA GLU H 295 -5.32 -8.69 -28.21
C GLU H 295 -4.10 -9.24 -27.45
N ASN H 296 -3.25 -8.38 -26.90
CA ASN H 296 -1.92 -8.77 -26.36
C ASN H 296 -1.75 -8.35 -24.90
N TYR H 297 -2.44 -7.30 -24.43
CA TYR H 297 -2.31 -6.79 -23.04
C TYR H 297 -3.64 -6.98 -22.29
N ALA H 298 -3.58 -7.55 -21.08
CA ALA H 298 -4.76 -7.91 -20.25
C ALA H 298 -4.79 -7.06 -18.98
N GLY H 299 -3.73 -6.30 -18.69
CA GLY H 299 -3.56 -5.65 -17.39
C GLY H 299 -4.35 -4.35 -17.31
N PRO H 300 -4.35 -3.67 -16.14
CA PRO H 300 -5.06 -2.39 -16.00
C PRO H 300 -4.62 -1.40 -17.10
N LEU H 301 -5.60 -0.77 -17.76
CA LEU H 301 -5.40 0.09 -18.96
C LEU H 301 -6.29 1.32 -18.79
N SER H 302 -5.76 2.49 -19.16
CA SER H 302 -6.53 3.75 -19.34
C SER H 302 -6.44 4.14 -20.79
N MET H 303 -7.55 4.49 -21.41
CA MET H 303 -7.58 5.13 -22.74
C MET H 303 -7.62 6.64 -22.50
N ALA H 304 -6.48 7.32 -22.64
CA ALA H 304 -6.29 8.68 -22.13
C ALA H 304 -7.16 9.65 -22.93
N THR H 305 -7.74 10.61 -22.22
CA THR H 305 -8.24 11.87 -22.82
C THR H 305 -7.86 13.02 -21.89
N ASP H 306 -8.00 14.25 -22.38
CA ASP H 306 -7.60 15.48 -21.62
C ASP H 306 -8.23 15.42 -20.22
N MET H 307 -7.43 15.73 -19.20
CA MET H 307 -7.85 15.95 -17.79
C MET H 307 -8.18 14.63 -17.12
N MET H 308 -7.72 13.51 -17.68
CA MET H 308 -7.67 12.21 -16.96
C MET H 308 -6.56 12.34 -15.92
N VAL H 309 -6.80 11.83 -14.71
CA VAL H 309 -5.80 11.91 -13.63
C VAL H 309 -5.64 10.52 -12.99
N TRP H 310 -4.40 10.19 -12.69
CA TRP H 310 -4.05 8.94 -11.98
C TRP H 310 -3.49 9.30 -10.61
N ASN H 311 -3.96 8.60 -9.60
CA ASN H 311 -3.36 8.66 -8.23
C ASN H 311 -2.60 7.34 -8.02
N ILE H 312 -1.28 7.44 -7.85
CA ILE H 312 -0.35 6.32 -7.61
C ILE H 312 -0.06 6.29 -6.11
N THR H 313 -0.54 5.24 -5.43
CA THR H 313 -0.27 4.95 -4.01
C THR H 313 0.32 3.53 -3.91
N ARG H 314 0.66 3.12 -2.69
CA ARG H 314 1.24 1.79 -2.41
C ARG H 314 0.22 0.73 -2.86
N ASP H 315 -1.05 0.94 -2.48
CA ASP H 315 -2.15 -0.06 -2.61
C ASP H 315 -2.80 0.02 -4.00
N ALA H 316 -2.78 1.16 -4.70
CA ALA H 316 -3.63 1.35 -5.90
C ALA H 316 -3.00 2.29 -6.92
N VAL H 317 -3.31 2.06 -8.19
CA VAL H 317 -3.28 3.11 -9.26
C VAL H 317 -4.72 3.35 -9.75
N THR H 318 -5.28 4.51 -9.39
CA THR H 318 -6.68 4.92 -9.67
C THR H 318 -6.75 5.86 -10.88
N GLU H 319 -7.71 5.66 -11.77
CA GLU H 319 -8.06 6.61 -12.87
C GLU H 319 -9.29 7.41 -12.45
N ARG H 320 -9.22 8.73 -12.50
CA ARG H 320 -10.41 9.61 -12.33
C ARG H 320 -10.39 10.64 -13.44
N MET H 321 -11.51 11.31 -13.67
CA MET H 321 -11.51 12.52 -14.52
C MET H 321 -11.41 13.73 -13.60
N ALA H 322 -10.65 14.73 -14.03
CA ALA H 322 -10.59 16.06 -13.37
C ALA H 322 -11.75 16.92 -13.88
N VAL H 323 -12.38 17.61 -12.94
CA VAL H 323 -13.46 18.60 -13.20
C VAL H 323 -12.90 19.94 -12.77
N SER H 324 -12.59 20.79 -13.75
CA SER H 324 -11.69 21.94 -13.60
C SER H 324 -12.34 23.15 -14.27
N PRO H 325 -12.01 24.39 -13.84
CA PRO H 325 -12.64 25.60 -14.39
C PRO H 325 -12.20 25.97 -15.82
N ASP H 326 -13.18 26.08 -16.73
CA ASP H 326 -13.02 26.60 -18.11
C ASP H 326 -12.68 28.10 -18.06
N HIS H 327 -13.26 28.82 -17.08
CA HIS H 327 -13.00 30.26 -16.80
C HIS H 327 -11.89 30.34 -15.75
N ALA H 328 -10.69 29.89 -16.14
CA ALA H 328 -9.49 29.79 -15.29
C ALA H 328 -8.83 31.16 -15.11
N TRP H 329 -8.29 31.34 -13.92
CA TRP H 329 -7.45 32.48 -13.48
C TRP H 329 -6.16 31.90 -12.90
N ASP H 330 -5.04 32.57 -13.15
CA ASP H 330 -3.77 32.36 -12.40
C ASP H 330 -4.09 32.40 -10.91
N VAL H 331 -3.45 31.55 -10.10
CA VAL H 331 -3.62 31.58 -8.62
C VAL H 331 -2.28 31.95 -8.01
N ALA H 332 -2.31 32.83 -7.00
CA ALA H 332 -1.12 33.40 -6.29
C ALA H 332 -0.42 32.29 -5.51
N GLY H 333 0.89 32.16 -5.70
CA GLY H 333 1.78 31.38 -4.81
C GLY H 333 2.41 32.31 -3.78
N PRO H 334 3.16 31.78 -2.78
CA PRO H 334 3.78 32.63 -1.77
C PRO H 334 5.03 33.35 -2.30
N ARG H 344 16.87 49.38 -17.52
CA ARG H 344 16.44 48.98 -18.89
C ARG H 344 15.90 50.19 -19.67
N ALA H 345 16.19 50.24 -20.97
CA ALA H 345 15.74 51.33 -21.88
C ALA H 345 14.27 51.09 -22.30
N SER H 346 13.49 52.15 -22.50
CA SER H 346 12.11 52.05 -23.04
C SER H 346 12.18 51.47 -24.44
N GLU H 347 11.14 50.74 -24.85
CA GLU H 347 11.01 50.25 -26.24
C GLU H 347 10.04 51.12 -27.03
N TYR H 348 9.59 52.23 -26.44
CA TYR H 348 8.75 53.26 -27.09
C TYR H 348 9.66 54.30 -27.74
N THR H 349 9.28 54.82 -28.92
CA THR H 349 9.80 56.10 -29.49
C THR H 349 8.78 57.21 -29.24
N GLN H 350 9.25 58.45 -29.21
CA GLN H 350 8.43 59.68 -28.96
C GLN H 350 7.33 59.80 -30.04
N TYR H 351 7.63 59.41 -31.28
CA TYR H 351 6.66 59.43 -32.41
C TYR H 351 5.41 58.60 -32.07
N ILE H 352 5.54 57.58 -31.22
CA ILE H 352 4.40 56.69 -30.81
C ILE H 352 3.73 57.27 -29.57
N LEU H 353 4.50 57.60 -28.53
CA LEU H 353 3.95 58.14 -27.25
C LEU H 353 3.20 59.47 -27.51
N ASP H 354 3.39 60.04 -28.70
CA ASP H 354 2.76 61.32 -29.11
C ASP H 354 1.32 61.10 -29.57
N GLY H 355 0.97 59.89 -30.02
CA GLY H 355 -0.35 59.55 -30.60
C GLY H 355 -1.46 59.41 -29.56
N ARG H 356 -1.19 59.62 -28.27
CA ARG H 356 -2.20 59.43 -27.20
C ARG H 356 -3.44 60.29 -27.50
N LEU H 357 -4.62 59.71 -27.23
CA LEU H 357 -5.94 60.39 -27.21
C LEU H 357 -6.25 60.78 -25.77
N ASN H 358 -6.72 62.01 -25.55
CA ASN H 358 -7.18 62.44 -24.20
C ASN H 358 -8.57 61.84 -23.94
N VAL H 359 -8.78 61.30 -22.74
CA VAL H 359 -10.00 60.53 -22.35
C VAL H 359 -10.43 60.91 -20.93
N ASP H 360 -9.96 62.06 -20.41
CA ASP H 360 -10.20 62.48 -19.01
C ASP H 360 -11.72 62.53 -18.76
N GLU H 361 -12.47 63.27 -19.60
CA GLU H 361 -13.95 63.48 -19.51
C GLU H 361 -14.65 62.13 -19.41
N ALA H 362 -14.47 61.29 -20.44
CA ALA H 362 -15.02 59.92 -20.59
C ALA H 362 -14.77 59.10 -19.31
N ASN H 363 -13.58 59.23 -18.70
CA ASN H 363 -13.12 58.38 -17.56
C ASN H 363 -13.31 59.11 -16.23
N ALA H 364 -13.83 60.35 -16.25
CA ALA H 364 -13.88 61.26 -15.08
C ALA H 364 -14.80 60.70 -13.99
N HIS H 365 -15.97 60.20 -14.36
CA HIS H 365 -17.03 59.72 -13.42
C HIS H 365 -16.45 58.60 -12.53
N TRP H 366 -15.99 57.52 -13.16
CA TRP H 366 -15.52 56.28 -12.46
C TRP H 366 -14.24 56.58 -11.68
N LYS H 367 -13.35 57.42 -12.24
CA LYS H 367 -12.09 57.91 -11.63
C LYS H 367 -12.40 58.53 -10.26
N GLN H 368 -13.52 59.27 -10.14
CA GLN H 368 -13.99 59.86 -8.85
C GLN H 368 -14.39 58.73 -7.89
N GLU H 369 -15.36 57.90 -8.27
CA GLU H 369 -15.93 56.80 -7.44
C GLU H 369 -14.76 55.96 -6.89
N PHE H 370 -13.91 55.44 -7.79
CA PHE H 370 -12.81 54.48 -7.48
C PHE H 370 -11.87 55.05 -6.41
N MET H 371 -11.43 56.30 -6.58
CA MET H 371 -10.41 56.92 -5.70
C MET H 371 -10.96 57.14 -4.29
N GLY H 372 -12.30 57.26 -4.14
CA GLY H 372 -13.01 57.27 -2.85
C GLY H 372 -13.65 55.92 -2.56
ZN ZN I . -3.29 41.57 -26.70
ZN ZN J . 34.93 -2.05 18.85
ZN ZN K . -3.34 -13.22 31.78
ZN ZN L . -41.55 30.50 -13.49
ZN ZN M . -35.07 2.13 -18.42
ZN ZN N . 2.85 -41.57 26.17
ZN ZN O . 41.46 -30.34 13.63
ZN ZN P . 3.51 13.24 -30.85
#